data_9N8P
#
_entry.id   9N8P
#
_cell.length_a   1.00
_cell.length_b   1.00
_cell.length_c   1.00
_cell.angle_alpha   90.00
_cell.angle_beta   90.00
_cell.angle_gamma   90.00
#
_symmetry.space_group_name_H-M   'P 1'
#
loop_
_entity.id
_entity.type
_entity.pdbx_description
1 polymer Hemagglutinin
2 polymer 'Hemagglutinin HA2 chain'
3 branched 'N-acetyl-alpha-neuraminic acid-(2-6)-beta-D-galactopyranose'
#
loop_
_entity_poly.entity_id
_entity_poly.type
_entity_poly.pdbx_seq_one_letter_code
_entity_poly.pdbx_strand_id
1 'polypeptide(L)'
;ATNADTICIGYHANNSTDTVDTVLEKNVTVTHSVNLLEDSHNGKLCRLKGIAPLQLGKCNIAGWLLGNPECDPLLPVRSW
SYIVETPNSENGICYPGDFIDYEELREQLSSVSSFERFEIFPKESSWPNHNTNGVTAACSHEGKSSFYRNLLWLTEKEGS
YPKLKNSYVNKKGKEVLVLWGIHHPPNSKEQQNLYQNENAYVSVVTSNYNRRFTPEIAERPKVRDQAGRMNYYWTLLKPG
DTIIFEANGNLIAPMYAFALRRGFGSGIITSNASMHECNTKCQTPLGAINSSLPYQNIHPVTIGECPKYVRSAKLRMVTG
LRNIPAR
;
A,C,E,G,I,K
2 'polypeptide(L)'
;GLFGAIAGFIEGGWTGMIDGWYGYHHQNEQGSGYAADQKSTQNAINGITNKVNSVIEKMNIQFTAVGKEFNKLEKRMENL
NNKVDDGFLDIWTYNAELLVLLENERTLDFHDSNVKNLYEKVKSQLKNNAKEIGNGCFEFYHKCDNECMESVRNGTYDYP
;
B,D,F,H,J,L
#
# COMPACT_ATOMS: atom_id res chain seq x y z
N ASP A 5 8.94 75.07 -32.63
CA ASP A 5 9.36 74.00 -31.67
C ASP A 5 8.06 73.23 -31.36
N THR A 6 8.08 71.92 -31.63
CA THR A 6 6.95 71.01 -31.51
C THR A 6 7.48 69.57 -31.45
N ILE A 7 6.88 68.76 -30.56
CA ILE A 7 7.14 67.32 -30.42
C ILE A 7 5.96 66.56 -31.05
N CYS A 8 6.19 65.96 -32.22
CA CYS A 8 5.24 65.06 -32.88
C CYS A 8 5.54 63.61 -32.50
N ILE A 9 4.50 62.80 -32.28
CA ILE A 9 4.57 61.35 -32.13
C ILE A 9 4.04 60.73 -33.42
N GLY A 10 4.85 59.82 -34.00
CA GLY A 10 4.50 59.09 -35.21
C GLY A 10 5.05 57.67 -35.12
N TYR A 11 4.89 56.95 -36.24
CA TYR A 11 5.29 55.56 -36.41
C TYR A 11 5.86 55.37 -37.82
N HIS A 12 6.45 54.18 -38.06
CA HIS A 12 7.14 53.84 -39.29
C HIS A 12 6.20 53.53 -40.46
N ALA A 13 6.64 53.97 -41.64
CA ALA A 13 6.14 53.58 -42.95
C ALA A 13 7.33 53.44 -43.91
N ASN A 14 7.09 52.83 -45.07
CA ASN A 14 8.10 52.53 -46.09
C ASN A 14 7.42 52.26 -47.45
N ASN A 15 8.18 51.65 -48.37
CA ASN A 15 7.72 51.25 -49.71
C ASN A 15 7.26 49.77 -49.78
N SER A 16 7.20 49.06 -48.63
CA SER A 16 6.87 47.63 -48.56
C SER A 16 5.42 47.35 -49.01
N THR A 17 5.30 46.59 -50.10
CA THR A 17 4.03 46.21 -50.73
C THR A 17 3.41 44.94 -50.11
N ASP A 18 4.17 44.22 -49.25
CA ASP A 18 3.77 42.99 -48.55
C ASP A 18 2.40 43.11 -47.85
N THR A 19 1.46 42.25 -48.25
CA THR A 19 0.12 42.19 -47.68
C THR A 19 -0.01 40.93 -46.80
N VAL A 20 -0.79 41.08 -45.71
CA VAL A 20 -1.15 40.00 -44.78
C VAL A 20 -2.66 40.02 -44.57
N ASP A 21 -3.22 38.83 -44.36
CA ASP A 21 -4.63 38.64 -44.05
C ASP A 21 -4.80 38.58 -42.52
N THR A 22 -5.81 39.30 -42.03
CA THR A 22 -6.24 39.34 -40.63
C THR A 22 -7.71 38.92 -40.54
N VAL A 23 -8.22 38.73 -39.30
CA VAL A 23 -9.61 38.35 -39.04
C VAL A 23 -10.61 39.43 -39.54
N LEU A 24 -10.31 40.69 -39.23
CA LEU A 24 -11.12 41.88 -39.52
C LEU A 24 -11.00 42.36 -40.97
N GLU A 25 -9.83 42.15 -41.62
CA GLU A 25 -9.54 42.68 -42.95
C GLU A 25 -8.52 41.80 -43.68
N LYS A 26 -8.84 41.43 -44.93
CA LYS A 26 -7.96 40.68 -45.83
C LYS A 26 -7.05 41.64 -46.63
N ASN A 27 -5.80 41.24 -46.84
CA ASN A 27 -4.76 41.91 -47.63
C ASN A 27 -4.42 43.34 -47.12
N VAL A 28 -4.16 43.45 -45.81
CA VAL A 28 -3.64 44.65 -45.15
C VAL A 28 -2.14 44.81 -45.49
N THR A 29 -1.78 45.93 -46.14
CA THR A 29 -0.38 46.25 -46.47
C THR A 29 0.41 46.63 -45.19
N VAL A 30 1.55 45.97 -44.98
CA VAL A 30 2.38 46.09 -43.77
C VAL A 30 3.86 46.35 -44.13
N THR A 31 4.56 47.00 -43.18
CA THR A 31 5.93 47.47 -43.34
C THR A 31 6.98 46.35 -43.32
N HIS A 32 6.73 45.27 -42.55
CA HIS A 32 7.58 44.08 -42.46
C HIS A 32 6.68 42.85 -42.26
N SER A 33 7.12 41.72 -42.81
CA SER A 33 6.44 40.44 -42.72
C SER A 33 7.39 39.27 -42.99
N VAL A 34 7.01 38.08 -42.53
CA VAL A 34 7.74 36.82 -42.70
C VAL A 34 6.75 35.75 -43.18
N ASN A 35 7.16 34.97 -44.19
CA ASN A 35 6.40 33.82 -44.68
C ASN A 35 6.78 32.56 -43.89
N LEU A 36 5.77 31.81 -43.44
CA LEU A 36 5.92 30.51 -42.77
C LEU A 36 5.79 29.33 -43.76
N LEU A 37 5.30 29.62 -44.98
CA LEU A 37 5.05 28.64 -46.04
C LEU A 37 6.26 28.53 -46.97
N GLU A 38 6.61 27.30 -47.33
CA GLU A 38 7.67 26.99 -48.29
C GLU A 38 7.04 26.40 -49.57
N ASP A 39 7.36 27.04 -50.70
CA ASP A 39 6.81 26.75 -52.03
C ASP A 39 7.91 26.41 -53.05
N SER A 40 9.18 26.69 -52.71
CA SER A 40 10.33 26.46 -53.59
C SER A 40 11.02 25.12 -53.28
N HIS A 41 11.58 24.53 -54.34
CA HIS A 41 12.36 23.30 -54.34
C HIS A 41 13.07 23.21 -55.70
N ASN A 42 14.18 22.47 -55.75
CA ASN A 42 14.78 22.05 -57.03
C ASN A 42 13.93 20.94 -57.68
N GLY A 43 14.03 20.80 -59.02
CA GLY A 43 13.34 19.75 -59.78
C GLY A 43 14.12 18.42 -59.75
N LYS A 44 14.90 18.18 -58.68
CA LYS A 44 15.92 17.15 -58.59
C LYS A 44 15.62 16.20 -57.42
N LEU A 45 15.98 14.92 -57.62
CA LEU A 45 15.97 13.90 -56.60
C LEU A 45 17.39 13.80 -56.04
N CYS A 46 17.56 14.14 -54.75
CA CYS A 46 18.85 14.32 -54.09
C CYS A 46 19.12 13.21 -53.07
N ARG A 47 20.40 13.11 -52.67
CA ARG A 47 20.88 12.28 -51.57
C ARG A 47 20.30 12.75 -50.23
N LEU A 48 19.90 11.81 -49.37
CA LEU A 48 19.40 12.10 -48.02
C LEU A 48 20.54 11.87 -47.03
N LYS A 49 21.16 12.97 -46.59
CA LYS A 49 22.33 13.04 -45.70
C LYS A 49 23.57 12.30 -46.27
N GLY A 50 23.86 12.59 -47.55
CA GLY A 50 25.03 12.13 -48.29
C GLY A 50 24.88 10.71 -48.88
N ILE A 51 23.88 9.94 -48.43
CA ILE A 51 23.62 8.57 -48.88
C ILE A 51 22.63 8.60 -50.06
N ALA A 52 23.02 7.95 -51.16
CA ALA A 52 22.22 7.85 -52.38
C ALA A 52 21.05 6.86 -52.22
N PRO A 53 19.84 7.24 -52.66
CA PRO A 53 18.67 6.34 -52.65
C PRO A 53 18.75 5.23 -53.72
N LEU A 54 18.03 4.13 -53.46
CA LEU A 54 17.71 3.12 -54.46
C LEU A 54 16.72 3.70 -55.48
N GLN A 55 17.01 3.47 -56.77
CA GLN A 55 16.12 3.78 -57.87
C GLN A 55 15.78 2.45 -58.55
N LEU A 56 14.52 2.01 -58.39
CA LEU A 56 13.99 0.83 -59.07
C LEU A 56 13.74 1.06 -60.57
N GLY A 57 13.55 2.34 -60.98
CA GLY A 57 13.51 2.77 -62.38
C GLY A 57 12.32 2.14 -63.10
N LYS A 58 12.60 1.35 -64.14
CA LYS A 58 11.61 0.59 -64.91
C LYS A 58 11.04 -0.65 -64.17
N CYS A 59 11.63 -1.03 -63.03
CA CYS A 59 11.18 -2.12 -62.16
C CYS A 59 10.44 -1.59 -60.92
N ASN A 60 9.80 -2.51 -60.20
CA ASN A 60 9.20 -2.32 -58.88
C ASN A 60 9.80 -3.32 -57.87
N ILE A 61 9.29 -3.29 -56.63
CA ILE A 61 9.71 -4.12 -55.50
C ILE A 61 9.67 -5.64 -55.77
N ALA A 62 8.61 -6.13 -56.47
CA ALA A 62 8.44 -7.55 -56.78
C ALA A 62 9.51 -8.10 -57.75
N GLY A 63 9.81 -7.34 -58.81
CA GLY A 63 10.76 -7.74 -59.85
C GLY A 63 12.21 -7.59 -59.37
N TRP A 64 12.48 -6.68 -58.43
CA TRP A 64 13.80 -6.51 -57.83
C TRP A 64 14.16 -7.63 -56.84
N LEU A 65 13.21 -8.00 -55.96
CA LEU A 65 13.39 -9.04 -54.94
C LEU A 65 13.34 -10.47 -55.50
N LEU A 66 12.53 -10.73 -56.54
CA LEU A 66 12.55 -12.00 -57.28
C LEU A 66 13.73 -12.09 -58.26
N GLY A 67 14.26 -10.93 -58.69
CA GLY A 67 15.42 -10.84 -59.57
C GLY A 67 15.02 -11.09 -61.02
N ASN A 68 13.95 -10.44 -61.51
CA ASN A 68 13.55 -10.37 -62.93
C ASN A 68 14.76 -9.88 -63.77
N PRO A 69 15.15 -10.62 -64.83
CA PRO A 69 16.29 -10.26 -65.70
C PRO A 69 16.39 -8.81 -66.24
N GLU A 70 15.26 -8.10 -66.34
CA GLU A 70 15.22 -6.68 -66.71
C GLU A 70 15.69 -5.73 -65.59
N CYS A 71 15.88 -6.27 -64.37
CA CYS A 71 16.30 -5.56 -63.17
C CYS A 71 17.74 -5.92 -62.75
N ASP A 72 18.55 -6.49 -63.67
CA ASP A 72 19.97 -6.84 -63.43
C ASP A 72 20.93 -5.70 -63.01
N PRO A 73 20.74 -4.45 -63.48
CA PRO A 73 21.51 -3.29 -62.96
C PRO A 73 21.27 -2.90 -61.48
N LEU A 74 20.19 -3.44 -60.88
CA LEU A 74 19.74 -3.14 -59.52
C LEU A 74 20.21 -4.20 -58.51
N LEU A 75 20.66 -5.37 -58.99
CA LEU A 75 21.17 -6.48 -58.18
C LEU A 75 22.43 -6.20 -57.34
N PRO A 76 23.39 -5.35 -57.77
CA PRO A 76 24.54 -4.99 -56.90
C PRO A 76 24.26 -3.87 -55.88
N VAL A 77 23.05 -3.27 -55.85
CA VAL A 77 22.69 -2.21 -54.91
C VAL A 77 22.44 -2.80 -53.50
N ARG A 78 23.42 -2.63 -52.61
CA ARG A 78 23.40 -3.18 -51.25
C ARG A 78 22.71 -2.27 -50.23
N SER A 79 22.83 -0.94 -50.38
CA SER A 79 22.42 0.04 -49.38
C SER A 79 21.78 1.28 -50.02
N TRP A 80 20.92 1.96 -49.24
CA TRP A 80 20.16 3.14 -49.63
C TRP A 80 19.66 3.92 -48.40
N SER A 81 19.21 5.16 -48.65
CA SER A 81 18.57 6.04 -47.67
C SER A 81 17.04 6.01 -47.75
N TYR A 82 16.50 5.87 -48.98
CA TYR A 82 15.09 5.69 -49.28
C TYR A 82 14.95 5.02 -50.66
N ILE A 83 13.77 4.42 -50.92
CA ILE A 83 13.48 3.72 -52.16
C ILE A 83 12.62 4.62 -53.07
N VAL A 84 12.92 4.57 -54.37
CA VAL A 84 12.23 5.34 -55.41
C VAL A 84 11.74 4.36 -56.49
N GLU A 85 10.44 4.46 -56.76
CA GLU A 85 9.78 3.95 -57.97
C GLU A 85 9.41 5.14 -58.86
N THR A 86 8.96 4.83 -60.09
CA THR A 86 8.51 5.80 -61.08
C THR A 86 7.08 5.44 -61.54
N PRO A 87 6.40 6.34 -62.29
CA PRO A 87 5.13 6.00 -62.98
C PRO A 87 5.23 4.88 -64.05
N ASN A 88 6.46 4.54 -64.47
CA ASN A 88 6.79 3.51 -65.47
C ASN A 88 7.52 2.33 -64.81
N SER A 89 7.11 1.94 -63.59
CA SER A 89 7.69 0.82 -62.83
C SER A 89 6.93 -0.49 -63.12
N GLU A 90 6.91 -0.92 -64.40
CA GLU A 90 6.10 -2.07 -64.86
C GLU A 90 6.74 -3.45 -64.63
N ASN A 91 8.09 -3.54 -64.58
CA ASN A 91 8.82 -4.81 -64.47
C ASN A 91 8.81 -5.34 -63.03
N GLY A 92 7.69 -6.00 -62.69
CA GLY A 92 7.47 -6.71 -61.44
C GLY A 92 7.69 -8.19 -61.72
N ILE A 93 6.65 -9.02 -61.48
CA ILE A 93 6.63 -10.43 -61.86
C ILE A 93 6.65 -10.56 -63.40
N CYS A 94 7.62 -11.32 -63.92
CA CYS A 94 7.79 -11.56 -65.36
C CYS A 94 7.00 -12.78 -65.86
N TYR A 95 6.40 -13.56 -64.95
CA TYR A 95 5.53 -14.68 -65.22
C TYR A 95 4.29 -14.51 -64.32
N PRO A 96 3.05 -14.72 -64.85
CA PRO A 96 1.81 -14.41 -64.14
C PRO A 96 1.55 -15.23 -62.86
N GLY A 97 0.57 -14.75 -62.07
CA GLY A 97 0.20 -15.27 -60.77
C GLY A 97 0.11 -14.10 -59.79
N ASP A 98 -0.15 -14.43 -58.52
CA ASP A 98 -0.18 -13.47 -57.41
C ASP A 98 1.20 -13.46 -56.72
N PHE A 99 1.55 -12.28 -56.17
CA PHE A 99 2.58 -12.15 -55.16
C PHE A 99 1.82 -12.03 -53.84
N ILE A 100 1.85 -13.12 -53.05
CA ILE A 100 1.15 -13.23 -51.77
C ILE A 100 1.84 -12.35 -50.72
N ASP A 101 1.02 -11.48 -50.10
CA ASP A 101 1.40 -10.58 -49.00
C ASP A 101 2.41 -9.49 -49.48
N TYR A 102 2.19 -8.98 -50.70
CA TYR A 102 3.07 -8.01 -51.38
C TYR A 102 3.17 -6.66 -50.67
N GLU A 103 2.03 -6.13 -50.21
CA GLU A 103 1.90 -4.82 -49.56
C GLU A 103 2.60 -4.78 -48.19
N GLU A 104 2.61 -5.92 -47.48
CA GLU A 104 3.36 -6.16 -46.25
C GLU A 104 4.87 -6.34 -46.48
N LEU A 105 5.28 -6.78 -47.69
CA LEU A 105 6.70 -6.87 -48.10
C LEU A 105 7.27 -5.50 -48.52
N ARG A 106 6.43 -4.62 -49.06
CA ARG A 106 6.75 -3.21 -49.30
C ARG A 106 6.95 -2.45 -47.99
N GLU A 107 6.10 -2.74 -46.98
CA GLU A 107 6.19 -2.17 -45.63
C GLU A 107 7.34 -2.79 -44.80
N GLN A 108 7.89 -3.94 -45.23
CA GLN A 108 9.16 -4.48 -44.75
C GLN A 108 10.36 -3.67 -45.25
N LEU A 109 10.42 -3.46 -46.58
CA LEU A 109 11.52 -2.77 -47.27
C LEU A 109 11.58 -1.25 -46.99
N SER A 110 10.45 -0.65 -46.53
CA SER A 110 10.38 0.72 -46.02
C SER A 110 11.13 0.93 -44.68
N SER A 111 11.44 -0.16 -43.97
CA SER A 111 12.16 -0.17 -42.68
C SER A 111 13.51 -0.90 -42.77
N VAL A 112 14.03 -1.13 -44.00
CA VAL A 112 15.35 -1.69 -44.27
C VAL A 112 16.24 -0.58 -44.86
N SER A 113 17.48 -0.49 -44.34
CA SER A 113 18.54 0.38 -44.87
C SER A 113 19.38 -0.33 -45.93
N SER A 114 19.65 -1.63 -45.74
CA SER A 114 20.62 -2.40 -46.52
C SER A 114 20.47 -3.91 -46.29
N PHE A 115 21.12 -4.70 -47.16
CA PHE A 115 21.24 -6.16 -47.04
C PHE A 115 22.44 -6.66 -47.86
N GLU A 116 22.68 -7.97 -47.78
CA GLU A 116 23.63 -8.71 -48.62
C GLU A 116 22.88 -9.81 -49.37
N ARG A 117 23.22 -9.96 -50.66
CA ARG A 117 22.62 -10.91 -51.59
C ARG A 117 23.57 -12.10 -51.72
N PHE A 118 23.26 -13.19 -50.99
CA PHE A 118 24.12 -14.35 -50.80
C PHE A 118 23.33 -15.63 -51.16
N GLU A 119 24.06 -16.69 -51.53
CA GLU A 119 23.50 -18.02 -51.79
C GLU A 119 22.96 -18.71 -50.53
N ILE A 120 21.62 -18.84 -50.47
CA ILE A 120 20.92 -19.69 -49.52
C ILE A 120 20.93 -21.17 -49.97
N PHE A 121 20.90 -21.41 -51.29
CA PHE A 121 21.05 -22.72 -51.92
C PHE A 121 21.79 -22.55 -53.26
N PRO A 122 23.12 -22.80 -53.29
CA PRO A 122 23.92 -22.83 -54.54
C PRO A 122 23.38 -23.82 -55.59
N LYS A 123 23.15 -23.31 -56.81
CA LYS A 123 22.55 -24.01 -57.96
C LYS A 123 23.12 -25.40 -58.28
N GLU A 124 24.46 -25.52 -58.25
CA GLU A 124 25.17 -26.75 -58.64
C GLU A 124 25.11 -27.86 -57.57
N SER A 125 25.23 -27.49 -56.27
CA SER A 125 25.41 -28.43 -55.17
C SER A 125 24.11 -28.82 -54.44
N SER A 126 23.11 -27.92 -54.42
CA SER A 126 21.90 -28.11 -53.62
C SER A 126 20.83 -28.99 -54.29
N TRP A 127 20.94 -29.26 -55.60
CA TRP A 127 19.88 -29.91 -56.39
C TRP A 127 20.47 -30.97 -57.35
N PRO A 128 21.12 -32.04 -56.83
CA PRO A 128 21.84 -33.01 -57.67
C PRO A 128 20.98 -33.89 -58.59
N ASN A 129 19.70 -34.09 -58.22
CA ASN A 129 18.77 -35.01 -58.87
C ASN A 129 17.63 -34.28 -59.60
N HIS A 130 17.79 -32.97 -59.85
CA HIS A 130 16.78 -32.10 -60.45
C HIS A 130 17.44 -31.18 -61.48
N ASN A 131 16.73 -30.94 -62.60
CA ASN A 131 17.14 -30.03 -63.66
C ASN A 131 16.82 -28.59 -63.24
N THR A 132 17.90 -27.88 -62.90
CA THR A 132 17.93 -26.47 -62.51
C THR A 132 17.88 -25.50 -63.71
N ASN A 133 17.89 -26.04 -64.95
CA ASN A 133 17.88 -25.31 -66.22
C ASN A 133 16.49 -24.80 -66.67
N GLY A 134 15.46 -24.85 -65.80
CA GLY A 134 14.10 -24.43 -66.12
C GLY A 134 14.04 -22.91 -66.35
N VAL A 135 13.34 -22.52 -67.42
CA VAL A 135 13.39 -21.19 -68.05
C VAL A 135 12.02 -20.87 -68.69
N THR A 136 11.77 -19.61 -69.08
CA THR A 136 10.53 -19.21 -69.75
C THR A 136 10.72 -17.95 -70.62
N ALA A 137 9.98 -17.93 -71.75
CA ALA A 137 9.88 -16.81 -72.69
C ALA A 137 9.22 -15.55 -72.12
N ALA A 138 8.47 -15.68 -71.01
CA ALA A 138 7.88 -14.54 -70.30
C ALA A 138 8.93 -13.76 -69.51
N CYS A 139 9.93 -14.46 -68.93
CA CYS A 139 11.08 -13.89 -68.21
C CYS A 139 12.31 -13.79 -69.12
N SER A 140 12.11 -13.43 -70.40
CA SER A 140 13.17 -13.23 -71.39
C SER A 140 14.15 -12.09 -71.07
N HIS A 141 15.34 -12.20 -71.65
CA HIS A 141 16.45 -11.25 -71.54
C HIS A 141 17.33 -11.36 -72.78
N GLU A 142 17.69 -10.21 -73.38
CA GLU A 142 18.50 -10.09 -74.60
C GLU A 142 17.83 -10.72 -75.85
N GLY A 143 16.49 -10.80 -75.84
CA GLY A 143 15.67 -11.43 -76.89
C GLY A 143 15.62 -12.96 -76.77
N LYS A 144 16.23 -13.56 -75.72
CA LYS A 144 16.31 -14.99 -75.47
C LYS A 144 15.52 -15.33 -74.20
N SER A 145 14.94 -16.55 -74.14
CA SER A 145 14.24 -17.05 -72.95
C SER A 145 15.21 -17.18 -71.75
N SER A 146 14.76 -16.73 -70.57
CA SER A 146 15.58 -16.66 -69.35
C SER A 146 14.69 -16.90 -68.12
N PHE A 147 15.22 -16.63 -66.91
CA PHE A 147 14.50 -16.81 -65.65
C PHE A 147 15.07 -15.88 -64.58
N TYR A 148 14.31 -15.74 -63.49
CA TYR A 148 14.68 -15.06 -62.23
C TYR A 148 16.09 -15.41 -61.75
N ARG A 149 16.88 -14.38 -61.39
CA ARG A 149 18.25 -14.53 -60.91
C ARG A 149 18.33 -15.05 -59.47
N ASN A 150 17.27 -14.82 -58.67
CA ASN A 150 17.22 -15.16 -57.26
C ASN A 150 16.40 -16.43 -56.98
N LEU A 151 15.93 -17.12 -58.05
CA LEU A 151 15.14 -18.35 -57.99
C LEU A 151 15.62 -19.34 -59.07
N LEU A 152 15.43 -20.65 -58.82
CA LEU A 152 15.52 -21.71 -59.83
C LEU A 152 14.12 -22.27 -60.09
N TRP A 153 13.91 -22.75 -61.32
CA TRP A 153 12.77 -23.60 -61.67
C TRP A 153 13.32 -25.03 -61.74
N LEU A 154 13.06 -25.81 -60.67
CA LEU A 154 13.42 -27.22 -60.58
C LEU A 154 12.41 -28.07 -61.33
N THR A 155 12.89 -28.89 -62.26
CA THR A 155 12.10 -29.79 -63.10
C THR A 155 12.72 -31.20 -63.12
N GLU A 156 11.93 -32.15 -63.66
CA GLU A 156 12.22 -33.58 -63.77
C GLU A 156 13.50 -33.86 -64.58
N LYS A 157 14.37 -34.72 -64.01
CA LYS A 157 15.68 -35.07 -64.54
C LYS A 157 15.78 -36.60 -64.66
N GLU A 158 16.31 -37.07 -65.81
CA GLU A 158 16.42 -38.47 -66.23
C GLU A 158 15.12 -39.30 -66.15
N GLY A 159 13.96 -38.62 -66.27
CA GLY A 159 12.63 -39.23 -66.16
C GLY A 159 12.22 -39.46 -64.70
N SER A 160 12.76 -38.67 -63.74
CA SER A 160 12.48 -38.80 -62.31
C SER A 160 12.51 -37.43 -61.61
N TYR A 161 11.67 -37.28 -60.57
CA TYR A 161 11.74 -36.17 -59.62
C TYR A 161 11.67 -36.79 -58.21
N PRO A 162 12.84 -37.12 -57.62
CA PRO A 162 12.92 -37.52 -56.19
C PRO A 162 12.45 -36.40 -55.24
N LYS A 163 11.92 -36.80 -54.07
CA LYS A 163 11.53 -35.86 -53.02
C LYS A 163 12.76 -35.18 -52.40
N LEU A 164 12.97 -33.90 -52.79
CA LEU A 164 14.02 -33.04 -52.24
C LEU A 164 13.68 -32.64 -50.79
N LYS A 165 14.76 -32.43 -50.00
CA LYS A 165 14.69 -31.98 -48.63
C LYS A 165 16.05 -31.34 -48.30
N ASN A 166 16.12 -30.03 -48.53
CA ASN A 166 17.33 -29.21 -48.36
C ASN A 166 17.03 -28.09 -47.36
N SER A 167 18.01 -27.81 -46.49
CA SER A 167 17.87 -26.91 -45.35
C SER A 167 19.00 -25.87 -45.33
N TYR A 168 18.67 -24.68 -44.80
CA TYR A 168 19.61 -23.60 -44.54
C TYR A 168 19.39 -23.09 -43.11
N VAL A 169 20.49 -22.98 -42.35
CA VAL A 169 20.52 -22.35 -41.02
C VAL A 169 20.97 -20.90 -41.18
N ASN A 170 20.21 -19.95 -40.59
CA ASN A 170 20.59 -18.54 -40.53
C ASN A 170 21.76 -18.34 -39.56
N LYS A 171 22.96 -18.17 -40.11
CA LYS A 171 24.20 -17.90 -39.39
C LYS A 171 24.72 -16.48 -39.65
N LYS A 172 23.88 -15.61 -40.24
CA LYS A 172 24.16 -14.20 -40.51
C LYS A 172 23.98 -13.30 -39.26
N GLY A 173 23.22 -13.78 -38.25
CA GLY A 173 22.93 -13.05 -37.02
C GLY A 173 21.85 -11.96 -37.22
N LYS A 174 21.13 -11.99 -38.35
CA LYS A 174 20.15 -10.98 -38.77
C LYS A 174 19.18 -11.59 -39.79
N GLU A 175 17.97 -11.01 -39.85
CA GLU A 175 16.79 -11.52 -40.57
C GLU A 175 17.01 -11.80 -42.06
N VAL A 176 17.07 -13.09 -42.42
CA VAL A 176 17.19 -13.56 -43.80
C VAL A 176 15.79 -13.67 -44.44
N LEU A 177 15.50 -12.73 -45.35
CA LEU A 177 14.31 -12.71 -46.19
C LEU A 177 14.53 -13.65 -47.40
N VAL A 178 13.67 -14.67 -47.52
CA VAL A 178 13.72 -15.69 -48.57
C VAL A 178 12.38 -15.73 -49.32
N LEU A 179 12.48 -15.86 -50.65
CA LEU A 179 11.36 -15.88 -51.61
C LEU A 179 11.40 -17.20 -52.40
N TRP A 180 10.21 -17.72 -52.73
CA TRP A 180 10.02 -18.91 -53.57
C TRP A 180 8.67 -18.83 -54.28
N GLY A 181 8.62 -19.38 -55.49
CA GLY A 181 7.38 -19.56 -56.25
C GLY A 181 6.85 -20.99 -56.06
N ILE A 182 5.59 -21.19 -56.45
CA ILE A 182 4.93 -22.49 -56.56
C ILE A 182 4.21 -22.51 -57.91
N HIS A 183 4.64 -23.39 -58.82
CA HIS A 183 4.03 -23.52 -60.14
C HIS A 183 2.68 -24.26 -60.09
N HIS A 184 1.76 -23.83 -60.98
CA HIS A 184 0.44 -24.39 -61.18
C HIS A 184 0.23 -24.56 -62.70
N PRO A 185 0.44 -25.79 -63.25
CA PRO A 185 0.17 -26.10 -64.67
C PRO A 185 -1.31 -25.86 -65.09
N PRO A 186 -1.54 -25.58 -66.38
CA PRO A 186 -2.90 -25.49 -66.94
C PRO A 186 -3.55 -26.85 -67.23
N ASN A 187 -2.77 -27.95 -67.17
CA ASN A 187 -3.23 -29.31 -67.46
C ASN A 187 -2.35 -30.37 -66.77
N SER A 188 -2.94 -31.56 -66.59
CA SER A 188 -2.32 -32.74 -65.98
C SER A 188 -1.15 -33.35 -66.79
N LYS A 189 -1.10 -33.09 -68.10
CA LYS A 189 -0.03 -33.53 -68.99
C LYS A 189 1.30 -32.81 -68.70
N GLU A 190 1.24 -31.50 -68.44
CA GLU A 190 2.39 -30.68 -68.06
C GLU A 190 2.84 -30.94 -66.62
N GLN A 191 1.88 -31.21 -65.70
CA GLN A 191 2.14 -31.63 -64.32
C GLN A 191 2.97 -32.92 -64.23
N GLN A 192 2.63 -33.90 -65.09
CA GLN A 192 3.33 -35.17 -65.25
C GLN A 192 4.70 -35.02 -65.93
N ASN A 193 4.79 -34.16 -66.96
CA ASN A 193 5.99 -33.94 -67.77
C ASN A 193 7.12 -33.21 -67.03
N LEU A 194 6.76 -32.23 -66.17
CA LEU A 194 7.73 -31.39 -65.49
C LEU A 194 8.10 -31.89 -64.08
N TYR A 195 7.28 -32.75 -63.45
CA TYR A 195 7.42 -33.07 -62.02
C TYR A 195 7.21 -34.55 -61.66
N GLN A 196 6.77 -35.41 -62.60
CA GLN A 196 6.47 -36.84 -62.42
C GLN A 196 5.24 -37.16 -61.53
N ASN A 197 5.04 -36.37 -60.47
CA ASN A 197 4.06 -36.55 -59.42
C ASN A 197 2.83 -35.70 -59.77
N GLU A 198 1.70 -36.37 -60.05
CA GLU A 198 0.41 -35.70 -60.30
C GLU A 198 -0.19 -35.09 -59.02
N ASN A 199 0.06 -35.75 -57.88
CA ASN A 199 -0.30 -35.35 -56.53
C ASN A 199 0.89 -34.70 -55.79
N ALA A 200 1.66 -33.88 -56.51
CA ALA A 200 2.81 -33.12 -55.98
C ALA A 200 2.44 -32.15 -54.86
N TYR A 201 3.45 -31.75 -54.08
CA TYR A 201 3.34 -30.75 -53.03
C TYR A 201 4.71 -30.11 -52.77
N VAL A 202 4.65 -28.99 -52.05
CA VAL A 202 5.78 -28.34 -51.42
C VAL A 202 5.37 -28.02 -49.97
N SER A 203 6.32 -28.09 -49.03
CA SER A 203 6.16 -27.70 -47.64
C SER A 203 7.40 -26.92 -47.21
N VAL A 204 7.19 -25.66 -46.79
CA VAL A 204 8.23 -24.78 -46.27
C VAL A 204 7.90 -24.47 -44.82
N VAL A 205 8.86 -24.75 -43.93
CA VAL A 205 8.70 -24.73 -42.48
C VAL A 205 9.93 -24.11 -41.80
N THR A 206 9.66 -23.34 -40.73
CA THR A 206 10.63 -22.74 -39.82
C THR A 206 10.14 -22.94 -38.37
N SER A 207 10.72 -22.21 -37.38
CA SER A 207 10.28 -22.24 -35.99
C SER A 207 8.86 -21.69 -35.75
N ASN A 208 8.41 -20.72 -36.57
CA ASN A 208 7.08 -20.09 -36.46
C ASN A 208 6.29 -20.07 -37.78
N TYR A 209 6.94 -20.39 -38.92
CA TYR A 209 6.29 -20.56 -40.21
C TYR A 209 6.02 -22.05 -40.45
N ASN A 210 4.87 -22.38 -41.03
CA ASN A 210 4.47 -23.73 -41.40
C ASN A 210 3.34 -23.58 -42.42
N ARG A 211 3.67 -23.85 -43.69
CA ARG A 211 2.71 -23.78 -44.79
C ARG A 211 3.05 -24.83 -45.86
N ARG A 212 2.01 -25.57 -46.27
CA ARG A 212 2.03 -26.52 -47.37
C ARG A 212 1.28 -25.91 -48.57
N PHE A 213 1.80 -26.22 -49.77
CA PHE A 213 1.32 -25.73 -51.05
C PHE A 213 1.00 -26.95 -51.92
N THR A 214 -0.16 -26.91 -52.58
CA THR A 214 -0.67 -27.97 -53.44
C THR A 214 -1.03 -27.35 -54.81
N PRO A 215 -0.47 -27.88 -55.93
CA PRO A 215 -0.82 -27.47 -57.31
C PRO A 215 -2.33 -27.56 -57.63
N GLU A 216 -2.92 -26.41 -57.97
CA GLU A 216 -4.32 -26.27 -58.35
C GLU A 216 -4.43 -26.29 -59.88
N ILE A 217 -4.30 -27.50 -60.47
CA ILE A 217 -4.33 -27.73 -61.92
C ILE A 217 -5.74 -27.46 -62.49
N ALA A 218 -5.79 -26.54 -63.46
CA ALA A 218 -6.98 -26.06 -64.18
C ALA A 218 -6.50 -25.06 -65.23
N GLU A 219 -7.13 -25.08 -66.42
CA GLU A 219 -6.78 -24.20 -67.55
C GLU A 219 -7.29 -22.78 -67.30
N ARG A 220 -6.49 -21.77 -67.69
CA ARG A 220 -6.70 -20.36 -67.38
C ARG A 220 -6.42 -19.47 -68.60
N PRO A 221 -6.89 -18.19 -68.59
CA PRO A 221 -6.51 -17.18 -69.61
C PRO A 221 -5.01 -16.93 -69.68
N LYS A 222 -4.46 -16.88 -70.91
CA LYS A 222 -3.05 -16.62 -71.18
C LYS A 222 -2.68 -15.15 -70.88
N VAL A 223 -1.75 -14.97 -69.94
CA VAL A 223 -1.22 -13.67 -69.52
C VAL A 223 0.30 -13.73 -69.73
N ARG A 224 0.82 -12.80 -70.54
CA ARG A 224 2.19 -12.82 -71.08
C ARG A 224 2.47 -14.08 -71.93
N ASP A 225 1.40 -14.61 -72.56
CA ASP A 225 1.29 -15.85 -73.33
C ASP A 225 1.22 -17.13 -72.46
N GLN A 226 1.27 -17.01 -71.12
CA GLN A 226 1.37 -18.15 -70.21
C GLN A 226 0.01 -18.44 -69.55
N ALA A 227 -0.51 -19.66 -69.79
CA ALA A 227 -1.71 -20.19 -69.14
C ALA A 227 -1.44 -20.74 -67.72
N GLY A 228 -0.17 -21.12 -67.45
CA GLY A 228 0.31 -21.52 -66.13
C GLY A 228 0.49 -20.28 -65.22
N ARG A 229 0.64 -20.52 -63.91
CA ARG A 229 0.85 -19.49 -62.89
C ARG A 229 2.02 -19.89 -61.97
N MET A 230 2.68 -18.88 -61.38
CA MET A 230 3.57 -19.03 -60.23
C MET A 230 3.05 -18.13 -59.11
N ASN A 231 2.72 -18.75 -57.97
CA ASN A 231 2.28 -18.10 -56.74
C ASN A 231 3.51 -17.83 -55.87
N TYR A 232 3.90 -16.55 -55.73
CA TYR A 232 5.13 -16.15 -55.05
C TYR A 232 4.86 -15.88 -53.55
N TYR A 233 5.56 -16.64 -52.70
CA TYR A 233 5.49 -16.58 -51.24
C TYR A 233 6.84 -16.13 -50.66
N TRP A 234 6.81 -15.71 -49.38
CA TRP A 234 7.99 -15.27 -48.65
C TRP A 234 7.80 -15.45 -47.14
N THR A 235 8.92 -15.44 -46.41
CA THR A 235 8.96 -15.36 -44.95
C THR A 235 10.32 -14.82 -44.49
N LEU A 236 10.33 -14.19 -43.31
CA LEU A 236 11.54 -13.83 -42.58
C LEU A 236 12.01 -15.05 -41.79
N LEU A 237 13.29 -15.40 -41.96
CA LEU A 237 14.01 -16.38 -41.18
C LEU A 237 14.80 -15.64 -40.09
N LYS A 238 14.54 -16.00 -38.83
CA LYS A 238 15.11 -15.34 -37.65
C LYS A 238 16.58 -15.76 -37.43
N PRO A 239 17.38 -14.93 -36.73
CA PRO A 239 18.76 -15.30 -36.31
C PRO A 239 18.86 -16.64 -35.56
N GLY A 240 19.62 -17.58 -36.15
CA GLY A 240 19.86 -18.93 -35.62
C GLY A 240 18.80 -19.96 -36.06
N ASP A 241 17.66 -19.52 -36.61
CA ASP A 241 16.57 -20.39 -37.07
C ASP A 241 16.91 -21.02 -38.43
N THR A 242 16.41 -22.26 -38.63
CA THR A 242 16.58 -23.06 -39.83
C THR A 242 15.27 -23.05 -40.65
N ILE A 243 15.39 -22.92 -41.98
CA ILE A 243 14.29 -23.13 -42.92
C ILE A 243 14.55 -24.44 -43.68
N ILE A 244 13.49 -25.21 -43.89
CA ILE A 244 13.53 -26.52 -44.52
C ILE A 244 12.55 -26.49 -45.71
N PHE A 245 13.10 -26.69 -46.92
CA PHE A 245 12.38 -26.81 -48.17
C PHE A 245 12.23 -28.29 -48.55
N GLU A 246 11.04 -28.85 -48.28
CA GLU A 246 10.65 -30.21 -48.64
C GLU A 246 9.65 -30.13 -49.81
N ALA A 247 9.82 -30.98 -50.84
CA ALA A 247 8.96 -31.00 -52.03
C ALA A 247 9.19 -32.25 -52.87
N ASN A 248 8.19 -32.63 -53.66
CA ASN A 248 8.27 -33.68 -54.69
C ASN A 248 7.78 -33.17 -56.07
N GLY A 249 7.68 -31.84 -56.22
CA GLY A 249 7.30 -31.22 -57.48
C GLY A 249 6.85 -29.78 -57.21
N ASN A 250 6.88 -28.98 -58.28
CA ASN A 250 6.30 -27.63 -58.41
C ASN A 250 7.00 -26.53 -57.60
N LEU A 251 8.10 -26.85 -56.89
CA LEU A 251 8.90 -25.87 -56.15
C LEU A 251 9.78 -25.07 -57.12
N ILE A 252 9.61 -23.74 -57.07
CA ILE A 252 10.48 -22.77 -57.70
C ILE A 252 11.40 -22.26 -56.57
N ALA A 253 12.44 -23.06 -56.29
CA ALA A 253 13.33 -22.95 -55.13
C ALA A 253 14.16 -21.65 -55.13
N PRO A 254 14.52 -21.12 -53.94
CA PRO A 254 15.47 -19.98 -53.82
C PRO A 254 16.88 -20.31 -54.34
N MET A 255 17.50 -19.32 -55.01
CA MET A 255 18.97 -19.29 -55.21
C MET A 255 19.60 -18.42 -54.13
N TYR A 256 19.19 -17.14 -54.11
CA TYR A 256 19.78 -16.09 -53.28
C TYR A 256 18.71 -15.54 -52.32
N ALA A 257 19.13 -15.30 -51.06
CA ALA A 257 18.33 -14.69 -50.01
C ALA A 257 19.02 -13.42 -49.48
N PHE A 258 18.29 -12.65 -48.66
CA PHE A 258 18.58 -11.25 -48.38
C PHE A 258 18.64 -11.05 -46.87
N ALA A 259 19.87 -11.04 -46.30
CA ALA A 259 20.12 -10.86 -44.88
C ALA A 259 20.08 -9.36 -44.50
N LEU A 260 18.89 -8.92 -44.06
CA LEU A 260 18.50 -7.53 -43.83
C LEU A 260 19.19 -6.87 -42.63
N ARG A 261 19.41 -5.56 -42.77
CA ARG A 261 19.79 -4.62 -41.73
C ARG A 261 18.72 -3.50 -41.72
N ARG A 262 18.15 -3.24 -40.54
CA ARG A 262 17.06 -2.27 -40.37
C ARG A 262 17.52 -0.81 -40.43
N GLY A 263 16.59 0.05 -40.87
CA GLY A 263 16.79 1.49 -41.02
C GLY A 263 15.56 2.24 -40.48
N PHE A 264 15.75 3.56 -40.31
CA PHE A 264 14.72 4.51 -39.91
C PHE A 264 14.83 5.75 -40.80
N GLY A 265 13.68 6.33 -41.18
CA GLY A 265 13.60 7.47 -42.09
C GLY A 265 13.55 7.06 -43.57
N SER A 266 13.70 5.76 -43.87
CA SER A 266 13.50 5.16 -45.19
C SER A 266 12.00 5.04 -45.52
N GLY A 267 11.69 4.93 -46.82
CA GLY A 267 10.32 4.75 -47.28
C GLY A 267 10.32 4.64 -48.81
N ILE A 268 9.26 4.04 -49.36
CA ILE A 268 9.06 3.91 -50.81
C ILE A 268 8.19 5.09 -51.28
N ILE A 269 8.72 5.87 -52.24
CA ILE A 269 8.04 6.97 -52.90
C ILE A 269 7.95 6.67 -54.41
N THR A 270 6.93 7.25 -55.08
CA THR A 270 6.78 7.21 -56.53
C THR A 270 7.05 8.62 -57.07
N SER A 271 8.06 8.74 -57.94
CA SER A 271 8.61 10.01 -58.40
C SER A 271 9.16 9.87 -59.83
N ASN A 272 8.84 10.87 -60.68
CA ASN A 272 9.40 11.05 -62.03
C ASN A 272 10.62 11.99 -62.06
N ALA A 273 11.04 12.52 -60.89
CA ALA A 273 12.21 13.41 -60.75
C ALA A 273 13.53 12.63 -60.93
N SER A 274 14.43 13.18 -61.73
CA SER A 274 15.74 12.60 -62.06
C SER A 274 16.76 12.78 -60.92
N MET A 275 17.65 11.79 -60.75
CA MET A 275 18.74 11.82 -59.79
C MET A 275 19.83 12.84 -60.20
N HIS A 276 20.25 13.66 -59.23
CA HIS A 276 21.34 14.62 -59.36
C HIS A 276 22.25 14.52 -58.14
N GLU A 277 23.53 14.89 -58.30
CA GLU A 277 24.53 14.96 -57.25
C GLU A 277 24.36 16.23 -56.39
N CYS A 278 23.25 16.22 -55.62
CA CYS A 278 22.85 17.20 -54.62
C CYS A 278 22.56 16.45 -53.31
N ASN A 279 22.64 17.18 -52.19
CA ASN A 279 22.34 16.68 -50.86
C ASN A 279 21.21 17.52 -50.24
N THR A 280 20.43 16.88 -49.36
CA THR A 280 19.30 17.49 -48.68
C THR A 280 18.97 16.77 -47.36
N LYS A 281 18.19 17.44 -46.50
CA LYS A 281 17.60 16.88 -45.29
C LYS A 281 16.11 16.51 -45.50
N CYS A 282 15.41 17.23 -46.39
CA CYS A 282 14.02 16.98 -46.76
C CYS A 282 13.95 16.64 -48.25
N GLN A 283 13.28 15.53 -48.56
CA GLN A 283 12.98 15.13 -49.93
C GLN A 283 11.46 14.91 -50.07
N THR A 284 10.94 15.27 -51.26
CA THR A 284 9.57 14.96 -51.69
C THR A 284 9.61 14.40 -53.15
N PRO A 285 8.53 13.77 -53.63
CA PRO A 285 8.40 13.34 -55.04
C PRO A 285 8.54 14.41 -56.13
N LEU A 286 8.24 15.69 -55.81
CA LEU A 286 8.45 16.81 -56.73
C LEU A 286 9.90 17.33 -56.70
N GLY A 287 10.63 17.06 -55.62
CA GLY A 287 12.05 17.33 -55.49
C GLY A 287 12.41 17.78 -54.06
N ALA A 288 13.70 18.07 -53.86
CA ALA A 288 14.28 18.35 -52.55
C ALA A 288 14.03 19.78 -52.06
N ILE A 289 13.63 19.88 -50.79
CA ILE A 289 13.44 21.12 -50.06
C ILE A 289 14.64 21.34 -49.12
N ASN A 290 15.14 22.59 -49.07
CA ASN A 290 16.19 23.01 -48.14
C ASN A 290 15.68 24.32 -47.51
N SER A 291 15.04 24.19 -46.33
CA SER A 291 14.32 25.28 -45.68
C SER A 291 14.24 25.09 -44.16
N SER A 292 14.12 26.22 -43.45
CA SER A 292 13.89 26.30 -42.01
C SER A 292 12.46 26.78 -41.67
N LEU A 293 11.64 27.10 -42.69
CA LEU A 293 10.23 27.49 -42.56
C LEU A 293 9.38 26.28 -42.12
N PRO A 294 8.48 26.45 -41.12
CA PRO A 294 7.78 25.32 -40.49
C PRO A 294 6.76 24.60 -41.38
N TYR A 295 6.12 25.30 -42.34
CA TYR A 295 5.11 24.73 -43.24
C TYR A 295 5.64 24.66 -44.69
N GLN A 296 5.04 23.77 -45.49
CA GLN A 296 5.25 23.63 -46.93
C GLN A 296 3.95 23.21 -47.61
N ASN A 297 3.78 23.57 -48.89
CA ASN A 297 2.60 23.25 -49.70
C ASN A 297 2.96 22.57 -51.02
N ILE A 298 4.15 21.94 -51.06
CA ILE A 298 4.74 21.31 -52.24
C ILE A 298 4.14 19.91 -52.50
N HIS A 299 4.25 18.98 -51.53
CA HIS A 299 3.74 17.61 -51.68
C HIS A 299 3.58 16.94 -50.29
N PRO A 300 2.49 16.16 -50.07
CA PRO A 300 2.23 15.46 -48.80
C PRO A 300 3.25 14.38 -48.41
N VAL A 301 3.86 13.72 -49.41
CA VAL A 301 4.88 12.69 -49.17
C VAL A 301 6.22 13.36 -48.85
N THR A 302 6.76 13.01 -47.67
CA THR A 302 8.00 13.54 -47.10
C THR A 302 8.94 12.38 -46.74
N ILE A 303 10.24 12.66 -46.83
CA ILE A 303 11.35 11.75 -46.55
C ILE A 303 12.42 12.54 -45.78
N GLY A 304 12.82 12.00 -44.62
CA GLY A 304 13.68 12.67 -43.64
C GLY A 304 12.86 13.70 -42.84
N GLU A 305 13.57 14.62 -42.17
CA GLU A 305 12.97 15.78 -41.51
C GLU A 305 12.56 16.81 -42.58
N CYS A 306 11.34 17.36 -42.44
CA CYS A 306 10.69 18.26 -43.38
C CYS A 306 9.79 19.29 -42.66
N PRO A 307 9.35 20.35 -43.37
CA PRO A 307 8.16 21.12 -42.97
C PRO A 307 6.85 20.32 -43.13
N LYS A 308 5.82 20.64 -42.33
CA LYS A 308 4.48 20.03 -42.41
C LYS A 308 3.77 20.40 -43.71
N TYR A 309 3.14 19.41 -44.37
CA TYR A 309 2.29 19.67 -45.54
C TYR A 309 0.99 20.37 -45.14
N VAL A 310 0.58 21.35 -45.97
CA VAL A 310 -0.61 22.16 -45.78
C VAL A 310 -1.17 22.51 -47.17
N ARG A 311 -2.50 22.67 -47.27
CA ARG A 311 -3.18 23.06 -48.51
C ARG A 311 -3.19 24.58 -48.76
N SER A 312 -2.77 25.38 -47.77
CA SER A 312 -2.71 26.85 -47.82
C SER A 312 -1.73 27.36 -48.90
N ALA A 313 -2.16 28.40 -49.63
CA ALA A 313 -1.37 29.08 -50.67
C ALA A 313 -0.59 30.30 -50.16
N LYS A 314 -0.90 30.75 -48.92
CA LYS A 314 -0.28 31.90 -48.27
C LYS A 314 -0.42 31.71 -46.76
N LEU A 315 0.71 31.72 -46.03
CA LEU A 315 0.76 31.78 -44.57
C LEU A 315 1.80 32.84 -44.16
N ARG A 316 1.61 34.06 -44.67
CA ARG A 316 2.45 35.22 -44.37
C ARG A 316 1.93 35.93 -43.12
N MET A 317 2.80 36.03 -42.11
CA MET A 317 2.54 36.74 -40.85
C MET A 317 3.25 38.10 -40.85
N VAL A 318 2.58 39.12 -40.31
CA VAL A 318 3.14 40.45 -40.07
C VAL A 318 4.08 40.44 -38.84
N THR A 319 5.19 41.17 -38.98
CA THR A 319 6.16 41.42 -37.92
C THR A 319 6.31 42.93 -37.67
N GLY A 320 6.10 43.77 -38.71
CA GLY A 320 6.07 45.23 -38.63
C GLY A 320 4.66 45.68 -38.26
N LEU A 321 4.33 46.92 -38.63
CA LEU A 321 3.01 47.53 -38.45
C LEU A 321 2.34 47.76 -39.81
N ARG A 322 1.11 48.30 -39.81
CA ARG A 322 0.37 48.70 -41.02
C ARG A 322 1.10 49.85 -41.73
N ASN A 323 1.51 49.62 -42.99
CA ASN A 323 2.19 50.60 -43.82
C ASN A 323 1.18 51.62 -44.36
N ILE A 324 1.40 52.88 -44.02
CA ILE A 324 0.67 54.03 -44.55
C ILE A 324 1.74 55.07 -44.93
N PRO A 325 2.24 55.04 -46.19
CA PRO A 325 3.31 55.93 -46.67
C PRO A 325 3.04 57.44 -46.58
N ALA A 326 1.75 57.84 -46.59
CA ALA A 326 1.24 59.20 -46.47
C ALA A 326 1.64 60.14 -47.64
N ARG A 327 1.98 59.54 -48.80
CA ARG A 327 2.42 60.21 -50.04
C ARG A 327 1.28 61.01 -50.67
N GLY B 1 -6.79 51.51 -35.40
CA GLY B 1 -7.40 50.15 -35.34
C GLY B 1 -8.12 50.04 -33.98
N LEU B 2 -7.77 49.00 -33.20
CA LEU B 2 -8.35 48.68 -31.90
C LEU B 2 -7.99 49.69 -30.78
N PHE B 3 -6.94 50.51 -30.99
CA PHE B 3 -6.47 51.51 -30.03
C PHE B 3 -6.57 52.96 -30.55
N GLY B 4 -6.66 53.15 -31.88
CA GLY B 4 -7.08 54.41 -32.48
C GLY B 4 -5.93 55.40 -32.74
N ALA B 5 -4.68 54.92 -32.96
CA ALA B 5 -3.55 55.73 -33.41
C ALA B 5 -3.17 55.38 -34.85
N ILE B 6 -2.93 54.08 -35.13
CA ILE B 6 -2.59 53.57 -36.47
C ILE B 6 -3.83 53.61 -37.38
N ALA B 7 -3.79 54.48 -38.40
CA ALA B 7 -4.92 54.91 -39.24
C ALA B 7 -6.00 55.70 -38.45
N GLY B 8 -5.64 56.19 -37.26
CA GLY B 8 -6.50 56.94 -36.35
C GLY B 8 -6.11 58.42 -36.42
N PHE B 9 -5.98 59.08 -35.26
CA PHE B 9 -5.68 60.52 -35.17
C PHE B 9 -4.26 60.89 -35.66
N ILE B 10 -3.29 59.94 -35.56
CA ILE B 10 -2.03 60.00 -36.29
C ILE B 10 -2.27 59.27 -37.62
N GLU B 11 -2.71 60.03 -38.64
CA GLU B 11 -3.31 59.55 -39.88
C GLU B 11 -2.44 58.57 -40.71
N GLY B 12 -1.13 58.80 -40.73
CA GLY B 12 -0.20 57.95 -41.47
C GLY B 12 1.16 57.93 -40.77
N GLY B 13 2.01 57.00 -41.22
CA GLY B 13 3.38 56.82 -40.73
C GLY B 13 4.34 57.64 -41.61
N TRP B 14 5.57 57.77 -41.11
CA TRP B 14 6.65 58.53 -41.74
C TRP B 14 7.65 57.57 -42.39
N THR B 15 7.99 57.88 -43.65
CA THR B 15 9.09 57.24 -44.39
C THR B 15 10.48 57.74 -43.95
N GLY B 16 10.53 58.84 -43.17
CA GLY B 16 11.72 59.36 -42.53
C GLY B 16 12.12 58.56 -41.27
N MET B 17 11.22 57.73 -40.73
CA MET B 17 11.56 56.68 -39.76
C MET B 17 12.20 55.51 -40.52
N ILE B 18 13.46 55.21 -40.15
CA ILE B 18 14.27 54.15 -40.73
C ILE B 18 15.12 53.43 -39.66
N ASP B 19 15.23 54.02 -38.46
CA ASP B 19 15.99 53.52 -37.31
C ASP B 19 15.10 52.68 -36.36
N GLY B 20 13.77 52.85 -36.41
CA GLY B 20 12.85 52.10 -35.57
C GLY B 20 11.40 52.29 -36.00
N TRP B 21 10.51 51.48 -35.41
CA TRP B 21 9.06 51.49 -35.64
C TRP B 21 8.31 52.67 -35.00
N TYR B 22 8.95 53.35 -34.04
CA TYR B 22 8.39 54.48 -33.27
C TYR B 22 9.43 55.59 -33.22
N GLY B 23 8.97 56.83 -32.99
CA GLY B 23 9.87 57.96 -32.82
C GLY B 23 9.15 59.28 -33.04
N TYR B 24 9.92 60.37 -32.91
CA TYR B 24 9.45 61.75 -33.00
C TYR B 24 10.14 62.50 -34.16
N HIS B 25 9.43 63.50 -34.68
CA HIS B 25 9.91 64.41 -35.72
C HIS B 25 10.26 65.77 -35.08
N HIS B 26 11.44 66.30 -35.46
CA HIS B 26 11.96 67.59 -35.01
C HIS B 26 11.27 68.73 -35.78
N GLN B 27 10.94 69.80 -35.05
CA GLN B 27 10.36 71.03 -35.61
C GLN B 27 10.93 72.31 -34.95
N ASN B 28 12.03 72.18 -34.19
CA ASN B 28 12.74 73.30 -33.57
C ASN B 28 13.57 74.13 -34.58
N GLU B 29 13.97 75.34 -34.17
CA GLU B 29 14.77 76.29 -34.95
C GLU B 29 16.16 75.79 -35.37
N GLN B 30 16.69 74.75 -34.69
CA GLN B 30 17.91 74.02 -35.03
C GLN B 30 17.76 73.06 -36.24
N GLY B 31 16.55 72.96 -36.81
CA GLY B 31 16.27 72.25 -38.05
C GLY B 31 15.38 71.02 -37.80
N SER B 32 14.69 70.59 -38.86
CA SER B 32 13.87 69.38 -38.90
C SER B 32 14.72 68.09 -39.06
N GLY B 33 14.08 66.95 -38.79
CA GLY B 33 14.74 65.64 -38.85
C GLY B 33 13.87 64.62 -38.10
N TYR B 34 14.36 63.39 -38.00
CA TYR B 34 13.67 62.26 -37.36
C TYR B 34 14.63 61.53 -36.42
N ALA B 35 14.09 61.08 -35.28
CA ALA B 35 14.83 60.34 -34.25
C ALA B 35 13.92 59.27 -33.64
N ALA B 36 14.31 58.00 -33.80
CA ALA B 36 13.55 56.84 -33.32
C ALA B 36 13.57 56.70 -31.79
N ASP B 37 12.39 56.33 -31.24
CA ASP B 37 12.21 56.00 -29.83
C ASP B 37 12.62 54.54 -29.63
N GLN B 38 13.83 54.34 -29.11
CA GLN B 38 14.50 53.05 -28.98
C GLN B 38 13.80 52.07 -28.03
N LYS B 39 13.24 52.56 -26.92
CA LYS B 39 12.56 51.72 -25.92
C LYS B 39 11.26 51.08 -26.45
N SER B 40 10.43 51.85 -27.16
CA SER B 40 9.17 51.37 -27.74
C SER B 40 9.41 50.42 -28.93
N THR B 41 10.48 50.70 -29.71
CA THR B 41 10.92 49.88 -30.84
C THR B 41 11.47 48.52 -30.38
N GLN B 42 12.36 48.51 -29.36
CA GLN B 42 12.98 47.30 -28.83
C GLN B 42 11.99 46.37 -28.12
N ASN B 43 11.09 46.92 -27.29
CA ASN B 43 10.04 46.17 -26.59
C ASN B 43 9.01 45.56 -27.56
N ALA B 44 8.70 46.29 -28.66
CA ALA B 44 7.88 45.78 -29.76
C ALA B 44 8.58 44.66 -30.53
N ILE B 45 9.89 44.82 -30.83
CA ILE B 45 10.73 43.82 -31.47
C ILE B 45 10.89 42.53 -30.65
N ASN B 46 11.05 42.64 -29.32
CA ASN B 46 11.14 41.48 -28.40
C ASN B 46 9.83 40.71 -28.32
N GLY B 47 8.68 41.42 -28.32
CA GLY B 47 7.34 40.82 -28.33
C GLY B 47 7.07 40.09 -29.65
N ILE B 48 7.43 40.73 -30.77
CA ILE B 48 7.33 40.17 -32.12
C ILE B 48 8.29 38.99 -32.37
N THR B 49 9.51 39.04 -31.83
CA THR B 49 10.47 37.94 -31.92
C THR B 49 10.01 36.71 -31.13
N ASN B 50 9.42 36.91 -29.94
CA ASN B 50 8.89 35.83 -29.10
C ASN B 50 7.70 35.10 -29.75
N LYS B 51 6.75 35.84 -30.38
CA LYS B 51 5.59 35.23 -31.06
C LYS B 51 5.99 34.53 -32.38
N VAL B 52 7.00 35.07 -33.08
CA VAL B 52 7.62 34.48 -34.28
C VAL B 52 8.34 33.16 -33.96
N ASN B 53 9.08 33.11 -32.84
CA ASN B 53 9.72 31.89 -32.33
C ASN B 53 8.67 30.87 -31.86
N SER B 54 7.63 31.33 -31.13
CA SER B 54 6.57 30.49 -30.57
C SER B 54 5.77 29.71 -31.61
N VAL B 55 5.36 30.37 -32.72
CA VAL B 55 4.60 29.73 -33.79
C VAL B 55 5.44 28.76 -34.65
N ILE B 56 6.75 29.03 -34.80
CA ILE B 56 7.68 28.19 -35.53
C ILE B 56 8.11 26.94 -34.73
N GLU B 57 8.47 27.12 -33.45
CA GLU B 57 9.03 26.08 -32.58
C GLU B 57 7.98 25.08 -32.09
N LYS B 58 6.73 25.53 -31.88
CA LYS B 58 5.69 24.77 -31.17
C LYS B 58 5.32 23.45 -31.88
N MET B 59 4.95 23.52 -33.16
CA MET B 59 4.78 22.33 -33.98
C MET B 59 6.14 21.92 -34.54
N ASN B 60 6.62 20.76 -34.06
CA ASN B 60 7.87 20.11 -34.45
C ASN B 60 7.97 19.78 -35.94
N ILE B 61 9.19 19.53 -36.42
CA ILE B 61 9.48 19.04 -37.78
C ILE B 61 8.75 17.73 -38.13
N GLN B 62 8.14 17.71 -39.33
CA GLN B 62 7.44 16.58 -39.91
C GLN B 62 8.45 15.54 -40.41
N PHE B 63 8.46 14.36 -39.77
CA PHE B 63 9.32 13.24 -40.17
C PHE B 63 8.72 12.49 -41.38
N THR B 64 9.44 11.46 -41.87
CA THR B 64 9.08 10.62 -43.01
C THR B 64 7.63 10.08 -42.95
N ALA B 65 6.89 10.36 -44.02
CA ALA B 65 5.49 9.98 -44.19
C ALA B 65 5.29 9.70 -45.68
N VAL B 66 5.07 8.42 -46.01
CA VAL B 66 4.95 7.93 -47.39
C VAL B 66 3.61 7.19 -47.59
N GLY B 67 3.24 7.01 -48.87
CA GLY B 67 2.05 6.28 -49.30
C GLY B 67 2.21 4.78 -49.04
N LYS B 68 1.06 4.11 -48.86
CA LYS B 68 0.93 2.69 -48.58
C LYS B 68 0.11 2.06 -49.70
N GLU B 69 0.50 0.86 -50.18
CA GLU B 69 -0.30 0.09 -51.13
C GLU B 69 -1.32 -0.82 -50.41
N PHE B 70 -2.40 -1.10 -51.15
CA PHE B 70 -3.54 -1.91 -50.74
C PHE B 70 -3.99 -2.72 -51.96
N ASN B 71 -4.19 -4.04 -51.79
CA ASN B 71 -4.72 -4.91 -52.87
C ASN B 71 -6.24 -4.73 -53.07
N LYS B 72 -6.79 -5.48 -54.04
CA LYS B 72 -8.19 -5.43 -54.48
C LYS B 72 -9.25 -5.79 -53.42
N LEU B 73 -8.84 -6.44 -52.31
CA LEU B 73 -9.67 -6.82 -51.17
C LEU B 73 -9.23 -6.08 -49.89
N GLU B 74 -8.71 -4.85 -50.04
CA GLU B 74 -8.26 -3.97 -48.97
C GLU B 74 -8.73 -2.52 -49.19
N LYS B 75 -9.91 -2.35 -49.82
CA LYS B 75 -10.51 -1.05 -50.11
C LYS B 75 -11.01 -0.32 -48.85
N ARG B 76 -11.41 -1.05 -47.80
CA ARG B 76 -11.83 -0.46 -46.53
C ARG B 76 -10.66 0.17 -45.77
N MET B 77 -9.52 -0.55 -45.64
CA MET B 77 -8.31 -0.06 -44.98
C MET B 77 -7.56 1.00 -45.81
N GLU B 78 -7.78 1.03 -47.14
CA GLU B 78 -7.35 2.11 -48.04
C GLU B 78 -8.13 3.41 -47.78
N ASN B 79 -9.45 3.31 -47.59
CA ASN B 79 -10.34 4.43 -47.32
C ASN B 79 -10.30 4.87 -45.84
N LEU B 80 -9.77 4.03 -44.93
CA LEU B 80 -9.40 4.42 -43.56
C LEU B 80 -8.11 5.25 -43.57
N ASN B 81 -7.10 4.81 -44.34
CA ASN B 81 -5.84 5.53 -44.55
C ASN B 81 -6.09 6.93 -45.16
N ASN B 82 -6.92 6.99 -46.22
CA ASN B 82 -7.34 8.22 -46.88
C ASN B 82 -8.13 9.16 -45.95
N LYS B 83 -9.10 8.64 -45.19
CA LYS B 83 -9.89 9.40 -44.21
C LYS B 83 -9.04 10.01 -43.08
N VAL B 84 -8.02 9.27 -42.60
CA VAL B 84 -7.09 9.70 -41.58
C VAL B 84 -6.13 10.80 -42.08
N ASP B 85 -5.53 10.60 -43.27
CA ASP B 85 -4.58 11.52 -43.89
C ASP B 85 -5.24 12.83 -44.36
N ASP B 86 -6.42 12.75 -44.99
CA ASP B 86 -7.24 13.91 -45.35
C ASP B 86 -7.77 14.66 -44.12
N GLY B 87 -8.25 13.92 -43.10
CA GLY B 87 -8.83 14.49 -41.88
C GLY B 87 -7.80 15.24 -41.03
N PHE B 88 -6.57 14.70 -40.90
CA PHE B 88 -5.44 15.39 -40.29
C PHE B 88 -4.98 16.62 -41.09
N LEU B 89 -4.96 16.53 -42.43
CA LEU B 89 -4.61 17.63 -43.33
C LEU B 89 -5.63 18.78 -43.31
N ASP B 90 -6.93 18.47 -43.12
CA ASP B 90 -7.99 19.44 -42.82
C ASP B 90 -7.70 20.21 -41.52
N ILE B 91 -7.32 19.49 -40.46
CA ILE B 91 -7.00 20.06 -39.16
C ILE B 91 -5.71 20.90 -39.18
N TRP B 92 -4.64 20.44 -39.87
CA TRP B 92 -3.39 21.20 -40.02
C TRP B 92 -3.53 22.47 -40.87
N THR B 93 -4.36 22.42 -41.93
CA THR B 93 -4.70 23.59 -42.74
C THR B 93 -5.54 24.60 -41.95
N TYR B 94 -6.59 24.12 -41.25
CA TYR B 94 -7.48 24.88 -40.39
C TYR B 94 -6.77 25.55 -39.21
N ASN B 95 -5.90 24.81 -38.50
CA ASN B 95 -5.09 25.31 -37.37
C ASN B 95 -4.04 26.33 -37.80
N ALA B 96 -3.42 26.15 -38.98
CA ALA B 96 -2.43 27.08 -39.53
C ALA B 96 -3.03 28.46 -39.90
N GLU B 97 -4.20 28.45 -40.57
CA GLU B 97 -4.91 29.66 -40.98
C GLU B 97 -5.72 30.31 -39.84
N LEU B 98 -6.06 29.56 -38.77
CA LEU B 98 -6.61 30.09 -37.52
C LEU B 98 -5.58 31.03 -36.85
N LEU B 99 -4.38 30.47 -36.60
CA LEU B 99 -3.26 31.14 -35.94
C LEU B 99 -2.72 32.31 -36.76
N VAL B 100 -2.62 32.18 -38.10
CA VAL B 100 -2.16 33.25 -38.98
C VAL B 100 -3.09 34.48 -38.96
N LEU B 101 -4.42 34.31 -39.09
CA LEU B 101 -5.36 35.44 -38.99
C LEU B 101 -5.37 36.10 -37.60
N LEU B 102 -5.39 35.28 -36.53
CA LEU B 102 -5.48 35.74 -35.14
C LEU B 102 -4.22 36.47 -34.65
N GLU B 103 -3.03 35.95 -35.00
CA GLU B 103 -1.75 36.57 -34.65
C GLU B 103 -1.47 37.86 -35.45
N ASN B 104 -1.92 37.94 -36.70
CA ASN B 104 -1.80 39.14 -37.54
C ASN B 104 -2.74 40.26 -37.07
N GLU B 105 -3.93 39.89 -36.57
CA GLU B 105 -4.87 40.80 -35.94
C GLU B 105 -4.29 41.39 -34.65
N ARG B 106 -3.84 40.52 -33.73
CA ARG B 106 -3.26 40.89 -32.44
C ARG B 106 -1.93 41.67 -32.54
N THR B 107 -1.14 41.44 -33.60
CA THR B 107 0.11 42.16 -33.89
C THR B 107 -0.16 43.63 -34.21
N LEU B 108 -1.16 43.90 -35.08
CA LEU B 108 -1.57 45.26 -35.44
C LEU B 108 -2.23 46.00 -34.25
N ASP B 109 -2.92 45.28 -33.36
CA ASP B 109 -3.46 45.95 -32.14
C ASP B 109 -2.29 46.25 -31.21
N PHE B 110 -1.37 45.30 -31.04
CA PHE B 110 -0.21 45.48 -30.18
C PHE B 110 0.67 46.68 -30.57
N HIS B 111 0.87 46.89 -31.89
CA HIS B 111 1.59 48.06 -32.39
C HIS B 111 0.81 49.37 -32.22
N ASP B 112 -0.52 49.32 -32.41
CA ASP B 112 -1.46 50.42 -32.21
C ASP B 112 -1.53 50.84 -30.72
N SER B 113 -1.49 49.84 -29.82
CA SER B 113 -1.33 49.98 -28.37
C SER B 113 -0.03 50.70 -27.97
N ASN B 114 1.11 50.33 -28.58
CA ASN B 114 2.42 50.92 -28.29
C ASN B 114 2.52 52.40 -28.70
N VAL B 115 1.72 52.85 -29.70
CA VAL B 115 1.61 54.28 -30.04
C VAL B 115 0.77 55.05 -28.99
N LYS B 116 -0.27 54.43 -28.38
CA LYS B 116 -1.01 55.00 -27.25
C LYS B 116 -0.11 55.20 -26.02
N ASN B 117 0.61 54.13 -25.65
CA ASN B 117 1.51 54.05 -24.50
C ASN B 117 2.67 55.07 -24.58
N LEU B 118 3.13 55.38 -25.80
CA LEU B 118 4.17 56.37 -26.05
C LEU B 118 3.60 57.81 -26.09
N TYR B 119 2.41 58.00 -26.68
CA TYR B 119 1.71 59.28 -26.78
C TYR B 119 1.28 59.85 -25.42
N GLU B 120 0.67 59.01 -24.58
CA GLU B 120 0.21 59.35 -23.22
C GLU B 120 1.38 59.61 -22.27
N LYS B 121 2.51 58.90 -22.46
CA LYS B 121 3.73 59.05 -21.68
C LYS B 121 4.43 60.39 -21.94
N VAL B 122 4.43 60.88 -23.19
CA VAL B 122 4.93 62.21 -23.54
C VAL B 122 3.99 63.32 -23.05
N LYS B 123 2.65 63.14 -23.18
CA LYS B 123 1.65 64.09 -22.71
C LYS B 123 1.65 64.27 -21.17
N SER B 124 1.93 63.20 -20.42
CA SER B 124 2.11 63.24 -18.96
C SER B 124 3.45 63.86 -18.50
N GLN B 125 4.44 63.99 -19.41
CA GLN B 125 5.67 64.74 -19.19
C GLN B 125 5.52 66.24 -19.51
N LEU B 126 4.90 66.55 -20.67
CA LEU B 126 4.73 67.92 -21.16
C LEU B 126 3.70 68.71 -20.36
N LYS B 127 2.48 68.15 -20.22
CA LYS B 127 1.36 68.70 -19.45
C LYS B 127 1.00 70.15 -19.83
N ASN B 128 1.42 71.13 -19.01
CA ASN B 128 1.11 72.55 -19.17
C ASN B 128 2.17 73.32 -19.99
N ASN B 129 3.26 72.67 -20.40
CA ASN B 129 4.34 73.25 -21.21
C ASN B 129 4.08 73.15 -22.73
N ALA B 130 3.12 72.31 -23.16
CA ALA B 130 2.76 72.15 -24.56
C ALA B 130 1.30 71.71 -24.71
N LYS B 131 0.66 72.23 -25.76
CA LYS B 131 -0.72 71.92 -26.16
C LYS B 131 -0.79 70.68 -27.08
N GLU B 132 -1.88 70.57 -27.85
CA GLU B 132 -2.06 69.61 -28.94
C GLU B 132 -2.49 70.42 -30.17
N ILE B 133 -1.88 70.14 -31.34
CA ILE B 133 -2.11 70.89 -32.58
C ILE B 133 -2.38 70.01 -33.81
N GLY B 134 -1.65 68.89 -33.96
CA GLY B 134 -1.67 68.08 -35.18
C GLY B 134 -2.04 66.62 -34.91
N ASN B 135 -2.51 66.30 -33.68
CA ASN B 135 -2.90 64.96 -33.22
C ASN B 135 -1.71 63.99 -33.29
N GLY B 136 -0.77 64.18 -32.35
CA GLY B 136 0.59 63.65 -32.39
C GLY B 136 1.49 64.81 -32.01
N CYS B 137 1.40 65.91 -32.79
CA CYS B 137 2.16 67.14 -32.63
C CYS B 137 1.66 67.98 -31.43
N PHE B 138 2.62 68.35 -30.57
CA PHE B 138 2.44 69.10 -29.33
C PHE B 138 3.30 70.37 -29.41
N GLU B 139 2.66 71.52 -29.63
CA GLU B 139 3.32 72.82 -29.75
C GLU B 139 3.74 73.35 -28.37
N PHE B 140 5.04 73.67 -28.21
CA PHE B 140 5.62 74.22 -27.00
C PHE B 140 5.27 75.70 -26.81
N TYR B 141 4.85 76.07 -25.58
CA TYR B 141 4.59 77.46 -25.21
C TYR B 141 5.89 78.27 -25.02
N HIS B 142 6.83 77.73 -24.21
CA HIS B 142 8.06 78.43 -23.83
C HIS B 142 9.18 78.35 -24.88
N LYS B 143 9.17 77.30 -25.74
CA LYS B 143 10.19 76.93 -26.74
C LYS B 143 11.50 76.45 -26.10
N CYS B 144 12.15 75.44 -26.71
CA CYS B 144 13.44 74.92 -26.26
C CYS B 144 14.19 74.13 -27.35
N ASP B 145 15.52 74.09 -27.17
CA ASP B 145 16.55 73.48 -28.01
C ASP B 145 16.47 71.94 -28.16
N ASN B 146 17.36 71.40 -28.99
CA ASN B 146 17.49 69.97 -29.32
C ASN B 146 17.91 69.08 -28.13
N GLU B 147 18.63 69.63 -27.13
CA GLU B 147 18.97 68.91 -25.90
C GLU B 147 17.74 68.76 -24.98
N CYS B 148 16.87 69.79 -24.96
CA CYS B 148 15.57 69.77 -24.29
C CYS B 148 14.53 68.90 -25.02
N MET B 149 14.66 68.75 -26.36
CA MET B 149 13.92 67.75 -27.12
C MET B 149 14.37 66.32 -26.77
N GLU B 150 15.68 66.09 -26.68
CA GLU B 150 16.29 64.82 -26.27
C GLU B 150 15.87 64.39 -24.85
N SER B 151 15.72 65.35 -23.92
CA SER B 151 15.23 65.12 -22.57
C SER B 151 13.81 64.52 -22.53
N VAL B 152 12.94 64.94 -23.47
CA VAL B 152 11.60 64.37 -23.68
C VAL B 152 11.63 62.95 -24.29
N ARG B 153 12.64 62.64 -25.13
CA ARG B 153 12.87 61.29 -25.69
C ARG B 153 13.24 60.25 -24.61
N ASN B 154 14.29 60.55 -23.83
CA ASN B 154 14.96 59.59 -22.93
C ASN B 154 14.22 59.27 -21.62
N GLY B 155 13.14 59.99 -21.29
CA GLY B 155 12.31 59.69 -20.11
C GLY B 155 12.53 60.69 -18.96
N THR B 156 13.39 61.70 -19.14
CA THR B 156 13.44 62.88 -18.27
C THR B 156 12.44 63.95 -18.77
N TYR B 157 12.66 65.23 -18.45
CA TYR B 157 11.72 66.35 -18.65
C TYR B 157 10.52 66.18 -17.70
N ASP B 158 10.72 66.59 -16.44
CA ASP B 158 9.71 66.54 -15.38
C ASP B 158 9.41 68.00 -14.98
N TYR B 159 8.61 68.66 -15.84
CA TYR B 159 8.22 70.05 -15.72
C TYR B 159 6.67 70.11 -15.69
N PRO B 160 6.07 70.79 -14.68
CA PRO B 160 4.60 71.05 -14.61
C PRO B 160 3.96 71.69 -15.89
N ASP C 5 -28.13 73.52 -25.36
CA ASP C 5 -27.68 72.62 -26.48
C ASP C 5 -26.56 71.74 -25.89
N THR C 6 -26.63 70.44 -26.22
CA THR C 6 -25.73 69.38 -25.76
C THR C 6 -25.71 68.25 -26.81
N ILE C 7 -24.52 67.70 -27.09
CA ILE C 7 -24.34 66.52 -27.94
C ILE C 7 -23.80 65.37 -27.08
N CYS C 8 -24.43 64.19 -27.20
CA CYS C 8 -24.02 62.97 -26.49
C CYS C 8 -23.53 61.93 -27.49
N ILE C 9 -22.58 61.09 -27.07
CA ILE C 9 -22.14 59.89 -27.79
C ILE C 9 -22.68 58.66 -27.04
N GLY C 10 -23.19 57.69 -27.80
CA GLY C 10 -23.74 56.45 -27.25
C GLY C 10 -23.68 55.36 -28.32
N TYR C 11 -24.44 54.29 -28.07
CA TYR C 11 -24.46 53.07 -28.87
C TYR C 11 -25.88 52.47 -28.90
N HIS C 12 -26.09 51.51 -29.80
CA HIS C 12 -27.38 50.89 -30.08
C HIS C 12 -27.82 49.90 -28.98
N ALA C 13 -29.14 49.85 -28.76
CA ALA C 13 -29.84 48.82 -28.03
C ALA C 13 -31.17 48.52 -28.73
N ASN C 14 -31.84 47.46 -28.30
CA ASN C 14 -33.12 46.99 -28.87
C ASN C 14 -33.80 46.00 -27.90
N ASN C 15 -34.86 45.34 -28.39
CA ASN C 15 -35.62 44.31 -27.67
C ASN C 15 -35.08 42.88 -27.89
N SER C 16 -33.92 42.71 -28.55
CA SER C 16 -33.32 41.42 -28.91
C SER C 16 -32.93 40.59 -27.68
N THR C 17 -33.48 39.36 -27.61
CA THR C 17 -33.25 38.40 -26.54
C THR C 17 -32.19 37.33 -26.91
N ASP C 18 -31.46 37.54 -28.03
CA ASP C 18 -30.31 36.72 -28.44
C ASP C 18 -29.21 36.74 -27.38
N THR C 19 -28.74 35.55 -26.98
CA THR C 19 -27.64 35.39 -26.02
C THR C 19 -26.50 34.59 -26.66
N VAL C 20 -25.26 34.94 -26.28
CA VAL C 20 -24.03 34.27 -26.68
C VAL C 20 -23.12 34.10 -25.46
N ASP C 21 -22.33 33.02 -25.46
CA ASP C 21 -21.40 32.70 -24.39
C ASP C 21 -19.98 33.14 -24.80
N THR C 22 -19.32 33.90 -23.91
CA THR C 22 -17.91 34.24 -24.00
C THR C 22 -17.13 33.48 -22.90
N VAL C 23 -15.79 33.53 -22.99
CA VAL C 23 -14.89 32.91 -22.01
C VAL C 23 -14.94 33.60 -20.62
N LEU C 24 -15.24 34.91 -20.55
CA LEU C 24 -15.39 35.65 -19.30
C LEU C 24 -16.82 35.60 -18.73
N GLU C 25 -17.85 35.42 -19.57
CA GLU C 25 -19.25 35.51 -19.17
C GLU C 25 -20.13 34.68 -20.12
N LYS C 26 -20.91 33.75 -19.54
CA LYS C 26 -21.89 32.94 -20.26
C LYS C 26 -23.24 33.68 -20.36
N ASN C 27 -23.92 33.51 -21.50
CA ASN C 27 -25.27 34.01 -21.82
C ASN C 27 -25.40 35.55 -21.78
N VAL C 28 -24.44 36.24 -22.41
CA VAL C 28 -24.45 37.70 -22.62
C VAL C 28 -25.52 38.06 -23.67
N THR C 29 -26.52 38.87 -23.28
CA THR C 29 -27.55 39.36 -24.18
C THR C 29 -26.99 40.42 -25.16
N VAL C 30 -27.20 40.19 -26.46
CA VAL C 30 -26.63 40.97 -27.56
C VAL C 30 -27.71 41.42 -28.56
N THR C 31 -27.45 42.55 -29.23
CA THR C 31 -28.41 43.24 -30.11
C THR C 31 -28.66 42.51 -31.44
N HIS C 32 -27.64 41.83 -31.97
CA HIS C 32 -27.71 41.03 -33.20
C HIS C 32 -26.76 39.84 -33.08
N SER C 33 -27.11 38.74 -33.75
CA SER C 33 -26.31 37.51 -33.81
C SER C 33 -26.71 36.65 -35.03
N VAL C 34 -25.84 35.69 -35.36
CA VAL C 34 -26.03 34.68 -36.39
C VAL C 34 -25.68 33.30 -35.81
N ASN C 35 -26.50 32.28 -36.13
CA ASN C 35 -26.23 30.89 -35.75
C ASN C 35 -25.38 30.23 -36.85
N LEU C 36 -24.30 29.54 -36.44
CA LEU C 36 -23.41 28.80 -37.33
C LEU C 36 -23.67 27.28 -37.29
N LEU C 37 -24.61 26.84 -36.42
CA LEU C 37 -25.01 25.45 -36.22
C LEU C 37 -26.40 25.23 -36.83
N GLU C 38 -26.56 24.10 -37.54
CA GLU C 38 -27.84 23.70 -38.13
C GLU C 38 -28.39 22.46 -37.41
N ASP C 39 -29.68 22.53 -37.02
CA ASP C 39 -30.40 21.47 -36.32
C ASP C 39 -31.70 21.08 -37.05
N SER C 40 -32.08 21.81 -38.13
CA SER C 40 -33.26 21.52 -38.94
C SER C 40 -32.94 20.55 -40.07
N HIS C 41 -33.87 19.63 -40.31
CA HIS C 41 -33.89 18.69 -41.43
C HIS C 41 -35.34 18.36 -41.80
N ASN C 42 -35.55 17.90 -43.04
CA ASN C 42 -36.86 17.60 -43.62
C ASN C 42 -37.55 16.37 -43.01
N GLY C 43 -36.80 15.48 -42.31
CA GLY C 43 -37.31 14.25 -41.71
C GLY C 43 -37.56 13.14 -42.76
N LYS C 44 -37.16 13.36 -44.02
CA LYS C 44 -37.48 12.53 -45.18
C LYS C 44 -36.20 12.20 -45.96
N LEU C 45 -36.22 11.03 -46.64
CA LEU C 45 -35.29 10.71 -47.72
C LEU C 45 -35.73 11.46 -48.99
N CYS C 46 -34.78 12.24 -49.54
CA CYS C 46 -34.96 13.06 -50.74
C CYS C 46 -33.87 12.69 -51.76
N ARG C 47 -34.16 13.02 -53.03
CA ARG C 47 -33.26 12.87 -54.18
C ARG C 47 -31.99 13.72 -54.00
N LEU C 48 -30.82 13.11 -54.22
CA LEU C 48 -29.54 13.81 -54.20
C LEU C 48 -29.23 14.30 -55.62
N LYS C 49 -29.48 15.60 -55.85
CA LYS C 49 -29.34 16.32 -57.13
C LYS C 49 -30.21 15.72 -58.25
N GLY C 50 -31.50 15.53 -57.95
CA GLY C 50 -32.55 15.09 -58.89
C GLY C 50 -32.60 13.58 -59.09
N ILE C 51 -31.57 12.83 -58.66
CA ILE C 51 -31.48 11.38 -58.79
C ILE C 51 -31.89 10.74 -57.46
N ALA C 52 -32.87 9.82 -57.51
CA ALA C 52 -33.37 9.08 -56.36
C ALA C 52 -32.41 7.96 -55.94
N PRO C 53 -32.30 7.68 -54.61
CA PRO C 53 -31.51 6.54 -54.11
C PRO C 53 -32.17 5.18 -54.39
N LEU C 54 -31.34 4.14 -54.29
CA LEU C 54 -31.80 2.75 -54.13
C LEU C 54 -32.26 2.55 -52.67
N GLN C 55 -33.52 2.16 -52.49
CA GLN C 55 -34.07 1.73 -51.21
C GLN C 55 -34.16 0.20 -51.25
N LEU C 56 -33.26 -0.46 -50.51
CA LEU C 56 -33.23 -1.92 -50.37
C LEU C 56 -34.40 -2.46 -49.53
N GLY C 57 -34.94 -1.63 -48.61
CA GLY C 57 -36.14 -1.91 -47.82
C GLY C 57 -35.89 -3.07 -46.86
N LYS C 58 -36.74 -4.11 -46.97
CA LYS C 58 -36.67 -5.36 -46.19
C LYS C 58 -35.45 -6.25 -46.52
N CYS C 59 -34.70 -5.94 -47.59
CA CYS C 59 -33.47 -6.62 -48.01
C CYS C 59 -32.23 -5.81 -47.66
N ASN C 60 -31.07 -6.49 -47.70
CA ASN C 60 -29.72 -5.90 -47.62
C ASN C 60 -28.98 -6.12 -48.96
N ILE C 61 -27.70 -5.69 -49.00
CA ILE C 61 -26.78 -5.81 -50.14
C ILE C 61 -26.60 -7.25 -50.67
N ALA C 62 -26.55 -8.25 -49.77
CA ALA C 62 -26.39 -9.66 -50.12
C ALA C 62 -27.60 -10.23 -50.90
N GLY C 63 -28.82 -9.94 -50.42
CA GLY C 63 -30.06 -10.45 -51.01
C GLY C 63 -30.38 -9.75 -52.35
N TRP C 64 -29.94 -8.49 -52.51
CA TRP C 64 -30.02 -7.74 -53.75
C TRP C 64 -29.12 -8.31 -54.85
N LEU C 65 -27.81 -8.44 -54.55
CA LEU C 65 -26.79 -8.86 -55.52
C LEU C 65 -26.84 -10.36 -55.87
N LEU C 66 -27.16 -11.23 -54.91
CA LEU C 66 -27.39 -12.67 -55.15
C LEU C 66 -28.76 -12.93 -55.81
N GLY C 67 -29.70 -11.99 -55.66
CA GLY C 67 -31.03 -12.07 -56.26
C GLY C 67 -31.93 -13.02 -55.48
N ASN C 68 -31.99 -12.90 -54.14
CA ASN C 68 -32.95 -13.57 -53.26
C ASN C 68 -34.39 -13.26 -53.75
N PRO C 69 -35.25 -14.29 -53.94
CA PRO C 69 -36.66 -14.10 -54.37
C PRO C 69 -37.51 -13.05 -53.65
N GLU C 70 -37.20 -12.73 -52.38
CA GLU C 70 -37.84 -11.66 -51.62
C GLU C 70 -37.39 -10.24 -52.05
N CYS C 71 -36.35 -10.15 -52.89
CA CYS C 71 -35.68 -8.93 -53.33
C CYS C 71 -35.82 -8.72 -54.85
N ASP C 72 -36.83 -9.36 -55.48
CA ASP C 72 -37.20 -9.17 -56.89
C ASP C 72 -37.62 -7.74 -57.33
N PRO C 73 -38.21 -6.90 -56.45
CA PRO C 73 -38.42 -5.47 -56.74
C PRO C 73 -37.14 -4.60 -56.90
N LEU C 74 -35.97 -5.15 -56.54
CA LEU C 74 -34.67 -4.48 -56.58
C LEU C 74 -33.86 -4.84 -57.84
N LEU C 75 -34.24 -5.93 -58.54
CA LEU C 75 -33.63 -6.38 -59.80
C LEU C 75 -33.78 -5.44 -61.02
N PRO C 76 -34.89 -4.69 -61.20
CA PRO C 76 -34.98 -3.71 -62.30
C PRO C 76 -34.24 -2.38 -62.06
N VAL C 77 -33.74 -2.12 -60.84
CA VAL C 77 -33.02 -0.89 -60.49
C VAL C 77 -31.61 -0.89 -61.13
N ARG C 78 -31.41 0.02 -62.09
CA ARG C 78 -30.14 0.19 -62.81
C ARG C 78 -29.23 1.23 -62.17
N SER C 79 -29.79 2.30 -61.59
CA SER C 79 -29.03 3.48 -61.15
C SER C 79 -29.58 4.08 -59.84
N TRP C 80 -28.69 4.79 -59.13
CA TRP C 80 -28.93 5.42 -57.84
C TRP C 80 -27.89 6.52 -57.59
N SER C 81 -28.19 7.40 -56.62
CA SER C 81 -27.27 8.42 -56.11
C SER C 81 -26.59 8.03 -54.79
N TYR C 82 -27.26 7.17 -54.00
CA TYR C 82 -26.79 6.56 -52.76
C TYR C 82 -27.67 5.34 -52.47
N ILE C 83 -27.14 4.40 -51.66
CA ILE C 83 -27.86 3.19 -51.27
C ILE C 83 -28.37 3.36 -49.84
N VAL C 84 -29.60 2.87 -49.58
CA VAL C 84 -30.27 2.94 -48.29
C VAL C 84 -30.73 1.53 -47.89
N GLU C 85 -30.32 1.13 -46.68
CA GLU C 85 -30.86 0.02 -45.91
C GLU C 85 -31.73 0.55 -44.78
N THR C 86 -32.40 -0.36 -44.08
CA THR C 86 -33.29 -0.08 -42.95
C THR C 86 -32.87 -0.96 -41.74
N PRO C 87 -33.43 -0.70 -40.53
CA PRO C 87 -33.29 -1.61 -39.38
C PRO C 87 -33.88 -3.03 -39.56
N ASN C 88 -34.73 -3.23 -40.58
CA ASN C 88 -35.38 -4.49 -40.93
C ASN C 88 -34.85 -5.08 -42.25
N SER C 89 -33.60 -4.75 -42.62
CA SER C 89 -32.89 -5.28 -43.81
C SER C 89 -32.35 -6.71 -43.56
N GLU C 90 -33.29 -7.67 -43.40
CA GLU C 90 -33.01 -9.04 -42.96
C GLU C 90 -33.00 -10.07 -44.10
N ASN C 91 -33.64 -9.76 -45.25
CA ASN C 91 -33.69 -10.63 -46.43
C ASN C 91 -32.39 -10.49 -47.24
N GLY C 92 -31.35 -11.19 -46.75
CA GLY C 92 -30.02 -11.23 -47.33
C GLY C 92 -29.82 -12.61 -47.93
N ILE C 93 -28.83 -13.34 -47.37
CA ILE C 93 -28.55 -14.75 -47.61
C ILE C 93 -29.74 -15.61 -47.14
N CYS C 94 -30.43 -16.26 -48.10
CA CYS C 94 -31.63 -17.07 -47.84
C CYS C 94 -31.34 -18.57 -47.60
N TYR C 95 -30.17 -19.07 -48.05
CA TYR C 95 -29.69 -20.42 -47.74
C TYR C 95 -28.37 -20.25 -46.97
N PRO C 96 -28.23 -20.87 -45.77
CA PRO C 96 -27.10 -20.58 -44.85
C PRO C 96 -25.71 -20.87 -45.45
N GLY C 97 -24.73 -20.05 -45.03
CA GLY C 97 -23.36 -20.13 -45.49
C GLY C 97 -22.72 -18.75 -45.38
N ASP C 98 -21.39 -18.75 -45.49
CA ASP C 98 -20.52 -17.58 -45.30
C ASP C 98 -20.33 -16.86 -46.64
N PHE C 99 -20.57 -15.54 -46.65
CA PHE C 99 -20.29 -14.67 -47.79
C PHE C 99 -18.88 -14.11 -47.59
N ILE C 100 -17.92 -14.65 -48.36
CA ILE C 100 -16.51 -14.27 -48.33
C ILE C 100 -16.33 -12.87 -48.92
N ASP C 101 -15.68 -11.99 -48.13
CA ASP C 101 -15.35 -10.60 -48.47
C ASP C 101 -16.60 -9.72 -48.71
N TYR C 102 -17.65 -9.94 -47.88
CA TYR C 102 -18.92 -9.21 -47.95
C TYR C 102 -18.79 -7.70 -47.70
N GLU C 103 -18.00 -7.35 -46.67
CA GLU C 103 -17.74 -5.97 -46.25
C GLU C 103 -16.93 -5.19 -47.30
N GLU C 104 -16.02 -5.88 -48.01
CA GLU C 104 -15.31 -5.36 -49.17
C GLU C 104 -16.23 -5.16 -50.39
N LEU C 105 -17.23 -6.03 -50.59
CA LEU C 105 -18.21 -5.89 -51.67
C LEU C 105 -19.17 -4.71 -51.47
N ARG C 106 -19.50 -4.41 -50.20
CA ARG C 106 -20.23 -3.20 -49.79
C ARG C 106 -19.41 -1.92 -50.06
N GLU C 107 -18.08 -1.99 -49.86
CA GLU C 107 -17.14 -0.90 -50.11
C GLU C 107 -16.93 -0.65 -51.62
N GLN C 108 -16.99 -1.72 -52.44
CA GLN C 108 -17.01 -1.67 -53.90
C GLN C 108 -18.28 -0.96 -54.41
N LEU C 109 -19.46 -1.42 -53.96
CA LEU C 109 -20.77 -0.88 -54.33
C LEU C 109 -21.04 0.56 -53.84
N SER C 110 -20.30 1.01 -52.81
CA SER C 110 -20.29 2.41 -52.34
C SER C 110 -19.59 3.37 -53.31
N SER C 111 -18.72 2.85 -54.20
CA SER C 111 -18.07 3.61 -55.29
C SER C 111 -18.69 3.31 -56.67
N VAL C 112 -19.78 2.52 -56.72
CA VAL C 112 -20.61 2.30 -57.91
C VAL C 112 -21.86 3.18 -57.81
N SER C 113 -22.21 3.82 -58.94
CA SER C 113 -23.41 4.64 -59.09
C SER C 113 -24.53 3.92 -59.86
N SER C 114 -24.16 2.99 -60.75
CA SER C 114 -25.10 2.27 -61.62
C SER C 114 -24.47 1.01 -62.23
N PHE C 115 -25.33 0.18 -62.83
CA PHE C 115 -24.95 -1.05 -63.54
C PHE C 115 -26.01 -1.47 -64.58
N GLU C 116 -25.68 -2.52 -65.34
CA GLU C 116 -26.64 -3.32 -66.10
C GLU C 116 -26.62 -4.76 -65.56
N ARG C 117 -27.82 -5.36 -65.45
CA ARG C 117 -28.00 -6.77 -65.08
C ARG C 117 -28.26 -7.56 -66.37
N PHE C 118 -27.22 -8.25 -66.84
CA PHE C 118 -27.20 -9.01 -68.08
C PHE C 118 -26.85 -10.47 -67.77
N GLU C 119 -27.31 -11.42 -68.60
CA GLU C 119 -26.95 -12.83 -68.49
C GLU C 119 -25.51 -13.09 -68.95
N ILE C 120 -24.64 -13.41 -67.99
CA ILE C 120 -23.30 -13.95 -68.22
C ILE C 120 -23.34 -15.41 -68.73
N PHE C 121 -24.30 -16.21 -68.22
CA PHE C 121 -24.50 -17.61 -68.56
C PHE C 121 -26.02 -17.89 -68.62
N PRO C 122 -26.66 -17.69 -69.80
CA PRO C 122 -28.07 -18.06 -70.04
C PRO C 122 -28.39 -19.53 -69.74
N LYS C 123 -29.36 -19.75 -68.83
CA LYS C 123 -29.79 -21.03 -68.27
C LYS C 123 -29.99 -22.18 -69.27
N GLU C 124 -30.61 -21.87 -70.41
CA GLU C 124 -31.00 -22.83 -71.45
C GLU C 124 -29.83 -23.47 -72.20
N SER C 125 -28.79 -22.68 -72.51
CA SER C 125 -27.69 -23.05 -73.40
C SER C 125 -26.37 -23.33 -72.66
N SER C 126 -26.18 -22.77 -71.46
CA SER C 126 -24.92 -22.82 -70.71
C SER C 126 -24.59 -24.20 -70.10
N TRP C 127 -25.63 -24.99 -69.77
CA TRP C 127 -25.48 -26.25 -69.05
C TRP C 127 -26.40 -27.34 -69.64
N PRO C 128 -26.10 -27.85 -70.86
CA PRO C 128 -26.93 -28.89 -71.50
C PRO C 128 -26.93 -30.27 -70.82
N ASN C 129 -25.86 -30.57 -70.07
CA ASN C 129 -25.59 -31.89 -69.48
C ASN C 129 -25.79 -31.90 -67.95
N HIS C 130 -26.41 -30.86 -67.39
CA HIS C 130 -26.68 -30.70 -65.96
C HIS C 130 -28.09 -30.15 -65.75
N ASN C 131 -28.74 -30.61 -64.68
CA ASN C 131 -30.06 -30.15 -64.24
C ASN C 131 -29.90 -28.83 -63.48
N THR C 132 -30.32 -27.74 -64.13
CA THR C 132 -30.34 -26.37 -63.61
C THR C 132 -31.58 -26.07 -62.72
N ASN C 133 -32.46 -27.06 -62.53
CA ASN C 133 -33.72 -26.99 -61.79
C ASN C 133 -33.60 -27.12 -60.25
N GLY C 134 -32.37 -27.09 -59.69
CA GLY C 134 -32.13 -27.21 -58.25
C GLY C 134 -32.73 -26.02 -57.48
N VAL C 135 -33.23 -26.28 -56.27
CA VAL C 135 -34.15 -25.39 -55.54
C VAL C 135 -34.04 -25.60 -54.02
N THR C 136 -34.73 -24.77 -53.21
CA THR C 136 -34.77 -24.92 -51.76
C THR C 136 -35.91 -24.12 -51.10
N ALA C 137 -36.49 -24.71 -50.03
CA ALA C 137 -37.48 -24.09 -49.14
C ALA C 137 -36.94 -22.94 -48.28
N ALA C 138 -35.61 -22.84 -48.13
CA ALA C 138 -34.95 -21.74 -47.43
C ALA C 138 -35.00 -20.40 -48.20
N CYS C 139 -35.02 -20.49 -49.54
CA CYS C 139 -35.15 -19.37 -50.48
C CYS C 139 -36.55 -19.38 -51.14
N SER C 140 -37.59 -19.73 -50.37
CA SER C 140 -38.98 -19.78 -50.82
C SER C 140 -39.55 -18.43 -51.31
N HIS C 141 -40.59 -18.52 -52.17
CA HIS C 141 -41.29 -17.42 -52.78
C HIS C 141 -42.73 -17.86 -53.08
N GLU C 142 -43.70 -17.01 -52.69
CA GLU C 142 -45.14 -17.24 -52.84
C GLU C 142 -45.66 -18.49 -52.06
N GLY C 143 -44.96 -18.86 -50.98
CA GLY C 143 -45.25 -20.04 -50.15
C GLY C 143 -44.73 -21.35 -50.76
N LYS C 144 -43.95 -21.29 -51.86
CA LYS C 144 -43.41 -22.43 -52.59
C LYS C 144 -41.88 -22.33 -52.65
N SER C 145 -41.18 -23.48 -52.71
CA SER C 145 -39.73 -23.56 -52.86
C SER C 145 -39.23 -22.85 -54.13
N SER C 146 -38.18 -22.03 -53.97
CA SER C 146 -37.61 -21.17 -55.01
C SER C 146 -36.10 -21.02 -54.79
N PHE C 147 -35.41 -20.27 -55.65
CA PHE C 147 -33.96 -20.06 -55.55
C PHE C 147 -33.56 -18.73 -56.18
N TYR C 148 -32.30 -18.33 -55.93
CA TYR C 148 -31.63 -17.12 -56.42
C TYR C 148 -31.84 -16.87 -57.93
N ARG C 149 -32.22 -15.63 -58.27
CA ARG C 149 -32.45 -15.18 -59.64
C ARG C 149 -31.16 -14.96 -60.45
N ASN C 150 -30.01 -14.88 -59.76
CA ASN C 150 -28.70 -14.61 -60.36
C ASN C 150 -27.74 -15.81 -60.24
N LEU C 151 -28.20 -16.94 -59.67
CA LEU C 151 -27.42 -18.17 -59.49
C LEU C 151 -28.29 -19.39 -59.81
N LEU C 152 -27.77 -20.35 -60.59
CA LEU C 152 -28.37 -21.68 -60.81
C LEU C 152 -27.73 -22.68 -59.84
N TRP C 153 -28.56 -23.55 -59.24
CA TRP C 153 -28.10 -24.73 -58.54
C TRP C 153 -27.98 -25.86 -59.57
N LEU C 154 -26.75 -26.12 -60.01
CA LEU C 154 -26.42 -27.21 -60.93
C LEU C 154 -26.35 -28.52 -60.14
N THR C 155 -27.25 -29.46 -60.49
CA THR C 155 -27.26 -30.82 -59.98
C THR C 155 -27.06 -31.81 -61.15
N GLU C 156 -26.88 -33.10 -60.80
CA GLU C 156 -26.72 -34.21 -61.71
C GLU C 156 -27.95 -34.40 -62.62
N LYS C 157 -27.69 -34.84 -63.86
CA LYS C 157 -28.68 -35.13 -64.88
C LYS C 157 -28.47 -36.57 -65.35
N GLU C 158 -29.55 -37.37 -65.29
CA GLU C 158 -29.61 -38.76 -65.78
C GLU C 158 -28.66 -39.71 -65.02
N GLY C 159 -28.43 -39.44 -63.73
CA GLY C 159 -27.55 -40.20 -62.84
C GLY C 159 -26.06 -39.80 -62.99
N SER C 160 -25.75 -38.68 -63.67
CA SER C 160 -24.39 -38.28 -64.02
C SER C 160 -24.18 -36.78 -63.88
N TYR C 161 -22.94 -36.39 -63.50
CA TYR C 161 -22.48 -35.02 -63.47
C TYR C 161 -21.13 -34.99 -64.22
N PRO C 162 -21.16 -34.76 -65.57
CA PRO C 162 -19.94 -34.56 -66.38
C PRO C 162 -19.05 -33.39 -65.92
N LYS C 163 -17.77 -33.46 -66.28
CA LYS C 163 -16.74 -32.47 -65.96
C LYS C 163 -17.06 -31.16 -66.70
N LEU C 164 -17.72 -30.21 -66.02
CA LEU C 164 -18.20 -28.96 -66.61
C LEU C 164 -17.05 -27.96 -66.81
N LYS C 165 -17.15 -27.16 -67.88
CA LYS C 165 -16.26 -26.03 -68.14
C LYS C 165 -16.99 -25.06 -69.07
N ASN C 166 -17.11 -23.79 -68.65
CA ASN C 166 -17.77 -22.72 -69.40
C ASN C 166 -17.00 -21.42 -69.19
N SER C 167 -16.95 -20.59 -70.24
CA SER C 167 -16.15 -19.36 -70.29
C SER C 167 -17.03 -18.18 -70.72
N TYR C 168 -16.72 -17.00 -70.15
CA TYR C 168 -17.25 -15.71 -70.56
C TYR C 168 -16.09 -14.71 -70.69
N VAL C 169 -16.06 -13.97 -71.80
CA VAL C 169 -15.13 -12.87 -72.02
C VAL C 169 -15.89 -11.55 -71.81
N ASN C 170 -15.33 -10.65 -70.99
CA ASN C 170 -15.88 -9.31 -70.76
C ASN C 170 -15.63 -8.42 -71.99
N LYS C 171 -16.73 -8.07 -72.67
CA LYS C 171 -16.74 -7.14 -73.81
C LYS C 171 -17.65 -5.92 -73.52
N LYS C 172 -17.94 -5.66 -72.24
CA LYS C 172 -18.77 -4.55 -71.77
C LYS C 172 -18.01 -3.21 -71.71
N GLY C 173 -16.66 -3.24 -71.73
CA GLY C 173 -15.81 -2.05 -71.63
C GLY C 173 -15.76 -1.49 -70.19
N LYS C 174 -16.18 -2.28 -69.20
CA LYS C 174 -16.32 -1.89 -67.79
C LYS C 174 -16.35 -3.15 -66.90
N GLU C 175 -16.03 -2.97 -65.61
CA GLU C 175 -15.86 -4.03 -64.61
C GLU C 175 -17.14 -4.88 -64.39
N VAL C 176 -17.07 -6.16 -64.77
CA VAL C 176 -18.16 -7.12 -64.58
C VAL C 176 -17.96 -7.89 -63.25
N LEU C 177 -18.84 -7.62 -62.28
CA LEU C 177 -18.94 -8.35 -61.02
C LEU C 177 -19.71 -9.65 -61.25
N VAL C 178 -19.05 -10.79 -60.94
CA VAL C 178 -19.64 -12.12 -61.03
C VAL C 178 -19.73 -12.71 -59.61
N LEU C 179 -20.88 -13.33 -59.30
CA LEU C 179 -21.17 -14.02 -58.04
C LEU C 179 -21.48 -15.50 -58.33
N TRP C 180 -21.02 -16.38 -57.44
CA TRP C 180 -21.28 -17.81 -57.47
C TRP C 180 -21.25 -18.39 -56.04
N GLY C 181 -21.90 -19.54 -55.88
CA GLY C 181 -21.91 -20.30 -54.64
C GLY C 181 -21.12 -21.60 -54.80
N ILE C 182 -20.69 -22.17 -53.66
CA ILE C 182 -20.05 -23.47 -53.54
C ILE C 182 -20.77 -24.21 -52.40
N HIS C 183 -21.50 -25.28 -52.74
CA HIS C 183 -22.27 -26.08 -51.79
C HIS C 183 -21.38 -27.03 -50.96
N HIS C 184 -21.83 -27.29 -49.73
CA HIS C 184 -21.20 -28.18 -48.75
C HIS C 184 -22.33 -29.02 -48.09
N PRO C 185 -22.59 -30.25 -48.58
CA PRO C 185 -23.57 -31.17 -47.96
C PRO C 185 -23.23 -31.55 -46.49
N PRO C 186 -24.26 -31.87 -45.67
CA PRO C 186 -24.06 -32.35 -44.29
C PRO C 186 -23.68 -33.83 -44.18
N ASN C 187 -23.69 -34.56 -45.31
CA ASN C 187 -23.49 -36.01 -45.41
C ASN C 187 -23.14 -36.40 -46.86
N SER C 188 -22.38 -37.50 -46.99
CA SER C 188 -21.88 -38.01 -48.27
C SER C 188 -22.97 -38.60 -49.19
N LYS C 189 -24.12 -39.05 -48.65
CA LYS C 189 -25.24 -39.53 -49.45
C LYS C 189 -25.83 -38.44 -50.37
N GLU C 190 -25.87 -37.20 -49.86
CA GLU C 190 -26.33 -36.01 -50.57
C GLU C 190 -25.30 -35.48 -51.57
N GLN C 191 -24.01 -35.67 -51.28
CA GLN C 191 -22.89 -35.37 -52.17
C GLN C 191 -22.93 -36.20 -53.48
N GLN C 192 -23.39 -37.45 -53.41
CA GLN C 192 -23.61 -38.31 -54.57
C GLN C 192 -24.97 -38.10 -55.26
N ASN C 193 -26.08 -37.93 -54.49
CA ASN C 193 -27.42 -37.77 -55.09
C ASN C 193 -27.66 -36.40 -55.75
N LEU C 194 -26.83 -35.39 -55.43
CA LEU C 194 -26.86 -34.08 -56.08
C LEU C 194 -25.76 -33.93 -57.14
N TYR C 195 -24.57 -34.56 -56.98
CA TYR C 195 -23.38 -34.19 -57.77
C TYR C 195 -22.58 -35.37 -58.33
N GLN C 196 -23.02 -36.62 -58.11
CA GLN C 196 -22.38 -37.89 -58.52
C GLN C 196 -21.07 -38.23 -57.79
N ASN C 197 -20.18 -37.24 -57.66
CA ASN C 197 -18.77 -37.37 -57.29
C ASN C 197 -18.61 -37.15 -55.79
N GLU C 198 -17.89 -38.07 -55.13
CA GLU C 198 -17.51 -38.00 -53.71
C GLU C 198 -16.51 -36.85 -53.44
N ASN C 199 -15.41 -36.85 -54.21
CA ASN C 199 -14.33 -35.87 -54.13
C ASN C 199 -14.47 -34.88 -55.28
N ALA C 200 -15.54 -34.07 -55.21
CA ALA C 200 -15.81 -32.98 -56.14
C ALA C 200 -14.92 -31.75 -55.88
N TYR C 201 -14.93 -30.81 -56.83
CA TYR C 201 -14.23 -29.53 -56.76
C TYR C 201 -14.90 -28.52 -57.69
N VAL C 202 -14.50 -27.25 -57.50
CA VAL C 202 -14.76 -26.14 -58.41
C VAL C 202 -13.45 -25.34 -58.52
N SER C 203 -13.22 -24.70 -59.68
CA SER C 203 -12.07 -23.86 -59.93
C SER C 203 -12.51 -22.68 -60.82
N VAL C 204 -12.56 -21.48 -60.22
CA VAL C 204 -12.87 -20.24 -60.92
C VAL C 204 -11.58 -19.42 -61.04
N VAL C 205 -11.25 -19.04 -62.28
CA VAL C 205 -9.97 -18.43 -62.66
C VAL C 205 -10.19 -17.30 -63.68
N THR C 206 -9.33 -16.28 -63.60
CA THR C 206 -9.20 -15.17 -64.56
C THR C 206 -7.70 -14.90 -64.82
N SER C 207 -7.37 -13.75 -65.43
CA SER C 207 -5.99 -13.28 -65.61
C SER C 207 -5.25 -12.99 -64.29
N ASN C 208 -5.99 -12.53 -63.24
CA ASN C 208 -5.41 -12.17 -61.94
C ASN C 208 -6.10 -12.86 -60.75
N TYR C 209 -7.19 -13.60 -60.99
CA TYR C 209 -7.88 -14.43 -60.00
C TYR C 209 -7.53 -15.90 -60.29
N ASN C 210 -7.38 -16.69 -59.22
CA ASN C 210 -7.09 -18.12 -59.29
C ASN C 210 -7.43 -18.69 -57.91
N ARG C 211 -8.53 -19.46 -57.84
CA ARG C 211 -8.98 -20.07 -56.59
C ARG C 211 -9.74 -21.37 -56.88
N ARG C 212 -9.23 -22.46 -56.29
CA ARG C 212 -9.90 -23.76 -56.21
C ARG C 212 -10.72 -23.83 -54.90
N PHE C 213 -11.87 -24.51 -54.98
CA PHE C 213 -12.79 -24.75 -53.88
C PHE C 213 -13.01 -26.27 -53.78
N THR C 214 -13.15 -26.76 -52.54
CA THR C 214 -13.34 -28.19 -52.23
C THR C 214 -14.46 -28.30 -51.17
N PRO C 215 -15.57 -29.01 -51.47
CA PRO C 215 -16.64 -29.33 -50.50
C PRO C 215 -16.16 -29.99 -49.19
N GLU C 216 -16.53 -29.38 -48.05
CA GLU C 216 -16.19 -29.82 -46.71
C GLU C 216 -17.39 -30.55 -46.07
N ILE C 217 -17.57 -31.84 -46.43
CA ILE C 217 -18.67 -32.68 -45.93
C ILE C 217 -18.48 -33.00 -44.43
N ALA C 218 -19.48 -32.64 -43.62
CA ALA C 218 -19.59 -32.85 -42.18
C ALA C 218 -20.96 -32.34 -41.69
N GLU C 219 -21.56 -33.03 -40.72
CA GLU C 219 -22.88 -32.72 -40.16
C GLU C 219 -22.83 -31.46 -39.26
N ARG C 220 -23.81 -30.55 -39.46
CA ARG C 220 -23.85 -29.22 -38.84
C ARG C 220 -25.27 -28.88 -38.32
N PRO C 221 -25.41 -27.86 -37.45
CA PRO C 221 -26.73 -27.32 -37.01
C PRO C 221 -27.61 -26.81 -38.16
N LYS C 222 -28.93 -27.04 -38.05
CA LYS C 222 -29.92 -26.57 -39.01
C LYS C 222 -30.21 -25.07 -38.83
N VAL C 223 -30.06 -24.31 -39.94
CA VAL C 223 -30.34 -22.87 -40.02
C VAL C 223 -31.24 -22.63 -41.23
N ARG C 224 -32.43 -22.02 -41.00
CA ARG C 224 -33.57 -21.98 -41.93
C ARG C 224 -34.03 -23.39 -42.36
N ASP C 225 -33.88 -24.37 -41.44
CA ASP C 225 -34.15 -25.80 -41.62
C ASP C 225 -33.24 -26.42 -42.71
N GLN C 226 -31.92 -26.12 -42.64
CA GLN C 226 -30.92 -26.63 -43.59
C GLN C 226 -29.62 -26.92 -42.82
N ALA C 227 -29.26 -28.21 -42.73
CA ALA C 227 -27.99 -28.67 -42.17
C ALA C 227 -26.80 -28.44 -43.12
N GLY C 228 -27.08 -28.37 -44.44
CA GLY C 228 -26.12 -28.02 -45.49
C GLY C 228 -25.74 -26.54 -45.43
N ARG C 229 -24.59 -26.20 -46.03
CA ARG C 229 -24.10 -24.83 -46.21
C ARG C 229 -23.81 -24.57 -47.69
N MET C 230 -23.70 -23.28 -48.05
CA MET C 230 -23.35 -22.84 -49.39
C MET C 230 -22.70 -21.46 -49.30
N ASN C 231 -21.37 -21.42 -49.41
CA ASN C 231 -20.55 -20.22 -49.26
C ASN C 231 -20.48 -19.44 -50.58
N TYR C 232 -20.60 -18.11 -50.48
CA TYR C 232 -20.67 -17.20 -51.63
C TYR C 232 -19.32 -16.51 -51.84
N TYR C 233 -18.92 -16.41 -53.11
CA TYR C 233 -17.64 -15.86 -53.56
C TYR C 233 -17.86 -14.92 -54.76
N TRP C 234 -16.91 -14.02 -54.97
CA TRP C 234 -16.95 -13.02 -56.05
C TRP C 234 -15.55 -12.60 -56.49
N THR C 235 -15.51 -11.99 -57.69
CA THR C 235 -14.36 -11.29 -58.22
C THR C 235 -14.83 -10.26 -59.27
N LEU C 236 -14.07 -9.16 -59.37
CA LEU C 236 -14.18 -8.19 -60.45
C LEU C 236 -13.46 -8.76 -61.69
N LEU C 237 -14.14 -8.71 -62.84
CA LEU C 237 -13.61 -9.11 -64.14
C LEU C 237 -13.35 -7.82 -64.93
N LYS C 238 -12.09 -7.61 -65.37
CA LYS C 238 -11.69 -6.43 -66.14
C LYS C 238 -12.17 -6.52 -67.60
N PRO C 239 -12.32 -5.36 -68.29
CA PRO C 239 -12.65 -5.34 -69.72
C PRO C 239 -11.56 -5.97 -70.61
N GLY C 240 -11.95 -7.02 -71.34
CA GLY C 240 -11.08 -7.85 -72.17
C GLY C 240 -10.64 -9.13 -71.45
N ASP C 241 -10.77 -9.20 -70.11
CA ASP C 241 -10.43 -10.36 -69.28
C ASP C 241 -11.55 -11.41 -69.37
N THR C 242 -11.13 -12.69 -69.34
CA THR C 242 -11.99 -13.86 -69.41
C THR C 242 -12.08 -14.52 -68.02
N ILE C 243 -13.29 -14.98 -67.65
CA ILE C 243 -13.51 -15.81 -66.47
C ILE C 243 -13.96 -17.20 -66.93
N ILE C 244 -13.38 -18.24 -66.31
CA ILE C 244 -13.61 -19.64 -66.66
C ILE C 244 -14.08 -20.37 -65.40
N PHE C 245 -15.23 -21.03 -65.52
CA PHE C 245 -15.91 -21.80 -64.49
C PHE C 245 -15.75 -23.29 -64.79
N GLU C 246 -14.68 -23.89 -64.24
CA GLU C 246 -14.41 -25.33 -64.26
C GLU C 246 -14.93 -25.96 -62.95
N ALA C 247 -15.46 -27.19 -63.02
CA ALA C 247 -15.97 -27.96 -61.88
C ALA C 247 -16.34 -29.39 -62.28
N ASN C 248 -16.79 -30.17 -61.28
CA ASN C 248 -17.36 -31.50 -61.45
C ASN C 248 -18.42 -31.81 -60.36
N GLY C 249 -18.93 -30.77 -59.69
CA GLY C 249 -19.93 -30.90 -58.65
C GLY C 249 -19.88 -29.64 -57.77
N ASN C 250 -21.00 -29.38 -57.09
CA ASN C 250 -21.20 -28.39 -56.02
C ASN C 250 -21.16 -26.91 -56.46
N LEU C 251 -20.84 -26.64 -57.74
CA LEU C 251 -20.85 -25.29 -58.31
C LEU C 251 -22.30 -24.82 -58.48
N ILE C 252 -22.61 -23.70 -57.81
CA ILE C 252 -23.85 -22.97 -57.96
C ILE C 252 -23.51 -21.80 -58.91
N ALA C 253 -23.48 -22.13 -60.22
CA ALA C 253 -23.01 -21.27 -61.30
C ALA C 253 -23.82 -19.97 -61.45
N PRO C 254 -23.19 -18.87 -61.93
CA PRO C 254 -23.91 -17.62 -62.24
C PRO C 254 -24.99 -17.77 -63.33
N MET C 255 -26.00 -16.89 -63.27
CA MET C 255 -26.95 -16.62 -64.36
C MET C 255 -26.67 -15.22 -64.90
N TYR C 256 -26.77 -14.24 -64.00
CA TYR C 256 -26.60 -12.82 -64.26
C TYR C 256 -25.36 -12.29 -63.54
N ALA C 257 -24.69 -11.35 -64.21
CA ALA C 257 -23.57 -10.57 -63.70
C ALA C 257 -23.86 -9.08 -63.87
N PHE C 258 -23.11 -8.25 -63.14
CA PHE C 258 -23.36 -6.81 -63.00
C PHE C 258 -22.17 -6.01 -63.54
N ALA C 259 -22.32 -5.45 -64.75
CA ALA C 259 -21.32 -4.58 -65.38
C ALA C 259 -21.42 -3.17 -64.81
N LEU C 260 -20.53 -2.90 -63.82
CA LEU C 260 -20.49 -1.71 -62.97
C LEU C 260 -20.05 -0.45 -63.73
N ARG C 261 -20.60 0.69 -63.30
CA ARG C 261 -20.19 2.04 -63.67
C ARG C 261 -19.89 2.78 -62.37
N ARG C 262 -18.63 3.20 -62.20
CA ARG C 262 -18.16 3.94 -61.03
C ARG C 262 -18.67 5.39 -61.00
N GLY C 263 -18.83 5.92 -59.78
CA GLY C 263 -19.23 7.31 -59.56
C GLY C 263 -18.97 7.68 -58.10
N PHE C 264 -18.99 9.00 -57.85
CA PHE C 264 -18.65 9.61 -56.55
C PHE C 264 -19.91 10.19 -55.89
N GLY C 265 -19.87 10.31 -54.56
CA GLY C 265 -20.96 10.85 -53.73
C GLY C 265 -21.91 9.73 -53.24
N SER C 266 -21.79 8.51 -53.78
CA SER C 266 -22.51 7.31 -53.35
C SER C 266 -21.93 6.74 -52.04
N GLY C 267 -22.77 5.97 -51.33
CA GLY C 267 -22.39 5.31 -50.09
C GLY C 267 -23.64 4.62 -49.52
N ILE C 268 -23.43 3.61 -48.68
CA ILE C 268 -24.51 2.87 -48.03
C ILE C 268 -24.77 3.47 -46.64
N ILE C 269 -26.04 3.83 -46.38
CA ILE C 269 -26.53 4.32 -45.09
C ILE C 269 -27.66 3.41 -44.58
N THR C 270 -27.92 3.45 -43.26
CA THR C 270 -29.06 2.78 -42.64
C THR C 270 -30.01 3.87 -42.10
N SER C 271 -31.25 3.85 -42.58
CA SER C 271 -32.25 4.89 -42.34
C SER C 271 -33.66 4.27 -42.25
N ASN C 272 -34.45 4.76 -41.27
CA ASN C 272 -35.87 4.46 -41.09
C ASN C 272 -36.78 5.56 -41.68
N ALA C 273 -36.21 6.66 -42.21
CA ALA C 273 -36.94 7.76 -42.86
C ALA C 273 -37.55 7.32 -44.20
N SER C 274 -38.73 7.88 -44.52
CA SER C 274 -39.52 7.51 -45.71
C SER C 274 -39.09 8.28 -46.96
N MET C 275 -39.13 7.60 -48.12
CA MET C 275 -38.83 8.15 -49.43
C MET C 275 -39.98 9.04 -49.95
N HIS C 276 -39.61 10.26 -50.38
CA HIS C 276 -40.53 11.28 -50.86
C HIS C 276 -39.95 11.99 -52.09
N GLU C 277 -40.85 12.56 -52.90
CA GLU C 277 -40.52 13.41 -54.06
C GLU C 277 -40.15 14.83 -53.62
N CYS C 278 -38.94 14.92 -53.05
CA CYS C 278 -38.22 16.12 -52.65
C CYS C 278 -36.78 16.01 -53.18
N ASN C 279 -36.13 17.16 -53.37
CA ASN C 279 -34.74 17.26 -53.82
C ASN C 279 -33.91 17.96 -52.73
N THR C 280 -32.62 17.60 -52.66
CA THR C 280 -31.68 18.15 -51.70
C THR C 280 -30.23 18.06 -52.20
N LYS C 281 -29.38 18.92 -51.63
CA LYS C 281 -27.93 18.94 -51.82
C LYS C 281 -27.19 18.07 -50.77
N CYS C 282 -27.86 17.74 -49.65
CA CYS C 282 -27.32 16.96 -48.54
C CYS C 282 -28.42 16.06 -47.95
N GLN C 283 -28.07 14.78 -47.72
CA GLN C 283 -28.91 13.82 -47.02
C GLN C 283 -28.18 13.29 -45.78
N THR C 284 -28.97 13.03 -44.72
CA THR C 284 -28.56 12.23 -43.56
C THR C 284 -29.66 11.17 -43.26
N PRO C 285 -29.35 10.12 -42.46
CA PRO C 285 -30.34 9.11 -42.03
C PRO C 285 -31.61 9.61 -41.30
N LEU C 286 -31.53 10.76 -40.63
CA LEU C 286 -32.68 11.37 -39.97
C LEU C 286 -33.55 12.17 -40.95
N GLY C 287 -32.92 12.84 -41.93
CA GLY C 287 -33.62 13.59 -42.96
C GLY C 287 -32.64 14.48 -43.73
N ALA C 288 -33.15 15.06 -44.83
CA ALA C 288 -32.42 15.93 -45.74
C ALA C 288 -32.19 17.34 -45.15
N ILE C 289 -30.97 17.87 -45.34
CA ILE C 289 -30.57 19.20 -44.90
C ILE C 289 -30.39 20.11 -46.14
N ASN C 290 -30.90 21.34 -46.03
CA ASN C 290 -30.70 22.41 -47.00
C ASN C 290 -30.28 23.66 -46.22
N SER C 291 -28.96 23.88 -46.13
CA SER C 291 -28.36 24.89 -45.27
C SER C 291 -27.00 25.34 -45.81
N SER C 292 -26.70 26.64 -45.63
CA SER C 292 -25.42 27.26 -45.97
C SER C 292 -24.48 27.40 -44.76
N LEU C 293 -24.93 27.00 -43.55
CA LEU C 293 -24.18 27.09 -42.30
C LEU C 293 -23.01 26.08 -42.27
N PRO C 294 -21.86 26.46 -41.66
CA PRO C 294 -20.63 25.63 -41.66
C PRO C 294 -20.70 24.35 -40.81
N TYR C 295 -21.58 24.31 -39.79
CA TYR C 295 -21.72 23.18 -38.87
C TYR C 295 -23.17 22.66 -38.82
N GLN C 296 -23.31 21.41 -38.36
CA GLN C 296 -24.58 20.74 -38.05
C GLN C 296 -24.39 19.76 -36.88
N ASN C 297 -25.50 19.45 -36.20
CA ASN C 297 -25.54 18.57 -35.01
C ASN C 297 -26.66 17.52 -35.11
N ILE C 298 -27.10 17.23 -36.34
CA ILE C 298 -28.22 16.34 -36.65
C ILE C 298 -27.79 14.86 -36.64
N HIS C 299 -26.81 14.49 -37.48
CA HIS C 299 -26.33 13.10 -37.60
C HIS C 299 -24.94 13.09 -38.26
N PRO C 300 -24.00 12.24 -37.75
CA PRO C 300 -22.63 12.13 -38.32
C PRO C 300 -22.55 11.57 -39.74
N VAL C 301 -23.46 10.64 -40.10
CA VAL C 301 -23.53 10.06 -41.44
C VAL C 301 -24.15 11.08 -42.41
N THR C 302 -23.40 11.36 -43.48
CA THR C 302 -23.72 12.36 -44.49
C THR C 302 -23.51 11.78 -45.90
N ILE C 303 -24.31 12.30 -46.83
CA ILE C 303 -24.32 11.99 -48.25
C ILE C 303 -24.41 13.33 -48.99
N GLY C 304 -23.45 13.57 -49.90
CA GLY C 304 -23.30 14.83 -50.62
C GLY C 304 -22.61 15.88 -49.75
N GLU C 305 -22.71 17.15 -50.20
CA GLU C 305 -22.07 18.33 -49.63
C GLU C 305 -22.85 18.90 -48.43
N CYS C 306 -22.67 18.26 -47.26
CA CYS C 306 -23.29 18.59 -45.98
C CYS C 306 -22.40 19.51 -45.10
N PRO C 307 -22.99 20.24 -44.11
CA PRO C 307 -22.19 20.89 -43.05
C PRO C 307 -21.40 19.90 -42.16
N LYS C 308 -20.30 20.37 -41.56
CA LYS C 308 -19.42 19.60 -40.66
C LYS C 308 -20.15 19.18 -39.37
N TYR C 309 -20.18 17.86 -39.10
CA TYR C 309 -20.79 17.33 -37.88
C TYR C 309 -19.96 17.66 -36.63
N VAL C 310 -20.66 18.19 -35.61
CA VAL C 310 -20.15 18.48 -34.27
C VAL C 310 -21.23 18.09 -33.23
N ARG C 311 -20.80 17.79 -32.00
CA ARG C 311 -21.70 17.46 -30.88
C ARG C 311 -22.28 18.70 -30.17
N SER C 312 -21.88 19.92 -30.58
CA SER C 312 -22.33 21.20 -30.02
C SER C 312 -23.85 21.39 -30.14
N ALA C 313 -24.47 21.86 -29.05
CA ALA C 313 -25.90 22.20 -29.00
C ALA C 313 -26.20 23.66 -29.37
N LYS C 314 -25.16 24.51 -29.40
CA LYS C 314 -25.25 25.93 -29.71
C LYS C 314 -23.87 26.43 -30.18
N LEU C 315 -23.82 27.01 -31.38
CA LEU C 315 -22.66 27.77 -31.87
C LEU C 315 -23.18 29.11 -32.43
N ARG C 316 -23.82 29.90 -31.55
CA ARG C 316 -24.32 31.23 -31.87
C ARG C 316 -23.20 32.26 -31.71
N MET C 317 -22.97 33.01 -32.80
CA MET C 317 -21.92 34.00 -32.94
C MET C 317 -22.56 35.40 -32.99
N VAL C 318 -22.15 36.28 -32.06
CA VAL C 318 -22.59 37.69 -32.02
C VAL C 318 -22.07 38.50 -33.23
N THR C 319 -22.92 39.40 -33.74
CA THR C 319 -22.58 40.33 -34.81
C THR C 319 -22.77 41.78 -34.35
N GLY C 320 -23.81 42.04 -33.52
CA GLY C 320 -24.08 43.34 -32.90
C GLY C 320 -23.26 43.49 -31.61
N LEU C 321 -23.56 44.52 -30.83
CA LEU C 321 -22.93 44.78 -29.53
C LEU C 321 -23.73 44.18 -28.37
N ARG C 322 -23.24 44.37 -27.14
CA ARG C 322 -23.93 44.03 -25.89
C ARG C 322 -25.20 44.89 -25.74
N ASN C 323 -26.37 44.24 -25.69
CA ASN C 323 -27.67 44.90 -25.56
C ASN C 323 -27.88 45.35 -24.10
N ILE C 324 -28.00 46.67 -23.94
CA ILE C 324 -28.30 47.31 -22.66
C ILE C 324 -29.41 48.35 -22.95
N PRO C 325 -30.70 47.93 -22.91
CA PRO C 325 -31.85 48.81 -23.21
C PRO C 325 -32.01 50.02 -22.28
N ALA C 326 -31.54 49.89 -21.03
CA ALA C 326 -31.59 50.90 -19.95
C ALA C 326 -33.01 51.31 -19.53
N ARG C 327 -34.00 50.41 -19.76
CA ARG C 327 -35.44 50.59 -19.53
C ARG C 327 -35.75 50.72 -18.04
N GLY D 1 -16.36 46.03 -19.58
CA GLY D 1 -15.81 46.19 -20.95
C GLY D 1 -14.28 46.32 -20.86
N LEU D 2 -13.57 45.80 -21.88
CA LEU D 2 -12.11 45.86 -22.03
C LEU D 2 -11.58 47.29 -22.32
N PHE D 3 -12.42 48.16 -22.91
CA PHE D 3 -12.11 49.56 -23.19
C PHE D 3 -12.89 50.52 -22.27
N GLY D 4 -13.88 50.00 -21.54
CA GLY D 4 -14.57 50.69 -20.46
C GLY D 4 -15.58 51.73 -20.95
N ALA D 5 -16.06 51.64 -22.20
CA ALA D 5 -17.06 52.53 -22.77
C ALA D 5 -18.45 51.89 -22.74
N ILE D 6 -18.58 50.66 -23.28
CA ILE D 6 -19.78 49.84 -23.19
C ILE D 6 -19.90 49.25 -21.78
N ALA D 7 -21.02 49.58 -21.09
CA ALA D 7 -21.34 49.27 -19.69
C ALA D 7 -20.39 49.93 -18.67
N GLY D 8 -19.60 50.92 -19.12
CA GLY D 8 -18.59 51.61 -18.32
C GLY D 8 -19.05 53.06 -18.18
N PHE D 9 -18.27 54.02 -18.73
CA PHE D 9 -18.55 55.46 -18.61
C PHE D 9 -19.88 55.86 -19.28
N ILE D 10 -20.19 55.31 -20.47
CA ILE D 10 -21.55 55.34 -21.03
C ILE D 10 -22.33 54.16 -20.43
N GLU D 11 -23.37 54.49 -19.67
CA GLU D 11 -24.15 53.58 -18.83
C GLU D 11 -24.97 52.53 -19.60
N GLY D 12 -25.49 52.88 -20.78
CA GLY D 12 -26.35 52.00 -21.55
C GLY D 12 -26.54 52.52 -22.97
N GLY D 13 -27.18 51.68 -23.79
CA GLY D 13 -27.46 51.95 -25.20
C GLY D 13 -28.87 52.52 -25.37
N TRP D 14 -29.10 53.13 -26.53
CA TRP D 14 -30.33 53.81 -26.90
C TRP D 14 -31.13 52.93 -27.88
N THR D 15 -32.38 52.61 -27.46
CA THR D 15 -33.37 51.90 -28.27
C THR D 15 -34.03 52.81 -29.34
N GLY D 16 -33.92 54.14 -29.19
CA GLY D 16 -34.42 55.12 -30.15
C GLY D 16 -33.44 55.35 -31.32
N MET D 17 -32.16 54.98 -31.17
CA MET D 17 -31.16 55.03 -32.25
C MET D 17 -31.10 53.65 -32.91
N ILE D 18 -31.70 53.55 -34.11
CA ILE D 18 -31.86 52.31 -34.87
C ILE D 18 -31.12 52.33 -36.22
N ASP D 19 -30.61 53.51 -36.63
CA ASP D 19 -29.92 53.74 -37.91
C ASP D 19 -28.48 53.19 -37.97
N GLY D 20 -27.91 52.77 -36.83
CA GLY D 20 -26.55 52.24 -36.78
C GLY D 20 -26.21 51.82 -35.35
N TRP D 21 -25.11 51.05 -35.23
CA TRP D 21 -24.56 50.57 -33.95
C TRP D 21 -23.97 51.65 -33.05
N TYR D 22 -23.55 52.79 -33.64
CA TYR D 22 -23.03 53.95 -32.91
C TYR D 22 -23.59 55.22 -33.55
N GLY D 23 -23.51 56.32 -32.78
CA GLY D 23 -23.99 57.62 -33.21
C GLY D 23 -24.21 58.49 -32.00
N TYR D 24 -24.87 59.63 -32.29
CA TYR D 24 -25.03 60.64 -31.23
C TYR D 24 -26.44 61.14 -31.08
N HIS D 25 -26.82 61.42 -29.84
CA HIS D 25 -28.10 62.01 -29.48
C HIS D 25 -27.87 63.52 -29.34
N HIS D 26 -28.38 64.29 -30.32
CA HIS D 26 -28.37 65.74 -30.26
C HIS D 26 -29.54 66.25 -29.41
N GLN D 27 -29.27 67.37 -28.73
CA GLN D 27 -30.25 68.15 -27.98
C GLN D 27 -30.00 69.61 -28.36
N ASN D 28 -31.03 70.27 -28.89
CA ASN D 28 -31.01 71.69 -29.24
C ASN D 28 -32.34 72.32 -28.83
N GLU D 29 -32.34 73.66 -28.79
CA GLU D 29 -33.54 74.50 -28.75
C GLU D 29 -34.37 74.41 -30.04
N GLN D 30 -33.76 73.95 -31.15
CA GLN D 30 -34.41 73.55 -32.41
C GLN D 30 -35.10 72.19 -32.34
N GLY D 31 -34.75 71.34 -31.36
CA GLY D 31 -35.33 70.00 -31.16
C GLY D 31 -34.22 68.98 -30.88
N SER D 32 -34.64 67.83 -30.34
CA SER D 32 -33.78 66.70 -29.97
C SER D 32 -34.07 65.49 -30.89
N GLY D 33 -33.11 64.56 -30.97
CA GLY D 33 -33.27 63.35 -31.77
C GLY D 33 -31.95 62.55 -31.81
N TYR D 34 -32.02 61.36 -32.42
CA TYR D 34 -30.88 60.47 -32.64
C TYR D 34 -30.43 60.52 -34.11
N ALA D 35 -29.13 60.29 -34.33
CA ALA D 35 -28.51 60.26 -35.64
C ALA D 35 -27.25 59.40 -35.58
N ALA D 36 -27.22 58.32 -36.38
CA ALA D 36 -26.10 57.40 -36.49
C ALA D 36 -24.81 58.05 -37.04
N ASP D 37 -23.65 57.52 -36.59
CA ASP D 37 -22.34 57.84 -37.14
C ASP D 37 -22.03 56.74 -38.16
N GLN D 38 -22.30 57.03 -39.43
CA GLN D 38 -22.20 56.10 -40.57
C GLN D 38 -20.81 55.49 -40.78
N LYS D 39 -19.74 56.26 -40.52
CA LYS D 39 -18.36 55.82 -40.68
C LYS D 39 -17.96 54.69 -39.72
N SER D 40 -18.16 54.87 -38.40
CA SER D 40 -17.82 53.88 -37.37
C SER D 40 -18.72 52.64 -37.45
N THR D 41 -20.02 52.87 -37.74
CA THR D 41 -21.02 51.81 -37.94
C THR D 41 -20.69 50.92 -39.14
N GLN D 42 -20.32 51.52 -40.28
CA GLN D 42 -20.02 50.77 -41.51
C GLN D 42 -18.66 50.06 -41.46
N ASN D 43 -17.64 50.67 -40.84
CA ASN D 43 -16.33 50.04 -40.59
C ASN D 43 -16.44 48.85 -39.63
N ALA D 44 -17.36 48.94 -38.64
CA ALA D 44 -17.70 47.84 -37.75
C ALA D 44 -18.46 46.72 -38.48
N ILE D 45 -19.44 47.08 -39.31
CA ILE D 45 -20.20 46.14 -40.15
C ILE D 45 -19.31 45.37 -41.14
N ASN D 46 -18.39 46.07 -41.83
CA ASN D 46 -17.39 45.48 -42.74
C ASN D 46 -16.42 44.56 -42.00
N GLY D 47 -15.98 44.97 -40.80
CA GLY D 47 -15.03 44.23 -39.98
C GLY D 47 -15.65 42.94 -39.40
N ILE D 48 -16.91 43.01 -38.97
CA ILE D 48 -17.69 41.88 -38.48
C ILE D 48 -18.15 40.94 -39.62
N THR D 49 -18.51 41.50 -40.79
CA THR D 49 -18.89 40.72 -41.97
C THR D 49 -17.72 39.89 -42.51
N ASN D 50 -16.53 40.49 -42.64
CA ASN D 50 -15.29 39.80 -43.04
C ASN D 50 -14.87 38.72 -42.02
N LYS D 51 -15.06 39.00 -40.71
CA LYS D 51 -14.81 38.09 -39.60
C LYS D 51 -15.74 36.86 -39.59
N VAL D 52 -17.04 37.08 -39.84
CA VAL D 52 -18.07 36.05 -39.95
C VAL D 52 -17.94 35.22 -41.24
N ASN D 53 -17.64 35.87 -42.38
CA ASN D 53 -17.32 35.21 -43.65
C ASN D 53 -16.05 34.37 -43.54
N SER D 54 -15.01 34.88 -42.87
CA SER D 54 -13.72 34.20 -42.67
C SER D 54 -13.90 32.82 -42.02
N VAL D 55 -14.58 32.73 -40.86
CA VAL D 55 -14.79 31.46 -40.16
C VAL D 55 -15.80 30.50 -40.83
N ILE D 56 -16.72 31.00 -41.68
CA ILE D 56 -17.64 30.19 -42.47
C ILE D 56 -16.93 29.54 -43.69
N GLU D 57 -16.15 30.35 -44.44
CA GLU D 57 -15.33 29.93 -45.59
C GLU D 57 -14.22 28.93 -45.20
N LYS D 58 -13.61 29.18 -44.03
CA LYS D 58 -12.49 28.44 -43.45
C LYS D 58 -12.85 27.01 -42.99
N MET D 59 -14.12 26.80 -42.62
CA MET D 59 -14.67 25.48 -42.38
C MET D 59 -15.32 24.97 -43.68
N ASN D 60 -14.52 24.27 -44.50
CA ASN D 60 -14.95 23.66 -45.78
C ASN D 60 -16.06 22.61 -45.58
N ILE D 61 -16.90 22.47 -46.62
CA ILE D 61 -18.08 21.60 -46.64
C ILE D 61 -17.68 20.11 -46.53
N GLN D 62 -18.38 19.37 -45.65
CA GLN D 62 -18.19 17.93 -45.43
C GLN D 62 -18.84 17.12 -46.58
N PHE D 63 -17.98 16.42 -47.36
CA PHE D 63 -18.37 15.44 -48.37
C PHE D 63 -18.97 14.16 -47.75
N THR D 64 -19.50 13.26 -48.60
CA THR D 64 -20.04 11.94 -48.23
C THR D 64 -19.12 11.14 -47.28
N ALA D 65 -19.67 10.81 -46.11
CA ALA D 65 -18.99 10.12 -45.03
C ALA D 65 -20.02 9.20 -44.37
N VAL D 66 -19.85 7.89 -44.58
CA VAL D 66 -20.79 6.86 -44.13
C VAL D 66 -20.09 5.84 -43.21
N GLY D 67 -20.91 5.08 -42.47
CA GLY D 67 -20.45 3.99 -41.60
C GLY D 67 -19.96 2.80 -42.44
N LYS D 68 -19.00 2.06 -41.87
CA LYS D 68 -18.36 0.89 -42.48
C LYS D 68 -18.75 -0.36 -41.68
N GLU D 69 -18.96 -1.49 -42.37
CA GLU D 69 -19.15 -2.79 -41.73
C GLU D 69 -17.81 -3.54 -41.58
N PHE D 70 -17.77 -4.36 -40.52
CA PHE D 70 -16.65 -5.20 -40.13
C PHE D 70 -17.26 -6.53 -39.63
N ASN D 71 -16.70 -7.67 -40.06
CA ASN D 71 -17.11 -8.99 -39.59
C ASN D 71 -16.60 -9.28 -38.16
N LYS D 72 -16.98 -10.46 -37.63
CA LYS D 72 -16.69 -10.94 -36.28
C LYS D 72 -15.19 -11.09 -35.92
N LEU D 73 -14.30 -11.11 -36.93
CA LEU D 73 -12.84 -11.21 -36.79
C LEU D 73 -12.14 -9.92 -37.25
N GLU D 74 -12.81 -8.76 -37.13
CA GLU D 74 -12.33 -7.45 -37.53
C GLU D 74 -12.66 -6.38 -36.48
N LYS D 75 -12.62 -6.75 -35.19
CA LYS D 75 -12.92 -5.87 -34.06
C LYS D 75 -11.83 -4.81 -33.80
N ARG D 76 -10.56 -5.12 -34.09
CA ARG D 76 -9.46 -4.15 -33.96
C ARG D 76 -9.56 -3.01 -35.00
N MET D 77 -9.84 -3.34 -36.27
CA MET D 77 -10.03 -2.35 -37.34
C MET D 77 -11.38 -1.60 -37.24
N GLU D 78 -12.36 -2.19 -36.56
CA GLU D 78 -13.62 -1.54 -36.17
C GLU D 78 -13.41 -0.49 -35.06
N ASN D 79 -12.57 -0.83 -34.06
CA ASN D 79 -12.22 0.05 -32.94
C ASN D 79 -11.15 1.09 -33.31
N LEU D 80 -10.39 0.86 -34.40
CA LEU D 80 -9.54 1.88 -35.04
C LEU D 80 -10.40 2.89 -35.81
N ASN D 81 -11.42 2.42 -36.54
CA ASN D 81 -12.43 3.25 -37.23
C ASN D 81 -13.19 4.15 -36.24
N ASN D 82 -13.64 3.56 -35.12
CA ASN D 82 -14.33 4.24 -34.02
C ASN D 82 -13.44 5.29 -33.34
N LYS D 83 -12.17 4.96 -33.03
CA LYS D 83 -11.18 5.87 -32.46
C LYS D 83 -10.86 7.07 -33.38
N VAL D 84 -10.80 6.83 -34.70
CA VAL D 84 -10.59 7.85 -35.72
C VAL D 84 -11.80 8.81 -35.84
N ASP D 85 -13.02 8.27 -35.91
CA ASP D 85 -14.26 9.03 -36.01
C ASP D 85 -14.59 9.83 -34.74
N ASP D 86 -14.44 9.22 -33.56
CA ASP D 86 -14.62 9.87 -32.26
C ASP D 86 -13.55 10.94 -31.97
N GLY D 87 -12.28 10.68 -32.31
CA GLY D 87 -11.17 11.59 -32.05
C GLY D 87 -11.20 12.82 -32.97
N PHE D 88 -11.67 12.67 -34.22
CA PHE D 88 -11.97 13.78 -35.12
C PHE D 88 -13.19 14.58 -34.66
N LEU D 89 -14.24 13.89 -34.18
CA LEU D 89 -15.45 14.52 -33.65
C LEU D 89 -15.19 15.31 -32.36
N ASP D 90 -14.30 14.82 -31.47
CA ASP D 90 -13.77 15.56 -30.32
C ASP D 90 -13.08 16.86 -30.73
N ILE D 91 -12.09 16.80 -31.63
CA ILE D 91 -11.27 17.96 -31.99
C ILE D 91 -12.05 19.01 -32.83
N TRP D 92 -12.97 18.58 -33.72
CA TRP D 92 -13.84 19.50 -34.47
C TRP D 92 -14.90 20.20 -33.61
N THR D 93 -15.45 19.51 -32.59
CA THR D 93 -16.36 20.11 -31.62
C THR D 93 -15.62 21.11 -30.70
N TYR D 94 -14.45 20.70 -30.19
CA TYR D 94 -13.55 21.46 -29.32
C TYR D 94 -13.03 22.76 -29.98
N ASN D 95 -12.58 22.68 -31.23
CA ASN D 95 -12.09 23.82 -32.01
C ASN D 95 -13.23 24.79 -32.39
N ALA D 96 -14.42 24.26 -32.72
CA ALA D 96 -15.59 25.07 -33.08
C ALA D 96 -16.14 25.89 -31.91
N GLU D 97 -16.28 25.25 -30.73
CA GLU D 97 -16.84 25.89 -29.54
C GLU D 97 -15.84 26.85 -28.86
N LEU D 98 -14.52 26.54 -28.89
CA LEU D 98 -13.49 27.47 -28.43
C LEU D 98 -13.39 28.72 -29.32
N LEU D 99 -13.45 28.54 -30.66
CA LEU D 99 -13.47 29.63 -31.63
C LEU D 99 -14.67 30.57 -31.44
N VAL D 100 -15.86 30.02 -31.14
CA VAL D 100 -17.05 30.79 -30.79
C VAL D 100 -16.89 31.59 -29.49
N LEU D 101 -16.47 30.95 -28.38
CA LEU D 101 -16.22 31.62 -27.09
C LEU D 101 -15.19 32.77 -27.17
N LEU D 102 -14.07 32.52 -27.89
CA LEU D 102 -12.99 33.46 -28.12
C LEU D 102 -13.46 34.65 -28.98
N GLU D 103 -14.03 34.36 -30.16
CA GLU D 103 -14.45 35.37 -31.14
C GLU D 103 -15.61 36.25 -30.64
N ASN D 104 -16.53 35.69 -29.83
CA ASN D 104 -17.62 36.44 -29.18
C ASN D 104 -17.09 37.54 -28.25
N GLU D 105 -15.96 37.28 -27.54
CA GLU D 105 -15.30 38.28 -26.73
C GLU D 105 -14.61 39.35 -27.60
N ARG D 106 -13.83 38.93 -28.62
CA ARG D 106 -13.12 39.82 -29.56
C ARG D 106 -14.05 40.75 -30.34
N THR D 107 -15.30 40.30 -30.61
CA THR D 107 -16.37 41.08 -31.21
C THR D 107 -16.89 42.16 -30.26
N LEU D 108 -17.19 41.78 -29.00
CA LEU D 108 -17.66 42.70 -27.95
C LEU D 108 -16.60 43.73 -27.52
N ASP D 109 -15.32 43.32 -27.49
CA ASP D 109 -14.17 44.20 -27.26
C ASP D 109 -13.92 45.15 -28.43
N PHE D 110 -14.19 44.70 -29.67
CA PHE D 110 -14.12 45.52 -30.88
C PHE D 110 -15.22 46.59 -30.96
N HIS D 111 -16.44 46.26 -30.49
CA HIS D 111 -17.54 47.22 -30.37
C HIS D 111 -17.28 48.26 -29.27
N ASP D 112 -16.73 47.82 -28.12
CA ASP D 112 -16.32 48.64 -27.00
C ASP D 112 -15.17 49.61 -27.37
N SER D 113 -14.24 49.13 -28.21
CA SER D 113 -13.19 49.91 -28.87
C SER D 113 -13.76 51.04 -29.75
N ASN D 114 -14.72 50.70 -30.63
CA ASN D 114 -15.34 51.65 -31.57
C ASN D 114 -16.15 52.76 -30.87
N VAL D 115 -16.72 52.48 -29.68
CA VAL D 115 -17.39 53.48 -28.85
C VAL D 115 -16.38 54.47 -28.21
N LYS D 116 -15.22 53.96 -27.71
CA LYS D 116 -14.17 54.84 -27.16
C LYS D 116 -13.46 55.68 -28.24
N ASN D 117 -13.28 55.10 -29.44
CA ASN D 117 -12.66 55.75 -30.61
C ASN D 117 -13.55 56.87 -31.17
N LEU D 118 -14.88 56.67 -31.15
CA LEU D 118 -15.87 57.68 -31.52
C LEU D 118 -15.99 58.80 -30.46
N TYR D 119 -15.93 58.43 -29.18
CA TYR D 119 -15.98 59.36 -28.05
C TYR D 119 -14.78 60.33 -28.02
N GLU D 120 -13.55 59.79 -28.16
CA GLU D 120 -12.31 60.57 -28.16
C GLU D 120 -12.15 61.43 -29.44
N LYS D 121 -12.78 61.01 -30.55
CA LYS D 121 -12.87 61.76 -31.80
C LYS D 121 -13.71 63.05 -31.66
N VAL D 122 -14.81 62.98 -30.89
CA VAL D 122 -15.66 64.14 -30.58
C VAL D 122 -15.03 65.05 -29.50
N LYS D 123 -14.31 64.45 -28.54
CA LYS D 123 -13.56 65.15 -27.49
C LYS D 123 -12.41 66.02 -28.06
N SER D 124 -11.74 65.50 -29.10
CA SER D 124 -10.70 66.18 -29.88
C SER D 124 -11.23 67.17 -30.94
N GLN D 125 -12.54 67.48 -30.92
CA GLN D 125 -13.17 68.56 -31.67
C GLN D 125 -13.72 69.66 -30.73
N LEU D 126 -14.16 69.26 -29.53
CA LEU D 126 -14.83 70.11 -28.55
C LEU D 126 -13.89 70.46 -27.36
N LYS D 127 -12.62 70.81 -27.64
CA LYS D 127 -11.56 71.00 -26.64
C LYS D 127 -11.90 72.04 -25.56
N ASN D 128 -12.10 73.31 -25.98
CA ASN D 128 -12.43 74.45 -25.12
C ASN D 128 -13.69 75.16 -25.61
N ASN D 129 -14.56 74.43 -26.32
CA ASN D 129 -15.88 74.88 -26.77
C ASN D 129 -17.02 74.21 -25.99
N ALA D 130 -16.67 73.22 -25.14
CA ALA D 130 -17.61 72.40 -24.38
C ALA D 130 -16.89 71.77 -23.19
N LYS D 131 -17.68 71.29 -22.22
CA LYS D 131 -17.21 70.46 -21.12
C LYS D 131 -18.05 69.18 -21.05
N GLU D 132 -17.41 68.09 -20.61
CA GLU D 132 -18.04 66.80 -20.32
C GLU D 132 -18.92 66.90 -19.06
N ILE D 133 -20.14 66.33 -19.13
CA ILE D 133 -21.15 66.43 -18.07
C ILE D 133 -21.89 65.12 -17.74
N GLY D 134 -22.02 64.19 -18.70
CA GLY D 134 -22.87 63.00 -18.55
C GLY D 134 -22.11 61.69 -18.74
N ASN D 135 -20.77 61.75 -18.93
CA ASN D 135 -19.89 60.66 -19.35
C ASN D 135 -20.32 60.12 -20.72
N GLY D 136 -20.16 60.99 -21.73
CA GLY D 136 -20.63 60.80 -23.10
C GLY D 136 -21.22 62.11 -23.61
N CYS D 137 -21.81 62.96 -22.73
CA CYS D 137 -22.50 64.19 -23.09
C CYS D 137 -21.62 65.43 -22.89
N PHE D 138 -21.48 66.23 -23.96
CA PHE D 138 -20.76 67.49 -24.00
C PHE D 138 -21.75 68.65 -24.12
N GLU D 139 -21.84 69.50 -23.07
CA GLU D 139 -22.61 70.75 -23.11
C GLU D 139 -21.72 71.85 -23.65
N PHE D 140 -22.22 72.60 -24.65
CA PHE D 140 -21.49 73.66 -25.36
C PHE D 140 -21.38 74.95 -24.53
N TYR D 141 -20.50 75.87 -24.95
CA TYR D 141 -20.32 77.17 -24.32
C TYR D 141 -21.05 78.30 -25.07
N HIS D 142 -21.30 78.14 -26.38
CA HIS D 142 -21.90 79.16 -27.25
C HIS D 142 -23.26 78.77 -27.85
N LYS D 143 -23.74 77.54 -27.59
CA LYS D 143 -25.06 77.00 -27.98
C LYS D 143 -25.29 77.04 -29.51
N CYS D 144 -24.57 76.18 -30.25
CA CYS D 144 -24.63 76.14 -31.72
C CYS D 144 -25.75 75.21 -32.26
N ASP D 145 -26.22 75.55 -33.47
CA ASP D 145 -27.36 74.99 -34.21
C ASP D 145 -27.23 73.50 -34.63
N ASN D 146 -28.26 72.98 -35.32
CA ASN D 146 -28.31 71.67 -35.97
C ASN D 146 -27.25 71.48 -37.08
N GLU D 147 -26.81 72.58 -37.74
CA GLU D 147 -25.72 72.55 -38.73
C GLU D 147 -24.39 72.23 -38.04
N CYS D 148 -24.14 72.87 -36.89
CA CYS D 148 -23.00 72.63 -36.02
C CYS D 148 -22.97 71.22 -35.39
N MET D 149 -24.15 70.63 -35.13
CA MET D 149 -24.29 69.22 -34.73
C MET D 149 -23.82 68.26 -35.83
N GLU D 150 -24.20 68.54 -37.09
CA GLU D 150 -23.80 67.77 -38.26
C GLU D 150 -22.31 67.95 -38.61
N SER D 151 -21.75 69.14 -38.35
CA SER D 151 -20.31 69.44 -38.52
C SER D 151 -19.42 68.60 -37.58
N VAL D 152 -19.91 68.34 -36.36
CA VAL D 152 -19.28 67.45 -35.37
C VAL D 152 -19.39 65.94 -35.74
N ARG D 153 -20.40 65.56 -36.54
CA ARG D 153 -20.53 64.21 -37.11
C ARG D 153 -19.52 63.94 -38.23
N ASN D 154 -19.48 64.83 -39.23
CA ASN D 154 -18.75 64.63 -40.49
C ASN D 154 -17.21 64.81 -40.41
N GLY D 155 -16.67 65.18 -39.24
CA GLY D 155 -15.23 65.23 -39.00
C GLY D 155 -14.66 66.65 -39.04
N THR D 156 -15.49 67.67 -39.30
CA THR D 156 -15.13 69.09 -39.20
C THR D 156 -15.43 69.62 -37.78
N TYR D 157 -15.67 70.93 -37.63
CA TYR D 157 -15.74 71.67 -36.36
C TYR D 157 -14.34 71.76 -35.72
N ASP D 158 -13.50 72.62 -36.32
CA ASP D 158 -12.10 72.81 -35.95
C ASP D 158 -11.92 74.09 -35.11
N TYR D 159 -12.90 74.37 -34.22
CA TYR D 159 -12.89 75.49 -33.30
C TYR D 159 -12.01 75.17 -32.07
N PRO D 160 -11.38 76.21 -31.44
CA PRO D 160 -10.49 76.04 -30.28
C PRO D 160 -11.25 75.68 -28.96
N ASP E 5 -3.71 65.02 2.22
CA ASP E 5 -4.78 64.11 1.72
C ASP E 5 -4.39 63.81 0.25
N THR E 6 -4.31 62.51 -0.07
CA THR E 6 -4.04 61.96 -1.39
C THR E 6 -4.67 60.57 -1.46
N ILE E 7 -5.41 60.29 -2.54
CA ILE E 7 -5.82 58.93 -2.91
C ILE E 7 -4.95 58.48 -4.09
N CYS E 8 -4.52 57.22 -4.06
CA CYS E 8 -3.79 56.57 -5.14
C CYS E 8 -4.58 55.35 -5.62
N ILE E 9 -4.38 54.96 -6.88
CA ILE E 9 -4.85 53.70 -7.47
C ILE E 9 -3.60 52.85 -7.75
N GLY E 10 -3.66 51.59 -7.34
CA GLY E 10 -2.61 50.61 -7.56
C GLY E 10 -3.25 49.25 -7.79
N TYR E 11 -2.42 48.21 -7.68
CA TYR E 11 -2.76 46.82 -7.92
C TYR E 11 -1.93 45.90 -7.02
N HIS E 12 -2.35 44.63 -6.93
CA HIS E 12 -1.78 43.64 -6.02
C HIS E 12 -0.40 43.14 -6.47
N ALA E 13 0.43 42.89 -5.45
CA ALA E 13 1.69 42.15 -5.53
C ALA E 13 1.83 41.27 -4.28
N ASN E 14 2.81 40.36 -4.32
CA ASN E 14 3.08 39.40 -3.25
C ASN E 14 4.48 38.77 -3.44
N ASN E 15 4.77 37.72 -2.67
CA ASN E 15 6.02 36.95 -2.73
C ASN E 15 5.97 35.77 -3.73
N SER E 16 4.87 35.61 -4.50
CA SER E 16 4.65 34.49 -5.42
C SER E 16 5.67 34.44 -6.56
N THR E 17 6.41 33.33 -6.62
CA THR E 17 7.45 33.07 -7.61
C THR E 17 6.92 32.24 -8.81
N ASP E 18 5.60 32.03 -8.91
CA ASP E 18 4.93 31.37 -10.04
C ASP E 18 5.19 32.12 -11.35
N THR E 19 5.74 31.43 -12.35
CA THR E 19 5.98 31.96 -13.69
C THR E 19 5.07 31.27 -14.71
N VAL E 20 4.68 32.02 -15.74
CA VAL E 20 3.89 31.56 -16.87
C VAL E 20 4.45 32.11 -18.18
N ASP E 21 4.26 31.33 -19.26
CA ASP E 21 4.67 31.69 -20.61
C ASP E 21 3.47 32.29 -21.36
N THR E 22 3.73 33.42 -22.03
CA THR E 22 2.78 34.20 -22.82
C THR E 22 3.31 34.37 -24.26
N VAL E 23 2.45 34.87 -25.16
CA VAL E 23 2.75 35.05 -26.59
C VAL E 23 3.94 35.99 -26.85
N LEU E 24 4.02 37.10 -26.09
CA LEU E 24 5.03 38.15 -26.25
C LEU E 24 6.21 38.02 -25.26
N GLU E 25 6.11 37.19 -24.20
CA GLU E 25 7.14 37.07 -23.18
C GLU E 25 7.04 35.72 -22.45
N LYS E 26 8.19 35.04 -22.26
CA LYS E 26 8.30 33.79 -21.53
C LYS E 26 8.75 34.02 -20.08
N ASN E 27 8.25 33.17 -19.17
CA ASN E 27 8.52 33.14 -17.72
C ASN E 27 8.21 34.48 -17.02
N VAL E 28 7.01 35.02 -17.28
CA VAL E 28 6.47 36.20 -16.61
C VAL E 28 6.01 35.80 -15.19
N THR E 29 6.63 36.41 -14.16
CA THR E 29 6.27 36.18 -12.76
C THR E 29 4.91 36.83 -12.44
N VAL E 30 3.98 36.02 -11.91
CA VAL E 30 2.59 36.38 -11.66
C VAL E 30 2.18 36.05 -10.20
N THR E 31 1.19 36.82 -9.70
CA THR E 31 0.75 36.80 -8.31
C THR E 31 -0.04 35.53 -7.93
N HIS E 32 -0.81 34.97 -8.88
CA HIS E 32 -1.58 33.74 -8.72
C HIS E 32 -1.62 33.00 -10.06
N SER E 33 -1.71 31.67 -10.00
CA SER E 33 -1.78 30.79 -11.16
C SER E 33 -2.32 29.41 -10.75
N VAL E 34 -2.88 28.69 -11.73
CA VAL E 34 -3.41 27.34 -11.59
C VAL E 34 -2.76 26.44 -12.64
N ASN E 35 -2.22 25.29 -12.18
CA ASN E 35 -1.66 24.26 -13.05
C ASN E 35 -2.81 23.42 -13.64
N LEU E 36 -2.74 23.17 -14.96
CA LEU E 36 -3.69 22.33 -15.70
C LEU E 36 -3.11 20.95 -16.04
N LEU E 37 -1.80 20.74 -15.79
CA LEU E 37 -1.07 19.51 -16.12
C LEU E 37 -0.82 18.70 -14.84
N GLU E 38 -1.17 17.40 -14.89
CA GLU E 38 -0.90 16.47 -13.80
C GLU E 38 0.34 15.62 -14.14
N ASP E 39 1.41 15.85 -13.37
CA ASP E 39 2.70 15.16 -13.48
C ASP E 39 2.87 14.03 -12.45
N SER E 40 2.08 14.07 -11.36
CA SER E 40 2.21 13.14 -10.23
C SER E 40 1.21 11.98 -10.37
N HIS E 41 1.71 10.76 -10.12
CA HIS E 41 0.92 9.54 -9.99
C HIS E 41 1.29 8.87 -8.67
N ASN E 42 0.35 8.07 -8.15
CA ASN E 42 0.44 7.26 -6.93
C ASN E 42 1.53 6.18 -7.01
N GLY E 43 1.84 5.71 -8.24
CA GLY E 43 2.52 4.44 -8.47
C GLY E 43 1.50 3.29 -8.31
N LYS E 44 1.99 2.04 -8.44
CA LYS E 44 1.28 0.79 -8.14
C LYS E 44 0.12 0.48 -9.11
N LEU E 45 -0.31 -0.79 -9.13
CA LEU E 45 -1.62 -1.18 -9.64
C LEU E 45 -2.63 -1.01 -8.50
N CYS E 46 -3.77 -0.38 -8.82
CA CYS E 46 -4.89 -0.16 -7.92
C CYS E 46 -6.16 -0.71 -8.55
N ARG E 47 -7.18 -0.94 -7.70
CA ARG E 47 -8.55 -1.26 -8.09
C ARG E 47 -9.16 -0.10 -8.90
N LEU E 48 -9.97 -0.46 -9.90
CA LEU E 48 -10.82 0.44 -10.65
C LEU E 48 -12.26 0.17 -10.20
N LYS E 49 -12.92 1.19 -9.63
CA LYS E 49 -14.27 1.19 -9.06
C LYS E 49 -14.53 0.07 -8.02
N GLY E 50 -13.52 -0.18 -7.17
CA GLY E 50 -13.57 -1.15 -6.06
C GLY E 50 -13.27 -2.59 -6.50
N ILE E 51 -13.10 -2.85 -7.81
CA ILE E 51 -12.85 -4.17 -8.38
C ILE E 51 -11.38 -4.24 -8.82
N ALA E 52 -10.69 -5.31 -8.40
CA ALA E 52 -9.27 -5.55 -8.68
C ALA E 52 -9.02 -6.02 -10.13
N PRO E 53 -7.86 -5.64 -10.72
CA PRO E 53 -7.46 -6.15 -12.04
C PRO E 53 -7.07 -7.64 -12.06
N LEU E 54 -7.20 -8.23 -13.25
CA LEU E 54 -6.61 -9.53 -13.56
C LEU E 54 -5.11 -9.36 -13.84
N GLN E 55 -4.27 -9.89 -12.95
CA GLN E 55 -2.83 -9.98 -13.16
C GLN E 55 -2.52 -11.34 -13.79
N LEU E 56 -2.13 -11.33 -15.08
CA LEU E 56 -1.63 -12.50 -15.79
C LEU E 56 -0.21 -12.89 -15.33
N GLY E 57 0.57 -11.92 -14.80
CA GLY E 57 1.86 -12.14 -14.17
C GLY E 57 2.88 -12.66 -15.18
N LYS E 58 3.47 -13.83 -14.87
CA LYS E 58 4.40 -14.55 -15.74
C LYS E 58 3.77 -15.19 -16.99
N CYS E 59 2.43 -15.23 -17.07
CA CYS E 59 1.66 -15.72 -18.21
C CYS E 59 1.12 -14.55 -19.05
N ASN E 60 0.56 -14.89 -20.22
CA ASN E 60 -0.17 -13.98 -21.11
C ASN E 60 -1.60 -14.50 -21.37
N ILE E 61 -2.32 -13.86 -22.31
CA ILE E 61 -3.68 -14.22 -22.73
C ILE E 61 -3.82 -15.64 -23.32
N ALA E 62 -2.79 -16.13 -24.04
CA ALA E 62 -2.76 -17.49 -24.59
C ALA E 62 -2.63 -18.58 -23.51
N GLY E 63 -1.78 -18.33 -22.49
CA GLY E 63 -1.56 -19.24 -21.36
C GLY E 63 -2.74 -19.24 -20.39
N TRP E 64 -3.52 -18.14 -20.36
CA TRP E 64 -4.76 -17.98 -19.61
C TRP E 64 -5.92 -18.79 -20.22
N LEU E 65 -6.14 -18.66 -21.54
CA LEU E 65 -7.25 -19.29 -22.26
C LEU E 65 -7.03 -20.78 -22.56
N LEU E 66 -5.80 -21.18 -22.95
CA LEU E 66 -5.43 -22.58 -23.14
C LEU E 66 -5.22 -23.32 -21.81
N GLY E 67 -4.86 -22.57 -20.75
CA GLY E 67 -4.65 -23.09 -19.41
C GLY E 67 -3.31 -23.83 -19.35
N ASN E 68 -2.19 -23.17 -19.71
CA ASN E 68 -0.82 -23.65 -19.52
C ASN E 68 -0.61 -23.99 -18.02
N PRO E 69 -0.09 -25.20 -17.69
CA PRO E 69 0.14 -25.63 -16.29
C PRO E 69 0.93 -24.69 -15.34
N GLU E 70 1.76 -23.77 -15.87
CA GLU E 70 2.40 -22.72 -15.08
C GLU E 70 1.45 -21.58 -14.64
N CYS E 71 0.23 -21.55 -15.19
CA CYS E 71 -0.81 -20.54 -14.98
C CYS E 71 -1.97 -21.09 -14.11
N ASP E 72 -1.77 -22.21 -13.39
CA ASP E 72 -2.76 -22.79 -12.45
C ASP E 72 -3.24 -21.90 -11.29
N PRO E 73 -2.39 -21.01 -10.71
CA PRO E 73 -2.84 -20.01 -9.72
C PRO E 73 -3.83 -18.95 -10.24
N LEU E 74 -3.94 -18.81 -11.56
CA LEU E 74 -4.80 -17.84 -12.24
C LEU E 74 -6.20 -18.41 -12.54
N LEU E 75 -6.33 -19.75 -12.65
CA LEU E 75 -7.59 -20.45 -12.98
C LEU E 75 -8.84 -20.15 -12.12
N PRO E 76 -8.75 -19.89 -10.79
CA PRO E 76 -9.95 -19.56 -9.99
C PRO E 76 -10.47 -18.11 -10.14
N VAL E 77 -9.70 -17.19 -10.76
CA VAL E 77 -10.10 -15.80 -10.95
C VAL E 77 -11.19 -15.68 -12.02
N ARG E 78 -12.39 -15.22 -11.61
CA ARG E 78 -13.58 -15.17 -12.46
C ARG E 78 -13.83 -13.78 -13.08
N SER E 79 -13.53 -12.70 -12.33
CA SER E 79 -13.91 -11.33 -12.69
C SER E 79 -12.75 -10.34 -12.47
N TRP E 80 -12.82 -9.20 -13.18
CA TRP E 80 -11.82 -8.14 -13.17
C TRP E 80 -12.40 -6.83 -13.71
N SER E 81 -11.63 -5.74 -13.53
CA SER E 81 -11.93 -4.40 -14.01
C SER E 81 -11.09 -3.99 -15.23
N TYR E 82 -9.86 -4.51 -15.34
CA TYR E 82 -8.94 -4.36 -16.46
C TYR E 82 -7.88 -5.47 -16.36
N ILE E 83 -7.33 -5.90 -17.50
CA ILE E 83 -6.30 -6.95 -17.55
C ILE E 83 -4.90 -6.31 -17.55
N VAL E 84 -3.96 -6.98 -16.86
CA VAL E 84 -2.57 -6.58 -16.74
C VAL E 84 -1.67 -7.74 -17.15
N GLU E 85 -0.78 -7.46 -18.10
CA GLU E 85 0.42 -8.23 -18.43
C GLU E 85 1.66 -7.51 -17.89
N THR E 86 2.82 -8.17 -17.98
CA THR E 86 4.10 -7.68 -17.49
C THR E 86 5.18 -7.83 -18.59
N PRO E 87 6.39 -7.22 -18.40
CA PRO E 87 7.55 -7.48 -19.28
C PRO E 87 8.07 -8.94 -19.31
N ASN E 88 7.69 -9.77 -18.33
CA ASN E 88 8.05 -11.19 -18.22
C ASN E 88 6.84 -12.12 -18.41
N SER E 89 5.91 -11.75 -19.32
CA SER E 89 4.73 -12.54 -19.66
C SER E 89 5.03 -13.61 -20.75
N GLU E 90 5.98 -14.51 -20.47
CA GLU E 90 6.47 -15.50 -21.45
C GLU E 90 5.71 -16.85 -21.46
N ASN E 91 4.98 -17.19 -20.38
CA ASN E 91 4.28 -18.48 -20.23
C ASN E 91 2.90 -18.43 -20.93
N GLY E 92 2.94 -18.43 -22.27
CA GLY E 92 1.78 -18.45 -23.14
C GLY E 92 1.60 -19.86 -23.68
N ILE E 93 1.87 -20.03 -24.98
CA ILE E 93 1.91 -21.31 -25.69
C ILE E 93 3.11 -22.16 -25.21
N CYS E 94 2.83 -23.35 -24.66
CA CYS E 94 3.85 -24.25 -24.12
C CYS E 94 4.32 -25.33 -25.13
N TYR E 95 3.44 -25.77 -26.06
CA TYR E 95 3.83 -26.64 -27.18
C TYR E 95 3.75 -25.80 -28.46
N PRO E 96 4.83 -25.74 -29.28
CA PRO E 96 4.93 -24.80 -30.43
C PRO E 96 3.82 -24.95 -31.49
N GLY E 97 3.58 -23.86 -32.22
CA GLY E 97 2.61 -23.80 -33.30
C GLY E 97 1.88 -22.46 -33.29
N ASP E 98 1.07 -22.24 -34.33
CA ASP E 98 0.42 -20.98 -34.65
C ASP E 98 -0.95 -20.91 -33.98
N PHE E 99 -1.11 -19.99 -33.01
CA PHE E 99 -2.40 -19.61 -32.44
C PHE E 99 -3.05 -18.61 -33.42
N ILE E 100 -4.11 -19.06 -34.12
CA ILE E 100 -4.79 -18.25 -35.11
C ILE E 100 -5.53 -17.07 -34.46
N ASP E 101 -5.42 -15.90 -35.10
CA ASP E 101 -6.21 -14.69 -34.83
C ASP E 101 -6.13 -14.25 -33.35
N TYR E 102 -4.92 -14.37 -32.76
CA TYR E 102 -4.63 -14.11 -31.35
C TYR E 102 -4.94 -12.67 -30.91
N GLU E 103 -4.64 -11.71 -31.80
CA GLU E 103 -4.81 -10.28 -31.62
C GLU E 103 -6.28 -9.86 -31.52
N GLU E 104 -7.18 -10.55 -32.26
CA GLU E 104 -8.63 -10.41 -32.14
C GLU E 104 -9.17 -11.01 -30.84
N LEU E 105 -8.61 -12.16 -30.40
CA LEU E 105 -9.03 -12.82 -29.17
C LEU E 105 -8.68 -12.00 -27.90
N ARG E 106 -7.56 -11.27 -27.95
CA ARG E 106 -7.18 -10.24 -26.99
C ARG E 106 -8.14 -9.04 -27.00
N GLU E 107 -8.61 -8.63 -28.19
CA GLU E 107 -9.55 -7.53 -28.39
C GLU E 107 -10.96 -7.82 -27.84
N GLN E 108 -11.40 -9.10 -27.93
CA GLN E 108 -12.60 -9.58 -27.25
C GLN E 108 -12.45 -9.63 -25.72
N LEU E 109 -11.32 -10.17 -25.22
CA LEU E 109 -11.02 -10.26 -23.78
C LEU E 109 -10.85 -8.89 -23.11
N SER E 110 -10.50 -7.85 -23.89
CA SER E 110 -10.48 -6.45 -23.49
C SER E 110 -11.88 -5.83 -23.27
N SER E 111 -12.94 -6.46 -23.82
CA SER E 111 -14.34 -6.07 -23.62
C SER E 111 -15.11 -7.03 -22.69
N VAL E 112 -14.46 -8.12 -22.24
CA VAL E 112 -14.98 -9.02 -21.21
C VAL E 112 -14.62 -8.48 -19.82
N SER E 113 -15.60 -8.53 -18.90
CA SER E 113 -15.44 -8.18 -17.49
C SER E 113 -15.33 -9.42 -16.58
N SER E 114 -15.96 -10.54 -16.99
CA SER E 114 -15.96 -11.80 -16.25
C SER E 114 -16.40 -12.98 -17.13
N PHE E 115 -16.13 -14.19 -16.64
CA PHE E 115 -16.67 -15.44 -17.19
C PHE E 115 -16.76 -16.52 -16.10
N GLU E 116 -17.38 -17.65 -16.46
CA GLU E 116 -17.43 -18.88 -15.68
C GLU E 116 -16.70 -19.98 -16.47
N ARG E 117 -15.77 -20.67 -15.80
CA ARG E 117 -14.99 -21.77 -16.35
C ARG E 117 -15.70 -23.09 -16.01
N PHE E 118 -16.32 -23.71 -17.03
CA PHE E 118 -17.14 -24.91 -16.90
C PHE E 118 -16.64 -25.96 -17.91
N GLU E 119 -16.83 -27.24 -17.56
CA GLU E 119 -16.52 -28.37 -18.44
C GLU E 119 -17.51 -28.45 -19.61
N ILE E 120 -17.05 -28.08 -20.81
CA ILE E 120 -17.79 -28.25 -22.06
C ILE E 120 -17.87 -29.73 -22.48
N PHE E 121 -16.76 -30.47 -22.28
CA PHE E 121 -16.65 -31.90 -22.50
C PHE E 121 -15.79 -32.46 -21.34
N PRO E 122 -16.43 -32.93 -20.23
CA PRO E 122 -15.73 -33.63 -19.13
C PRO E 122 -14.89 -34.83 -19.60
N LYS E 123 -13.69 -34.99 -19.02
CA LYS E 123 -12.68 -35.99 -19.41
C LYS E 123 -13.19 -37.44 -19.55
N GLU E 124 -14.06 -37.84 -18.61
CA GLU E 124 -14.76 -39.12 -18.64
C GLU E 124 -16.15 -38.94 -19.27
N SER E 125 -16.61 -40.00 -19.96
CA SER E 125 -17.91 -40.15 -20.64
C SER E 125 -18.05 -39.40 -22.00
N SER E 126 -17.25 -38.36 -22.24
CA SER E 126 -17.22 -37.63 -23.51
C SER E 126 -16.44 -38.36 -24.62
N TRP E 127 -15.45 -39.17 -24.22
CA TRP E 127 -14.48 -39.78 -25.14
C TRP E 127 -14.21 -41.26 -24.75
N PRO E 128 -15.24 -42.14 -24.78
CA PRO E 128 -15.11 -43.51 -24.23
C PRO E 128 -14.18 -44.45 -25.02
N ASN E 129 -13.94 -44.14 -26.30
CA ASN E 129 -13.17 -44.97 -27.24
C ASN E 129 -11.80 -44.36 -27.58
N HIS E 130 -11.33 -43.40 -26.76
CA HIS E 130 -10.08 -42.65 -26.95
C HIS E 130 -9.37 -42.45 -25.62
N ASN E 131 -8.02 -42.48 -25.68
CA ASN E 131 -7.15 -42.17 -24.55
C ASN E 131 -6.97 -40.65 -24.47
N THR E 132 -7.59 -40.07 -23.43
CA THR E 132 -7.54 -38.66 -23.05
C THR E 132 -6.27 -38.29 -22.25
N ASN E 133 -5.40 -39.28 -21.97
CA ASN E 133 -4.19 -39.17 -21.15
C ASN E 133 -2.95 -38.61 -21.89
N GLY E 134 -3.11 -38.11 -23.12
CA GLY E 134 -2.03 -37.55 -23.94
C GLY E 134 -1.39 -36.34 -23.24
N VAL E 135 -0.05 -36.25 -23.32
CA VAL E 135 0.77 -35.42 -22.44
C VAL E 135 2.05 -34.96 -23.17
N THR E 136 2.85 -34.08 -22.55
CA THR E 136 4.11 -33.60 -23.15
C THR E 136 5.01 -32.87 -22.14
N ALA E 137 6.33 -33.07 -22.32
CA ALA E 137 7.41 -32.36 -21.62
C ALA E 137 7.55 -30.88 -22.01
N ALA E 138 6.94 -30.45 -23.13
CA ALA E 138 6.87 -29.05 -23.55
C ALA E 138 5.94 -28.22 -22.65
N CYS E 139 4.88 -28.85 -22.12
CA CYS E 139 3.91 -28.30 -21.19
C CYS E 139 4.06 -28.94 -19.80
N SER E 140 5.33 -29.10 -19.35
CA SER E 140 5.68 -29.67 -18.05
C SER E 140 5.18 -28.85 -16.84
N HIS E 141 5.03 -29.56 -15.71
CA HIS E 141 4.60 -29.01 -14.42
C HIS E 141 5.23 -29.85 -13.31
N GLU E 142 5.86 -29.18 -12.33
CA GLU E 142 6.52 -29.78 -11.16
C GLU E 142 7.65 -30.78 -11.50
N GLY E 143 8.32 -30.57 -12.65
CA GLY E 143 9.43 -31.38 -13.13
C GLY E 143 9.00 -32.63 -13.91
N LYS E 144 7.68 -32.91 -14.03
CA LYS E 144 7.12 -34.02 -14.80
C LYS E 144 6.33 -33.47 -16.01
N SER E 145 6.09 -34.34 -17.00
CA SER E 145 5.27 -34.04 -18.18
C SER E 145 3.81 -33.81 -17.78
N SER E 146 3.21 -32.75 -18.36
CA SER E 146 1.83 -32.35 -18.11
C SER E 146 1.20 -31.83 -19.42
N PHE E 147 -0.01 -31.26 -19.34
CA PHE E 147 -0.72 -30.74 -20.50
C PHE E 147 -1.71 -29.66 -20.05
N TYR E 148 -2.17 -28.86 -21.03
CA TYR E 148 -3.19 -27.82 -20.94
C TYR E 148 -4.43 -28.25 -20.13
N ARG E 149 -4.81 -27.41 -19.16
CA ARG E 149 -5.93 -27.65 -18.25
C ARG E 149 -7.31 -27.49 -18.94
N ASN E 150 -7.37 -26.69 -20.01
CA ASN E 150 -8.60 -26.35 -20.74
C ASN E 150 -8.69 -27.10 -22.08
N LEU E 151 -7.78 -28.06 -22.33
CA LEU E 151 -7.79 -28.96 -23.49
C LEU E 151 -7.56 -30.42 -23.02
N LEU E 152 -7.90 -31.38 -23.90
CA LEU E 152 -7.48 -32.78 -23.82
C LEU E 152 -6.71 -33.13 -25.10
N TRP E 153 -5.75 -34.04 -24.99
CA TRP E 153 -5.07 -34.65 -26.13
C TRP E 153 -5.63 -36.07 -26.28
N LEU E 154 -6.48 -36.25 -27.30
CA LEU E 154 -7.07 -37.53 -27.67
C LEU E 154 -6.11 -38.30 -28.58
N THR E 155 -5.83 -39.56 -28.23
CA THR E 155 -5.01 -40.50 -29.01
C THR E 155 -5.75 -41.86 -29.10
N GLU E 156 -5.13 -42.82 -29.83
CA GLU E 156 -5.57 -44.21 -29.94
C GLU E 156 -5.78 -44.89 -28.58
N LYS E 157 -6.87 -45.68 -28.50
CA LYS E 157 -7.17 -46.59 -27.41
C LYS E 157 -7.31 -47.99 -28.00
N GLU E 158 -6.47 -48.92 -27.50
CA GLU E 158 -6.40 -50.34 -27.91
C GLU E 158 -5.97 -50.52 -29.37
N GLY E 159 -5.10 -49.62 -29.86
CA GLY E 159 -4.56 -49.62 -31.23
C GLY E 159 -5.56 -49.06 -32.26
N SER E 160 -6.60 -48.34 -31.82
CA SER E 160 -7.68 -47.84 -32.68
C SER E 160 -8.10 -46.42 -32.28
N TYR E 161 -8.44 -45.61 -33.30
CA TYR E 161 -9.04 -44.29 -33.15
C TYR E 161 -10.33 -44.29 -34.02
N PRO E 162 -11.49 -44.69 -33.43
CA PRO E 162 -12.79 -44.55 -34.09
C PRO E 162 -13.16 -43.08 -34.41
N LYS E 163 -13.98 -42.88 -35.45
CA LYS E 163 -14.47 -41.56 -35.84
C LYS E 163 -15.49 -41.03 -34.83
N LEU E 164 -15.03 -40.11 -33.96
CA LEU E 164 -15.85 -39.41 -32.96
C LEU E 164 -16.69 -38.30 -33.59
N LYS E 165 -17.82 -38.00 -32.92
CA LYS E 165 -18.59 -36.79 -33.15
C LYS E 165 -19.30 -36.44 -31.84
N ASN E 166 -18.80 -35.38 -31.16
CA ASN E 166 -19.32 -34.90 -29.89
C ASN E 166 -19.89 -33.49 -30.09
N SER E 167 -21.05 -33.22 -29.46
CA SER E 167 -21.81 -31.99 -29.62
C SER E 167 -22.09 -31.35 -28.25
N TYR E 168 -22.00 -30.02 -28.19
CA TYR E 168 -22.39 -29.21 -27.04
C TYR E 168 -23.37 -28.12 -27.51
N VAL E 169 -24.54 -28.08 -26.88
CA VAL E 169 -25.54 -27.03 -27.06
C VAL E 169 -25.30 -25.95 -25.98
N ASN E 170 -25.17 -24.68 -26.40
CA ASN E 170 -25.06 -23.54 -25.48
C ASN E 170 -26.42 -23.26 -24.82
N LYS E 171 -26.46 -23.38 -23.49
CA LYS E 171 -27.63 -23.12 -22.66
C LYS E 171 -27.29 -22.13 -21.51
N LYS E 172 -26.16 -21.42 -21.63
CA LYS E 172 -25.67 -20.44 -20.66
C LYS E 172 -26.34 -19.06 -20.79
N GLY E 173 -26.97 -18.78 -21.94
CA GLY E 173 -27.54 -17.47 -22.28
C GLY E 173 -26.45 -16.44 -22.65
N LYS E 174 -25.19 -16.87 -22.77
CA LYS E 174 -23.98 -16.06 -22.88
C LYS E 174 -23.02 -16.68 -23.92
N GLU E 175 -22.12 -15.85 -24.47
CA GLU E 175 -21.13 -16.23 -25.48
C GLU E 175 -20.08 -17.21 -24.93
N VAL E 176 -20.22 -18.51 -25.25
CA VAL E 176 -19.30 -19.57 -24.83
C VAL E 176 -18.10 -19.62 -25.78
N LEU E 177 -16.95 -19.12 -25.29
CA LEU E 177 -15.66 -19.18 -25.98
C LEU E 177 -15.04 -20.57 -25.82
N VAL E 178 -14.91 -21.28 -26.94
CA VAL E 178 -14.37 -22.64 -27.00
C VAL E 178 -12.96 -22.59 -27.62
N LEU E 179 -12.01 -23.31 -26.99
CA LEU E 179 -10.62 -23.44 -27.43
C LEU E 179 -10.35 -24.91 -27.78
N TRP E 180 -9.58 -25.14 -28.85
CA TRP E 180 -9.07 -26.44 -29.26
C TRP E 180 -7.76 -26.26 -30.05
N GLY E 181 -7.06 -27.39 -30.28
CA GLY E 181 -5.87 -27.44 -31.11
C GLY E 181 -6.02 -28.54 -32.16
N ILE E 182 -5.07 -28.57 -33.12
CA ILE E 182 -4.91 -29.61 -34.13
C ILE E 182 -3.44 -30.02 -34.14
N HIS E 183 -3.20 -31.34 -34.06
CA HIS E 183 -1.87 -31.95 -34.11
C HIS E 183 -1.35 -32.07 -35.56
N HIS E 184 -0.05 -31.79 -35.72
CA HIS E 184 0.68 -31.85 -36.99
C HIS E 184 1.99 -32.63 -36.73
N PRO E 185 2.05 -33.93 -37.11
CA PRO E 185 3.26 -34.75 -36.90
C PRO E 185 4.47 -34.29 -37.74
N PRO E 186 5.70 -34.57 -37.28
CA PRO E 186 6.91 -34.40 -38.09
C PRO E 186 7.13 -35.53 -39.13
N ASN E 187 6.41 -36.65 -39.00
CA ASN E 187 6.54 -37.83 -39.86
C ASN E 187 5.24 -38.65 -39.88
N SER E 188 5.08 -39.45 -40.95
CA SER E 188 3.96 -40.36 -41.18
C SER E 188 3.88 -41.53 -40.19
N LYS E 189 5.00 -41.89 -39.53
CA LYS E 189 5.03 -42.95 -38.51
C LYS E 189 4.28 -42.54 -37.23
N GLU E 190 4.44 -41.29 -36.79
CA GLU E 190 3.74 -40.73 -35.62
C GLU E 190 2.23 -40.52 -35.88
N GLN E 191 1.85 -40.20 -37.13
CA GLN E 191 0.47 -40.12 -37.59
C GLN E 191 -0.29 -41.46 -37.41
N GLN E 192 0.37 -42.56 -37.81
CA GLN E 192 -0.12 -43.93 -37.70
C GLN E 192 -0.06 -44.51 -36.28
N ASN E 193 0.79 -43.95 -35.40
CA ASN E 193 1.02 -44.42 -34.03
C ASN E 193 0.04 -43.81 -33.02
N LEU E 194 -0.45 -42.59 -33.28
CA LEU E 194 -1.29 -41.83 -32.36
C LEU E 194 -2.74 -41.70 -32.83
N TYR E 195 -3.03 -41.89 -34.13
CA TYR E 195 -4.33 -41.54 -34.74
C TYR E 195 -4.90 -42.59 -35.70
N GLN E 196 -4.16 -43.69 -35.97
CA GLN E 196 -4.52 -44.86 -36.81
C GLN E 196 -4.63 -44.57 -38.32
N ASN E 197 -5.09 -43.36 -38.69
CA ASN E 197 -5.45 -42.94 -40.03
C ASN E 197 -4.37 -41.99 -40.55
N GLU E 198 -3.76 -42.31 -41.69
CA GLU E 198 -2.74 -41.47 -42.35
C GLU E 198 -3.33 -40.16 -42.88
N ASN E 199 -4.51 -40.27 -43.52
CA ASN E 199 -5.33 -39.14 -43.95
C ASN E 199 -6.48 -38.95 -42.94
N ALA E 200 -6.11 -38.49 -41.73
CA ALA E 200 -7.03 -38.00 -40.72
C ALA E 200 -7.53 -36.59 -41.05
N TYR E 201 -8.56 -36.14 -40.32
CA TYR E 201 -9.10 -34.79 -40.38
C TYR E 201 -9.88 -34.48 -39.10
N VAL E 202 -10.15 -33.19 -38.92
CA VAL E 202 -11.08 -32.65 -37.94
C VAL E 202 -11.97 -31.64 -38.67
N SER E 203 -13.25 -31.54 -38.27
CA SER E 203 -14.18 -30.54 -38.76
C SER E 203 -15.00 -30.04 -37.56
N VAL E 204 -14.89 -28.73 -37.31
CA VAL E 204 -15.63 -28.05 -36.25
C VAL E 204 -16.57 -27.03 -36.91
N VAL E 205 -17.84 -27.04 -36.50
CA VAL E 205 -18.92 -26.32 -37.17
C VAL E 205 -19.94 -25.81 -36.13
N THR E 206 -20.58 -24.67 -36.46
CA THR E 206 -21.72 -24.08 -35.75
C THR E 206 -22.77 -23.58 -36.77
N SER E 207 -23.79 -22.84 -36.32
CA SER E 207 -24.81 -22.22 -37.18
C SER E 207 -24.24 -21.28 -38.27
N ASN E 208 -23.21 -20.50 -37.92
CA ASN E 208 -22.57 -19.50 -38.79
C ASN E 208 -21.04 -19.71 -38.90
N TYR E 209 -20.58 -20.94 -38.69
CA TYR E 209 -19.17 -21.33 -38.77
C TYR E 209 -19.06 -22.71 -39.43
N ASN E 210 -18.06 -22.86 -40.30
CA ASN E 210 -17.74 -24.09 -41.01
C ASN E 210 -16.27 -24.02 -41.42
N ARG E 211 -15.46 -25.00 -40.95
CA ARG E 211 -14.05 -25.11 -41.28
C ARG E 211 -13.55 -26.53 -41.02
N ARG E 212 -12.89 -27.10 -42.03
CA ARG E 212 -12.19 -28.37 -41.98
C ARG E 212 -10.68 -28.13 -41.77
N PHE E 213 -10.06 -29.03 -41.01
CA PHE E 213 -8.62 -29.07 -40.71
C PHE E 213 -8.08 -30.41 -41.22
N THR E 214 -6.91 -30.36 -41.87
CA THR E 214 -6.20 -31.52 -42.41
C THR E 214 -4.74 -31.46 -41.91
N PRO E 215 -4.26 -32.50 -41.19
CA PRO E 215 -2.86 -32.59 -40.71
C PRO E 215 -1.80 -32.46 -41.80
N GLU E 216 -1.01 -31.38 -41.70
CA GLU E 216 0.24 -31.16 -42.41
C GLU E 216 1.30 -32.10 -41.80
N ILE E 217 2.01 -32.86 -42.66
CA ILE E 217 3.06 -33.78 -42.26
C ILE E 217 4.33 -33.43 -43.08
N ALA E 218 5.37 -33.02 -42.36
CA ALA E 218 6.70 -32.66 -42.85
C ALA E 218 7.59 -32.39 -41.63
N GLU E 219 8.88 -32.75 -41.74
CA GLU E 219 9.88 -32.58 -40.68
C GLU E 219 10.28 -31.09 -40.54
N ARG E 220 10.31 -30.59 -39.29
CA ARG E 220 10.46 -29.17 -38.95
C ARG E 220 11.56 -28.95 -37.89
N PRO E 221 12.09 -27.71 -37.75
CA PRO E 221 12.97 -27.34 -36.61
C PRO E 221 12.33 -27.57 -35.24
N LYS E 222 13.09 -28.17 -34.31
CA LYS E 222 12.66 -28.42 -32.94
C LYS E 222 12.60 -27.12 -32.11
N VAL E 223 11.39 -26.78 -31.63
CA VAL E 223 11.12 -25.61 -30.80
C VAL E 223 10.62 -26.12 -29.44
N ARG E 224 11.36 -25.79 -28.37
CA ARG E 224 11.21 -26.32 -27.01
C ARG E 224 11.32 -27.87 -26.97
N ASP E 225 12.20 -28.41 -27.84
CA ASP E 225 12.46 -29.83 -28.07
C ASP E 225 11.22 -30.56 -28.66
N GLN E 226 10.56 -29.96 -29.66
CA GLN E 226 9.38 -30.52 -30.33
C GLN E 226 9.37 -30.17 -31.82
N ALA E 227 9.47 -31.19 -32.69
CA ALA E 227 9.37 -31.06 -34.15
C ALA E 227 7.93 -30.99 -34.67
N GLY E 228 6.95 -31.44 -33.86
CA GLY E 228 5.52 -31.34 -34.15
C GLY E 228 5.00 -29.90 -33.88
N ARG E 229 3.76 -29.63 -34.30
CA ARG E 229 3.08 -28.34 -34.06
C ARG E 229 1.63 -28.57 -33.60
N MET E 230 1.21 -27.85 -32.55
CA MET E 230 -0.18 -27.66 -32.16
C MET E 230 -0.60 -26.27 -32.64
N ASN E 231 -1.39 -26.20 -33.72
CA ASN E 231 -2.02 -24.93 -34.15
C ASN E 231 -3.36 -24.80 -33.42
N TYR E 232 -3.56 -23.66 -32.75
CA TYR E 232 -4.73 -23.42 -31.90
C TYR E 232 -5.80 -22.62 -32.65
N TYR E 233 -7.06 -22.98 -32.37
CA TYR E 233 -8.27 -22.46 -33.03
C TYR E 233 -9.33 -22.16 -31.96
N TRP E 234 -10.21 -21.21 -32.26
CA TRP E 234 -11.24 -20.74 -31.33
C TRP E 234 -12.46 -20.20 -32.10
N THR E 235 -13.62 -20.23 -31.40
CA THR E 235 -14.87 -19.60 -31.82
C THR E 235 -15.70 -19.20 -30.59
N LEU E 236 -16.44 -18.11 -30.76
CA LEU E 236 -17.51 -17.65 -29.87
C LEU E 236 -18.81 -18.36 -30.27
N LEU E 237 -19.29 -19.27 -29.44
CA LEU E 237 -20.55 -19.97 -29.61
C LEU E 237 -21.69 -19.11 -29.05
N LYS E 238 -22.72 -18.83 -29.87
CA LYS E 238 -23.85 -17.97 -29.49
C LYS E 238 -24.84 -18.71 -28.56
N PRO E 239 -25.66 -17.96 -27.77
CA PRO E 239 -26.78 -18.52 -26.99
C PRO E 239 -27.78 -19.33 -27.84
N GLY E 240 -27.92 -20.62 -27.50
CA GLY E 240 -28.80 -21.57 -28.19
C GLY E 240 -28.12 -22.26 -29.39
N ASP E 241 -26.96 -21.77 -29.85
CA ASP E 241 -26.17 -22.35 -30.94
C ASP E 241 -25.40 -23.59 -30.42
N THR E 242 -25.26 -24.59 -31.29
CA THR E 242 -24.60 -25.87 -31.00
C THR E 242 -23.27 -25.95 -31.78
N ILE E 243 -22.19 -26.33 -31.09
CA ILE E 243 -20.90 -26.62 -31.71
C ILE E 243 -20.74 -28.16 -31.79
N ILE E 244 -20.25 -28.64 -32.94
CA ILE E 244 -20.13 -30.07 -33.24
C ILE E 244 -18.68 -30.34 -33.67
N PHE E 245 -17.99 -31.19 -32.89
CA PHE E 245 -16.61 -31.61 -33.07
C PHE E 245 -16.56 -33.02 -33.69
N GLU E 246 -16.47 -33.08 -35.02
CA GLU E 246 -16.30 -34.32 -35.80
C GLU E 246 -14.81 -34.51 -36.11
N ALA E 247 -14.29 -35.74 -35.96
CA ALA E 247 -12.88 -36.06 -36.21
C ALA E 247 -12.65 -37.58 -36.29
N ASN E 248 -11.55 -37.96 -36.95
CA ASN E 248 -11.01 -39.33 -36.98
C ASN E 248 -9.50 -39.36 -36.65
N GLY E 249 -8.97 -38.25 -36.11
CA GLY E 249 -7.59 -38.14 -35.69
C GLY E 249 -7.21 -36.67 -35.52
N ASN E 250 -6.14 -36.45 -34.75
CA ASN E 250 -5.38 -35.21 -34.59
C ASN E 250 -6.12 -34.09 -33.85
N LEU E 251 -7.29 -34.37 -33.24
CA LEU E 251 -8.04 -33.41 -32.46
C LEU E 251 -7.48 -33.32 -31.03
N ILE E 252 -7.03 -32.11 -30.68
CA ILE E 252 -6.76 -31.70 -29.30
C ILE E 252 -8.04 -31.00 -28.80
N ALA E 253 -9.00 -31.81 -28.36
CA ALA E 253 -10.38 -31.40 -28.02
C ALA E 253 -10.46 -30.40 -26.85
N PRO E 254 -11.55 -29.61 -26.77
CA PRO E 254 -11.86 -28.78 -25.58
C PRO E 254 -12.10 -29.64 -24.32
N MET E 255 -11.61 -29.15 -23.17
CA MET E 255 -11.93 -29.68 -21.84
C MET E 255 -12.83 -28.69 -21.07
N TYR E 256 -12.45 -27.40 -21.08
CA TYR E 256 -13.20 -26.29 -20.50
C TYR E 256 -13.47 -25.22 -21.57
N ALA E 257 -14.62 -24.56 -21.43
CA ALA E 257 -15.02 -23.37 -22.20
C ALA E 257 -15.52 -22.28 -21.25
N PHE E 258 -15.68 -21.05 -21.79
CA PHE E 258 -15.79 -19.83 -21.00
C PHE E 258 -17.02 -19.04 -21.46
N ALA E 259 -18.11 -19.08 -20.67
CA ALA E 259 -19.33 -18.28 -20.91
C ALA E 259 -19.09 -16.83 -20.48
N LEU E 260 -18.83 -15.96 -21.48
CA LEU E 260 -18.37 -14.58 -21.31
C LEU E 260 -19.52 -13.62 -20.94
N ARG E 261 -19.20 -12.66 -20.06
CA ARG E 261 -20.04 -11.53 -19.70
C ARG E 261 -19.27 -10.25 -20.10
N ARG E 262 -19.85 -9.49 -21.04
CA ARG E 262 -19.28 -8.23 -21.53
C ARG E 262 -19.45 -7.09 -20.52
N GLY E 263 -18.51 -6.13 -20.57
CA GLY E 263 -18.53 -4.92 -19.77
C GLY E 263 -17.76 -3.81 -20.50
N PHE E 264 -17.53 -2.70 -19.78
CA PHE E 264 -16.94 -1.47 -20.31
C PHE E 264 -15.82 -0.99 -19.36
N GLY E 265 -14.83 -0.29 -19.95
CA GLY E 265 -13.71 0.32 -19.23
C GLY E 265 -12.52 -0.63 -19.05
N SER E 266 -12.66 -1.92 -19.41
CA SER E 266 -11.62 -2.94 -19.38
C SER E 266 -10.66 -2.79 -20.59
N GLY E 267 -9.47 -3.41 -20.47
CA GLY E 267 -8.49 -3.44 -21.55
C GLY E 267 -7.18 -4.03 -21.02
N ILE E 268 -6.39 -4.64 -21.92
CA ILE E 268 -5.10 -5.26 -21.59
C ILE E 268 -3.98 -4.21 -21.66
N ILE E 269 -3.43 -3.85 -20.49
CA ILE E 269 -2.24 -3.00 -20.36
C ILE E 269 -1.01 -3.88 -20.04
N THR E 270 0.19 -3.36 -20.33
CA THR E 270 1.45 -3.98 -19.92
C THR E 270 2.12 -3.07 -18.88
N SER E 271 2.36 -3.60 -17.67
CA SER E 271 2.81 -2.86 -16.51
C SER E 271 3.71 -3.73 -15.63
N ASN E 272 4.83 -3.13 -15.17
CA ASN E 272 5.76 -3.71 -14.19
C ASN E 272 5.43 -3.31 -12.74
N ALA E 273 4.39 -2.49 -12.52
CA ALA E 273 3.95 -2.01 -11.21
C ALA E 273 3.30 -3.13 -10.37
N SER E 274 3.46 -3.06 -9.04
CA SER E 274 2.96 -4.05 -8.08
C SER E 274 1.56 -3.68 -7.56
N MET E 275 0.69 -4.69 -7.41
CA MET E 275 -0.67 -4.54 -6.90
C MET E 275 -0.71 -4.32 -5.38
N HIS E 276 -1.51 -3.33 -4.98
CA HIS E 276 -1.78 -2.92 -3.60
C HIS E 276 -3.27 -2.68 -3.43
N GLU E 277 -3.75 -2.70 -2.17
CA GLU E 277 -5.14 -2.41 -1.81
C GLU E 277 -5.39 -0.89 -1.77
N CYS E 278 -5.35 -0.29 -2.96
CA CYS E 278 -5.70 1.09 -3.29
C CYS E 278 -6.82 1.07 -4.33
N ASN E 279 -7.61 2.15 -4.38
CA ASN E 279 -8.73 2.30 -5.31
C ASN E 279 -8.68 3.71 -5.90
N THR E 280 -8.74 3.80 -7.24
CA THR E 280 -8.65 5.04 -8.00
C THR E 280 -9.45 4.92 -9.31
N LYS E 281 -10.09 6.02 -9.72
CA LYS E 281 -10.90 6.11 -10.95
C LYS E 281 -10.11 6.02 -12.27
N CYS E 282 -8.78 6.25 -12.21
CA CYS E 282 -7.86 6.17 -13.33
C CYS E 282 -6.68 5.26 -12.96
N GLN E 283 -6.25 4.44 -13.92
CA GLN E 283 -5.01 3.70 -13.88
C GLN E 283 -4.23 3.94 -15.19
N THR E 284 -2.90 4.00 -15.06
CA THR E 284 -1.95 3.91 -16.17
C THR E 284 -0.87 2.87 -15.82
N PRO E 285 -0.10 2.37 -16.81
CA PRO E 285 1.06 1.48 -16.57
C PRO E 285 2.15 1.93 -15.58
N LEU E 286 2.31 3.25 -15.38
CA LEU E 286 3.26 3.81 -14.40
C LEU E 286 2.64 3.89 -13.00
N GLY E 287 1.33 4.18 -12.91
CA GLY E 287 0.64 4.29 -11.63
C GLY E 287 -0.75 4.90 -11.81
N ALA E 288 -1.52 4.86 -10.72
CA ALA E 288 -2.86 5.43 -10.62
C ALA E 288 -2.84 6.96 -10.47
N ILE E 289 -3.83 7.65 -11.06
CA ILE E 289 -3.91 9.11 -11.06
C ILE E 289 -5.21 9.54 -10.35
N ASN E 290 -5.07 10.24 -9.21
CA ASN E 290 -6.19 10.84 -8.49
C ASN E 290 -6.08 12.37 -8.68
N SER E 291 -6.76 12.88 -9.72
CA SER E 291 -6.69 14.27 -10.14
C SER E 291 -8.02 14.74 -10.74
N SER E 292 -8.23 16.06 -10.69
CA SER E 292 -9.33 16.78 -11.36
C SER E 292 -8.80 17.76 -12.44
N LEU E 293 -7.47 17.80 -12.64
CA LEU E 293 -6.81 18.62 -13.67
C LEU E 293 -7.10 18.06 -15.08
N PRO E 294 -7.32 18.94 -16.08
CA PRO E 294 -7.76 18.53 -17.43
C PRO E 294 -6.74 17.70 -18.24
N TYR E 295 -5.44 17.98 -18.06
CA TYR E 295 -4.35 17.33 -18.80
C TYR E 295 -3.46 16.52 -17.85
N GLN E 296 -2.71 15.57 -18.44
CA GLN E 296 -1.66 14.79 -17.79
C GLN E 296 -0.54 14.47 -18.79
N ASN E 297 0.66 14.22 -18.26
CA ASN E 297 1.88 13.95 -19.04
C ASN E 297 2.61 12.71 -18.51
N ILE E 298 1.89 11.84 -17.80
CA ILE E 298 2.41 10.63 -17.14
C ILE E 298 2.58 9.46 -18.13
N HIS E 299 1.50 9.03 -18.81
CA HIS E 299 1.53 7.91 -19.75
C HIS E 299 0.29 7.93 -20.68
N PRO E 300 0.47 7.63 -21.99
CA PRO E 300 -0.63 7.62 -22.97
C PRO E 300 -1.71 6.54 -22.76
N VAL E 301 -1.32 5.37 -22.25
CA VAL E 301 -2.25 4.26 -21.96
C VAL E 301 -3.01 4.57 -20.66
N THR E 302 -4.33 4.54 -20.76
CA THR E 302 -5.27 4.90 -19.69
C THR E 302 -6.36 3.83 -19.56
N ILE E 303 -6.94 3.77 -18.36
CA ILE E 303 -8.03 2.88 -17.96
C ILE E 303 -8.97 3.74 -17.09
N GLY E 304 -10.24 3.86 -17.51
CA GLY E 304 -11.26 4.61 -16.78
C GLY E 304 -11.14 6.12 -17.01
N GLU E 305 -11.59 6.90 -16.00
CA GLU E 305 -11.79 8.35 -16.04
C GLU E 305 -10.48 9.11 -15.76
N CYS E 306 -9.61 9.16 -16.77
CA CYS E 306 -8.29 9.81 -16.74
C CYS E 306 -8.30 11.19 -17.43
N PRO E 307 -7.39 12.11 -17.05
CA PRO E 307 -7.10 13.33 -17.85
C PRO E 307 -6.50 13.02 -19.25
N LYS E 308 -6.65 13.96 -20.19
CA LYS E 308 -6.11 13.88 -21.56
C LYS E 308 -4.57 13.84 -21.57
N TYR E 309 -3.98 12.84 -22.26
CA TYR E 309 -2.53 12.77 -22.40
C TYR E 309 -2.01 13.82 -23.40
N VAL E 310 -1.00 14.58 -22.94
CA VAL E 310 -0.35 15.67 -23.66
C VAL E 310 1.16 15.61 -23.31
N ARG E 311 2.03 15.83 -24.32
CA ARG E 311 3.49 15.73 -24.19
C ARG E 311 4.17 16.86 -23.41
N SER E 312 3.44 17.96 -23.12
CA SER E 312 3.94 19.17 -22.46
C SER E 312 4.54 18.90 -21.07
N ALA E 313 5.60 19.65 -20.74
CA ALA E 313 6.24 19.64 -19.42
C ALA E 313 5.61 20.64 -18.43
N LYS E 314 4.82 21.60 -18.94
CA LYS E 314 4.19 22.67 -18.17
C LYS E 314 2.98 23.21 -18.95
N LEU E 315 1.80 23.22 -18.31
CA LEU E 315 0.59 23.88 -18.81
C LEU E 315 -0.02 24.71 -17.67
N ARG E 316 0.82 25.58 -17.07
CA ARG E 316 0.39 26.49 -16.01
C ARG E 316 -0.22 27.76 -16.62
N MET E 317 -1.52 27.97 -16.37
CA MET E 317 -2.22 29.19 -16.74
C MET E 317 -2.27 30.16 -15.56
N VAL E 318 -2.14 31.47 -15.85
CA VAL E 318 -2.25 32.53 -14.87
C VAL E 318 -3.73 32.88 -14.59
N THR E 319 -4.01 33.18 -13.31
CA THR E 319 -5.30 33.70 -12.84
C THR E 319 -5.12 35.11 -12.23
N GLY E 320 -3.97 35.38 -11.58
CA GLY E 320 -3.63 36.67 -11.00
C GLY E 320 -3.04 37.61 -12.06
N LEU E 321 -2.49 38.75 -11.61
CA LEU E 321 -1.83 39.72 -12.48
C LEU E 321 -0.30 39.55 -12.44
N ARG E 322 0.41 40.38 -13.20
CA ARG E 322 1.88 40.45 -13.23
C ARG E 322 2.40 40.95 -11.86
N ASN E 323 3.17 40.09 -11.17
CA ASN E 323 3.73 40.39 -9.86
C ASN E 323 4.94 41.32 -10.00
N ILE E 324 4.82 42.52 -9.42
CA ILE E 324 5.88 43.50 -9.31
C ILE E 324 5.84 44.00 -7.85
N PRO E 325 6.61 43.36 -6.94
CA PRO E 325 6.66 43.73 -5.51
C PRO E 325 7.10 45.16 -5.17
N ALA E 326 7.81 45.83 -6.11
CA ALA E 326 8.34 47.19 -6.01
C ALA E 326 9.36 47.38 -4.88
N ARG E 327 10.11 46.30 -4.56
CA ARG E 327 11.11 46.20 -3.48
C ARG E 327 12.32 47.10 -3.75
N GLY F 1 2.73 46.51 -20.96
CA GLY F 1 1.27 46.34 -20.82
C GLY F 1 0.58 46.80 -22.12
N LEU F 2 -0.52 46.13 -22.48
CA LEU F 2 -1.37 46.45 -23.64
C LEU F 2 -2.26 47.70 -23.43
N PHE F 3 -2.38 48.19 -22.18
CA PHE F 3 -3.14 49.39 -21.83
C PHE F 3 -2.27 50.44 -21.10
N GLY F 4 -1.01 50.08 -20.77
CA GLY F 4 0.00 51.00 -20.25
C GLY F 4 -0.22 51.40 -18.78
N ALA F 5 -1.06 50.66 -18.02
CA ALA F 5 -1.31 50.93 -16.60
C ALA F 5 -0.39 50.06 -15.72
N ILE F 6 -0.46 48.72 -15.88
CA ILE F 6 0.44 47.77 -15.23
C ILE F 6 1.82 47.79 -15.90
N ALA F 7 2.85 48.09 -15.09
CA ALA F 7 4.26 48.29 -15.48
C ALA F 7 4.52 49.53 -16.35
N GLY F 8 3.50 50.38 -16.52
CA GLY F 8 3.53 51.59 -17.34
C GLY F 8 3.46 52.78 -16.39
N PHE F 9 2.36 53.55 -16.44
CA PHE F 9 2.17 54.77 -15.65
C PHE F 9 2.15 54.50 -14.12
N ILE F 10 1.59 53.37 -13.68
CA ILE F 10 1.81 52.81 -12.34
C ILE F 10 2.94 51.77 -12.48
N GLU F 11 4.09 52.09 -11.86
CA GLU F 11 5.35 51.37 -12.00
C GLU F 11 5.36 49.94 -11.42
N GLY F 12 4.63 49.71 -10.33
CA GLY F 12 4.62 48.44 -9.64
C GLY F 12 3.40 48.32 -8.73
N GLY F 13 3.17 47.09 -8.26
CA GLY F 13 2.06 46.72 -7.38
C GLY F 13 2.48 46.87 -5.91
N TRP F 14 1.48 46.89 -5.04
CA TRP F 14 1.63 47.03 -3.60
C TRP F 14 1.38 45.67 -2.94
N THR F 15 2.35 45.24 -2.12
CA THR F 15 2.28 44.02 -1.31
C THR F 15 1.43 44.18 -0.04
N GLY F 16 1.04 45.42 0.30
CA GLY F 16 0.25 45.74 1.49
C GLY F 16 -1.25 45.48 1.29
N MET F 17 -1.76 45.42 0.04
CA MET F 17 -3.12 44.95 -0.24
C MET F 17 -3.10 43.42 -0.36
N ILE F 18 -4.09 42.78 0.30
CA ILE F 18 -4.30 41.33 0.32
C ILE F 18 -5.79 41.03 0.04
N ASP F 19 -6.67 42.03 0.25
CA ASP F 19 -8.13 42.01 0.10
C ASP F 19 -8.63 41.88 -1.35
N GLY F 20 -7.82 42.24 -2.35
CA GLY F 20 -8.22 42.17 -3.75
C GLY F 20 -7.02 42.40 -4.68
N TRP F 21 -7.27 42.21 -5.99
CA TRP F 21 -6.31 42.48 -7.07
C TRP F 21 -6.14 43.97 -7.41
N TYR F 22 -7.12 44.81 -7.04
CA TYR F 22 -7.08 46.25 -7.26
C TYR F 22 -7.58 46.93 -5.98
N GLY F 23 -6.90 48.01 -5.60
CA GLY F 23 -7.21 48.73 -4.38
C GLY F 23 -6.54 50.09 -4.40
N TYR F 24 -6.95 50.88 -3.40
CA TYR F 24 -6.42 52.25 -3.28
C TYR F 24 -5.71 52.44 -1.97
N HIS F 25 -4.82 53.42 -1.91
CA HIS F 25 -4.09 53.82 -0.71
C HIS F 25 -4.37 55.29 -0.43
N HIS F 26 -4.96 55.56 0.75
CA HIS F 26 -5.30 56.90 1.22
C HIS F 26 -4.19 57.50 2.09
N GLN F 27 -4.24 58.83 2.27
CA GLN F 27 -3.23 59.63 2.97
C GLN F 27 -3.92 60.75 3.77
N ASN F 28 -5.10 60.46 4.35
CA ASN F 28 -5.87 61.37 5.21
C ASN F 28 -5.11 61.70 6.51
N GLU F 29 -5.54 62.79 7.18
CA GLU F 29 -5.08 63.16 8.53
C GLU F 29 -5.47 62.12 9.61
N GLN F 30 -6.53 61.35 9.34
CA GLN F 30 -7.00 60.21 10.13
C GLN F 30 -6.11 58.94 10.01
N GLY F 31 -5.18 58.91 9.04
CA GLY F 31 -4.21 57.84 8.86
C GLY F 31 -4.16 57.37 7.39
N SER F 32 -3.38 56.31 7.17
CA SER F 32 -3.15 55.65 5.88
C SER F 32 -3.48 54.15 5.98
N GLY F 33 -3.54 53.48 4.82
CA GLY F 33 -3.80 52.05 4.74
C GLY F 33 -4.28 51.68 3.34
N TYR F 34 -4.36 50.36 3.09
CA TYR F 34 -4.82 49.78 1.83
C TYR F 34 -6.27 49.30 1.97
N ALA F 35 -7.05 49.46 0.88
CA ALA F 35 -8.45 49.06 0.82
C ALA F 35 -8.83 48.78 -0.64
N ALA F 36 -9.27 47.53 -0.90
CA ALA F 36 -9.68 47.04 -2.22
C ALA F 36 -10.90 47.79 -2.79
N ASP F 37 -10.93 47.89 -4.14
CA ASP F 37 -12.12 48.23 -4.90
C ASP F 37 -12.84 46.91 -5.20
N GLN F 38 -13.92 46.66 -4.44
CA GLN F 38 -14.68 45.41 -4.44
C GLN F 38 -15.25 45.05 -5.81
N LYS F 39 -15.86 46.02 -6.51
CA LYS F 39 -16.52 45.84 -7.80
C LYS F 39 -15.59 45.30 -8.91
N SER F 40 -14.43 45.94 -9.15
CA SER F 40 -13.47 45.53 -10.17
C SER F 40 -12.75 44.22 -9.81
N THR F 41 -12.49 43.99 -8.51
CA THR F 41 -11.89 42.76 -7.99
C THR F 41 -12.81 41.55 -8.20
N GLN F 42 -14.11 41.68 -7.87
CA GLN F 42 -15.12 40.63 -8.09
C GLN F 42 -15.42 40.36 -9.58
N ASN F 43 -15.52 41.42 -10.42
CA ASN F 43 -15.72 41.29 -11.87
C ASN F 43 -14.55 40.59 -12.58
N ALA F 44 -13.31 40.86 -12.13
CA ALA F 44 -12.11 40.18 -12.60
C ALA F 44 -12.05 38.72 -12.15
N ILE F 45 -12.40 38.45 -10.87
CA ILE F 45 -12.46 37.11 -10.30
C ILE F 45 -13.51 36.22 -10.99
N ASN F 46 -14.72 36.73 -11.24
CA ASN F 46 -15.79 36.03 -11.96
C ASN F 46 -15.43 35.78 -13.44
N GLY F 47 -14.71 36.73 -14.07
CA GLY F 47 -14.23 36.63 -15.44
C GLY F 47 -13.18 35.52 -15.57
N ILE F 48 -12.18 35.52 -14.68
CA ILE F 48 -11.08 34.56 -14.62
C ILE F 48 -11.52 33.17 -14.12
N THR F 49 -12.53 33.09 -13.24
CA THR F 49 -13.13 31.83 -12.79
C THR F 49 -13.91 31.15 -13.93
N ASN F 50 -14.67 31.92 -14.73
CA ASN F 50 -15.35 31.45 -15.93
C ASN F 50 -14.35 31.01 -17.04
N LYS F 51 -13.16 31.65 -17.10
CA LYS F 51 -12.06 31.28 -17.99
C LYS F 51 -11.44 29.92 -17.59
N VAL F 52 -11.15 29.74 -16.29
CA VAL F 52 -10.68 28.49 -15.68
C VAL F 52 -11.68 27.33 -15.88
N ASN F 53 -12.98 27.61 -15.69
CA ASN F 53 -14.06 26.66 -15.97
C ASN F 53 -14.15 26.29 -17.45
N SER F 54 -14.13 27.29 -18.36
CA SER F 54 -14.26 27.10 -19.81
C SER F 54 -13.18 26.19 -20.42
N VAL F 55 -11.90 26.43 -20.11
CA VAL F 55 -10.77 25.63 -20.62
C VAL F 55 -10.71 24.19 -20.06
N ILE F 56 -11.32 23.95 -18.89
CA ILE F 56 -11.45 22.63 -18.26
C ILE F 56 -12.70 21.86 -18.76
N GLU F 57 -13.80 22.58 -19.00
CA GLU F 57 -15.11 22.02 -19.39
C GLU F 57 -15.19 21.64 -20.88
N LYS F 58 -14.60 22.45 -21.78
CA LYS F 58 -14.74 22.26 -23.23
C LYS F 58 -14.04 21.02 -23.79
N MET F 59 -12.92 20.59 -23.18
CA MET F 59 -12.39 19.26 -23.41
C MET F 59 -13.09 18.26 -22.48
N ASN F 60 -13.46 17.10 -23.04
CA ASN F 60 -14.07 15.98 -22.31
C ASN F 60 -12.99 15.11 -21.64
N ILE F 61 -13.37 14.41 -20.56
CA ILE F 61 -12.54 13.42 -19.86
C ILE F 61 -12.11 12.27 -20.80
N GLN F 62 -10.87 11.79 -20.65
CA GLN F 62 -10.37 10.66 -21.44
C GLN F 62 -10.91 9.36 -20.84
N PHE F 63 -11.56 8.55 -21.69
CA PHE F 63 -11.94 7.17 -21.39
C PHE F 63 -10.73 6.23 -21.60
N THR F 64 -10.92 4.93 -21.36
CA THR F 64 -9.94 3.87 -21.57
C THR F 64 -9.36 3.85 -23.00
N ALA F 65 -8.07 4.19 -23.10
CA ALA F 65 -7.28 4.18 -24.34
C ALA F 65 -6.16 3.16 -24.16
N VAL F 66 -6.22 2.08 -24.94
CA VAL F 66 -5.31 0.94 -24.85
C VAL F 66 -4.79 0.56 -26.24
N GLY F 67 -3.48 0.29 -26.33
CA GLY F 67 -2.78 -0.14 -27.54
C GLY F 67 -3.12 -1.59 -27.88
N LYS F 68 -3.21 -1.88 -29.19
CA LYS F 68 -3.60 -3.18 -29.73
C LYS F 68 -2.37 -3.87 -30.33
N GLU F 69 -2.31 -5.20 -30.23
CA GLU F 69 -1.30 -6.02 -30.89
C GLU F 69 -1.61 -6.23 -32.37
N PHE F 70 -0.53 -6.41 -33.15
CA PHE F 70 -0.55 -6.72 -34.58
C PHE F 70 0.58 -7.72 -34.82
N ASN F 71 0.31 -8.81 -35.57
CA ASN F 71 1.31 -9.84 -35.89
C ASN F 71 2.26 -9.42 -37.02
N LYS F 72 3.16 -10.35 -37.41
CA LYS F 72 4.22 -10.18 -38.42
C LYS F 72 3.72 -9.80 -39.83
N LEU F 73 2.44 -10.06 -40.14
CA LEU F 73 1.81 -9.75 -41.43
C LEU F 73 0.65 -8.75 -41.25
N GLU F 74 0.79 -7.84 -40.27
CA GLU F 74 -0.17 -6.76 -39.97
C GLU F 74 0.56 -5.44 -39.65
N LYS F 75 1.79 -5.25 -40.13
CA LYS F 75 2.62 -4.09 -39.81
C LYS F 75 2.15 -2.78 -40.48
N ARG F 76 1.34 -2.86 -41.56
CA ARG F 76 0.63 -1.71 -42.11
C ARG F 76 -0.46 -1.20 -41.16
N MET F 77 -1.22 -2.13 -40.53
CA MET F 77 -2.27 -1.82 -39.55
C MET F 77 -1.70 -1.34 -38.20
N GLU F 78 -0.46 -1.76 -37.87
CA GLU F 78 0.31 -1.25 -36.75
C GLU F 78 0.76 0.21 -36.99
N ASN F 79 1.18 0.52 -38.23
CA ASN F 79 1.57 1.86 -38.66
C ASN F 79 0.36 2.81 -38.85
N LEU F 80 -0.83 2.25 -39.17
CA LEU F 80 -2.11 2.98 -39.15
C LEU F 80 -2.50 3.37 -37.72
N ASN F 81 -2.40 2.43 -36.78
CA ASN F 81 -2.64 2.64 -35.35
C ASN F 81 -1.68 3.69 -34.75
N ASN F 82 -0.38 3.56 -35.08
CA ASN F 82 0.70 4.43 -34.62
C ASN F 82 0.49 5.89 -35.07
N LYS F 83 0.31 6.14 -36.38
CA LYS F 83 0.14 7.50 -36.92
C LYS F 83 -1.19 8.16 -36.53
N VAL F 84 -2.22 7.35 -36.19
CA VAL F 84 -3.47 7.83 -35.61
C VAL F 84 -3.28 8.33 -34.17
N ASP F 85 -2.61 7.52 -33.32
CA ASP F 85 -2.30 7.85 -31.92
C ASP F 85 -1.31 9.03 -31.79
N ASP F 86 -0.24 9.03 -32.60
CA ASP F 86 0.75 10.11 -32.68
C ASP F 86 0.13 11.42 -33.22
N GLY F 87 -0.68 11.32 -34.29
CA GLY F 87 -1.32 12.47 -34.95
C GLY F 87 -2.38 13.12 -34.06
N PHE F 88 -3.12 12.33 -33.26
CA PHE F 88 -4.03 12.83 -32.23
C PHE F 88 -3.29 13.50 -31.05
N LEU F 89 -2.18 12.90 -30.61
CA LEU F 89 -1.31 13.44 -29.57
C LEU F 89 -0.63 14.77 -29.97
N ASP F 90 -0.30 14.92 -31.27
CA ASP F 90 0.19 16.19 -31.85
C ASP F 90 -0.83 17.32 -31.74
N ILE F 91 -2.08 17.10 -32.19
CA ILE F 91 -3.13 18.13 -32.19
C ILE F 91 -3.66 18.49 -30.79
N TRP F 92 -3.70 17.53 -29.85
CA TRP F 92 -4.04 17.81 -28.45
C TRP F 92 -2.93 18.58 -27.70
N THR F 93 -1.65 18.28 -27.97
CA THR F 93 -0.51 19.03 -27.43
C THR F 93 -0.39 20.43 -28.07
N TYR F 94 -0.72 20.54 -29.37
CA TYR F 94 -0.76 21.79 -30.14
C TYR F 94 -1.79 22.78 -29.57
N ASN F 95 -3.05 22.33 -29.48
CA ASN F 95 -4.17 23.12 -28.96
C ASN F 95 -4.03 23.44 -27.45
N ALA F 96 -3.40 22.56 -26.66
CA ALA F 96 -3.19 22.76 -25.22
C ALA F 96 -2.23 23.92 -24.91
N GLU F 97 -1.02 23.91 -25.52
CA GLU F 97 -0.02 24.97 -25.32
C GLU F 97 -0.41 26.32 -25.95
N LEU F 98 -1.01 26.31 -27.16
CA LEU F 98 -1.43 27.55 -27.83
C LEU F 98 -2.57 28.25 -27.09
N LEU F 99 -3.51 27.47 -26.51
CA LEU F 99 -4.60 27.98 -25.67
C LEU F 99 -4.07 28.59 -24.36
N VAL F 100 -3.10 27.92 -23.71
CA VAL F 100 -2.42 28.43 -22.52
C VAL F 100 -1.66 29.75 -22.80
N LEU F 101 -0.82 29.79 -23.84
CA LEU F 101 -0.06 30.98 -24.27
C LEU F 101 -0.96 32.21 -24.55
N LEU F 102 -2.02 32.02 -25.35
CA LEU F 102 -2.98 33.05 -25.77
C LEU F 102 -3.79 33.59 -24.59
N GLU F 103 -4.26 32.70 -23.71
CA GLU F 103 -5.07 33.06 -22.54
C GLU F 103 -4.24 33.67 -21.39
N ASN F 104 -2.94 33.35 -21.30
CA ASN F 104 -2.01 33.97 -20.34
C ASN F 104 -1.66 35.40 -20.72
N GLU F 105 -1.48 35.65 -22.02
CA GLU F 105 -1.31 36.99 -22.59
C GLU F 105 -2.55 37.86 -22.33
N ARG F 106 -3.73 37.31 -22.69
CA ARG F 106 -5.06 37.90 -22.50
C ARG F 106 -5.40 38.24 -21.04
N THR F 107 -5.07 37.35 -20.09
CA THR F 107 -5.33 37.53 -18.66
C THR F 107 -4.60 38.77 -18.11
N LEU F 108 -3.31 38.92 -18.47
CA LEU F 108 -2.48 40.08 -18.10
C LEU F 108 -2.96 41.38 -18.74
N ASP F 109 -3.47 41.32 -19.99
CA ASP F 109 -4.08 42.45 -20.68
C ASP F 109 -5.43 42.87 -20.06
N PHE F 110 -6.21 41.88 -19.58
CA PHE F 110 -7.48 42.08 -18.89
C PHE F 110 -7.33 42.72 -17.50
N HIS F 111 -6.27 42.34 -16.75
CA HIS F 111 -5.90 42.97 -15.49
C HIS F 111 -5.40 44.41 -15.68
N ASP F 112 -4.60 44.64 -16.74
CA ASP F 112 -4.08 45.94 -17.16
C ASP F 112 -5.21 46.91 -17.55
N SER F 113 -6.24 46.39 -18.24
CA SER F 113 -7.51 47.04 -18.54
C SER F 113 -8.30 47.45 -17.29
N ASN F 114 -8.42 46.54 -16.31
CA ASN F 114 -9.16 46.78 -15.06
C ASN F 114 -8.49 47.83 -14.15
N VAL F 115 -7.15 47.96 -14.21
CA VAL F 115 -6.41 49.04 -13.55
C VAL F 115 -6.62 50.39 -14.28
N LYS F 116 -6.65 50.38 -15.62
CA LYS F 116 -6.94 51.54 -16.48
C LYS F 116 -8.34 52.12 -16.19
N ASN F 117 -9.37 51.26 -16.23
CA ASN F 117 -10.78 51.63 -16.07
C ASN F 117 -11.11 52.11 -14.66
N LEU F 118 -10.38 51.57 -13.66
CA LEU F 118 -10.47 52.00 -12.26
C LEU F 118 -9.83 53.38 -12.03
N TYR F 119 -8.64 53.63 -12.62
CA TYR F 119 -7.95 54.92 -12.61
C TYR F 119 -8.77 56.04 -13.29
N GLU F 120 -9.35 55.73 -14.46
CA GLU F 120 -10.18 56.64 -15.24
C GLU F 120 -11.55 56.93 -14.62
N LYS F 121 -12.09 56.00 -13.78
CA LYS F 121 -13.30 56.27 -13.00
C LYS F 121 -13.02 57.28 -11.88
N VAL F 122 -11.87 57.15 -11.19
CA VAL F 122 -11.42 58.10 -10.16
C VAL F 122 -11.07 59.48 -10.74
N LYS F 123 -10.54 59.53 -11.98
CA LYS F 123 -10.32 60.78 -12.72
C LYS F 123 -11.64 61.52 -13.05
N SER F 124 -12.66 60.77 -13.50
CA SER F 124 -14.00 61.30 -13.79
C SER F 124 -14.79 61.75 -12.54
N GLN F 125 -14.45 61.18 -11.37
CA GLN F 125 -15.01 61.56 -10.06
C GLN F 125 -14.34 62.83 -9.53
N LEU F 126 -13.02 62.75 -9.26
CA LEU F 126 -12.24 63.82 -8.62
C LEU F 126 -12.10 65.08 -9.47
N LYS F 127 -11.85 64.91 -10.78
CA LYS F 127 -11.75 65.93 -11.83
C LYS F 127 -10.94 67.18 -11.43
N ASN F 128 -11.61 68.33 -11.23
CA ASN F 128 -11.00 69.61 -10.87
C ASN F 128 -10.47 69.69 -9.43
N ASN F 129 -10.89 68.77 -8.54
CA ASN F 129 -10.51 68.74 -7.12
C ASN F 129 -9.15 68.08 -6.85
N ALA F 130 -8.50 67.48 -7.87
CA ALA F 130 -7.19 66.85 -7.72
C ALA F 130 -6.41 66.76 -9.03
N LYS F 131 -5.08 66.83 -8.90
CA LYS F 131 -4.11 66.75 -10.00
C LYS F 131 -3.33 65.43 -9.96
N GLU F 132 -2.86 65.01 -11.15
CA GLU F 132 -2.00 63.85 -11.35
C GLU F 132 -0.56 64.19 -10.91
N ILE F 133 -0.11 63.56 -9.80
CA ILE F 133 1.23 63.76 -9.24
C ILE F 133 2.18 62.59 -9.55
N GLY F 134 1.88 61.40 -9.00
CA GLY F 134 2.74 60.22 -9.05
C GLY F 134 2.38 59.27 -10.19
N ASN F 135 1.42 59.63 -11.07
CA ASN F 135 0.82 58.80 -12.12
C ASN F 135 0.14 57.57 -11.49
N GLY F 136 -1.06 57.81 -10.95
CA GLY F 136 -1.78 56.88 -10.10
C GLY F 136 -2.33 57.65 -8.89
N CYS F 137 -1.60 58.67 -8.40
CA CYS F 137 -1.95 59.44 -7.20
C CYS F 137 -2.56 60.80 -7.53
N PHE F 138 -3.49 61.23 -6.65
CA PHE F 138 -4.36 62.38 -6.77
C PHE F 138 -4.34 63.20 -5.47
N GLU F 139 -3.63 64.35 -5.44
CA GLU F 139 -3.66 65.28 -4.31
C GLU F 139 -4.99 66.07 -4.28
N PHE F 140 -5.81 65.83 -3.23
CA PHE F 140 -7.02 66.61 -2.96
C PHE F 140 -6.72 68.08 -2.63
N TYR F 141 -7.57 68.98 -3.12
CA TYR F 141 -7.48 70.43 -2.86
C TYR F 141 -8.34 70.85 -1.65
N HIS F 142 -9.40 70.10 -1.32
CA HIS F 142 -10.32 70.40 -0.22
C HIS F 142 -10.08 69.57 1.06
N LYS F 143 -9.23 68.51 0.97
CA LYS F 143 -8.74 67.67 2.07
C LYS F 143 -9.86 66.98 2.88
N CYS F 144 -10.73 66.22 2.18
CA CYS F 144 -11.91 65.59 2.79
C CYS F 144 -11.59 64.32 3.63
N ASP F 145 -12.56 63.94 4.48
CA ASP F 145 -12.50 62.87 5.50
C ASP F 145 -12.37 61.44 4.93
N ASN F 146 -12.21 60.45 5.83
CA ASN F 146 -12.30 59.00 5.54
C ASN F 146 -13.66 58.56 4.95
N GLU F 147 -14.75 59.26 5.32
CA GLU F 147 -16.10 59.01 4.78
C GLU F 147 -16.19 59.43 3.30
N CYS F 148 -15.63 60.61 2.97
CA CYS F 148 -15.51 61.12 1.60
C CYS F 148 -14.47 60.35 0.76
N MET F 149 -13.42 59.82 1.40
CA MET F 149 -12.45 58.90 0.80
C MET F 149 -13.09 57.57 0.40
N GLU F 150 -14.00 57.05 1.24
CA GLU F 150 -14.86 55.90 0.96
C GLU F 150 -15.90 56.19 -0.12
N SER F 151 -16.38 57.44 -0.21
CA SER F 151 -17.27 57.91 -1.29
C SER F 151 -16.60 57.92 -2.69
N VAL F 152 -15.26 57.86 -2.75
CA VAL F 152 -14.49 57.67 -3.98
C VAL F 152 -14.29 56.17 -4.30
N ARG F 153 -14.32 55.28 -3.28
CA ARG F 153 -14.30 53.82 -3.44
C ARG F 153 -15.59 53.28 -4.08
N ASN F 154 -16.75 53.59 -3.47
CA ASN F 154 -18.07 53.30 -4.05
C ASN F 154 -18.39 54.19 -5.26
N GLY F 155 -17.83 55.42 -5.29
CA GLY F 155 -17.76 56.27 -6.47
C GLY F 155 -18.92 57.24 -6.61
N THR F 156 -19.63 57.58 -5.52
CA THR F 156 -20.62 58.66 -5.47
C THR F 156 -19.92 60.05 -5.61
N TYR F 157 -19.29 60.55 -4.52
CA TYR F 157 -18.44 61.75 -4.45
C TYR F 157 -19.14 63.01 -5.02
N ASP F 158 -20.03 63.60 -4.20
CA ASP F 158 -20.95 64.68 -4.57
C ASP F 158 -20.30 66.09 -4.39
N TYR F 159 -19.28 66.40 -5.20
CA TYR F 159 -18.67 67.74 -5.25
C TYR F 159 -17.99 67.94 -6.62
N PRO F 160 -18.39 68.98 -7.40
CA PRO F 160 -17.73 69.40 -8.66
C PRO F 160 -16.18 69.63 -8.58
N ASP G 5 -11.38 44.26 69.26
CA ASP G 5 -11.92 43.33 68.21
C ASP G 5 -10.70 42.70 67.50
N THR G 6 -10.86 41.41 67.17
CA THR G 6 -9.86 40.58 66.50
C THR G 6 -10.56 39.42 65.76
N ILE G 7 -10.01 39.07 64.59
CA ILE G 7 -10.27 37.82 63.87
C ILE G 7 -8.95 37.06 63.78
N CYS G 8 -8.99 35.72 63.87
CA CYS G 8 -7.80 34.87 63.73
C CYS G 8 -8.01 33.84 62.62
N ILE G 9 -6.91 33.30 62.08
CA ILE G 9 -6.88 32.15 61.17
C ILE G 9 -6.20 30.99 61.93
N GLY G 10 -6.81 29.82 61.82
CA GLY G 10 -6.31 28.58 62.39
C GLY G 10 -6.92 27.42 61.61
N TYR G 11 -6.56 26.20 62.05
CA TYR G 11 -6.95 24.95 61.43
C TYR G 11 -7.54 23.98 62.47
N HIS G 12 -8.16 22.89 61.98
CA HIS G 12 -8.82 21.87 62.79
C HIS G 12 -7.85 21.03 63.61
N ALA G 13 -8.31 20.71 64.82
CA ALA G 13 -7.80 19.63 65.65
C ALA G 13 -8.97 18.96 66.38
N ASN G 14 -8.68 17.83 67.01
CA ASN G 14 -9.65 16.98 67.70
C ASN G 14 -8.90 16.12 68.74
N ASN G 15 -9.42 14.91 69.01
CA ASN G 15 -8.81 13.94 69.93
C ASN G 15 -8.37 12.65 69.18
N SER G 16 -8.40 12.67 67.82
CA SER G 16 -8.07 11.53 66.97
C SER G 16 -6.58 11.16 67.05
N THR G 17 -6.32 9.98 67.61
CA THR G 17 -4.96 9.45 67.83
C THR G 17 -4.43 8.63 66.63
N ASP G 18 -5.08 8.74 65.45
CA ASP G 18 -4.66 8.10 64.19
C ASP G 18 -3.24 8.48 63.79
N THR G 19 -2.31 7.52 63.87
CA THR G 19 -0.93 7.69 63.44
C THR G 19 -0.79 7.21 61.98
N VAL G 20 -0.06 7.98 61.17
CA VAL G 20 0.28 7.66 59.79
C VAL G 20 1.79 7.87 59.59
N ASP G 21 2.39 6.98 58.78
CA ASP G 21 3.83 7.01 58.49
C ASP G 21 4.08 7.81 57.21
N THR G 22 5.22 8.53 57.19
CA THR G 22 5.70 9.32 56.05
C THR G 22 7.21 9.09 55.85
N VAL G 23 7.73 9.63 54.73
CA VAL G 23 9.16 9.61 54.39
C VAL G 23 10.04 10.47 55.33
N LEU G 24 9.44 11.49 55.98
CA LEU G 24 10.11 12.46 56.82
C LEU G 24 9.98 12.12 58.31
N GLU G 25 8.81 11.60 58.71
CA GLU G 25 8.47 11.27 60.09
C GLU G 25 7.51 10.07 60.11
N LYS G 26 7.80 9.09 60.97
CA LYS G 26 6.96 7.92 61.21
C LYS G 26 6.03 8.20 62.41
N ASN G 27 4.78 7.73 62.28
CA ASN G 27 3.69 7.84 63.28
C ASN G 27 3.27 9.29 63.59
N VAL G 28 3.07 10.10 62.53
CA VAL G 28 2.48 11.43 62.57
C VAL G 28 1.00 11.35 62.96
N THR G 29 0.61 11.97 64.08
CA THR G 29 -0.78 12.00 64.55
C THR G 29 -1.62 12.97 63.68
N VAL G 30 -2.72 12.45 63.10
CA VAL G 30 -3.60 13.17 62.17
C VAL G 30 -5.08 13.09 62.61
N THR G 31 -5.84 14.12 62.20
CA THR G 31 -7.23 14.34 62.60
C THR G 31 -8.23 13.34 61.96
N HIS G 32 -7.94 12.89 60.73
CA HIS G 32 -8.71 11.88 60.01
C HIS G 32 -7.77 11.07 59.12
N SER G 33 -8.12 9.80 58.90
CA SER G 33 -7.38 8.85 58.07
C SER G 33 -8.29 7.69 57.64
N VAL G 34 -7.86 6.97 56.59
CA VAL G 34 -8.53 5.80 56.03
C VAL G 34 -7.49 4.69 55.84
N ASN G 35 -7.79 3.49 56.38
CA ASN G 35 -7.03 2.27 56.13
C ASN G 35 -7.45 1.65 54.79
N LEU G 36 -6.46 1.16 54.04
CA LEU G 36 -6.62 0.53 52.73
C LEU G 36 -6.30 -0.98 52.76
N LEU G 37 -5.85 -1.49 53.91
CA LEU G 37 -5.42 -2.87 54.11
C LEU G 37 -6.46 -3.63 54.92
N GLU G 38 -7.05 -4.67 54.31
CA GLU G 38 -8.07 -5.53 54.90
C GLU G 38 -7.44 -6.71 55.64
N ASP G 39 -7.58 -6.69 56.98
CA ASP G 39 -7.11 -7.72 57.90
C ASP G 39 -8.24 -8.66 58.36
N SER G 40 -9.50 -8.25 58.16
CA SER G 40 -10.68 -8.95 58.70
C SER G 40 -11.26 -9.95 57.70
N HIS G 41 -11.78 -11.06 58.27
CA HIS G 41 -12.53 -12.11 57.59
C HIS G 41 -13.25 -12.92 58.66
N ASN G 42 -14.42 -13.48 58.31
CA ASN G 42 -15.04 -14.56 59.07
C ASN G 42 -14.31 -15.87 58.71
N GLY G 43 -13.88 -16.63 59.73
CA GLY G 43 -13.00 -17.81 59.62
C GLY G 43 -13.74 -19.06 59.11
N LYS G 44 -14.48 -18.92 58.01
CA LYS G 44 -15.44 -19.89 57.49
C LYS G 44 -15.24 -20.03 55.97
N LEU G 45 -15.50 -21.24 55.45
CA LEU G 45 -15.79 -21.44 54.03
C LEU G 45 -17.24 -21.01 53.77
N CYS G 46 -17.41 -20.11 52.79
CA CYS G 46 -18.69 -19.54 52.40
C CYS G 46 -18.94 -19.80 50.92
N ARG G 47 -20.23 -19.73 50.56
CA ARG G 47 -20.76 -19.90 49.22
C ARG G 47 -20.32 -18.73 48.33
N LEU G 48 -19.54 -19.00 47.28
CA LEU G 48 -19.07 -17.98 46.33
C LEU G 48 -20.21 -17.61 45.36
N LYS G 49 -20.82 -16.44 45.60
CA LYS G 49 -21.98 -15.88 44.90
C LYS G 49 -23.20 -16.84 44.91
N GLY G 50 -23.57 -17.27 46.12
CA GLY G 50 -24.76 -18.08 46.41
C GLY G 50 -24.53 -19.58 46.24
N ILE G 51 -23.56 -20.01 45.41
CA ILE G 51 -23.29 -21.40 45.09
C ILE G 51 -22.25 -21.98 46.04
N ALA G 52 -22.56 -23.15 46.63
CA ALA G 52 -21.70 -23.87 47.57
C ALA G 52 -20.56 -24.62 46.86
N PRO G 53 -19.34 -24.63 47.46
CA PRO G 53 -18.19 -25.37 46.92
C PRO G 53 -18.31 -26.90 47.07
N LEU G 54 -17.55 -27.61 46.24
CA LEU G 54 -17.28 -29.04 46.39
C LEU G 54 -16.20 -29.23 47.45
N GLN G 55 -16.55 -29.94 48.54
CA GLN G 55 -15.61 -30.32 49.59
C GLN G 55 -15.18 -31.76 49.39
N LEU G 56 -13.88 -31.94 49.09
CA LEU G 56 -13.22 -33.24 48.99
C LEU G 56 -13.01 -33.86 50.40
N GLY G 57 -12.86 -33.01 51.43
CA GLY G 57 -12.86 -33.39 52.85
C GLY G 57 -11.67 -34.30 53.17
N LYS G 58 -11.98 -35.54 53.59
CA LYS G 58 -11.01 -36.60 53.86
C LYS G 58 -10.29 -37.16 52.61
N CYS G 59 -10.82 -36.83 51.41
CA CYS G 59 -10.29 -37.24 50.11
C CYS G 59 -9.56 -36.06 49.43
N ASN G 60 -8.71 -36.41 48.45
CA ASN G 60 -8.14 -35.50 47.46
C ASN G 60 -8.77 -35.80 46.08
N ILE G 61 -8.32 -35.04 45.06
CA ILE G 61 -8.81 -35.09 43.68
C ILE G 61 -8.77 -36.49 43.03
N ALA G 62 -7.71 -37.27 43.27
CA ALA G 62 -7.54 -38.63 42.73
C ALA G 62 -8.60 -39.62 43.21
N GLY G 63 -8.82 -39.69 44.53
CA GLY G 63 -9.76 -40.64 45.14
C GLY G 63 -11.22 -40.22 44.88
N TRP G 64 -11.48 -38.92 44.74
CA TRP G 64 -12.78 -38.38 44.37
C TRP G 64 -13.18 -38.80 42.94
N LEU G 65 -12.26 -38.56 41.97
CA LEU G 65 -12.47 -38.82 40.54
C LEU G 65 -12.53 -40.31 40.19
N LEU G 66 -11.65 -41.13 40.76
CA LEU G 66 -11.60 -42.59 40.54
C LEU G 66 -12.77 -43.33 41.21
N GLY G 67 -13.46 -42.67 42.16
CA GLY G 67 -14.60 -43.23 42.88
C GLY G 67 -14.13 -44.22 43.94
N ASN G 68 -13.06 -43.86 44.68
CA ASN G 68 -12.52 -44.59 45.85
C ASN G 68 -13.68 -44.88 46.83
N PRO G 69 -13.88 -46.16 47.23
CA PRO G 69 -14.93 -46.56 48.18
C PRO G 69 -15.13 -45.75 49.47
N GLU G 70 -14.08 -45.07 49.97
CA GLU G 70 -14.19 -44.12 51.09
C GLU G 70 -14.90 -42.80 50.72
N CYS G 71 -14.77 -42.38 49.45
CA CYS G 71 -15.28 -41.13 48.88
C CYS G 71 -16.67 -41.28 48.24
N ASP G 72 -17.42 -42.36 48.56
CA ASP G 72 -18.80 -42.60 48.10
C ASP G 72 -19.87 -41.55 48.48
N PRO G 73 -19.77 -40.89 49.67
CA PRO G 73 -20.63 -39.72 49.98
C PRO G 73 -20.41 -38.47 49.11
N LEU G 74 -19.31 -38.45 48.35
CA LEU G 74 -18.88 -37.34 47.51
C LEU G 74 -19.14 -37.59 46.01
N LEU G 75 -19.45 -38.85 45.63
CA LEU G 75 -19.85 -39.25 44.28
C LEU G 75 -21.13 -38.61 43.70
N PRO G 76 -22.16 -38.24 44.49
CA PRO G 76 -23.34 -37.54 43.93
C PRO G 76 -23.20 -36.00 43.84
N VAL G 77 -22.07 -35.41 44.24
CA VAL G 77 -21.86 -33.95 44.19
C VAL G 77 -21.46 -33.52 42.77
N ARG G 78 -22.45 -32.96 42.03
CA ARG G 78 -22.33 -32.68 40.60
C ARG G 78 -21.77 -31.29 40.28
N SER G 79 -22.01 -30.28 41.13
CA SER G 79 -21.73 -28.87 40.83
C SER G 79 -21.15 -28.09 42.01
N TRP G 80 -20.42 -27.01 41.69
CA TRP G 80 -19.67 -26.17 42.61
C TRP G 80 -19.26 -24.83 41.97
N SER G 81 -18.82 -23.91 42.82
CA SER G 81 -18.21 -22.62 42.46
C SER G 81 -16.68 -22.62 42.62
N TYR G 82 -16.14 -23.49 43.48
CA TYR G 82 -14.72 -23.73 43.70
C TYR G 82 -14.57 -25.07 44.44
N ILE G 83 -13.36 -25.64 44.44
CA ILE G 83 -13.06 -26.92 45.06
C ILE G 83 -12.22 -26.69 46.34
N VAL G 84 -12.55 -27.45 47.38
CA VAL G 84 -11.93 -27.40 48.70
C VAL G 84 -11.35 -28.79 49.04
N GLU G 85 -10.02 -28.81 49.21
CA GLU G 85 -9.30 -29.82 49.99
C GLU G 85 -9.10 -29.30 51.43
N THR G 86 -8.64 -30.20 52.29
CA THR G 86 -8.21 -29.89 53.66
C THR G 86 -6.77 -30.41 53.84
N PRO G 87 -6.07 -30.02 54.94
CA PRO G 87 -4.82 -30.68 55.35
C PRO G 87 -4.91 -32.19 55.66
N ASN G 88 -6.14 -32.71 55.77
CA ASN G 88 -6.46 -34.12 56.03
C ASN G 88 -7.05 -34.79 54.77
N SER G 89 -6.60 -34.38 53.56
CA SER G 89 -7.05 -34.94 52.28
C SER G 89 -6.17 -36.14 51.86
N GLU G 90 -6.21 -37.23 52.65
CA GLU G 90 -5.39 -38.43 52.42
C GLU G 90 -5.86 -39.32 51.25
N ASN G 91 -7.18 -39.56 51.13
CA ASN G 91 -7.75 -40.60 50.25
C ASN G 91 -7.63 -40.20 48.76
N GLY G 92 -6.55 -40.71 48.15
CA GLY G 92 -6.23 -40.57 46.73
C GLY G 92 -6.43 -41.94 46.11
N ILE G 93 -5.37 -42.46 45.47
CA ILE G 93 -5.32 -43.84 44.97
C ILE G 93 -5.37 -44.84 46.14
N CYS G 94 -6.31 -45.80 46.07
CA CYS G 94 -6.45 -46.89 47.05
C CYS G 94 -5.77 -48.18 46.58
N TYR G 95 -4.76 -48.07 45.70
CA TYR G 95 -3.89 -49.16 45.28
C TYR G 95 -2.63 -48.47 44.71
N PRO G 96 -1.41 -48.95 45.10
CA PRO G 96 -0.13 -48.29 44.73
C PRO G 96 0.16 -48.25 43.23
N GLY G 97 1.05 -47.32 42.86
CA GLY G 97 1.39 -47.02 41.48
C GLY G 97 1.28 -45.50 41.32
N ASP G 98 1.25 -45.07 40.05
CA ASP G 98 1.26 -43.67 39.66
C ASP G 98 -0.13 -43.28 39.15
N PHE G 99 -0.58 -42.06 39.48
CA PHE G 99 -1.64 -41.39 38.73
C PHE G 99 -0.89 -40.54 37.70
N ILE G 100 -0.90 -41.00 36.44
CA ILE G 100 -0.16 -40.42 35.32
C ILE G 100 -0.82 -39.11 34.89
N ASP G 101 -0.03 -38.03 34.98
CA ASP G 101 -0.39 -36.66 34.61
C ASP G 101 -1.49 -36.10 35.55
N TYR G 102 -1.34 -36.38 36.85
CA TYR G 102 -2.25 -35.94 37.92
C TYR G 102 -2.31 -34.42 38.07
N GLU G 103 -1.16 -33.75 37.85
CA GLU G 103 -0.99 -32.32 38.01
C GLU G 103 -1.77 -31.50 36.97
N GLU G 104 -1.74 -31.96 35.71
CA GLU G 104 -2.56 -31.40 34.63
C GLU G 104 -4.05 -31.68 34.82
N LEU G 105 -4.42 -32.84 35.41
CA LEU G 105 -5.82 -33.19 35.68
C LEU G 105 -6.44 -32.36 36.80
N ARG G 106 -5.67 -32.05 37.85
CA ARG G 106 -6.03 -31.08 38.88
C ARG G 106 -6.25 -29.67 38.30
N GLU G 107 -5.45 -29.30 37.28
CA GLU G 107 -5.60 -28.06 36.52
C GLU G 107 -6.74 -28.12 35.46
N GLN G 108 -7.25 -29.32 35.11
CA GLN G 108 -8.48 -29.46 34.31
C GLN G 108 -9.70 -29.06 35.14
N LEU G 109 -9.84 -29.64 36.35
CA LEU G 109 -10.97 -29.37 37.25
C LEU G 109 -10.92 -28.01 37.95
N SER G 110 -9.78 -27.29 37.90
CA SER G 110 -9.68 -25.88 38.32
C SER G 110 -10.47 -24.92 37.41
N SER G 111 -10.67 -25.30 36.13
CA SER G 111 -11.45 -24.55 35.15
C SER G 111 -12.77 -25.28 34.79
N VAL G 112 -13.35 -26.01 35.77
CA VAL G 112 -14.64 -26.69 35.66
C VAL G 112 -15.52 -26.29 36.85
N SER G 113 -16.82 -26.10 36.57
CA SER G 113 -17.86 -25.82 37.55
C SER G 113 -18.68 -27.08 37.91
N SER G 114 -18.88 -28.01 36.95
CA SER G 114 -19.76 -29.15 37.14
C SER G 114 -19.52 -30.26 36.10
N PHE G 115 -20.09 -31.44 36.38
CA PHE G 115 -20.26 -32.56 35.47
C PHE G 115 -21.30 -33.56 35.97
N GLU G 116 -21.62 -34.55 35.13
CA GLU G 116 -22.54 -35.65 35.42
C GLU G 116 -21.77 -36.97 35.50
N ARG G 117 -22.17 -37.81 36.45
CA ARG G 117 -21.62 -39.16 36.64
C ARG G 117 -22.54 -40.17 35.92
N PHE G 118 -22.20 -40.44 34.65
CA PHE G 118 -22.92 -41.37 33.77
C PHE G 118 -22.04 -42.60 33.52
N GLU G 119 -22.68 -43.77 33.35
CA GLU G 119 -21.99 -45.05 33.15
C GLU G 119 -21.63 -45.24 31.66
N ILE G 120 -20.37 -44.91 31.32
CA ILE G 120 -19.79 -44.99 29.97
C ILE G 120 -19.72 -46.42 29.37
N PHE G 121 -19.46 -47.43 30.22
CA PHE G 121 -19.43 -48.83 29.88
C PHE G 121 -20.19 -49.60 30.97
N PRO G 122 -21.49 -49.92 30.74
CA PRO G 122 -22.31 -50.75 31.66
C PRO G 122 -21.67 -52.09 32.05
N LYS G 123 -21.49 -52.29 33.37
CA LYS G 123 -20.76 -53.40 34.00
C LYS G 123 -21.12 -54.80 33.48
N GLU G 124 -22.42 -55.07 33.27
CA GLU G 124 -22.95 -56.35 32.84
C GLU G 124 -22.80 -56.60 31.32
N SER G 125 -23.20 -55.63 30.48
CA SER G 125 -23.35 -55.81 29.04
C SER G 125 -22.06 -55.59 28.23
N SER G 126 -21.14 -54.74 28.73
CA SER G 126 -19.88 -54.41 28.05
C SER G 126 -18.85 -55.55 28.10
N TRP G 127 -18.99 -56.51 29.03
CA TRP G 127 -17.99 -57.55 29.29
C TRP G 127 -18.64 -58.93 29.48
N PRO G 128 -19.25 -59.51 28.41
CA PRO G 128 -19.85 -60.87 28.49
C PRO G 128 -18.83 -62.02 28.64
N ASN G 129 -17.55 -61.74 28.39
CA ASN G 129 -16.45 -62.72 28.30
C ASN G 129 -15.39 -62.51 29.39
N HIS G 130 -15.61 -61.58 30.33
CA HIS G 130 -14.65 -61.18 31.38
C HIS G 130 -15.41 -60.95 32.68
N ASN G 131 -14.86 -61.47 33.79
CA ASN G 131 -15.38 -61.24 35.15
C ASN G 131 -14.96 -59.85 35.62
N THR G 132 -15.98 -59.03 35.89
CA THR G 132 -15.86 -57.60 36.20
C THR G 132 -15.85 -57.30 37.71
N ASN G 133 -16.13 -58.31 38.55
CA ASN G 133 -16.20 -58.21 40.01
C ASN G 133 -14.84 -58.45 40.69
N GLY G 134 -13.74 -57.99 40.05
CA GLY G 134 -12.42 -57.95 40.65
C GLY G 134 -12.41 -56.82 41.71
N VAL G 135 -11.93 -57.17 42.91
CA VAL G 135 -12.09 -56.42 44.14
C VAL G 135 -10.84 -56.63 45.01
N THR G 136 -10.40 -55.59 45.75
CA THR G 136 -9.12 -55.62 46.48
C THR G 136 -9.27 -55.06 47.91
N ALA G 137 -8.49 -55.65 48.83
CA ALA G 137 -8.36 -55.25 50.24
C ALA G 137 -7.71 -53.86 50.45
N ALA G 138 -7.00 -53.35 49.43
CA ALA G 138 -6.42 -52.00 49.42
C ALA G 138 -7.51 -50.91 49.29
N CYS G 139 -8.54 -51.18 48.46
CA CYS G 139 -9.73 -50.34 48.29
C CYS G 139 -10.90 -50.83 49.17
N SER G 140 -10.61 -51.42 50.33
CA SER G 140 -11.60 -51.85 51.33
C SER G 140 -12.48 -50.69 51.86
N HIS G 141 -13.74 -51.03 52.20
CA HIS G 141 -14.76 -50.13 52.71
C HIS G 141 -15.85 -50.98 53.39
N GLU G 142 -16.37 -50.46 54.51
CA GLU G 142 -17.15 -51.20 55.52
C GLU G 142 -16.36 -52.34 56.21
N GLY G 143 -15.01 -52.28 56.13
CA GLY G 143 -14.08 -53.27 56.67
C GLY G 143 -13.83 -54.44 55.70
N LYS G 144 -14.75 -54.72 54.77
CA LYS G 144 -14.63 -55.75 53.73
C LYS G 144 -13.91 -55.20 52.50
N SER G 145 -13.32 -56.10 51.69
CA SER G 145 -12.69 -55.78 50.41
C SER G 145 -13.71 -55.20 49.41
N SER G 146 -13.34 -54.11 48.73
CA SER G 146 -14.22 -53.37 47.84
C SER G 146 -13.40 -52.82 46.65
N PHE G 147 -14.07 -52.15 45.69
CA PHE G 147 -13.40 -51.58 44.51
C PHE G 147 -14.08 -50.28 44.08
N TYR G 148 -13.31 -49.50 43.32
CA TYR G 148 -13.68 -48.25 42.64
C TYR G 148 -15.07 -48.29 41.99
N ARG G 149 -15.89 -47.29 42.31
CA ARG G 149 -17.25 -47.15 41.79
C ARG G 149 -17.32 -46.65 40.34
N ASN G 150 -16.16 -46.24 39.78
CA ASN G 150 -16.03 -45.72 38.42
C ASN G 150 -15.11 -46.58 37.54
N LEU G 151 -14.63 -47.74 38.06
CA LEU G 151 -13.76 -48.68 37.34
C LEU G 151 -14.19 -50.14 37.60
N LEU G 152 -13.79 -51.05 36.69
CA LEU G 152 -13.93 -52.50 36.81
C LEU G 152 -12.55 -53.14 36.67
N TRP G 153 -12.19 -54.03 37.62
CA TRP G 153 -11.03 -54.91 37.46
C TRP G 153 -11.48 -56.15 36.68
N LEU G 154 -11.16 -56.16 35.38
CA LEU G 154 -11.44 -57.27 34.49
C LEU G 154 -10.43 -58.41 34.72
N THR G 155 -10.96 -59.63 34.89
CA THR G 155 -10.18 -60.85 35.03
C THR G 155 -10.79 -61.96 34.14
N GLU G 156 -10.15 -63.14 34.14
CA GLU G 156 -10.60 -64.36 33.47
C GLU G 156 -12.03 -64.77 33.84
N LYS G 157 -12.79 -65.23 32.84
CA LYS G 157 -14.12 -65.80 32.96
C LYS G 157 -14.08 -67.20 32.30
N GLU G 158 -14.48 -68.22 33.09
CA GLU G 158 -14.27 -69.64 32.80
C GLU G 158 -12.78 -70.04 32.70
N GLY G 159 -11.87 -69.28 33.33
CA GLY G 159 -10.42 -69.48 33.28
C GLY G 159 -9.81 -68.99 31.96
N SER G 160 -10.47 -68.04 31.26
CA SER G 160 -10.04 -67.50 29.98
C SER G 160 -10.33 -65.99 29.92
N TYR G 161 -9.41 -65.23 29.30
CA TYR G 161 -9.56 -63.81 29.01
C TYR G 161 -9.38 -63.64 27.48
N PRO G 162 -10.49 -63.73 26.70
CA PRO G 162 -10.46 -63.38 25.26
C PRO G 162 -10.13 -61.91 25.02
N LYS G 163 -9.54 -61.61 23.86
CA LYS G 163 -9.22 -60.24 23.44
C LYS G 163 -10.50 -59.40 23.25
N LEU G 164 -10.73 -58.49 24.22
CA LEU G 164 -11.82 -57.52 24.20
C LEU G 164 -11.57 -56.41 23.17
N LYS G 165 -12.69 -55.85 22.67
CA LYS G 165 -12.71 -54.69 21.80
C LYS G 165 -14.08 -54.03 21.94
N ASN G 166 -14.15 -53.03 22.83
CA ASN G 166 -15.38 -52.30 23.19
C ASN G 166 -15.14 -50.81 22.97
N SER G 167 -16.20 -50.13 22.49
CA SER G 167 -16.15 -48.75 22.04
C SER G 167 -17.31 -47.94 22.65
N TYR G 168 -17.03 -46.64 22.88
CA TYR G 168 -18.01 -45.62 23.27
C TYR G 168 -17.81 -44.40 22.37
N VAL G 169 -18.91 -43.70 22.06
CA VAL G 169 -18.91 -42.43 21.32
C VAL G 169 -19.47 -41.34 22.24
N ASN G 170 -18.78 -40.18 22.31
CA ASN G 170 -19.21 -39.00 23.05
C ASN G 170 -20.41 -38.33 22.36
N LYS G 171 -21.61 -38.78 22.74
CA LYS G 171 -22.89 -38.26 22.29
C LYS G 171 -23.50 -37.29 23.32
N LYS G 172 -22.71 -36.91 24.36
CA LYS G 172 -23.03 -35.88 25.34
C LYS G 172 -22.82 -34.45 24.78
N GLY G 173 -22.09 -34.33 23.67
CA GLY G 173 -21.83 -33.06 22.97
C GLY G 173 -20.77 -32.19 23.67
N LYS G 174 -20.07 -32.72 24.68
CA LYS G 174 -19.08 -31.99 25.48
C LYS G 174 -18.09 -32.97 26.12
N GLU G 175 -16.85 -32.48 26.34
CA GLU G 175 -15.65 -33.15 26.85
C GLU G 175 -15.88 -34.23 27.92
N VAL G 176 -15.85 -35.51 27.51
CA VAL G 176 -15.97 -36.65 28.41
C VAL G 176 -14.57 -37.08 28.89
N LEU G 177 -14.31 -36.87 30.19
CA LEU G 177 -13.12 -37.35 30.89
C LEU G 177 -13.30 -38.84 31.22
N VAL G 178 -12.47 -39.69 30.58
CA VAL G 178 -12.45 -41.13 30.81
C VAL G 178 -11.23 -41.48 31.67
N LEU G 179 -11.44 -42.30 32.70
CA LEU G 179 -10.42 -42.80 33.61
C LEU G 179 -10.36 -44.33 33.48
N TRP G 180 -9.13 -44.88 33.39
CA TRP G 180 -8.88 -46.32 33.39
C TRP G 180 -7.51 -46.58 34.04
N GLY G 181 -7.36 -47.77 34.61
CA GLY G 181 -6.09 -48.23 35.15
C GLY G 181 -5.52 -49.34 34.27
N ILE G 182 -4.21 -49.59 34.48
CA ILE G 182 -3.48 -50.72 33.92
C ILE G 182 -2.74 -51.37 35.09
N HIS G 183 -3.03 -52.67 35.33
CA HIS G 183 -2.37 -53.45 36.37
C HIS G 183 -1.02 -54.00 35.90
N HIS G 184 -0.08 -54.14 36.86
CA HIS G 184 1.25 -54.69 36.66
C HIS G 184 1.53 -55.66 37.83
N PRO G 185 1.35 -56.99 37.62
CA PRO G 185 1.62 -58.02 38.65
C PRO G 185 3.07 -58.02 39.21
N PRO G 186 3.26 -58.54 40.45
CA PRO G 186 4.60 -58.75 41.01
C PRO G 186 5.28 -60.04 40.50
N ASN G 187 4.53 -60.92 39.84
CA ASN G 187 4.98 -62.23 39.37
C ASN G 187 4.16 -62.69 38.15
N SER G 188 4.80 -63.53 37.32
CA SER G 188 4.23 -64.13 36.10
C SER G 188 3.12 -65.17 36.37
N LYS G 189 3.05 -65.74 37.58
CA LYS G 189 1.97 -66.63 38.01
C LYS G 189 0.62 -65.92 38.06
N GLU G 190 0.61 -64.69 38.63
CA GLU G 190 -0.58 -63.85 38.75
C GLU G 190 -1.00 -63.22 37.42
N GLN G 191 -0.01 -62.96 36.53
CA GLN G 191 -0.23 -62.52 35.15
C GLN G 191 -1.05 -63.54 34.33
N GLN G 192 -0.74 -64.83 34.52
CA GLN G 192 -1.46 -65.97 33.94
C GLN G 192 -2.85 -66.15 34.57
N ASN G 193 -2.89 -66.21 35.91
CA ASN G 193 -4.07 -66.53 36.72
C ASN G 193 -5.22 -65.49 36.62
N LEU G 194 -4.89 -64.22 36.31
CA LEU G 194 -5.88 -63.15 36.20
C LEU G 194 -6.17 -62.75 34.75
N TYR G 195 -5.25 -62.97 33.79
CA TYR G 195 -5.34 -62.33 32.46
C TYR G 195 -5.05 -63.26 31.28
N GLN G 196 -4.73 -64.54 31.51
CA GLN G 196 -4.46 -65.62 30.54
C GLN G 196 -3.16 -65.46 29.70
N ASN G 197 -2.73 -64.21 29.45
CA ASN G 197 -1.73 -63.83 28.47
C ASN G 197 -0.54 -63.23 29.20
N GLU G 198 0.67 -63.78 28.97
CA GLU G 198 1.94 -63.16 29.35
C GLU G 198 2.33 -62.03 28.38
N ASN G 199 1.90 -62.18 27.12
CA ASN G 199 1.95 -61.16 26.05
C ASN G 199 0.75 -60.21 26.10
N ALA G 200 0.22 -59.94 27.31
CA ALA G 200 -0.88 -59.01 27.58
C ALA G 200 -0.53 -57.57 27.17
N TYR G 201 -1.55 -56.86 26.69
CA TYR G 201 -1.49 -55.45 26.33
C TYR G 201 -2.88 -54.84 26.49
N VAL G 202 -2.88 -53.51 26.52
CA VAL G 202 -4.06 -52.67 26.37
C VAL G 202 -3.70 -51.59 25.34
N SER G 203 -4.71 -51.08 24.64
CA SER G 203 -4.56 -50.06 23.61
C SER G 203 -5.82 -49.19 23.64
N VAL G 204 -5.69 -47.99 24.19
CA VAL G 204 -6.76 -47.00 24.27
C VAL G 204 -6.44 -45.89 23.26
N VAL G 205 -7.37 -45.68 22.33
CA VAL G 205 -7.18 -44.87 21.13
C VAL G 205 -8.45 -44.06 20.83
N THR G 206 -8.25 -42.82 20.35
CA THR G 206 -9.30 -41.88 19.93
C THR G 206 -8.86 -41.24 18.58
N SER G 207 -9.47 -40.09 18.20
CA SER G 207 -9.03 -39.29 17.06
C SER G 207 -7.59 -38.77 17.21
N ASN G 208 -7.33 -38.00 18.28
CA ASN G 208 -6.03 -37.38 18.55
C ASN G 208 -5.17 -38.12 19.60
N TYR G 209 -5.74 -39.16 20.24
CA TYR G 209 -5.05 -39.99 21.24
C TYR G 209 -4.73 -41.36 20.63
N ASN G 210 -3.56 -41.90 20.99
CA ASN G 210 -3.08 -43.20 20.56
C ASN G 210 -1.98 -43.63 21.54
N ARG G 211 -2.25 -44.66 22.35
CA ARG G 211 -1.31 -45.16 23.35
C ARG G 211 -1.55 -46.65 23.61
N ARG G 212 -0.49 -47.45 23.46
CA ARG G 212 -0.44 -48.85 23.86
C ARG G 212 0.26 -48.97 25.22
N PHE G 213 -0.19 -49.95 26.02
CA PHE G 213 0.29 -50.27 27.37
C PHE G 213 0.74 -51.74 27.37
N THR G 214 1.73 -52.06 28.21
CA THR G 214 2.25 -53.41 28.41
C THR G 214 2.61 -53.57 29.90
N PRO G 215 2.11 -54.64 30.58
CA PRO G 215 2.47 -54.96 31.98
C PRO G 215 3.99 -55.14 32.22
N GLU G 216 4.56 -54.25 33.05
CA GLU G 216 5.96 -54.30 33.49
C GLU G 216 6.09 -55.22 34.72
N ILE G 217 5.95 -56.54 34.49
CA ILE G 217 5.94 -57.57 35.53
C ILE G 217 7.33 -57.73 36.18
N ALA G 218 7.39 -57.52 37.50
CA ALA G 218 8.58 -57.58 38.35
C ALA G 218 8.17 -57.38 39.80
N GLU G 219 8.88 -58.04 40.74
CA GLU G 219 8.63 -57.97 42.19
C GLU G 219 9.06 -56.61 42.75
N ARG G 220 8.20 -56.00 43.59
CA ARG G 220 8.36 -54.64 44.12
C ARG G 220 8.01 -54.57 45.62
N PRO G 221 8.52 -53.54 46.34
CA PRO G 221 8.13 -53.25 47.74
C PRO G 221 6.61 -53.06 47.95
N LYS G 222 6.05 -53.81 48.90
CA LYS G 222 4.62 -53.79 49.23
C LYS G 222 4.19 -52.47 49.87
N VAL G 223 3.24 -51.78 49.22
CA VAL G 223 2.63 -50.53 49.67
C VAL G 223 1.11 -50.74 49.69
N ARG G 224 0.47 -50.37 50.82
CA ARG G 224 -0.95 -50.62 51.10
C ARG G 224 -1.27 -52.14 51.13
N ASP G 225 -0.24 -52.96 51.44
CA ASP G 225 -0.18 -54.42 51.39
C ASP G 225 -0.44 -54.95 49.96
N GLN G 226 0.27 -54.40 48.96
CA GLN G 226 0.16 -54.79 47.55
C GLN G 226 1.54 -54.65 46.87
N ALA G 227 2.09 -55.78 46.40
CA ALA G 227 3.33 -55.82 45.61
C ALA G 227 3.11 -55.43 44.13
N GLY G 228 1.89 -55.63 43.64
CA GLY G 228 1.43 -55.20 42.31
C GLY G 228 1.35 -53.67 42.24
N ARG G 229 1.32 -53.13 41.02
CA ARG G 229 1.11 -51.71 40.74
C ARG G 229 -0.12 -51.51 39.84
N MET G 230 -0.60 -50.27 39.82
CA MET G 230 -1.85 -49.85 39.22
C MET G 230 -1.66 -48.41 38.75
N ASN G 231 -1.47 -48.26 37.43
CA ASN G 231 -1.13 -47.00 36.77
C ASN G 231 -2.40 -46.42 36.15
N TYR G 232 -2.89 -45.30 36.72
CA TYR G 232 -4.13 -44.62 36.33
C TYR G 232 -3.84 -43.59 35.24
N TYR G 233 -4.39 -43.82 34.04
CA TYR G 233 -4.27 -42.96 32.86
C TYR G 233 -5.62 -42.30 32.56
N TRP G 234 -5.57 -41.24 31.75
CA TRP G 234 -6.76 -40.48 31.34
C TRP G 234 -6.54 -39.80 29.98
N THR G 235 -7.65 -39.44 29.34
CA THR G 235 -7.70 -38.58 28.16
C THR G 235 -9.08 -37.90 28.09
N LEU G 236 -9.09 -36.68 27.54
CA LEU G 236 -10.31 -35.95 27.19
C LEU G 236 -10.80 -36.46 25.82
N LEU G 237 -12.06 -36.92 25.80
CA LEU G 237 -12.77 -37.35 24.61
C LEU G 237 -13.59 -36.15 24.10
N LYS G 238 -13.34 -35.71 22.86
CA LYS G 238 -13.94 -34.52 22.26
C LYS G 238 -15.41 -34.77 21.86
N PRO G 239 -16.22 -33.69 21.65
CA PRO G 239 -17.60 -33.81 21.12
C PRO G 239 -17.72 -34.61 19.82
N GLY G 240 -18.44 -35.73 19.89
CA GLY G 240 -18.69 -36.64 18.76
C GLY G 240 -17.56 -37.66 18.53
N ASP G 241 -16.42 -37.57 19.24
CA ASP G 241 -15.28 -38.47 19.08
C ASP G 241 -15.54 -39.81 19.81
N THR G 242 -15.08 -40.88 19.16
CA THR G 242 -15.10 -42.25 19.66
C THR G 242 -13.82 -42.56 20.44
N ILE G 243 -13.94 -43.40 21.49
CA ILE G 243 -12.83 -44.03 22.18
C ILE G 243 -13.00 -45.55 22.04
N ILE G 244 -11.90 -46.25 21.72
CA ILE G 244 -11.88 -47.69 21.53
C ILE G 244 -10.85 -48.27 22.52
N PHE G 245 -11.34 -49.19 23.36
CA PHE G 245 -10.58 -49.98 24.31
C PHE G 245 -10.38 -51.38 23.70
N GLU G 246 -9.13 -51.72 23.34
CA GLU G 246 -8.74 -53.02 22.81
C GLU G 246 -7.66 -53.61 23.75
N ALA G 247 -7.85 -54.85 24.23
CA ALA G 247 -6.93 -55.47 25.20
C ALA G 247 -7.10 -56.99 25.23
N ASN G 248 -6.05 -57.69 25.67
CA ASN G 248 -6.08 -59.13 25.98
C ASN G 248 -5.62 -59.42 27.42
N GLY G 249 -5.47 -58.37 28.25
CA GLY G 249 -5.15 -58.53 29.65
C GLY G 249 -4.85 -57.17 30.27
N ASN G 250 -5.05 -57.10 31.60
CA ASN G 250 -4.61 -56.05 32.52
C ASN G 250 -5.33 -54.70 32.39
N LEU G 251 -6.32 -54.60 31.47
CA LEU G 251 -7.21 -53.44 31.40
C LEU G 251 -8.14 -53.43 32.61
N ILE G 252 -8.07 -52.34 33.38
CA ILE G 252 -9.02 -52.03 34.42
C ILE G 252 -9.94 -50.95 33.82
N ALA G 253 -10.95 -51.45 33.08
CA ALA G 253 -11.90 -50.67 32.29
C ALA G 253 -12.72 -49.67 33.12
N PRO G 254 -13.20 -48.57 32.51
CA PRO G 254 -14.19 -47.68 33.16
C PRO G 254 -15.53 -48.38 33.44
N MET G 255 -16.20 -48.00 34.55
CA MET G 255 -17.65 -48.04 34.64
C MET G 255 -18.21 -46.67 34.22
N TYR G 256 -17.78 -45.61 34.92
CA TYR G 256 -18.31 -44.25 34.78
C TYR G 256 -17.24 -43.28 34.23
N ALA G 257 -17.73 -42.26 33.51
CA ALA G 257 -16.98 -41.12 32.98
C ALA G 257 -17.77 -39.82 33.21
N PHE G 258 -17.16 -38.68 32.85
CA PHE G 258 -17.60 -37.36 33.29
C PHE G 258 -17.62 -36.33 32.16
N ALA G 259 -18.83 -35.97 31.69
CA ALA G 259 -19.07 -34.91 30.71
C ALA G 259 -18.98 -33.52 31.37
N LEU G 260 -17.82 -32.86 31.16
CA LEU G 260 -17.40 -31.60 31.77
C LEU G 260 -18.27 -30.39 31.39
N ARG G 261 -18.30 -29.39 32.28
CA ARG G 261 -18.88 -28.07 32.04
C ARG G 261 -17.88 -27.06 32.61
N ARG G 262 -17.17 -26.36 31.69
CA ARG G 262 -16.10 -25.42 32.02
C ARG G 262 -16.62 -24.20 32.80
N GLY G 263 -15.91 -23.88 33.88
CA GLY G 263 -16.23 -22.82 34.83
C GLY G 263 -15.10 -21.80 34.88
N PHE G 264 -15.42 -20.63 35.45
CA PHE G 264 -14.49 -19.53 35.70
C PHE G 264 -14.73 -19.01 37.12
N GLY G 265 -13.63 -18.67 37.82
CA GLY G 265 -13.64 -18.28 39.23
C GLY G 265 -13.44 -19.50 40.16
N SER G 266 -13.47 -20.72 39.61
CA SER G 266 -13.18 -21.99 40.29
C SER G 266 -11.66 -22.19 40.46
N GLY G 267 -11.30 -23.11 41.37
CA GLY G 267 -9.91 -23.48 41.63
C GLY G 267 -9.86 -24.32 42.90
N ILE G 268 -8.80 -25.12 43.04
CA ILE G 268 -8.56 -25.98 44.20
C ILE G 268 -7.79 -25.17 45.27
N ILE G 269 -8.34 -25.15 46.50
CA ILE G 269 -7.69 -24.57 47.68
C ILE G 269 -7.60 -25.62 48.79
N THR G 270 -6.58 -25.52 49.65
CA THR G 270 -6.39 -26.40 50.80
C THR G 270 -6.68 -25.59 52.08
N SER G 271 -7.79 -25.93 52.75
CA SER G 271 -8.40 -25.11 53.80
C SER G 271 -8.91 -26.01 54.95
N ASN G 272 -8.50 -25.69 56.18
CA ASN G 272 -9.00 -26.31 57.42
C ASN G 272 -10.22 -25.58 58.03
N ALA G 273 -10.62 -24.44 57.43
CA ALA G 273 -11.84 -23.70 57.80
C ALA G 273 -13.10 -24.50 57.47
N SER G 274 -14.13 -24.37 58.33
CA SER G 274 -15.39 -25.13 58.25
C SER G 274 -16.43 -24.41 57.38
N MET G 275 -17.26 -25.20 56.68
CA MET G 275 -18.36 -24.71 55.85
C MET G 275 -19.54 -24.22 56.69
N HIS G 276 -20.04 -23.02 56.33
CA HIS G 276 -21.16 -22.34 56.96
C HIS G 276 -22.12 -21.79 55.89
N GLU G 277 -23.34 -21.45 56.33
CA GLU G 277 -24.42 -20.88 55.51
C GLU G 277 -24.20 -19.44 55.01
N CYS G 278 -23.02 -18.85 55.27
CA CYS G 278 -22.57 -17.55 54.77
C CYS G 278 -22.39 -17.50 53.25
N ASN G 279 -22.54 -16.29 52.69
CA ASN G 279 -22.28 -15.95 51.29
C ASN G 279 -21.08 -14.99 51.24
N THR G 280 -20.33 -15.02 50.12
CA THR G 280 -19.19 -14.13 49.92
C THR G 280 -18.89 -13.88 48.43
N LYS G 281 -18.17 -12.77 48.18
CA LYS G 281 -17.63 -12.36 46.89
C LYS G 281 -16.13 -12.71 46.78
N CYS G 282 -15.46 -12.89 47.94
CA CYS G 282 -14.05 -13.25 48.04
C CYS G 282 -13.87 -14.32 49.13
N GLN G 283 -13.37 -15.50 48.73
CA GLN G 283 -12.97 -16.55 49.67
C GLN G 283 -11.44 -16.68 49.69
N THR G 284 -10.90 -17.05 50.85
CA THR G 284 -9.50 -17.47 51.04
C THR G 284 -9.47 -18.74 51.93
N PRO G 285 -8.33 -19.48 51.98
CA PRO G 285 -8.17 -20.65 52.87
C PRO G 285 -8.33 -20.41 54.39
N LEU G 286 -8.07 -19.17 54.86
CA LEU G 286 -8.32 -18.78 56.25
C LEU G 286 -9.79 -18.45 56.49
N GLY G 287 -10.46 -17.83 55.49
CA GLY G 287 -11.88 -17.54 55.57
C GLY G 287 -12.27 -16.44 54.56
N ALA G 288 -13.58 -16.16 54.52
CA ALA G 288 -14.22 -15.25 53.59
C ALA G 288 -14.04 -13.77 53.95
N ILE G 289 -13.51 -13.00 52.98
CA ILE G 289 -13.40 -11.54 53.02
C ILE G 289 -14.65 -10.94 52.37
N ASN G 290 -15.23 -9.91 53.02
CA ASN G 290 -16.37 -9.15 52.53
C ASN G 290 -16.02 -7.67 52.73
N SER G 291 -15.29 -7.10 51.76
CA SER G 291 -14.73 -5.75 51.85
C SER G 291 -14.50 -5.14 50.44
N SER G 292 -14.44 -3.81 50.42
CA SER G 292 -14.21 -2.98 49.22
C SER G 292 -12.82 -2.30 49.21
N LEU G 293 -12.00 -2.53 50.25
CA LEU G 293 -10.63 -2.00 50.35
C LEU G 293 -9.72 -2.61 49.26
N PRO G 294 -8.78 -1.81 48.70
CA PRO G 294 -7.95 -2.24 47.56
C PRO G 294 -6.89 -3.30 47.88
N TYR G 295 -6.45 -3.42 49.15
CA TYR G 295 -5.43 -4.38 49.59
C TYR G 295 -5.99 -5.27 50.71
N GLN G 296 -5.35 -6.44 50.90
CA GLN G 296 -5.52 -7.36 52.04
C GLN G 296 -4.16 -7.94 52.44
N ASN G 297 -4.11 -8.54 53.64
CA ASN G 297 -2.91 -9.15 54.22
C ASN G 297 -3.23 -10.48 54.91
N ILE G 298 -4.31 -11.13 54.47
CA ILE G 298 -4.89 -12.32 55.07
C ILE G 298 -4.27 -13.60 54.50
N HIS G 299 -4.33 -13.81 53.16
CA HIS G 299 -3.78 -15.00 52.51
C HIS G 299 -3.59 -14.75 51.00
N PRO G 300 -2.45 -15.21 50.41
CA PRO G 300 -2.19 -15.07 48.96
C PRO G 300 -3.14 -15.83 48.04
N VAL G 301 -3.69 -16.97 48.49
CA VAL G 301 -4.68 -17.74 47.75
C VAL G 301 -6.05 -17.06 47.88
N THR G 302 -6.66 -16.78 46.72
CA THR G 302 -7.91 -16.06 46.56
C THR G 302 -8.83 -16.81 45.59
N ILE G 303 -10.14 -16.56 45.75
CA ILE G 303 -11.24 -17.16 45.01
C ILE G 303 -12.28 -16.04 44.85
N GLY G 304 -12.54 -15.65 43.58
CA GLY G 304 -13.43 -14.55 43.23
C GLY G 304 -12.72 -13.19 43.31
N GLU G 305 -13.52 -12.12 43.20
CA GLU G 305 -13.12 -10.71 43.22
C GLU G 305 -12.70 -10.25 44.64
N CYS G 306 -11.38 -10.36 44.89
CA CYS G 306 -10.71 -10.11 46.17
C CYS G 306 -9.80 -8.86 46.10
N PRO G 307 -9.48 -8.26 47.28
CA PRO G 307 -8.31 -7.37 47.41
C PRO G 307 -6.97 -8.12 47.20
N LYS G 308 -5.90 -7.38 46.88
CA LYS G 308 -4.57 -7.90 46.57
C LYS G 308 -3.81 -8.23 47.86
N TYR G 309 -3.24 -9.44 47.95
CA TYR G 309 -2.38 -9.82 49.07
C TYR G 309 -1.08 -8.99 49.09
N VAL G 310 -0.77 -8.43 50.27
CA VAL G 310 0.42 -7.64 50.56
C VAL G 310 1.01 -8.15 51.88
N ARG G 311 2.34 -8.08 52.03
CA ARG G 311 3.04 -8.44 53.28
C ARG G 311 2.94 -7.36 54.38
N SER G 312 2.36 -6.19 54.07
CA SER G 312 2.15 -5.06 54.97
C SER G 312 1.24 -5.38 56.17
N ALA G 313 1.37 -4.58 57.24
CA ALA G 313 0.51 -4.61 58.43
C ALA G 313 -0.29 -3.30 58.61
N LYS G 314 0.03 -2.27 57.82
CA LYS G 314 -0.57 -0.94 57.88
C LYS G 314 -0.40 -0.26 56.51
N LEU G 315 -1.51 0.16 55.89
CA LEU G 315 -1.53 1.03 54.70
C LEU G 315 -2.56 2.13 54.96
N ARG G 316 -2.37 2.86 56.07
CA ARG G 316 -3.25 3.93 56.51
C ARG G 316 -2.77 5.27 55.92
N MET G 317 -3.60 5.83 55.03
CA MET G 317 -3.39 7.15 54.43
C MET G 317 -4.15 8.22 55.23
N VAL G 318 -3.51 9.37 55.43
CA VAL G 318 -4.15 10.57 55.99
C VAL G 318 -5.12 11.20 54.98
N THR G 319 -6.30 11.60 55.49
CA THR G 319 -7.34 12.31 54.74
C THR G 319 -7.63 13.67 55.40
N GLY G 320 -7.45 13.80 56.72
CA GLY G 320 -7.50 15.06 57.46
C GLY G 320 -6.13 15.74 57.38
N LEU G 321 -5.84 16.61 58.36
CA LEU G 321 -4.54 17.25 58.54
C LEU G 321 -3.87 16.73 59.82
N ARG G 322 -2.69 17.28 60.16
CA ARG G 322 -1.96 16.95 61.39
C ARG G 322 -2.72 17.43 62.63
N ASN G 323 -3.08 16.48 63.53
CA ASN G 323 -3.77 16.77 64.78
C ASN G 323 -2.76 17.31 65.81
N ILE G 324 -2.96 18.59 66.15
CA ILE G 324 -2.21 19.29 67.18
C ILE G 324 -3.31 19.97 68.05
N PRO G 325 -3.83 19.28 69.10
CA PRO G 325 -4.99 19.75 69.88
C PRO G 325 -4.83 21.10 70.62
N ALA G 326 -3.58 21.55 70.83
CA ALA G 326 -3.20 22.77 71.56
C ALA G 326 -3.61 22.75 73.05
N ARG G 327 -3.90 21.55 73.60
CA ARG G 327 -4.36 21.29 74.98
C ARG G 327 -3.25 21.56 75.98
N GLY H 1 4.91 22.67 58.50
CA GLY H 1 5.68 21.62 57.80
C GLY H 1 6.48 22.34 56.69
N LEU H 2 6.29 21.90 55.43
CA LEU H 2 6.92 22.45 54.23
C LEU H 2 6.56 23.92 53.98
N PHE H 3 5.26 24.24 54.03
CA PHE H 3 4.74 25.59 53.81
C PHE H 3 4.81 26.50 55.06
N GLY H 4 4.94 25.90 56.25
CA GLY H 4 5.31 26.60 57.47
C GLY H 4 4.13 27.26 58.19
N ALA H 5 2.92 26.65 58.12
CA ALA H 5 1.74 27.08 58.88
C ALA H 5 1.30 26.03 59.90
N ILE H 6 1.16 24.77 59.48
CA ILE H 6 0.78 23.64 60.34
C ILE H 6 1.98 23.21 61.19
N ALA H 7 1.91 23.53 62.49
CA ALA H 7 3.01 23.49 63.48
C ALA H 7 4.11 24.55 63.22
N GLY H 8 3.84 25.50 62.30
CA GLY H 8 4.75 26.54 61.88
C GLY H 8 4.33 27.84 62.58
N PHE H 9 3.97 28.88 61.78
CA PHE H 9 3.58 30.19 62.30
C PHE H 9 2.30 30.12 63.18
N ILE H 10 1.30 29.30 62.80
CA ILE H 10 0.22 28.91 63.70
C ILE H 10 0.70 27.68 64.51
N GLU H 11 0.83 27.89 65.83
CA GLU H 11 1.42 26.94 66.78
C GLU H 11 0.66 25.61 66.92
N GLY H 12 -0.68 25.65 66.83
CA GLY H 12 -1.51 24.47 66.97
C GLY H 12 -2.90 24.72 66.42
N GLY H 13 -3.63 23.62 66.18
CA GLY H 13 -5.01 23.63 65.69
C GLY H 13 -5.96 23.75 66.88
N TRP H 14 -7.17 24.23 66.59
CA TRP H 14 -8.22 24.46 67.57
C TRP H 14 -9.20 23.28 67.57
N THR H 15 -9.50 22.75 68.76
CA THR H 15 -10.54 21.75 68.99
C THR H 15 -11.97 22.35 68.99
N GLY H 16 -12.08 23.69 68.99
CA GLY H 16 -13.34 24.40 68.77
C GLY H 16 -13.66 24.55 67.27
N MET H 17 -12.66 24.38 66.38
CA MET H 17 -12.85 24.16 64.95
C MET H 17 -13.07 22.67 64.72
N ILE H 18 -14.31 22.31 64.38
CA ILE H 18 -14.76 20.94 64.06
C ILE H 18 -15.52 20.92 62.72
N ASP H 19 -16.22 22.02 62.39
CA ASP H 19 -17.06 22.21 61.20
C ASP H 19 -16.28 22.14 59.87
N GLY H 20 -15.01 22.55 59.87
CA GLY H 20 -14.15 22.48 58.69
C GLY H 20 -12.69 22.35 59.13
N TRP H 21 -11.83 21.99 58.16
CA TRP H 21 -10.37 21.88 58.35
C TRP H 21 -9.64 23.22 58.47
N TYR H 22 -10.29 24.31 58.05
CA TYR H 22 -9.79 25.69 58.06
C TYR H 22 -10.92 26.59 58.54
N GLY H 23 -10.56 27.66 59.27
CA GLY H 23 -11.57 28.58 59.75
C GLY H 23 -10.96 29.66 60.61
N TYR H 24 -11.88 30.38 61.27
CA TYR H 24 -11.60 31.60 62.00
C TYR H 24 -12.17 31.52 63.41
N HIS H 25 -11.46 32.16 64.36
CA HIS H 25 -11.92 32.38 65.72
C HIS H 25 -12.40 33.82 65.85
N HIS H 26 -13.59 33.98 66.45
CA HIS H 26 -14.17 35.25 66.89
C HIS H 26 -13.45 35.70 68.16
N GLN H 27 -13.05 36.97 68.21
CA GLN H 27 -12.52 37.65 69.40
C GLN H 27 -13.05 39.10 69.51
N ASN H 28 -14.17 39.39 68.84
CA ASN H 28 -14.87 40.68 68.92
C ASN H 28 -15.69 40.84 70.21
N GLU H 29 -16.11 42.09 70.48
CA GLU H 29 -16.96 42.49 71.62
C GLU H 29 -18.34 41.80 71.67
N GLN H 30 -18.81 41.27 70.54
CA GLN H 30 -20.02 40.42 70.42
C GLN H 30 -19.80 38.94 70.85
N GLY H 31 -18.64 38.62 71.42
CA GLY H 31 -18.33 37.34 72.05
C GLY H 31 -17.45 36.46 71.16
N SER H 32 -16.84 35.44 71.79
CA SER H 32 -16.02 34.42 71.14
C SER H 32 -16.85 33.25 70.61
N GLY H 33 -16.19 32.38 69.82
CA GLY H 33 -16.80 31.28 69.08
C GLY H 33 -16.02 31.10 67.78
N TYR H 34 -16.42 30.12 66.96
CA TYR H 34 -15.72 29.76 65.72
C TYR H 34 -16.68 29.79 64.53
N ALA H 35 -16.15 30.22 63.38
CA ALA H 35 -16.82 30.21 62.08
C ALA H 35 -15.83 29.67 61.04
N ALA H 36 -16.19 28.54 60.42
CA ALA H 36 -15.37 27.83 59.45
C ALA H 36 -15.30 28.54 58.09
N ASP H 37 -14.13 28.43 57.43
CA ASP H 37 -13.90 28.88 56.06
C ASP H 37 -14.20 27.69 55.14
N GLN H 38 -15.41 27.71 54.57
CA GLN H 38 -15.95 26.63 53.76
C GLN H 38 -15.28 26.45 52.40
N LYS H 39 -14.65 27.51 51.84
CA LYS H 39 -13.95 27.45 50.55
C LYS H 39 -12.61 26.69 50.63
N SER H 40 -11.80 26.96 51.68
CA SER H 40 -10.53 26.27 51.93
C SER H 40 -10.74 24.83 52.41
N THR H 41 -11.81 24.61 53.19
CA THR H 41 -12.25 23.29 53.64
C THR H 41 -12.74 22.41 52.50
N GLN H 42 -13.57 22.96 51.60
CA GLN H 42 -14.15 22.20 50.48
C GLN H 42 -13.14 21.90 49.37
N ASN H 43 -12.22 22.84 49.04
CA ASN H 43 -11.17 22.59 48.04
C ASN H 43 -10.12 21.56 48.50
N ALA H 44 -9.88 21.51 49.83
CA ALA H 44 -9.07 20.49 50.49
C ALA H 44 -9.76 19.12 50.48
N ILE H 45 -11.08 19.09 50.79
CA ILE H 45 -11.92 17.90 50.72
C ILE H 45 -12.04 17.32 49.29
N ASN H 46 -12.13 18.17 48.26
CA ASN H 46 -12.16 17.77 46.85
C ASN H 46 -10.84 17.15 46.39
N GLY H 47 -9.70 17.73 46.81
CA GLY H 47 -8.36 17.22 46.51
C GLY H 47 -8.12 15.90 47.24
N ILE H 48 -8.53 15.79 48.51
CA ILE H 48 -8.48 14.58 49.32
C ILE H 48 -9.40 13.47 48.78
N THR H 49 -10.62 13.80 48.35
CA THR H 49 -11.56 12.83 47.77
C THR H 49 -11.04 12.26 46.45
N ASN H 50 -10.45 13.10 45.58
CA ASN H 50 -9.87 12.67 44.31
C ASN H 50 -8.60 11.82 44.48
N LYS H 51 -7.75 12.09 45.49
CA LYS H 51 -6.55 11.29 45.77
C LYS H 51 -6.91 9.95 46.46
N VAL H 52 -7.95 9.95 47.31
CA VAL H 52 -8.54 8.76 47.93
C VAL H 52 -9.16 7.83 46.87
N ASN H 53 -9.92 8.41 45.91
CA ASN H 53 -10.46 7.72 44.74
C ASN H 53 -9.35 7.14 43.87
N SER H 54 -8.33 7.96 43.51
CA SER H 54 -7.19 7.59 42.67
C SER H 54 -6.43 6.36 43.19
N VAL H 55 -6.01 6.39 44.47
CA VAL H 55 -5.27 5.31 45.13
C VAL H 55 -6.07 3.98 45.23
N ILE H 56 -7.41 4.04 45.30
CA ILE H 56 -8.30 2.87 45.36
C ILE H 56 -8.63 2.32 43.96
N GLU H 57 -8.99 3.19 43.01
CA GLU H 57 -9.53 2.85 41.68
C GLU H 57 -8.45 2.42 40.68
N LYS H 58 -7.19 2.85 40.87
CA LYS H 58 -6.01 2.38 40.13
C LYS H 58 -5.73 0.88 40.37
N MET H 59 -6.02 0.42 41.60
CA MET H 59 -5.88 -0.96 42.03
C MET H 59 -7.12 -1.73 41.55
N ASN H 60 -7.01 -2.35 40.35
CA ASN H 60 -8.07 -3.14 39.72
C ASN H 60 -8.10 -4.55 40.34
N ILE H 61 -9.28 -4.95 40.85
CA ILE H 61 -9.55 -6.08 41.76
C ILE H 61 -8.89 -7.42 41.34
N GLN H 62 -8.32 -8.13 42.33
CA GLN H 62 -7.68 -9.45 42.13
C GLN H 62 -8.74 -10.54 41.89
N PHE H 63 -8.66 -11.18 40.71
CA PHE H 63 -9.37 -12.42 40.38
C PHE H 63 -8.74 -13.64 41.07
N THR H 64 -9.45 -14.79 41.05
CA THR H 64 -9.04 -16.09 41.57
C THR H 64 -7.59 -16.47 41.22
N ALA H 65 -6.76 -16.57 42.27
CA ALA H 65 -5.37 -16.99 42.21
C ALA H 65 -5.19 -18.12 43.21
N VAL H 66 -5.00 -19.35 42.70
CA VAL H 66 -4.83 -20.56 43.51
C VAL H 66 -3.44 -21.16 43.30
N GLY H 67 -3.03 -22.00 44.26
CA GLY H 67 -1.79 -22.77 44.25
C GLY H 67 -1.82 -23.81 43.11
N LYS H 68 -0.65 -24.02 42.50
CA LYS H 68 -0.44 -24.93 41.38
C LYS H 68 0.39 -26.13 41.87
N GLU H 69 0.08 -27.30 41.30
CA GLU H 69 0.63 -28.60 41.69
C GLU H 69 1.79 -29.01 40.77
N PHE H 70 2.79 -29.66 41.37
CA PHE H 70 4.04 -30.07 40.74
C PHE H 70 4.49 -31.40 41.37
N ASN H 71 4.84 -32.40 40.53
CA ASN H 71 5.41 -33.67 41.00
C ASN H 71 6.93 -33.56 41.31
N LYS H 72 7.50 -34.68 41.76
CA LYS H 72 8.92 -34.84 42.15
C LYS H 72 9.97 -34.56 41.06
N LEU H 73 9.59 -34.60 39.76
CA LEU H 73 10.44 -34.20 38.63
C LEU H 73 9.90 -32.91 37.96
N GLU H 74 9.33 -32.00 38.77
CA GLU H 74 8.84 -30.68 38.35
C GLU H 74 9.22 -29.59 39.36
N LYS H 75 10.38 -29.76 40.05
CA LYS H 75 10.90 -28.79 41.01
C LYS H 75 11.39 -27.48 40.36
N ARG H 76 11.80 -27.51 39.08
CA ARG H 76 12.18 -26.31 38.34
C ARG H 76 11.00 -25.39 38.07
N MET H 77 9.90 -25.93 37.53
CA MET H 77 8.66 -25.18 37.26
C MET H 77 7.89 -24.79 38.53
N GLU H 78 8.14 -25.49 39.66
CA GLU H 78 7.69 -25.11 41.00
C GLU H 78 8.44 -23.89 41.55
N ASN H 79 9.78 -23.90 41.42
CA ASN H 79 10.66 -22.80 41.85
C ASN H 79 10.59 -21.59 40.90
N LEU H 80 10.19 -21.80 39.63
CA LEU H 80 9.90 -20.74 38.67
C LEU H 80 8.56 -20.05 39.00
N ASN H 81 7.54 -20.85 39.35
CA ASN H 81 6.24 -20.39 39.85
C ASN H 81 6.39 -19.56 41.14
N ASN H 82 7.17 -20.09 42.10
CA ASN H 82 7.48 -19.45 43.38
C ASN H 82 8.26 -18.13 43.19
N LYS H 83 9.28 -18.11 42.32
CA LYS H 83 10.04 -16.91 41.96
C LYS H 83 9.17 -15.81 41.31
N VAL H 84 8.18 -16.22 40.49
CA VAL H 84 7.20 -15.33 39.87
C VAL H 84 6.25 -14.70 40.92
N ASP H 85 5.71 -15.53 41.84
CA ASP H 85 4.82 -15.10 42.92
C ASP H 85 5.50 -14.20 43.96
N ASP H 86 6.72 -14.58 44.40
CA ASP H 86 7.55 -13.81 45.32
C ASP H 86 8.02 -12.48 44.73
N GLY H 87 8.48 -12.49 43.46
CA GLY H 87 9.00 -11.31 42.77
C GLY H 87 7.91 -10.29 42.47
N PHE H 88 6.69 -10.75 42.12
CA PHE H 88 5.50 -9.89 42.00
C PHE H 88 5.05 -9.29 43.35
N LEU H 89 5.11 -10.08 44.43
CA LEU H 89 4.74 -9.67 45.78
C LEU H 89 5.74 -8.69 46.42
N ASP H 90 7.05 -8.83 46.10
CA ASP H 90 8.11 -7.86 46.40
C ASP H 90 7.84 -6.51 45.76
N ILE H 91 7.58 -6.50 44.43
CA ILE H 91 7.24 -5.29 43.67
C ILE H 91 5.94 -4.64 44.16
N TRP H 92 4.91 -5.46 44.45
CA TRP H 92 3.59 -5.00 44.89
C TRP H 92 3.60 -4.33 46.27
N THR H 93 4.28 -4.97 47.24
CA THR H 93 4.49 -4.42 48.58
C THR H 93 5.36 -3.15 48.54
N TYR H 94 6.37 -3.13 47.65
CA TYR H 94 7.25 -2.00 47.41
C TYR H 94 6.54 -0.77 46.83
N ASN H 95 5.67 -0.96 45.83
CA ASN H 95 4.87 0.10 45.21
C ASN H 95 3.81 0.67 46.18
N ALA H 96 3.22 -0.20 47.02
CA ALA H 96 2.23 0.19 48.04
C ALA H 96 2.84 1.03 49.17
N GLU H 97 4.04 0.63 49.66
CA GLU H 97 4.75 1.33 50.73
C GLU H 97 5.50 2.60 50.23
N LEU H 98 5.83 2.68 48.93
CA LEU H 98 6.28 3.91 48.28
C LEU H 98 5.15 4.94 48.24
N LEU H 99 4.00 4.56 47.66
CA LEU H 99 2.80 5.40 47.50
C LEU H 99 2.25 5.96 48.81
N VAL H 100 2.17 5.13 49.87
CA VAL H 100 1.61 5.57 51.15
C VAL H 100 2.49 6.60 51.87
N LEU H 101 3.83 6.40 51.94
CA LEU H 101 4.72 7.36 52.60
C LEU H 101 4.89 8.68 51.82
N LEU H 102 4.95 8.60 50.47
CA LEU H 102 5.08 9.76 49.59
C LEU H 102 3.83 10.64 49.61
N GLU H 103 2.65 10.03 49.41
CA GLU H 103 1.38 10.74 49.32
C GLU H 103 0.81 11.20 50.67
N ASN H 104 1.25 10.62 51.81
CA ASN H 104 0.97 11.15 53.15
C ASN H 104 1.76 12.43 53.42
N GLU H 105 3.00 12.53 52.92
CA GLU H 105 3.81 13.75 53.01
C GLU H 105 3.26 14.85 52.08
N ARG H 106 2.88 14.50 50.84
CA ARG H 106 2.22 15.40 49.88
C ARG H 106 0.84 15.91 50.37
N THR H 107 0.11 15.11 51.15
CA THR H 107 -1.15 15.51 51.79
C THR H 107 -0.93 16.55 52.90
N LEU H 108 0.13 16.36 53.71
CA LEU H 108 0.56 17.32 54.74
C LEU H 108 1.02 18.65 54.12
N ASP H 109 1.80 18.59 53.03
CA ASP H 109 2.23 19.75 52.22
C ASP H 109 1.04 20.51 51.58
N PHE H 110 0.06 19.75 51.06
CA PHE H 110 -1.16 20.28 50.45
C PHE H 110 -2.07 21.02 51.44
N HIS H 111 -2.28 20.46 52.63
CA HIS H 111 -3.04 21.09 53.70
C HIS H 111 -2.34 22.31 54.30
N ASP H 112 -1.01 22.24 54.45
CA ASP H 112 -0.15 23.32 54.94
C ASP H 112 -0.12 24.51 53.96
N SER H 113 -0.18 24.23 52.66
CA SER H 113 -0.37 25.19 51.56
C SER H 113 -1.73 25.90 51.61
N ASN H 114 -2.81 25.18 51.95
CA ASN H 114 -4.17 25.74 52.06
C ASN H 114 -4.32 26.71 53.25
N VAL H 115 -3.51 26.57 54.31
CA VAL H 115 -3.47 27.53 55.42
C VAL H 115 -2.71 28.83 55.01
N LYS H 116 -1.64 28.72 54.19
CA LYS H 116 -0.94 29.86 53.59
C LYS H 116 -1.89 30.69 52.69
N ASN H 117 -2.54 30.00 51.73
CA ASN H 117 -3.46 30.60 50.75
C ASN H 117 -4.66 31.33 51.41
N LEU H 118 -5.06 30.88 52.61
CA LEU H 118 -6.10 31.52 53.40
C LEU H 118 -5.59 32.72 54.22
N TYR H 119 -4.42 32.58 54.86
CA TYR H 119 -3.83 33.62 55.73
C TYR H 119 -3.37 34.86 54.95
N GLU H 120 -2.68 34.64 53.83
CA GLU H 120 -2.25 35.68 52.90
C GLU H 120 -3.43 36.39 52.19
N LYS H 121 -4.54 35.65 51.96
CA LYS H 121 -5.81 36.19 51.44
C LYS H 121 -6.48 37.17 52.41
N VAL H 122 -6.46 36.86 53.72
CA VAL H 122 -7.00 37.73 54.77
C VAL H 122 -6.08 38.93 55.06
N LYS H 123 -4.76 38.76 54.96
CA LYS H 123 -3.76 39.84 55.09
C LYS H 123 -3.90 40.91 53.98
N SER H 124 -4.12 40.46 52.74
CA SER H 124 -4.34 41.31 51.57
C SER H 124 -5.69 42.06 51.55
N GLN H 125 -6.66 41.59 52.35
CA GLN H 125 -7.94 42.25 52.57
C GLN H 125 -7.90 43.27 53.72
N LEU H 126 -7.21 42.92 54.81
CA LEU H 126 -7.14 43.72 56.03
C LEU H 126 -6.17 44.90 55.94
N LYS H 127 -4.98 44.68 55.36
CA LYS H 127 -3.95 45.69 55.06
C LYS H 127 -3.52 46.53 56.28
N ASN H 128 -4.00 47.79 56.37
CA ASN H 128 -3.69 48.75 57.42
C ASN H 128 -4.79 48.80 58.49
N ASN H 129 -6.03 48.47 58.10
CA ASN H 129 -7.21 48.43 58.97
C ASN H 129 -7.27 47.20 59.89
N ALA H 130 -6.28 46.30 59.81
CA ALA H 130 -5.93 45.36 60.87
C ALA H 130 -4.46 44.91 60.70
N LYS H 131 -3.75 44.78 61.83
CA LYS H 131 -2.37 44.30 61.88
C LYS H 131 -2.31 42.94 62.58
N GLU H 132 -1.40 42.08 62.11
CA GLU H 132 -1.04 40.78 62.70
C GLU H 132 -0.50 40.93 64.14
N ILE H 133 -0.93 40.02 65.04
CA ILE H 133 -0.60 40.05 66.45
C ILE H 133 -0.23 38.66 67.01
N GLY H 134 -1.20 37.72 67.02
CA GLY H 134 -1.09 36.41 67.65
C GLY H 134 -0.87 35.32 66.59
N ASN H 135 0.07 35.58 65.65
CA ASN H 135 0.58 34.68 64.59
C ASN H 135 -0.50 33.82 63.90
N GLY H 136 -1.50 34.52 63.36
CA GLY H 136 -2.78 33.95 62.94
C GLY H 136 -3.85 35.01 63.24
N CYS H 137 -3.80 35.61 64.43
CA CYS H 137 -4.69 36.69 64.86
C CYS H 137 -4.32 38.04 64.25
N PHE H 138 -5.37 38.84 63.97
CA PHE H 138 -5.34 40.19 63.43
C PHE H 138 -6.16 41.12 64.34
N GLU H 139 -5.49 42.13 64.91
CA GLU H 139 -6.10 43.21 65.69
C GLU H 139 -6.62 44.28 64.74
N PHE H 140 -7.96 44.47 64.70
CA PHE H 140 -8.62 45.53 63.93
C PHE H 140 -8.23 46.93 64.45
N TYR H 141 -7.82 47.82 63.54
CA TYR H 141 -7.41 49.19 63.85
C TYR H 141 -8.59 50.05 64.32
N HIS H 142 -9.57 50.25 63.42
CA HIS H 142 -10.76 51.06 63.67
C HIS H 142 -11.83 50.37 64.55
N LYS H 143 -11.74 49.03 64.68
CA LYS H 143 -12.70 48.12 65.34
C LYS H 143 -14.00 47.99 64.52
N CYS H 144 -14.58 46.77 64.48
CA CYS H 144 -15.84 46.53 63.75
C CYS H 144 -16.54 45.25 64.21
N ASP H 145 -17.86 45.21 63.95
CA ASP H 145 -18.83 44.18 64.34
C ASP H 145 -18.57 42.79 63.71
N ASN H 146 -19.38 41.82 64.13
CA ASN H 146 -19.41 40.44 63.62
C ASN H 146 -19.87 40.34 62.15
N GLU H 147 -20.59 41.36 61.64
CA GLU H 147 -20.96 41.49 60.22
C GLU H 147 -19.73 41.83 59.37
N CYS H 148 -18.95 42.82 59.82
CA CYS H 148 -17.66 43.20 59.24
C CYS H 148 -16.59 42.09 59.36
N MET H 149 -16.62 41.33 60.45
CA MET H 149 -15.76 40.16 60.66
C MET H 149 -16.14 38.99 59.73
N GLU H 150 -17.45 38.79 59.48
CA GLU H 150 -18.02 37.87 58.47
C GLU H 150 -17.64 38.26 57.04
N SER H 151 -17.62 39.57 56.73
CA SER H 151 -17.28 40.10 55.42
C SER H 151 -15.84 39.76 54.98
N VAL H 152 -14.89 39.68 55.94
CA VAL H 152 -13.53 39.17 55.75
C VAL H 152 -13.49 37.67 55.38
N ARG H 153 -14.41 36.85 55.94
CA ARG H 153 -14.53 35.41 55.70
C ARG H 153 -14.95 35.09 54.25
N ASN H 154 -16.05 35.73 53.80
CA ASN H 154 -16.70 35.44 52.52
C ASN H 154 -15.99 35.97 51.26
N GLY H 155 -14.88 36.71 51.43
CA GLY H 155 -14.03 37.16 50.32
C GLY H 155 -14.24 38.63 49.96
N THR H 156 -15.07 39.37 50.72
CA THR H 156 -15.18 40.83 50.65
C THR H 156 -14.32 41.48 51.76
N TYR H 157 -14.65 42.72 52.17
CA TYR H 157 -13.83 43.59 53.01
C TYR H 157 -12.56 44.03 52.27
N ASP H 158 -12.74 44.96 51.32
CA ASP H 158 -11.68 45.53 50.47
C ASP H 158 -11.33 46.93 50.99
N TYR H 159 -10.95 47.00 52.27
CA TYR H 159 -10.67 48.23 53.02
C TYR H 159 -9.14 48.37 53.21
N PRO H 160 -8.56 49.57 52.91
CA PRO H 160 -7.10 49.81 52.96
C PRO H 160 -6.56 49.99 54.42
N ASP I 5 25.91 46.67 63.07
CA ASP I 5 25.06 45.56 63.61
C ASP I 5 24.05 45.26 62.48
N THR I 6 24.35 44.17 61.75
CA THR I 6 23.54 43.58 60.67
C THR I 6 23.53 42.06 60.90
N ILE I 7 22.46 41.39 60.46
CA ILE I 7 22.30 39.94 60.59
C ILE I 7 21.74 39.38 59.25
N CYS I 8 22.50 38.46 58.64
CA CYS I 8 22.20 37.91 57.32
C CYS I 8 21.90 36.41 57.42
N ILE I 9 20.67 36.01 57.05
CA ILE I 9 20.28 34.60 56.90
C ILE I 9 20.87 34.06 55.58
N GLY I 10 21.50 32.86 55.67
CA GLY I 10 22.01 32.16 54.51
C GLY I 10 22.00 30.66 54.77
N TYR I 11 22.50 29.91 53.78
CA TYR I 11 22.61 28.45 53.78
C TYR I 11 24.07 28.03 53.54
N HIS I 12 24.35 26.75 53.81
CA HIS I 12 25.68 26.14 53.74
C HIS I 12 26.19 25.95 52.31
N ALA I 13 27.52 26.00 52.18
CA ALA I 13 28.27 25.56 51.02
C ALA I 13 29.63 25.01 51.50
N ASN I 14 30.36 24.40 50.56
CA ASN I 14 31.65 23.75 50.81
C ASN I 14 32.42 23.55 49.49
N ASN I 15 33.46 22.70 49.52
CA ASN I 15 34.27 22.30 48.37
C ASN I 15 33.75 21.04 47.64
N SER I 16 32.65 20.44 48.13
CA SER I 16 32.13 19.15 47.66
C SER I 16 31.64 19.18 46.20
N THR I 17 32.29 18.38 45.35
CA THR I 17 31.98 18.23 43.93
C THR I 17 31.06 17.01 43.67
N ASP I 18 30.33 16.54 44.70
CA ASP I 18 29.22 15.58 44.56
C ASP I 18 28.14 16.11 43.60
N THR I 19 27.55 15.19 42.79
CA THR I 19 26.48 15.52 41.86
C THR I 19 25.36 14.48 41.93
N VAL I 20 24.13 14.94 41.65
CA VAL I 20 22.91 14.13 41.58
C VAL I 20 22.07 14.57 40.38
N ASP I 21 21.27 13.63 39.86
CA ASP I 21 20.35 13.85 38.74
C ASP I 21 18.93 13.99 39.27
N THR I 22 18.21 14.99 38.76
CA THR I 22 16.82 15.30 39.10
C THR I 22 15.95 15.36 37.83
N VAL I 23 14.62 15.43 38.01
CA VAL I 23 13.64 15.63 36.93
C VAL I 23 13.76 16.99 36.21
N LEU I 24 14.32 18.00 36.90
CA LEU I 24 14.46 19.38 36.40
C LEU I 24 15.83 19.61 35.75
N GLU I 25 16.90 19.04 36.32
CA GLU I 25 18.28 19.26 35.91
C GLU I 25 19.15 18.05 36.27
N LYS I 26 20.02 17.64 35.33
CA LYS I 26 20.97 16.54 35.51
C LYS I 26 22.33 17.08 35.97
N ASN I 27 23.00 16.31 36.86
CA ASN I 27 24.34 16.56 37.42
C ASN I 27 24.45 17.90 38.20
N VAL I 28 23.44 18.17 39.03
CA VAL I 28 23.38 19.30 39.96
C VAL I 28 24.43 19.13 41.08
N THR I 29 25.36 20.09 41.21
CA THR I 29 26.40 20.06 42.25
C THR I 29 25.81 20.32 43.64
N VAL I 30 26.08 19.40 44.58
CA VAL I 30 25.48 19.34 45.92
C VAL I 30 26.56 19.21 47.01
N THR I 31 26.23 19.69 48.22
CA THR I 31 27.14 19.79 49.36
C THR I 31 27.42 18.43 50.03
N HIS I 32 26.43 17.51 50.02
CA HIS I 32 26.53 16.17 50.55
C HIS I 32 25.58 15.24 49.78
N SER I 33 26.01 13.99 49.59
CA SER I 33 25.24 12.92 48.96
C SER I 33 25.86 11.56 49.31
N VAL I 34 25.07 10.49 49.14
CA VAL I 34 25.52 9.10 49.30
C VAL I 34 24.97 8.24 48.15
N ASN I 35 25.76 7.25 47.71
CA ASN I 35 25.37 6.28 46.70
C ASN I 35 24.64 5.10 47.36
N LEU I 36 23.48 4.73 46.82
CA LEU I 36 22.72 3.55 47.21
C LEU I 36 23.09 2.31 46.35
N LEU I 37 23.90 2.52 45.30
CA LEU I 37 24.38 1.50 44.38
C LEU I 37 25.77 1.02 44.80
N GLU I 38 26.00 -0.29 44.69
CA GLU I 38 27.24 -0.97 45.03
C GLU I 38 27.91 -1.54 43.78
N ASP I 39 29.23 -1.34 43.68
CA ASP I 39 30.05 -1.75 42.54
C ASP I 39 31.30 -2.54 42.98
N SER I 40 31.69 -2.45 44.27
CA SER I 40 32.89 -3.10 44.79
C SER I 40 32.60 -4.58 45.16
N HIS I 41 33.59 -5.42 44.83
CA HIS I 41 33.64 -6.83 45.18
C HIS I 41 35.12 -7.22 45.31
N ASN I 42 35.38 -8.28 46.11
CA ASN I 42 36.72 -8.75 46.45
C ASN I 42 37.52 -9.32 45.24
N GLY I 43 36.84 -9.67 44.14
CA GLY I 43 37.43 -10.30 42.96
C GLY I 43 37.73 -11.80 43.19
N LYS I 44 37.30 -12.34 44.34
CA LYS I 44 37.65 -13.66 44.86
C LYS I 44 36.38 -14.41 45.25
N LEU I 45 36.40 -15.74 45.07
CA LEU I 45 35.49 -16.65 45.78
C LEU I 45 35.93 -16.74 47.25
N CYS I 46 34.96 -16.54 48.15
CA CYS I 46 35.16 -16.51 49.59
C CYS I 46 34.19 -17.49 50.26
N ARG I 47 34.49 -17.85 51.51
CA ARG I 47 33.62 -18.64 52.39
C ARG I 47 32.32 -17.90 52.68
N LEU I 48 31.18 -18.59 52.52
CA LEU I 48 29.86 -18.05 52.87
C LEU I 48 29.56 -18.44 54.32
N LYS I 49 29.79 -17.47 55.23
CA LYS I 49 29.65 -17.58 56.69
C LYS I 49 30.56 -18.68 57.30
N GLY I 50 31.86 -18.61 56.96
CA GLY I 50 32.93 -19.47 57.49
C GLY I 50 33.00 -20.85 56.82
N ILE I 51 32.03 -21.22 55.98
CA ILE I 51 31.98 -22.51 55.28
C ILE I 51 32.37 -22.28 53.82
N ALA I 52 33.38 -23.05 53.36
CA ALA I 52 33.88 -23.00 51.99
C ALA I 52 32.93 -23.70 51.00
N PRO I 53 32.81 -23.16 49.76
CA PRO I 53 32.08 -23.85 48.68
C PRO I 53 32.80 -25.10 48.15
N LEU I 54 32.03 -25.95 47.47
CA LEU I 54 32.56 -26.94 46.54
C LEU I 54 32.90 -26.24 45.21
N GLN I 55 34.15 -26.41 44.76
CA GLN I 55 34.60 -26.00 43.44
C GLN I 55 34.80 -27.27 42.60
N LEU I 56 33.91 -27.49 41.63
CA LEU I 56 33.96 -28.62 40.71
C LEU I 56 35.12 -28.54 39.70
N GLY I 57 35.59 -27.31 39.41
CA GLY I 57 36.81 -27.05 38.63
C GLY I 57 36.64 -27.54 37.19
N LYS I 58 37.58 -28.40 36.75
CA LYS I 58 37.62 -29.04 35.43
C LYS I 58 36.42 -29.99 35.15
N CYS I 59 35.65 -30.36 36.18
CA CYS I 59 34.47 -31.21 36.11
C CYS I 59 33.18 -30.40 36.28
N ASN I 60 32.07 -31.04 35.89
CA ASN I 60 30.69 -30.60 36.17
C ASN I 60 30.01 -31.56 37.17
N ILE I 61 28.73 -31.27 37.46
CA ILE I 61 27.82 -32.03 38.32
C ILE I 61 27.76 -33.54 38.01
N ALA I 62 27.61 -33.90 36.72
CA ALA I 62 27.45 -35.30 36.28
C ALA I 62 28.71 -36.16 36.43
N GLY I 63 29.90 -35.55 36.31
CA GLY I 63 31.18 -36.24 36.45
C GLY I 63 31.50 -36.53 37.92
N TRP I 64 31.12 -35.60 38.82
CA TRP I 64 31.21 -35.79 40.27
C TRP I 64 30.23 -36.84 40.80
N LEU I 65 28.95 -36.77 40.37
CA LEU I 65 27.88 -37.66 40.84
C LEU I 65 28.01 -39.12 40.34
N LEU I 66 28.41 -39.32 39.08
CA LEU I 66 28.69 -40.65 38.53
C LEU I 66 30.07 -41.19 39.00
N GLY I 67 30.97 -40.29 39.41
CA GLY I 67 32.30 -40.64 39.91
C GLY I 67 33.26 -40.92 38.76
N ASN I 68 33.24 -40.10 37.69
CA ASN I 68 34.19 -40.11 36.56
C ASN I 68 35.64 -40.07 37.10
N PRO I 69 36.55 -40.94 36.59
CA PRO I 69 37.96 -40.98 37.03
C PRO I 69 38.73 -39.65 37.07
N GLU I 70 38.40 -38.72 36.18
CA GLU I 70 38.97 -37.37 36.14
C GLU I 70 38.43 -36.44 37.26
N CYS I 71 37.41 -36.89 38.00
CA CYS I 71 36.70 -36.16 39.05
C CYS I 71 36.83 -36.85 40.43
N ASP I 72 37.82 -37.75 40.59
CA ASP I 72 38.18 -38.39 41.86
C ASP I 72 38.60 -37.46 43.02
N PRO I 73 39.19 -36.27 42.77
CA PRO I 73 39.42 -35.25 43.82
C PRO I 73 38.15 -34.63 44.45
N LEU I 74 36.98 -34.82 43.83
CA LEU I 74 35.70 -34.28 44.25
C LEU I 74 34.86 -35.31 45.04
N LEU I 75 35.18 -36.61 44.91
CA LEU I 75 34.52 -37.72 45.60
C LEU I 75 34.55 -37.70 47.14
N PRO I 76 35.59 -37.17 47.84
CA PRO I 76 35.56 -37.07 49.31
C PRO I 76 34.83 -35.84 49.88
N VAL I 77 34.37 -34.90 49.02
CA VAL I 77 33.68 -33.66 49.44
C VAL I 77 32.29 -33.97 50.03
N ARG I 78 32.18 -33.83 51.36
CA ARG I 78 30.97 -34.13 52.11
C ARG I 78 29.98 -32.96 52.08
N SER I 79 30.45 -31.75 52.40
CA SER I 79 29.62 -30.57 52.66
C SER I 79 30.15 -29.31 51.95
N TRP I 80 29.24 -28.34 51.81
CA TRP I 80 29.45 -27.05 51.14
C TRP I 80 28.37 -26.05 51.58
N SER I 81 28.64 -24.76 51.33
CA SER I 81 27.68 -23.66 51.47
C SER I 81 27.03 -23.27 50.13
N TYR I 82 27.74 -23.48 49.02
CA TYR I 82 27.27 -23.32 47.64
C TYR I 82 28.19 -24.12 46.71
N ILE I 83 27.70 -24.42 45.50
CA ILE I 83 28.42 -25.21 44.49
C ILE I 83 28.85 -24.25 43.36
N VAL I 84 30.08 -24.45 42.88
CA VAL I 84 30.69 -23.62 41.83
C VAL I 84 31.23 -24.53 40.72
N GLU I 85 30.93 -24.15 39.47
CA GLU I 85 31.56 -24.62 38.25
C GLU I 85 32.39 -23.47 37.63
N THR I 86 33.12 -23.82 36.56
CA THR I 86 33.91 -22.89 35.76
C THR I 86 33.41 -22.96 34.29
N PRO I 87 33.86 -22.02 33.41
CA PRO I 87 33.63 -22.11 31.96
C PRO I 87 34.20 -23.36 31.25
N ASN I 88 35.18 -24.03 31.88
CA ASN I 88 35.80 -25.28 31.42
C ASN I 88 35.48 -26.41 32.41
N SER I 89 34.18 -26.66 32.61
CA SER I 89 33.65 -27.79 33.40
C SER I 89 33.21 -28.91 32.43
N GLU I 90 34.17 -29.47 31.67
CA GLU I 90 33.90 -30.43 30.58
C GLU I 90 33.90 -31.91 31.01
N ASN I 91 34.60 -32.26 32.10
CA ASN I 91 34.68 -33.65 32.62
C ASN I 91 33.37 -34.01 33.34
N GLY I 92 32.42 -34.53 32.56
CA GLY I 92 31.08 -34.92 33.01
C GLY I 92 30.95 -36.41 32.77
N ILE I 93 29.93 -36.77 31.97
CA ILE I 93 29.74 -38.08 31.37
C ILE I 93 30.95 -38.46 30.48
N CYS I 94 31.63 -39.56 30.84
CA CYS I 94 32.82 -40.05 30.15
C CYS I 94 32.54 -41.25 29.23
N TYR I 95 31.27 -41.57 28.96
CA TYR I 95 30.87 -42.57 27.96
C TYR I 95 29.49 -42.12 27.42
N PRO I 96 29.35 -41.95 26.09
CA PRO I 96 28.18 -41.27 25.47
C PRO I 96 26.82 -41.93 25.74
N GLY I 97 25.77 -41.11 25.64
CA GLY I 97 24.40 -41.49 25.92
C GLY I 97 23.69 -40.21 26.33
N ASP I 98 22.86 -40.31 27.37
CA ASP I 98 22.08 -39.20 27.92
C ASP I 98 21.95 -39.40 29.44
N PHE I 99 21.75 -38.29 30.15
CA PHE I 99 21.45 -38.30 31.58
C PHE I 99 19.99 -37.84 31.71
N ILE I 100 19.13 -38.81 32.04
CA ILE I 100 17.69 -38.64 32.20
C ILE I 100 17.39 -37.81 33.46
N ASP I 101 16.66 -36.69 33.26
CA ASP I 101 16.26 -35.73 34.29
C ASP I 101 17.45 -35.03 34.97
N TYR I 102 18.51 -34.72 34.20
CA TYR I 102 19.70 -33.98 34.63
C TYR I 102 19.38 -32.60 35.23
N GLU I 103 18.47 -31.88 34.55
CA GLU I 103 18.01 -30.53 34.87
C GLU I 103 17.32 -30.48 36.23
N GLU I 104 16.56 -31.55 36.55
CA GLU I 104 15.95 -31.76 37.87
C GLU I 104 16.95 -32.22 38.93
N LEU I 105 18.00 -32.98 38.57
CA LEU I 105 19.01 -33.49 39.51
C LEU I 105 19.90 -32.39 40.10
N ARG I 106 20.35 -31.44 39.26
CA ARG I 106 21.09 -30.26 39.71
C ARG I 106 20.17 -29.27 40.48
N GLU I 107 18.84 -29.33 40.27
CA GLU I 107 17.83 -28.57 41.00
C GLU I 107 17.57 -29.17 42.40
N GLN I 108 17.59 -30.51 42.53
CA GLN I 108 17.61 -31.22 43.82
C GLN I 108 18.85 -30.84 44.64
N LEU I 109 20.02 -30.89 43.99
CA LEU I 109 21.33 -30.65 44.58
C LEU I 109 21.58 -29.17 44.99
N SER I 110 20.82 -28.24 44.39
CA SER I 110 20.77 -26.82 44.78
C SER I 110 20.02 -26.59 46.11
N SER I 111 19.15 -27.53 46.52
CA SER I 111 18.48 -27.56 47.82
C SER I 111 19.10 -28.58 48.79
N VAL I 112 20.33 -29.04 48.49
CA VAL I 112 21.17 -29.89 49.34
C VAL I 112 22.44 -29.12 49.72
N SER I 113 22.89 -29.29 50.97
CA SER I 113 24.11 -28.72 51.51
C SER I 113 25.21 -29.76 51.77
N SER I 114 24.86 -31.05 51.92
CA SER I 114 25.81 -32.12 52.19
C SER I 114 25.21 -33.52 51.92
N PHE I 115 26.08 -34.54 51.92
CA PHE I 115 25.73 -35.97 51.91
C PHE I 115 26.85 -36.82 52.52
N GLU I 116 26.60 -38.14 52.60
CA GLU I 116 27.56 -39.18 52.95
C GLU I 116 27.76 -40.11 51.74
N ARG I 117 28.99 -40.61 51.56
CA ARG I 117 29.36 -41.54 50.49
C ARG I 117 29.54 -42.94 51.09
N PHE I 118 28.48 -43.76 50.98
CA PHE I 118 28.43 -45.14 51.47
C PHE I 118 28.20 -46.06 50.26
N GLU I 119 28.76 -47.28 50.33
CA GLU I 119 28.68 -48.28 49.27
C GLU I 119 27.36 -49.08 49.44
N ILE I 120 26.32 -48.65 48.69
CA ILE I 120 24.96 -49.22 48.67
C ILE I 120 24.89 -50.72 48.30
N PHE I 121 25.75 -51.16 47.36
CA PHE I 121 25.92 -52.55 46.96
C PHE I 121 27.42 -52.85 46.96
N PRO I 122 27.96 -53.45 48.06
CA PRO I 122 29.36 -53.90 48.16
C PRO I 122 29.79 -54.83 47.01
N LYS I 123 30.74 -54.32 46.19
CA LYS I 123 31.19 -54.86 44.90
C LYS I 123 31.35 -56.40 44.84
N GLU I 124 32.07 -56.97 45.80
CA GLU I 124 32.46 -58.38 45.84
C GLU I 124 31.28 -59.31 46.17
N SER I 125 30.51 -58.99 47.22
CA SER I 125 29.44 -59.83 47.76
C SER I 125 28.10 -59.68 47.02
N SER I 126 27.86 -58.52 46.38
CA SER I 126 26.60 -58.20 45.71
C SER I 126 26.36 -58.99 44.42
N TRP I 127 27.45 -59.38 43.72
CA TRP I 127 27.38 -60.04 42.41
C TRP I 127 28.40 -61.18 42.31
N PRO I 128 28.15 -62.32 42.99
CA PRO I 128 28.98 -63.54 42.81
C PRO I 128 28.83 -64.24 41.45
N ASN I 129 27.86 -63.79 40.62
CA ASN I 129 27.47 -64.41 39.36
C ASN I 129 27.68 -63.50 38.14
N HIS I 130 28.22 -62.28 38.35
CA HIS I 130 28.44 -61.27 37.30
C HIS I 130 29.79 -60.59 37.53
N ASN I 131 30.55 -60.40 36.43
CA ASN I 131 31.84 -59.69 36.41
C ASN I 131 31.59 -58.18 36.57
N THR I 132 31.89 -57.69 37.77
CA THR I 132 31.79 -56.29 38.18
C THR I 132 32.97 -55.42 37.70
N ASN I 133 34.01 -56.04 37.14
CA ASN I 133 35.28 -55.44 36.73
C ASN I 133 35.24 -54.71 35.37
N GLY I 134 34.06 -54.59 34.72
CA GLY I 134 33.89 -53.96 33.42
C GLY I 134 34.35 -52.49 33.41
N VAL I 135 34.90 -52.05 32.28
CA VAL I 135 35.81 -50.90 32.19
C VAL I 135 35.65 -50.20 30.82
N THR I 136 36.41 -49.13 30.56
CA THR I 136 36.43 -48.43 29.26
C THR I 136 37.56 -47.39 29.18
N ALA I 137 38.14 -47.26 27.97
CA ALA I 137 39.10 -46.22 27.58
C ALA I 137 38.45 -44.83 27.37
N ALA I 138 37.11 -44.76 27.27
CA ALA I 138 36.36 -43.51 27.24
C ALA I 138 36.40 -42.81 28.61
N CYS I 139 36.28 -43.60 29.70
CA CYS I 139 36.52 -43.20 31.09
C CYS I 139 37.93 -43.66 31.48
N SER I 140 38.97 -43.18 30.77
CA SER I 140 40.37 -43.45 31.11
C SER I 140 40.82 -42.72 32.38
N HIS I 141 41.87 -43.27 33.01
CA HIS I 141 42.59 -42.67 34.13
C HIS I 141 44.05 -43.10 34.06
N GLU I 142 44.98 -42.14 34.22
CA GLU I 142 46.43 -42.36 34.27
C GLU I 142 47.03 -42.98 32.99
N GLY I 143 46.33 -42.82 31.85
CA GLY I 143 46.72 -43.35 30.55
C GLY I 143 46.24 -44.79 30.31
N LYS I 144 45.49 -45.41 31.25
CA LYS I 144 44.91 -46.75 31.13
C LYS I 144 43.38 -46.68 31.19
N SER I 145 42.72 -47.77 30.77
CA SER I 145 41.26 -47.95 30.86
C SER I 145 40.81 -48.04 32.33
N SER I 146 39.79 -47.25 32.67
CA SER I 146 39.25 -47.13 34.04
C SER I 146 37.72 -47.06 33.99
N PHE I 147 37.06 -46.84 35.14
CA PHE I 147 35.60 -46.75 35.19
C PHE I 147 35.16 -45.82 36.33
N TYR I 148 33.86 -45.51 36.31
CA TYR I 148 33.09 -44.80 37.34
C TYR I 148 33.27 -45.43 38.74
N ARG I 149 33.62 -44.60 39.72
CA ARG I 149 33.86 -45.01 41.12
C ARG I 149 32.58 -45.28 41.91
N ASN I 150 31.41 -44.84 41.39
CA ASN I 150 30.11 -45.01 42.03
C ASN I 150 29.22 -46.02 41.27
N LEU I 151 29.77 -46.74 40.29
CA LEU I 151 29.06 -47.72 39.45
C LEU I 151 29.93 -48.97 39.19
N LEU I 152 29.28 -50.10 38.89
CA LEU I 152 29.87 -51.33 38.38
C LEU I 152 29.28 -51.61 37.00
N TRP I 153 30.13 -51.92 36.01
CA TRP I 153 29.69 -52.47 34.73
C TRP I 153 29.63 -53.99 34.87
N LEU I 154 28.41 -54.51 35.05
CA LEU I 154 28.14 -55.94 35.15
C LEU I 154 28.17 -56.59 33.76
N THR I 155 28.96 -57.65 33.61
CA THR I 155 29.06 -58.46 32.39
C THR I 155 29.07 -59.96 32.75
N GLU I 156 29.08 -60.81 31.71
CA GLU I 156 29.15 -62.27 31.77
C GLU I 156 30.32 -62.78 32.61
N LYS I 157 30.03 -63.58 33.65
CA LYS I 157 31.00 -64.25 34.49
C LYS I 157 31.03 -65.74 34.08
N GLU I 158 32.22 -66.21 33.67
CA GLU I 158 32.46 -67.51 33.02
C GLU I 158 31.69 -67.67 31.68
N GLY I 159 31.37 -66.55 31.00
CA GLY I 159 30.58 -66.54 29.76
C GLY I 159 29.07 -66.66 30.01
N SER I 160 28.60 -66.43 31.25
CA SER I 160 27.20 -66.55 31.63
C SER I 160 26.75 -65.30 32.41
N TYR I 161 25.55 -64.80 32.08
CA TYR I 161 24.86 -63.73 32.80
C TYR I 161 23.48 -64.28 33.20
N PRO I 162 23.35 -64.86 34.41
CA PRO I 162 22.05 -65.19 35.01
C PRO I 162 21.18 -63.95 35.30
N LYS I 163 19.85 -64.16 35.43
CA LYS I 163 18.95 -63.15 35.97
C LYS I 163 19.34 -62.78 37.42
N LEU I 164 19.63 -61.49 37.63
CA LEU I 164 19.97 -60.90 38.91
C LEU I 164 18.72 -60.28 39.55
N LYS I 165 18.73 -60.24 40.89
CA LYS I 165 17.87 -59.37 41.68
C LYS I 165 18.59 -59.08 43.01
N ASN I 166 18.70 -57.79 43.36
CA ASN I 166 19.37 -57.32 44.57
C ASN I 166 18.58 -56.13 45.12
N SER I 167 18.57 -56.01 46.46
CA SER I 167 17.73 -55.05 47.18
C SER I 167 18.53 -54.31 48.27
N TYR I 168 18.16 -53.04 48.49
CA TYR I 168 18.66 -52.20 49.58
C TYR I 168 17.48 -51.46 50.22
N VAL I 169 17.48 -51.43 51.56
CA VAL I 169 16.54 -50.65 52.37
C VAL I 169 17.28 -49.41 52.89
N ASN I 170 16.65 -48.23 52.78
CA ASN I 170 17.17 -46.96 53.28
C ASN I 170 17.07 -46.92 54.82
N LYS I 171 18.20 -47.24 55.46
CA LYS I 171 18.37 -47.23 56.92
C LYS I 171 19.07 -45.96 57.42
N LYS I 172 19.29 -44.97 56.52
CA LYS I 172 19.99 -43.72 56.80
C LYS I 172 19.10 -42.64 57.44
N GLY I 173 17.76 -42.78 57.34
CA GLY I 173 16.79 -41.80 57.81
C GLY I 173 16.77 -40.52 56.96
N LYS I 174 17.41 -40.53 55.78
CA LYS I 174 17.64 -39.41 54.87
C LYS I 174 17.46 -39.89 53.43
N GLU I 175 17.07 -38.98 52.52
CA GLU I 175 16.85 -39.25 51.09
C GLU I 175 18.11 -39.78 50.37
N VAL I 176 18.17 -41.10 50.16
CA VAL I 176 19.24 -41.78 49.44
C VAL I 176 19.05 -41.64 47.92
N LEU I 177 19.96 -40.88 47.30
CA LEU I 177 20.00 -40.65 45.86
C LEU I 177 20.85 -41.74 45.21
N VAL I 178 20.18 -42.63 44.47
CA VAL I 178 20.79 -43.76 43.77
C VAL I 178 20.90 -43.42 42.27
N LEU I 179 22.10 -43.64 41.70
CA LEU I 179 22.39 -43.48 40.27
C LEU I 179 22.81 -44.84 39.71
N TRP I 180 22.23 -45.21 38.54
CA TRP I 180 22.56 -46.41 37.79
C TRP I 180 22.53 -46.10 36.29
N GLY I 181 23.12 -47.00 35.50
CA GLY I 181 23.17 -46.90 34.06
C GLY I 181 22.47 -48.10 33.39
N ILE I 182 22.05 -47.90 32.13
CA ILE I 182 21.53 -48.90 31.22
C ILE I 182 22.33 -48.80 29.90
N HIS I 183 23.07 -49.85 29.56
CA HIS I 183 23.90 -49.90 28.34
C HIS I 183 23.07 -50.30 27.10
N HIS I 184 23.55 -49.85 25.92
CA HIS I 184 22.95 -50.10 24.61
C HIS I 184 24.08 -50.38 23.61
N PRO I 185 24.43 -51.67 23.36
CA PRO I 185 25.42 -52.07 22.34
C PRO I 185 25.11 -51.57 20.91
N PRO I 186 26.15 -51.28 20.10
CA PRO I 186 25.98 -50.89 18.70
C PRO I 186 25.64 -52.05 17.74
N ASN I 187 25.80 -53.30 18.22
CA ASN I 187 25.60 -54.54 17.47
C ASN I 187 25.12 -55.66 18.41
N SER I 188 24.36 -56.60 17.83
CA SER I 188 23.76 -57.75 18.51
C SER I 188 24.76 -58.78 19.03
N LYS I 189 25.95 -58.90 18.40
CA LYS I 189 26.98 -59.83 18.84
C LYS I 189 27.63 -59.43 20.17
N GLU I 190 27.83 -58.11 20.39
CA GLU I 190 28.33 -57.54 21.64
C GLU I 190 27.33 -57.71 22.80
N GLN I 191 26.02 -57.57 22.50
CA GLN I 191 24.92 -57.85 23.42
C GLN I 191 24.92 -59.33 23.91
N GLN I 192 25.35 -60.25 23.04
CA GLN I 192 25.43 -61.69 23.28
C GLN I 192 26.78 -62.16 23.88
N ASN I 193 27.80 -61.29 24.00
CA ASN I 193 29.09 -61.63 24.62
C ASN I 193 29.42 -60.77 25.87
N LEU I 194 28.55 -59.80 26.22
CA LEU I 194 28.64 -59.06 27.47
C LEU I 194 27.46 -59.38 28.40
N TYR I 195 26.30 -59.77 27.86
CA TYR I 195 25.05 -59.89 28.64
C TYR I 195 24.25 -61.17 28.36
N GLN I 196 24.70 -61.98 27.38
CA GLN I 196 24.21 -63.31 26.97
C GLN I 196 22.83 -63.31 26.29
N ASN I 197 21.85 -62.62 26.92
CA ASN I 197 20.48 -62.48 26.49
C ASN I 197 20.40 -61.34 25.46
N GLU I 198 19.92 -61.64 24.24
CA GLU I 198 19.72 -60.64 23.18
C GLU I 198 18.61 -59.65 23.52
N ASN I 199 17.44 -60.18 23.93
CA ASN I 199 16.36 -59.42 24.56
C ASN I 199 16.59 -59.43 26.08
N ALA I 200 17.62 -58.67 26.51
CA ALA I 200 17.85 -58.32 27.90
C ALA I 200 16.86 -57.24 28.37
N TYR I 201 16.81 -57.03 29.69
CA TYR I 201 16.06 -55.97 30.34
C TYR I 201 16.71 -55.62 31.67
N VAL I 202 16.27 -54.49 32.22
CA VAL I 202 16.48 -54.08 33.60
C VAL I 202 15.13 -53.56 34.12
N SER I 203 14.88 -53.69 35.43
CA SER I 203 13.66 -53.24 36.08
C SER I 203 14.01 -52.78 37.50
N VAL I 204 14.25 -51.47 37.65
CA VAL I 204 14.47 -50.81 38.94
C VAL I 204 13.13 -50.24 39.43
N VAL I 205 12.77 -50.62 40.67
CA VAL I 205 11.47 -50.31 41.27
C VAL I 205 11.68 -49.97 42.76
N THR I 206 10.81 -49.10 43.30
CA THR I 206 10.70 -48.78 44.73
C THR I 206 9.21 -48.83 45.14
N SER I 207 8.87 -48.29 46.33
CA SER I 207 7.50 -48.11 46.81
C SER I 207 6.61 -47.28 45.85
N ASN I 208 7.17 -46.23 45.25
CA ASN I 208 6.47 -45.31 44.34
C ASN I 208 7.13 -45.20 42.95
N TYR I 209 8.35 -45.73 42.78
CA TYR I 209 9.03 -45.81 41.49
C TYR I 209 8.73 -47.18 40.86
N ASN I 210 8.55 -47.19 39.53
CA ASN I 210 8.36 -48.41 38.74
C ASN I 210 8.72 -48.05 37.29
N ARG I 211 9.82 -48.63 36.79
CA ARG I 211 10.25 -48.44 35.41
C ARG I 211 11.07 -49.63 34.94
N ARG I 212 10.67 -50.19 33.79
CA ARG I 212 11.42 -51.19 33.03
C ARG I 212 12.22 -50.49 31.92
N PHE I 213 13.42 -50.98 31.68
CA PHE I 213 14.36 -50.52 30.65
C PHE I 213 14.67 -51.72 29.75
N THR I 214 14.89 -51.46 28.45
CA THR I 214 15.22 -52.47 27.45
C THR I 214 16.28 -51.87 26.50
N PRO I 215 17.43 -52.56 26.30
CA PRO I 215 18.46 -52.16 25.31
C PRO I 215 17.93 -51.97 23.87
N GLU I 216 18.19 -50.79 23.31
CA GLU I 216 17.87 -50.42 21.94
C GLU I 216 19.12 -50.66 21.06
N ILE I 217 19.38 -51.92 20.67
CA ILE I 217 20.49 -52.28 19.78
C ILE I 217 20.28 -51.67 18.37
N ALA I 218 21.23 -50.82 17.95
CA ALA I 218 21.22 -50.08 16.69
C ALA I 218 22.61 -49.48 16.43
N GLU I 219 22.96 -49.33 15.15
CA GLU I 219 24.24 -48.79 14.68
C GLU I 219 24.24 -47.25 14.76
N ARG I 220 25.24 -46.66 15.46
CA ARG I 220 25.27 -45.23 15.79
C ARG I 220 26.68 -44.61 15.63
N PRO I 221 26.78 -43.27 15.49
CA PRO I 221 28.08 -42.54 15.48
C PRO I 221 28.92 -42.72 16.76
N LYS I 222 30.25 -42.76 16.58
CA LYS I 222 31.21 -42.85 17.68
C LYS I 222 31.44 -41.50 18.37
N VAL I 223 31.35 -41.50 19.71
CA VAL I 223 31.63 -40.35 20.58
C VAL I 223 32.49 -40.86 21.75
N ARG I 224 33.64 -40.21 22.00
CA ARG I 224 34.76 -40.72 22.81
C ARG I 224 35.28 -42.10 22.31
N ASP I 225 35.13 -42.33 20.99
CA ASP I 225 35.44 -43.56 20.26
C ASP I 225 34.48 -44.73 20.62
N GLN I 226 33.22 -44.42 20.99
CA GLN I 226 32.24 -45.43 21.42
C GLN I 226 30.94 -45.27 20.62
N ALA I 227 30.62 -46.28 19.80
CA ALA I 227 29.36 -46.39 19.06
C ALA I 227 28.17 -46.80 19.95
N GLY I 228 28.47 -47.45 21.11
CA GLY I 228 27.51 -47.81 22.14
C GLY I 228 26.98 -46.56 22.86
N ARG I 229 25.79 -46.68 23.48
CA ARG I 229 25.18 -45.65 24.32
C ARG I 229 24.97 -46.17 25.74
N MET I 230 24.70 -45.22 26.66
CA MET I 230 24.84 -45.42 28.10
C MET I 230 23.92 -44.41 28.79
N ASN I 231 22.66 -44.82 29.01
CA ASN I 231 21.60 -43.98 29.56
C ASN I 231 21.67 -44.02 31.09
N TYR I 232 21.98 -42.86 31.71
CA TYR I 232 22.11 -42.70 33.15
C TYR I 232 20.79 -42.22 33.76
N TYR I 233 20.31 -42.95 34.78
CA TYR I 233 19.06 -42.71 35.49
C TYR I 233 19.32 -42.45 36.97
N TRP I 234 18.28 -41.93 37.65
CA TRP I 234 18.28 -41.73 39.09
C TRP I 234 16.84 -41.74 39.64
N THR I 235 16.74 -41.98 40.94
CA THR I 235 15.54 -41.76 41.73
C THR I 235 15.95 -41.52 43.20
N LEU I 236 15.14 -40.69 43.89
CA LEU I 236 15.21 -40.54 45.34
C LEU I 236 14.55 -41.75 46.00
N LEU I 237 15.29 -42.37 46.93
CA LEU I 237 14.84 -43.42 47.83
C LEU I 237 14.54 -42.74 49.16
N LYS I 238 13.28 -42.77 49.61
CA LYS I 238 12.84 -42.10 50.84
C LYS I 238 13.31 -42.85 52.11
N PRO I 239 13.32 -42.18 53.29
CA PRO I 239 13.58 -42.84 54.60
C PRO I 239 12.71 -44.08 54.87
N GLY I 240 13.36 -45.25 54.94
CA GLY I 240 12.72 -46.55 55.16
C GLY I 240 12.26 -47.23 53.86
N ASP I 241 12.30 -46.53 52.71
CA ASP I 241 11.91 -47.05 51.40
C ASP I 241 12.98 -48.04 50.89
N THR I 242 12.50 -49.13 50.28
CA THR I 242 13.31 -50.17 49.66
C THR I 242 13.39 -49.93 48.14
N ILE I 243 14.57 -50.20 47.55
CA ILE I 243 14.77 -50.27 46.11
C ILE I 243 15.13 -51.72 45.76
N ILE I 244 14.54 -52.21 44.67
CA ILE I 244 14.77 -53.55 44.14
C ILE I 244 15.25 -53.38 42.69
N PHE I 245 16.56 -53.60 42.50
CA PHE I 245 17.19 -53.80 41.21
C PHE I 245 16.90 -55.21 40.70
N GLU I 246 16.60 -55.34 39.40
CA GLU I 246 16.34 -56.59 38.71
C GLU I 246 16.83 -56.43 37.27
N ALA I 247 17.36 -57.51 36.66
CA ALA I 247 17.87 -57.50 35.29
C ALA I 247 18.29 -58.90 34.84
N ASN I 248 18.47 -59.07 33.52
CA ASN I 248 19.18 -60.20 32.91
C ASN I 248 20.22 -59.71 31.87
N GLY I 249 20.61 -58.43 31.95
CA GLY I 249 21.64 -57.85 31.11
C GLY I 249 21.57 -56.33 31.18
N ASN I 250 22.72 -55.70 30.88
CA ASN I 250 22.93 -54.27 30.60
C ASN I 250 22.79 -53.34 31.80
N LEU I 251 22.45 -53.87 32.99
CA LEU I 251 22.41 -53.11 34.23
C LEU I 251 23.83 -52.77 34.69
N ILE I 252 24.10 -51.46 34.77
CA ILE I 252 25.32 -50.91 35.30
C ILE I 252 24.97 -50.45 36.73
N ALA I 253 24.99 -51.43 37.65
CA ALA I 253 24.56 -51.32 39.04
C ALA I 253 25.38 -50.29 39.84
N PRO I 254 24.77 -49.56 40.80
CA PRO I 254 25.51 -48.65 41.69
C PRO I 254 26.52 -49.38 42.59
N MET I 255 27.75 -48.84 42.74
CA MET I 255 28.59 -49.13 43.91
C MET I 255 28.11 -48.28 45.09
N TYR I 256 28.08 -46.94 44.89
CA TYR I 256 27.80 -45.94 45.92
C TYR I 256 26.52 -45.16 45.60
N ALA I 257 25.83 -44.75 46.68
CA ALA I 257 24.68 -43.83 46.68
C ALA I 257 24.88 -42.79 47.79
N PHE I 258 24.12 -41.68 47.71
CA PHE I 258 24.32 -40.50 48.53
C PHE I 258 23.08 -40.13 49.35
N ALA I 259 23.15 -40.30 50.69
CA ALA I 259 22.09 -39.91 51.63
C ALA I 259 22.17 -38.40 51.91
N LEU I 260 21.23 -37.66 51.30
CA LEU I 260 21.21 -36.20 51.23
C LEU I 260 20.75 -35.54 52.54
N ARG I 261 21.44 -34.46 52.92
CA ARG I 261 21.01 -33.52 53.95
C ARG I 261 20.61 -32.23 53.22
N ARG I 262 19.31 -31.91 53.24
CA ARG I 262 18.75 -30.69 52.65
C ARG I 262 19.24 -29.42 53.37
N GLY I 263 19.49 -28.35 52.62
CA GLY I 263 19.92 -27.08 53.18
C GLY I 263 19.74 -25.96 52.13
N PHE I 264 19.47 -24.75 52.63
CA PHE I 264 19.14 -23.56 51.86
C PHE I 264 20.36 -22.63 51.75
N GLY I 265 20.32 -21.73 50.75
CA GLY I 265 21.39 -20.79 50.43
C GLY I 265 22.41 -21.39 49.44
N SER I 266 22.38 -22.72 49.26
CA SER I 266 23.10 -23.47 48.23
C SER I 266 22.52 -23.20 46.83
N GLY I 267 23.34 -23.45 45.80
CA GLY I 267 22.95 -23.29 44.42
C GLY I 267 24.20 -23.31 43.54
N ILE I 268 24.01 -23.66 42.26
CA ILE I 268 25.05 -23.71 41.25
C ILE I 268 25.31 -22.32 40.65
N ILE I 269 26.60 -21.95 40.54
CA ILE I 269 27.07 -20.75 39.85
C ILE I 269 28.27 -21.11 38.96
N THR I 270 28.48 -20.33 37.89
CA THR I 270 29.61 -20.50 36.98
C THR I 270 30.54 -19.29 37.14
N SER I 271 31.73 -19.51 37.70
CA SER I 271 32.68 -18.48 38.12
C SER I 271 34.10 -18.80 37.64
N ASN I 272 34.79 -17.76 37.15
CA ASN I 272 36.22 -17.77 36.81
C ASN I 272 37.10 -17.17 37.94
N ALA I 273 36.49 -16.62 39.00
CA ALA I 273 37.18 -16.10 40.19
C ALA I 273 37.79 -17.23 41.04
N SER I 274 38.95 -16.95 41.64
CA SER I 274 39.73 -17.93 42.40
C SER I 274 39.31 -17.98 43.89
N MET I 275 39.31 -19.19 44.46
CA MET I 275 39.01 -19.43 45.89
C MET I 275 40.17 -19.01 46.79
N HIS I 276 39.82 -18.27 47.85
CA HIS I 276 40.72 -17.73 48.86
C HIS I 276 40.09 -17.86 50.26
N GLU I 277 40.95 -17.78 51.29
CA GLU I 277 40.58 -17.77 52.70
C GLU I 277 40.09 -16.39 53.21
N CYS I 278 39.18 -15.79 52.43
CA CYS I 278 38.33 -14.67 52.80
C CYS I 278 36.94 -15.19 53.22
N ASN I 279 36.21 -14.37 53.97
CA ASN I 279 34.85 -14.66 54.44
C ASN I 279 33.91 -13.52 53.98
N THR I 280 32.63 -13.87 53.76
CA THR I 280 31.62 -12.95 53.26
C THR I 280 30.19 -13.41 53.59
N LYS I 281 29.25 -12.46 53.51
CA LYS I 281 27.80 -12.69 53.58
C LYS I 281 27.15 -12.77 52.17
N CYS I 282 27.84 -12.26 51.13
CA CYS I 282 27.37 -12.23 49.75
C CYS I 282 28.51 -12.66 48.81
N GLN I 283 28.18 -13.57 47.87
CA GLN I 283 29.06 -13.96 46.79
C GLN I 283 28.36 -13.72 45.44
N THR I 284 29.15 -13.31 44.44
CA THR I 284 28.79 -13.30 43.02
C THR I 284 29.89 -14.03 42.21
N PRO I 285 29.59 -14.46 40.96
CA PRO I 285 30.61 -15.02 40.04
C PRO I 285 31.87 -14.19 39.73
N LEU I 286 31.81 -12.86 39.90
CA LEU I 286 32.97 -11.98 39.72
C LEU I 286 33.80 -11.85 41.01
N GLY I 287 33.14 -11.92 42.18
CA GLY I 287 33.79 -11.83 43.47
C GLY I 287 32.77 -11.50 44.57
N ALA I 288 33.24 -11.53 45.82
CA ALA I 288 32.42 -11.37 47.02
C ALA I 288 32.17 -9.89 47.37
N ILE I 289 30.89 -9.48 47.44
CA ILE I 289 30.49 -8.16 47.94
C ILE I 289 30.47 -8.18 49.48
N ASN I 290 30.99 -7.12 50.10
CA ASN I 290 30.92 -6.91 51.54
C ASN I 290 30.46 -5.46 51.79
N SER I 291 29.14 -5.25 51.64
CA SER I 291 28.50 -3.94 51.77
C SER I 291 27.05 -4.09 52.23
N SER I 292 26.51 -3.00 52.80
CA SER I 292 25.16 -2.90 53.34
C SER I 292 24.23 -2.01 52.48
N LEU I 293 24.72 -1.47 51.35
CA LEU I 293 23.95 -0.68 50.39
C LEU I 293 22.84 -1.53 49.72
N PRO I 294 21.64 -0.93 49.48
CA PRO I 294 20.46 -1.69 49.04
C PRO I 294 20.53 -2.28 47.61
N TYR I 295 21.22 -1.60 46.68
CA TYR I 295 21.36 -2.02 45.28
C TYR I 295 22.81 -2.41 44.97
N GLN I 296 22.99 -3.22 43.91
CA GLN I 296 24.27 -3.55 43.27
C GLN I 296 24.09 -3.66 41.74
N ASN I 297 25.22 -3.59 41.01
CA ASN I 297 25.26 -3.61 39.55
C ASN I 297 26.38 -4.54 39.01
N ILE I 298 26.84 -5.47 39.84
CA ILE I 298 27.96 -6.37 39.54
C ILE I 298 27.51 -7.60 38.74
N HIS I 299 26.55 -8.39 39.26
CA HIS I 299 26.10 -9.64 38.63
C HIS I 299 24.69 -10.02 39.13
N PRO I 300 23.79 -10.48 38.22
CA PRO I 300 22.46 -10.97 38.61
C PRO I 300 22.47 -12.26 39.45
N VAL I 301 23.43 -13.15 39.17
CA VAL I 301 23.64 -14.38 39.94
C VAL I 301 24.33 -14.03 41.27
N THR I 302 23.70 -14.48 42.37
CA THR I 302 24.08 -14.19 43.73
C THR I 302 23.88 -15.42 44.62
N ILE I 303 24.64 -15.46 45.72
CA ILE I 303 24.62 -16.49 46.75
C ILE I 303 24.68 -15.77 48.11
N GLY I 304 23.85 -16.21 49.06
CA GLY I 304 23.73 -15.61 50.39
C GLY I 304 22.82 -14.38 50.33
N GLU I 305 23.07 -13.42 51.23
CA GLU I 305 22.30 -12.19 51.38
C GLU I 305 23.06 -11.02 50.76
N CYS I 306 22.68 -10.71 49.50
CA CYS I 306 23.27 -9.69 48.65
C CYS I 306 22.34 -8.48 48.43
N PRO I 307 22.89 -7.31 48.02
CA PRO I 307 22.07 -6.21 47.45
C PRO I 307 21.33 -6.59 46.15
N LYS I 308 20.27 -5.85 45.82
CA LYS I 308 19.42 -6.08 44.63
C LYS I 308 20.15 -5.72 43.33
N TYR I 309 20.25 -6.69 42.41
CA TYR I 309 20.82 -6.43 41.09
C TYR I 309 19.90 -5.51 40.26
N VAL I 310 20.51 -4.44 39.74
CA VAL I 310 19.92 -3.47 38.82
C VAL I 310 20.99 -3.09 37.78
N ARG I 311 20.54 -2.71 36.57
CA ARG I 311 21.41 -2.29 35.47
C ARG I 311 21.87 -0.82 35.57
N SER I 312 21.49 -0.11 36.66
CA SER I 312 21.86 1.28 36.96
C SER I 312 23.38 1.48 37.11
N ALA I 313 23.86 2.67 36.74
CA ALA I 313 25.26 3.10 36.88
C ALA I 313 25.45 4.17 37.97
N LYS I 314 24.35 4.79 38.45
CA LYS I 314 24.34 5.84 39.46
C LYS I 314 22.94 5.85 40.11
N LEU I 315 22.88 5.60 41.43
CA LEU I 315 21.68 5.78 42.25
C LEU I 315 22.07 6.63 43.47
N ARG I 316 22.67 7.80 43.19
CA ARG I 316 23.17 8.74 44.19
C ARG I 316 22.05 9.69 44.64
N MET I 317 21.65 9.54 45.91
CA MET I 317 20.66 10.38 46.58
C MET I 317 21.39 11.49 47.33
N VAL I 318 20.81 12.70 47.29
CA VAL I 318 21.33 13.88 47.97
C VAL I 318 20.85 13.91 49.44
N THR I 319 21.80 14.18 50.35
CA THR I 319 21.55 14.35 51.78
C THR I 319 21.67 15.83 52.18
N GLY I 320 22.56 16.59 51.51
CA GLY I 320 22.74 18.03 51.70
C GLY I 320 21.86 18.81 50.72
N LEU I 321 22.19 20.10 50.55
CA LEU I 321 21.55 21.02 49.61
C LEU I 321 22.44 21.22 48.36
N ARG I 322 22.02 22.10 47.44
CA ARG I 322 22.81 22.52 46.28
C ARG I 322 24.03 23.35 46.74
N ASN I 323 25.24 22.90 46.35
CA ASN I 323 26.49 23.60 46.65
C ASN I 323 26.67 24.77 45.69
N ILE I 324 26.64 25.97 46.27
CA ILE I 324 26.90 27.24 45.61
C ILE I 324 27.93 27.96 46.50
N PRO I 325 29.25 27.72 46.30
CA PRO I 325 30.30 28.22 47.21
C PRO I 325 30.43 29.74 47.38
N ALA I 326 29.86 30.51 46.43
CA ALA I 326 29.93 31.98 46.34
C ALA I 326 31.36 32.53 46.10
N ARG I 327 32.30 31.65 45.71
CA ARG I 327 33.73 31.92 45.48
C ARG I 327 33.94 32.80 44.26
N GLY J 1 15.38 27.76 44.29
CA GLY J 1 14.85 26.55 43.63
C GLY J 1 13.35 26.74 43.48
N LEU J 2 12.56 25.80 44.02
CA LEU J 2 11.09 25.82 43.98
C LEU J 2 10.50 26.98 44.81
N PHE J 3 10.91 27.10 46.08
CA PHE J 3 10.39 28.14 46.98
C PHE J 3 11.10 29.50 46.80
N GLY J 4 12.36 29.50 46.30
CA GLY J 4 13.04 30.71 45.85
C GLY J 4 14.05 31.28 46.87
N ALA J 5 14.78 30.42 47.60
CA ALA J 5 15.87 30.81 48.50
C ALA J 5 17.23 30.29 48.01
N ILE J 6 17.33 28.98 47.69
CA ILE J 6 18.55 28.34 47.21
C ILE J 6 18.82 28.75 45.74
N ALA J 7 19.81 29.63 45.55
CA ALA J 7 20.07 30.40 44.31
C ALA J 7 18.94 31.38 43.95
N GLY J 8 18.13 31.77 44.95
CA GLY J 8 16.99 32.65 44.82
C GLY J 8 17.41 34.04 45.29
N PHE J 9 16.63 34.65 46.20
CA PHE J 9 16.93 35.97 46.75
C PHE J 9 18.22 36.00 47.60
N ILE J 10 18.51 34.90 48.35
CA ILE J 10 19.85 34.65 48.90
C ILE J 10 20.72 34.10 47.76
N GLU J 11 21.71 34.91 47.37
CA GLU J 11 22.53 34.77 46.17
C GLU J 11 23.37 33.49 46.10
N GLY J 12 23.95 33.08 47.23
CA GLY J 12 24.84 31.93 47.30
C GLY J 12 24.95 31.46 48.74
N GLY J 13 25.48 30.23 48.89
CA GLY J 13 25.75 29.61 50.18
C GLY J 13 27.15 30.01 50.63
N TRP J 14 27.36 30.02 51.96
CA TRP J 14 28.61 30.46 52.58
C TRP J 14 29.33 29.25 53.17
N THR J 15 30.61 29.14 52.80
CA THR J 15 31.57 28.16 53.33
C THR J 15 32.03 28.49 54.77
N GLY J 16 31.64 29.67 55.30
CA GLY J 16 31.85 30.08 56.69
C GLY J 16 30.96 29.30 57.66
N MET J 17 29.80 28.79 57.22
CA MET J 17 29.06 27.74 57.92
C MET J 17 29.67 26.38 57.59
N ILE J 18 30.05 25.64 58.63
CA ILE J 18 30.42 24.23 58.61
C ILE J 18 29.60 23.46 59.68
N ASP J 19 29.20 24.18 60.75
CA ASP J 19 28.40 23.74 61.90
C ASP J 19 26.99 23.22 61.52
N GLY J 20 26.39 23.74 60.44
CA GLY J 20 25.06 23.31 60.02
C GLY J 20 24.73 23.80 58.62
N TRP J 21 23.64 23.23 58.05
CA TRP J 21 23.12 23.53 56.71
C TRP J 21 22.44 24.90 56.56
N TYR J 22 22.08 25.53 57.69
CA TYR J 22 21.41 26.84 57.76
C TYR J 22 22.13 27.64 58.84
N GLY J 23 22.27 28.95 58.64
CA GLY J 23 22.96 29.77 59.61
C GLY J 23 22.78 31.25 59.36
N TYR J 24 23.40 32.02 60.27
CA TYR J 24 23.34 33.46 60.34
C TYR J 24 24.77 34.00 60.34
N HIS J 25 25.09 34.82 59.33
CA HIS J 25 26.29 35.65 59.32
C HIS J 25 25.96 36.96 60.03
N HIS J 26 26.30 37.02 61.34
CA HIS J 26 26.24 38.25 62.13
C HIS J 26 27.40 39.17 61.74
N GLN J 27 27.11 40.47 61.72
CA GLN J 27 28.03 41.53 61.34
C GLN J 27 27.95 42.65 62.38
N ASN J 28 28.32 42.32 63.63
CA ASN J 28 28.34 43.27 64.74
C ASN J 28 29.55 44.20 64.66
N GLU J 29 29.39 45.34 65.34
CA GLU J 29 30.45 46.28 65.72
C GLU J 29 31.40 45.69 66.79
N GLN J 30 30.94 44.63 67.48
CA GLN J 30 31.72 43.73 68.34
C GLN J 30 32.44 42.60 67.56
N GLY J 31 32.29 42.55 66.23
CA GLY J 31 32.98 41.62 65.33
C GLY J 31 31.98 40.79 64.53
N SER J 32 32.39 40.41 63.31
CA SER J 32 31.63 39.56 62.39
C SER J 32 31.95 38.07 62.61
N GLY J 33 31.07 37.19 62.12
CA GLY J 33 31.28 35.75 62.20
C GLY J 33 30.01 35.01 61.74
N TYR J 34 30.14 33.69 61.61
CA TYR J 34 29.06 32.78 61.20
C TYR J 34 28.65 31.92 62.40
N ALA J 35 27.35 31.59 62.49
CA ALA J 35 26.76 30.79 63.54
C ALA J 35 25.52 30.08 62.98
N ALA J 36 25.60 28.73 62.91
CA ALA J 36 24.52 27.89 62.39
C ALA J 36 23.29 27.86 63.31
N ASP J 37 22.10 27.84 62.69
CA ASP J 37 20.83 27.61 63.39
C ASP J 37 20.65 26.10 63.56
N GLN J 38 20.87 25.64 64.79
CA GLN J 38 20.79 24.27 65.24
C GLN J 38 19.40 23.62 65.11
N LYS J 39 18.33 24.44 65.07
CA LYS J 39 16.94 23.98 64.97
C LYS J 39 16.61 23.54 63.54
N SER J 40 16.73 24.46 62.56
CA SER J 40 16.50 24.17 61.15
C SER J 40 17.49 23.16 60.55
N THR J 41 18.74 23.17 61.04
CA THR J 41 19.77 22.19 60.69
C THR J 41 19.40 20.78 61.16
N GLN J 42 19.00 20.62 62.43
CA GLN J 42 18.69 19.30 62.98
C GLN J 42 17.35 18.74 62.49
N ASN J 43 16.34 19.61 62.25
CA ASN J 43 15.06 19.24 61.62
C ASN J 43 15.24 18.73 60.19
N ALA J 44 16.17 19.37 59.44
CA ALA J 44 16.58 18.93 58.11
C ALA J 44 17.34 17.60 58.14
N ILE J 45 18.29 17.45 59.08
CA ILE J 45 19.08 16.23 59.29
C ILE J 45 18.21 15.02 59.71
N ASN J 46 17.24 15.21 60.60
CA ASN J 46 16.27 14.20 61.03
C ASN J 46 15.36 13.74 59.88
N GLY J 47 14.90 14.70 59.05
CA GLY J 47 14.06 14.43 57.89
C GLY J 47 14.83 13.71 56.77
N ILE J 48 16.12 14.06 56.58
CA ILE J 48 17.04 13.41 55.65
C ILE J 48 17.45 12.01 56.11
N THR J 49 17.70 11.82 57.41
CA THR J 49 18.02 10.53 58.01
C THR J 49 16.85 9.54 57.90
N ASN J 50 15.61 10.02 58.11
CA ASN J 50 14.40 9.21 57.92
C ASN J 50 14.13 8.88 56.44
N LYS J 51 14.49 9.78 55.50
CA LYS J 51 14.44 9.52 54.05
C LYS J 51 15.47 8.48 53.59
N VAL J 52 16.71 8.58 54.11
CA VAL J 52 17.81 7.63 53.92
C VAL J 52 17.48 6.23 54.49
N ASN J 53 16.86 6.19 55.68
CA ASN J 53 16.35 4.96 56.30
C ASN J 53 15.23 4.35 55.45
N SER J 54 14.19 5.15 55.12
CA SER J 54 13.01 4.72 54.36
C SER J 54 13.32 4.04 53.02
N VAL J 55 14.19 4.65 52.19
CA VAL J 55 14.57 4.08 50.89
C VAL J 55 15.39 2.77 50.98
N ILE J 56 16.19 2.61 52.05
CA ILE J 56 16.99 1.41 52.32
C ILE J 56 16.16 0.28 52.98
N GLU J 57 15.23 0.64 53.88
CA GLU J 57 14.33 -0.27 54.59
C GLU J 57 13.31 -0.96 53.68
N LYS J 58 12.75 -0.19 52.72
CA LYS J 58 11.83 -0.68 51.67
C LYS J 58 12.50 -1.66 50.68
N MET J 59 13.84 -1.59 50.58
CA MET J 59 14.68 -2.53 49.84
C MET J 59 15.06 -3.72 50.73
N ASN J 60 14.13 -4.68 50.84
CA ASN J 60 14.31 -6.00 51.45
C ASN J 60 15.37 -6.82 50.67
N ILE J 61 16.32 -7.44 51.39
CA ILE J 61 17.54 -8.05 50.86
C ILE J 61 17.30 -9.15 49.81
N GLN J 62 18.12 -9.16 48.73
CA GLN J 62 18.13 -10.21 47.71
C GLN J 62 18.85 -11.46 48.24
N PHE J 63 18.11 -12.58 48.33
CA PHE J 63 18.64 -13.89 48.71
C PHE J 63 19.36 -14.56 47.51
N THR J 64 19.81 -15.81 47.68
CA THR J 64 20.42 -16.66 46.65
C THR J 64 19.52 -16.76 45.39
N ALA J 65 20.06 -16.24 44.28
CA ALA J 65 19.42 -16.22 42.97
C ALA J 65 20.43 -16.81 41.99
N VAL J 66 20.12 -18.01 41.47
CA VAL J 66 20.99 -18.74 40.55
C VAL J 66 20.27 -19.00 39.22
N GLY J 67 21.07 -19.14 38.16
CA GLY J 67 20.59 -19.43 36.81
C GLY J 67 20.06 -20.86 36.72
N LYS J 68 18.93 -21.01 36.02
CA LYS J 68 18.30 -22.30 35.76
C LYS J 68 18.73 -22.76 34.36
N GLU J 69 19.19 -24.01 34.27
CA GLU J 69 19.54 -24.68 33.02
C GLU J 69 18.37 -25.56 32.53
N PHE J 70 18.21 -25.61 31.20
CA PHE J 70 17.13 -26.31 30.51
C PHE J 70 17.75 -27.05 29.31
N ASN J 71 17.20 -28.22 28.96
CA ASN J 71 17.65 -29.00 27.80
C ASN J 71 17.19 -28.41 26.45
N LYS J 72 17.63 -29.08 25.36
CA LYS J 72 17.35 -28.72 23.96
C LYS J 72 15.87 -28.74 23.54
N LEU J 73 15.02 -29.45 24.31
CA LEU J 73 13.56 -29.53 24.11
C LEU J 73 12.81 -28.82 25.26
N GLU J 74 13.43 -27.76 25.81
CA GLU J 74 12.89 -26.92 26.88
C GLU J 74 13.24 -25.44 26.62
N LYS J 75 13.24 -25.04 25.34
CA LYS J 75 13.54 -23.68 24.88
C LYS J 75 12.43 -22.67 25.26
N ARG J 76 11.17 -23.13 25.33
CA ARG J 76 10.03 -22.31 25.75
C ARG J 76 10.09 -21.92 27.24
N MET J 77 10.37 -22.90 28.13
CA MET J 77 10.50 -22.66 29.56
C MET J 77 11.82 -21.93 29.93
N GLU J 78 12.82 -21.99 29.04
CA GLU J 78 14.02 -21.15 29.06
C GLU J 78 13.70 -19.68 28.74
N ASN J 79 12.92 -19.45 27.66
CA ASN J 79 12.48 -18.10 27.25
C ASN J 79 11.42 -17.51 28.19
N LEU J 80 10.68 -18.34 28.96
CA LEU J 80 9.80 -17.91 30.05
C LEU J 80 10.63 -17.46 31.26
N ASN J 81 11.69 -18.21 31.61
CA ASN J 81 12.64 -17.86 32.67
C ASN J 81 13.40 -16.56 32.35
N ASN J 82 13.86 -16.42 31.10
CA ASN J 82 14.52 -15.23 30.56
C ASN J 82 13.58 -14.00 30.61
N LYS J 83 12.32 -14.15 30.15
CA LYS J 83 11.28 -13.11 30.21
C LYS J 83 10.94 -12.67 31.65
N VAL J 84 10.92 -13.62 32.59
CA VAL J 84 10.69 -13.39 34.02
C VAL J 84 11.84 -12.62 34.68
N ASP J 85 13.09 -13.08 34.47
CA ASP J 85 14.31 -12.47 35.00
C ASP J 85 14.59 -11.07 34.43
N ASP J 86 14.45 -10.90 33.09
CA ASP J 86 14.53 -9.62 32.41
C ASP J 86 13.43 -8.64 32.84
N GLY J 87 12.16 -9.09 32.85
CA GLY J 87 10.99 -8.26 33.14
C GLY J 87 10.99 -7.73 34.58
N PHE J 88 11.43 -8.54 35.56
CA PHE J 88 11.66 -8.10 36.94
C PHE J 88 12.80 -7.09 37.05
N LEU J 89 13.93 -7.38 36.37
CA LEU J 89 15.13 -6.54 36.34
C LEU J 89 14.88 -5.16 35.69
N ASP J 90 14.03 -5.10 34.65
CA ASP J 90 13.51 -3.87 34.05
C ASP J 90 12.73 -3.03 35.06
N ILE J 91 11.79 -3.65 35.79
CA ILE J 91 10.93 -2.98 36.78
C ILE J 91 11.73 -2.45 38.00
N TRP J 92 12.66 -3.26 38.55
CA TRP J 92 13.53 -2.86 39.65
C TRP J 92 14.50 -1.73 39.30
N THR J 93 15.10 -1.77 38.09
CA THR J 93 15.97 -0.71 37.59
C THR J 93 15.20 0.59 37.30
N TYR J 94 13.98 0.45 36.74
CA TYR J 94 13.05 1.54 36.43
C TYR J 94 12.56 2.28 37.68
N ASN J 95 12.11 1.54 38.71
CA ASN J 95 11.68 2.12 39.99
C ASN J 95 12.85 2.77 40.75
N ALA J 96 14.05 2.18 40.69
CA ALA J 96 15.27 2.69 41.31
C ALA J 96 15.74 4.03 40.73
N GLU J 97 15.65 4.21 39.40
CA GLU J 97 16.04 5.44 38.72
C GLU J 97 14.95 6.51 38.76
N LEU J 98 13.65 6.13 38.66
CA LEU J 98 12.50 7.03 38.76
C LEU J 98 12.41 7.70 40.14
N LEU J 99 12.54 6.91 41.21
CA LEU J 99 12.49 7.39 42.59
C LEU J 99 13.66 8.34 42.89
N VAL J 100 14.87 8.05 42.38
CA VAL J 100 16.07 8.87 42.53
C VAL J 100 15.90 10.30 41.97
N LEU J 101 15.33 10.45 40.75
CA LEU J 101 15.02 11.76 40.16
C LEU J 101 13.99 12.55 40.99
N LEU J 102 12.96 11.85 41.47
CA LEU J 102 11.85 12.41 42.24
C LEU J 102 12.28 12.86 43.64
N GLU J 103 12.99 11.99 44.38
CA GLU J 103 13.42 12.25 45.76
C GLU J 103 14.54 13.30 45.85
N ASN J 104 15.44 13.39 44.85
CA ASN J 104 16.46 14.44 44.75
C ASN J 104 15.82 15.82 44.56
N GLU J 105 14.76 15.90 43.73
CA GLU J 105 14.00 17.13 43.52
C GLU J 105 13.23 17.53 44.79
N ARG J 106 12.47 16.59 45.39
CA ARG J 106 11.74 16.75 46.65
C ARG J 106 12.62 17.12 47.85
N THR J 107 13.89 16.68 47.87
CA THR J 107 14.86 17.03 48.91
C THR J 107 15.39 18.47 48.74
N LEU J 108 15.60 18.91 47.49
CA LEU J 108 15.98 20.30 47.16
C LEU J 108 14.83 21.28 47.41
N ASP J 109 13.56 20.85 47.18
CA ASP J 109 12.34 21.54 47.59
C ASP J 109 12.23 21.68 49.12
N PHE J 110 12.55 20.59 49.85
CA PHE J 110 12.55 20.51 51.31
C PHE J 110 13.60 21.41 51.99
N HIS J 111 14.82 21.48 51.42
CA HIS J 111 15.87 22.35 51.93
C HIS J 111 15.62 23.83 51.63
N ASP J 112 15.04 24.15 50.46
CA ASP J 112 14.61 25.50 50.07
C ASP J 112 13.50 26.02 51.02
N SER J 113 12.54 25.14 51.34
CA SER J 113 11.52 25.31 52.38
C SER J 113 12.10 25.66 53.77
N ASN J 114 13.15 24.93 54.21
CA ASN J 114 13.79 25.14 55.51
C ASN J 114 14.56 26.48 55.61
N VAL J 115 15.09 27.01 54.49
CA VAL J 115 15.68 28.37 54.45
C VAL J 115 14.57 29.45 54.56
N LYS J 116 13.44 29.22 53.88
CA LYS J 116 12.25 30.10 53.86
C LYS J 116 11.57 30.22 55.22
N ASN J 117 11.36 29.08 55.90
CA ASN J 117 10.80 28.99 57.25
C ASN J 117 11.71 29.64 58.31
N LEU J 118 13.03 29.64 58.07
CA LEU J 118 14.02 30.29 58.95
C LEU J 118 14.09 31.81 58.72
N TYR J 119 14.00 32.24 57.46
CA TYR J 119 14.02 33.65 57.05
C TYR J 119 12.80 34.43 57.59
N GLU J 120 11.59 33.87 57.42
CA GLU J 120 10.34 34.47 57.89
C GLU J 120 10.23 34.50 59.42
N LYS J 121 10.83 33.49 60.09
CA LYS J 121 10.98 33.42 61.55
C LYS J 121 11.83 34.55 62.13
N VAL J 122 12.95 34.90 61.46
CA VAL J 122 13.81 36.02 61.83
C VAL J 122 13.20 37.39 61.44
N LYS J 123 12.50 37.46 60.30
CA LYS J 123 11.82 38.66 59.81
C LYS J 123 10.68 39.14 60.74
N SER J 124 9.93 38.17 61.29
CA SER J 124 8.84 38.39 62.26
C SER J 124 9.30 38.83 63.67
N GLN J 125 10.61 38.83 63.93
CA GLN J 125 11.24 39.33 65.15
C GLN J 125 11.80 40.75 64.95
N LEU J 126 12.32 41.04 63.74
CA LEU J 126 12.99 42.28 63.35
C LEU J 126 12.04 43.26 62.64
N LYS J 127 10.76 43.29 63.05
CA LYS J 127 9.62 43.95 62.41
C LYS J 127 9.83 45.45 62.13
N ASN J 128 9.85 46.27 63.19
CA ASN J 128 10.09 47.72 63.14
C ASN J 128 11.35 48.08 63.96
N ASN J 129 12.22 47.09 64.19
CA ASN J 129 13.57 47.27 64.73
C ASN J 129 14.63 47.26 63.63
N ALA J 130 14.25 46.91 62.38
CA ALA J 130 15.15 46.73 61.26
C ALA J 130 14.40 46.83 59.93
N LYS J 131 15.19 47.02 58.86
CA LYS J 131 14.76 46.95 57.47
C LYS J 131 15.58 45.87 56.75
N GLU J 132 14.97 45.24 55.74
CA GLU J 132 15.64 44.31 54.82
C GLU J 132 16.50 45.10 53.81
N ILE J 133 17.76 44.70 53.62
CA ILE J 133 18.75 45.44 52.81
C ILE J 133 19.49 44.61 51.74
N GLY J 134 19.67 43.29 51.94
CA GLY J 134 20.58 42.50 51.12
C GLY J 134 19.98 41.14 50.73
N ASN J 135 18.67 40.94 50.91
CA ASN J 135 17.90 39.72 50.63
C ASN J 135 18.40 38.55 51.50
N GLY J 136 18.15 38.70 52.80
CA GLY J 136 18.66 37.85 53.88
C GLY J 136 19.23 38.79 54.95
N CYS J 137 19.97 39.83 54.55
CA CYS J 137 20.58 40.82 55.46
C CYS J 137 19.56 41.85 55.96
N PHE J 138 19.43 41.94 57.29
CA PHE J 138 18.70 42.99 58.00
C PHE J 138 19.69 44.02 58.56
N GLU J 139 19.26 45.29 58.62
CA GLU J 139 20.01 46.42 59.15
C GLU J 139 19.18 47.06 60.25
N PHE J 140 19.68 46.99 61.49
CA PHE J 140 18.97 47.42 62.70
C PHE J 140 18.87 48.95 62.83
N TYR J 141 17.84 49.41 63.55
CA TYR J 141 17.57 50.82 63.79
C TYR J 141 18.25 51.36 65.07
N HIS J 142 18.57 50.49 66.03
CA HIS J 142 19.06 50.89 67.35
C HIS J 142 20.41 50.25 67.75
N LYS J 143 20.96 49.35 66.92
CA LYS J 143 22.28 48.69 67.06
C LYS J 143 22.38 47.88 68.37
N CYS J 144 22.14 46.55 68.30
CA CYS J 144 22.20 45.66 69.46
C CYS J 144 23.29 44.57 69.33
N ASP J 145 23.80 44.16 70.51
CA ASP J 145 24.96 43.29 70.76
C ASP J 145 24.81 41.83 70.25
N ASN J 146 25.88 41.03 70.45
CA ASN J 146 25.92 39.58 70.22
C ASN J 146 24.94 38.77 71.10
N GLU J 147 24.56 39.30 72.29
CA GLU J 147 23.51 38.72 73.14
C GLU J 147 22.14 38.84 72.45
N CYS J 148 21.86 40.04 71.91
CA CYS J 148 20.67 40.36 71.12
C CYS J 148 20.62 39.63 69.76
N MET J 149 21.79 39.33 69.16
CA MET J 149 21.89 38.44 68.00
C MET J 149 21.51 37.01 68.37
N GLU J 150 22.03 36.49 69.49
CA GLU J 150 21.70 35.16 70.02
C GLU J 150 20.23 35.02 70.43
N SER J 151 19.61 36.10 70.92
CA SER J 151 18.17 36.19 71.20
C SER J 151 17.32 36.03 69.92
N VAL J 152 17.79 36.58 68.78
CA VAL J 152 17.22 36.36 67.45
C VAL J 152 17.44 34.92 66.92
N ARG J 153 18.57 34.27 67.28
CA ARG J 153 18.84 32.86 66.94
C ARG J 153 17.92 31.88 67.67
N ASN J 154 17.78 32.02 69.00
CA ASN J 154 17.06 31.08 69.87
C ASN J 154 15.52 31.18 69.82
N GLY J 155 14.98 32.19 69.12
CA GLY J 155 13.54 32.32 68.87
C GLY J 155 12.85 33.38 69.74
N THR J 156 13.61 34.11 70.57
CA THR J 156 13.13 35.29 71.31
C THR J 156 13.37 36.58 70.49
N TYR J 157 13.65 37.72 71.15
CA TYR J 157 13.67 39.08 70.57
C TYR J 157 12.25 39.51 70.17
N ASP J 158 11.43 39.77 71.21
CA ASP J 158 10.02 40.17 71.13
C ASP J 158 9.80 41.67 70.86
N TYR J 159 10.89 42.42 70.60
CA TYR J 159 10.92 43.87 70.42
C TYR J 159 10.05 44.33 69.22
N PRO J 160 9.45 45.54 69.31
CA PRO J 160 8.53 46.07 68.26
C PRO J 160 9.27 46.52 66.96
N ASP K 5 1.47 54.64 34.43
CA ASP K 5 2.67 53.75 34.56
C ASP K 5 2.29 52.78 35.68
N THR K 6 2.01 51.53 35.30
CA THR K 6 1.67 50.42 36.18
C THR K 6 2.16 49.13 35.52
N ILE K 7 3.08 48.41 36.16
CA ILE K 7 3.57 47.12 35.66
C ILE K 7 2.88 45.97 36.41
N CYS K 8 2.14 45.15 35.66
CA CYS K 8 1.45 43.98 36.17
C CYS K 8 2.28 42.72 35.91
N ILE K 9 2.13 41.70 36.79
CA ILE K 9 2.63 40.34 36.57
C ILE K 9 1.43 39.45 36.22
N GLY K 10 1.64 38.58 35.23
CA GLY K 10 0.65 37.61 34.79
C GLY K 10 1.36 36.35 34.28
N TYR K 11 0.58 35.50 33.64
CA TYR K 11 0.99 34.23 33.06
C TYR K 11 0.23 33.96 31.77
N HIS K 12 0.69 32.97 30.99
CA HIS K 12 0.16 32.64 29.67
C HIS K 12 -1.20 31.94 29.73
N ALA K 13 -2.03 32.27 28.72
CA ALA K 13 -3.23 31.56 28.35
C ALA K 13 -3.35 31.55 26.82
N ASN K 14 -4.30 30.76 26.32
CA ASN K 14 -4.57 30.57 24.89
C ASN K 14 -5.95 29.91 24.70
N ASN K 15 -6.21 29.42 23.48
CA ASN K 15 -7.44 28.71 23.10
C ASN K 15 -7.36 27.18 23.32
N SER K 16 -6.21 26.66 23.80
CA SER K 16 -5.92 25.22 23.92
C SER K 16 -6.87 24.50 24.89
N THR K 17 -7.63 23.54 24.35
CA THR K 17 -8.64 22.75 25.06
C THR K 17 -8.07 21.43 25.63
N ASP K 18 -6.73 21.25 25.62
CA ASP K 18 -6.04 20.06 26.13
C ASP K 18 -6.35 19.79 27.62
N THR K 19 -7.09 18.71 27.88
CA THR K 19 -7.39 18.25 29.24
C THR K 19 -6.31 17.25 29.69
N VAL K 20 -5.86 17.39 30.94
CA VAL K 20 -4.95 16.48 31.62
C VAL K 20 -5.51 16.19 33.02
N ASP K 21 -5.24 14.96 33.49
CA ASP K 21 -5.67 14.49 34.80
C ASP K 21 -4.50 14.56 35.78
N THR K 22 -4.79 14.98 37.02
CA THR K 22 -3.86 15.08 38.14
C THR K 22 -4.37 14.24 39.33
N VAL K 23 -3.56 14.18 40.42
CA VAL K 23 -3.90 13.47 41.65
C VAL K 23 -5.12 14.09 42.39
N LEU K 24 -5.24 15.42 42.36
CA LEU K 24 -6.23 16.19 43.12
C LEU K 24 -7.42 16.67 42.27
N GLU K 25 -7.34 16.60 40.93
CA GLU K 25 -8.37 17.10 40.02
C GLU K 25 -8.26 16.40 38.66
N LYS K 26 -9.41 16.11 38.02
CA LYS K 26 -9.48 15.44 36.72
C LYS K 26 -9.96 16.40 35.62
N ASN K 27 -9.40 16.22 34.41
CA ASN K 27 -9.65 16.97 33.17
C ASN K 27 -9.44 18.48 33.32
N VAL K 28 -8.29 18.86 33.88
CA VAL K 28 -7.80 20.23 33.99
C VAL K 28 -7.33 20.72 32.61
N THR K 29 -7.94 21.81 32.11
CA THR K 29 -7.56 22.43 30.85
C THR K 29 -6.22 23.18 30.98
N VAL K 30 -5.24 22.81 30.14
CA VAL K 30 -3.87 23.34 30.15
C VAL K 30 -3.49 23.89 28.77
N THR K 31 -2.56 24.85 28.77
CA THR K 31 -2.13 25.63 27.60
C THR K 31 -1.32 24.81 26.59
N HIS K 32 -0.54 23.84 27.07
CA HIS K 32 0.25 22.92 26.24
C HIS K 32 0.33 21.56 26.96
N SER K 33 0.42 20.50 26.16
CA SER K 33 0.56 19.12 26.61
C SER K 33 1.07 18.24 25.45
N VAL K 34 1.58 17.05 25.81
CA VAL K 34 2.09 16.05 24.87
C VAL K 34 1.53 14.67 25.27
N ASN K 35 1.04 13.93 24.27
CA ASN K 35 0.59 12.55 24.42
C ASN K 35 1.80 11.59 24.45
N LEU K 36 1.75 10.59 25.35
CA LEU K 36 2.77 9.54 25.49
C LEU K 36 2.27 8.17 25.01
N LEU K 37 0.97 8.06 24.67
CA LEU K 37 0.30 6.80 24.36
C LEU K 37 -0.09 6.75 22.88
N GLU K 38 0.58 5.87 22.12
CA GLU K 38 0.33 5.67 20.71
C GLU K 38 -0.87 4.72 20.48
N ASP K 39 -1.89 5.23 19.81
CA ASP K 39 -3.15 4.55 19.50
C ASP K 39 -3.32 4.25 18.00
N SER K 40 -2.54 4.93 17.14
CA SER K 40 -2.69 4.88 15.69
C SER K 40 -1.60 3.99 15.07
N HIS K 41 -2.03 2.79 14.63
CA HIS K 41 -1.24 1.93 13.75
C HIS K 41 -1.62 2.19 12.29
N ASN K 42 -0.68 1.89 11.39
CA ASN K 42 -0.78 1.97 9.93
C ASN K 42 -1.85 1.01 9.35
N GLY K 43 -2.12 -0.10 10.06
CA GLY K 43 -2.77 -1.29 9.50
C GLY K 43 -1.72 -2.09 8.72
N LYS K 44 -2.16 -3.21 8.12
CA LYS K 44 -1.42 -4.05 7.15
C LYS K 44 -0.22 -4.80 7.76
N LEU K 45 0.23 -5.85 7.06
CA LEU K 45 1.57 -6.40 7.27
C LEU K 45 2.56 -5.59 6.43
N CYS K 46 3.68 -5.22 7.06
CA CYS K 46 4.77 -4.47 6.45
C CYS K 46 6.08 -5.25 6.65
N ARG K 47 7.07 -4.92 5.82
CA ARG K 47 8.45 -5.39 5.98
C ARG K 47 9.06 -4.89 7.30
N LEU K 48 9.83 -5.75 7.95
CA LEU K 48 10.70 -5.39 9.08
C LEU K 48 12.13 -5.37 8.53
N LYS K 49 12.80 -4.22 8.70
CA LYS K 49 14.16 -3.89 8.24
C LYS K 49 14.41 -4.15 6.73
N GLY K 50 13.40 -3.86 5.90
CA GLY K 50 13.44 -3.96 4.44
C GLY K 50 13.19 -5.38 3.91
N ILE K 51 13.03 -6.38 4.78
CA ILE K 51 12.85 -7.79 4.44
C ILE K 51 11.38 -8.18 4.71
N ALA K 52 10.80 -8.95 3.76
CA ALA K 52 9.41 -9.40 3.80
C ALA K 52 9.25 -10.64 4.72
N PRO K 53 8.17 -10.71 5.52
CA PRO K 53 7.89 -11.87 6.38
C PRO K 53 7.48 -13.14 5.62
N LEU K 54 7.76 -14.30 6.23
CA LEU K 54 7.25 -15.60 5.80
C LEU K 54 5.77 -15.73 6.23
N GLN K 55 4.87 -15.45 5.27
CA GLN K 55 3.45 -15.68 5.42
C GLN K 55 3.13 -17.14 5.07
N LEU K 56 2.68 -17.91 6.07
CA LEU K 56 2.24 -19.29 5.89
C LEU K 56 0.85 -19.38 5.23
N GLY K 57 0.05 -18.30 5.32
CA GLY K 57 -1.23 -18.13 4.63
C GLY K 57 -2.25 -19.15 5.12
N LYS K 58 -2.79 -19.96 4.20
CA LYS K 58 -3.71 -21.05 4.48
C LYS K 58 -3.08 -22.26 5.22
N CYS K 59 -1.74 -22.36 5.25
CA CYS K 59 -1.00 -23.37 5.99
C CYS K 59 -0.59 -22.88 7.38
N ASN K 60 -0.31 -23.85 8.26
CA ASN K 60 0.40 -23.66 9.53
C ASN K 60 1.78 -24.35 9.46
N ILE K 61 2.55 -24.19 10.54
CA ILE K 61 3.93 -24.65 10.70
C ILE K 61 4.16 -26.18 10.47
N ALA K 62 3.17 -27.02 10.83
CA ALA K 62 3.25 -28.48 10.67
C ALA K 62 3.29 -28.90 9.19
N GLY K 63 2.32 -28.41 8.41
CA GLY K 63 2.19 -28.71 6.97
C GLY K 63 3.25 -27.97 6.15
N TRP K 64 3.75 -26.83 6.65
CA TRP K 64 4.85 -26.07 6.06
C TRP K 64 6.19 -26.85 6.04
N LEU K 65 6.60 -27.37 7.21
CA LEU K 65 7.87 -28.08 7.38
C LEU K 65 7.84 -29.52 6.84
N LEU K 66 6.69 -30.21 6.94
CA LEU K 66 6.48 -31.54 6.34
C LEU K 66 6.33 -31.49 4.82
N GLY K 67 5.91 -30.33 4.28
CA GLY K 67 5.76 -30.10 2.86
C GLY K 67 4.43 -30.67 2.34
N ASN K 68 3.32 -30.47 3.07
CA ASN K 68 1.94 -30.77 2.66
C ASN K 68 1.69 -30.10 1.27
N PRO K 69 1.26 -30.87 0.25
CA PRO K 69 1.04 -30.34 -1.12
C PRO K 69 0.21 -29.06 -1.31
N GLU K 70 -0.64 -28.71 -0.34
CA GLU K 70 -1.35 -27.43 -0.30
C GLU K 70 -0.42 -26.21 -0.07
N CYS K 71 0.77 -26.43 0.51
CA CYS K 71 1.75 -25.41 0.87
C CYS K 71 2.87 -25.22 -0.18
N ASP K 72 2.81 -25.97 -1.31
CA ASP K 72 3.74 -25.88 -2.45
C ASP K 72 3.95 -24.50 -3.12
N PRO K 73 2.92 -23.62 -3.21
CA PRO K 73 3.11 -22.26 -3.77
C PRO K 73 4.09 -21.35 -2.99
N LEU K 74 4.25 -21.61 -1.68
CA LEU K 74 5.09 -20.84 -0.78
C LEU K 74 6.47 -21.49 -0.54
N LEU K 75 6.66 -22.77 -0.90
CA LEU K 75 7.86 -23.56 -0.59
C LEU K 75 9.26 -22.97 -0.93
N PRO K 76 9.45 -22.21 -2.04
CA PRO K 76 10.78 -21.64 -2.34
C PRO K 76 11.20 -20.39 -1.54
N VAL K 77 10.38 -19.92 -0.57
CA VAL K 77 10.74 -18.81 0.33
C VAL K 77 11.90 -19.22 1.27
N ARG K 78 13.06 -18.58 1.08
CA ARG K 78 14.29 -18.88 1.81
C ARG K 78 14.39 -18.12 3.15
N SER K 79 14.15 -16.80 3.11
CA SER K 79 14.48 -15.88 4.19
C SER K 79 13.28 -14.99 4.59
N TRP K 80 13.36 -14.46 5.82
CA TRP K 80 12.37 -13.59 6.44
C TRP K 80 12.98 -12.83 7.62
N SER K 81 12.24 -11.80 8.07
CA SER K 81 12.51 -11.00 9.27
C SER K 81 11.60 -11.35 10.45
N TYR K 82 10.42 -11.92 10.16
CA TYR K 82 9.47 -12.50 11.11
C TYR K 82 8.50 -13.42 10.35
N ILE K 83 7.70 -14.18 11.10
CA ILE K 83 6.75 -15.16 10.55
C ILE K 83 5.32 -14.72 10.87
N VAL K 84 4.40 -14.98 9.92
CA VAL K 84 2.98 -14.70 10.05
C VAL K 84 2.18 -15.98 9.75
N GLU K 85 1.24 -16.27 10.65
CA GLU K 85 0.09 -17.14 10.42
C GLU K 85 -1.18 -16.28 10.37
N THR K 86 -2.26 -16.86 9.85
CA THR K 86 -3.59 -16.23 9.76
C THR K 86 -4.58 -17.04 10.61
N PRO K 87 -5.82 -16.52 10.84
CA PRO K 87 -6.91 -17.31 11.45
C PRO K 87 -7.36 -18.55 10.64
N ASN K 88 -7.06 -18.58 9.33
CA ASN K 88 -7.33 -19.69 8.41
C ASN K 88 -6.06 -20.52 8.11
N SER K 89 -5.11 -20.60 9.05
CA SER K 89 -3.93 -21.46 8.97
C SER K 89 -4.28 -22.89 9.41
N GLU K 90 -4.99 -23.64 8.56
CA GLU K 90 -5.52 -24.98 8.88
C GLU K 90 -4.88 -26.12 8.07
N ASN K 91 -4.16 -25.82 6.97
CA ASN K 91 -3.48 -26.83 6.13
C ASN K 91 -2.15 -27.24 6.78
N GLY K 92 -2.27 -28.09 7.82
CA GLY K 92 -1.19 -28.59 8.65
C GLY K 92 -0.92 -30.04 8.29
N ILE K 93 -1.02 -30.91 9.31
CA ILE K 93 -0.98 -32.37 9.21
C ILE K 93 -2.12 -32.90 8.33
N CYS K 94 -1.78 -33.38 7.12
CA CYS K 94 -2.75 -33.83 6.11
C CYS K 94 -3.13 -35.31 6.23
N TYR K 95 -2.23 -36.16 6.77
CA TYR K 95 -2.54 -37.53 7.17
C TYR K 95 -2.42 -37.57 8.71
N PRO K 96 -3.45 -38.08 9.44
CA PRO K 96 -3.53 -37.97 10.91
C PRO K 96 -2.37 -38.61 11.71
N GLY K 97 -2.35 -38.29 13.01
CA GLY K 97 -1.28 -38.66 13.93
C GLY K 97 -0.69 -37.39 14.54
N ASP K 98 0.01 -37.56 15.67
CA ASP K 98 0.67 -36.49 16.40
C ASP K 98 1.89 -35.96 15.64
N PHE K 99 2.14 -34.65 15.81
CA PHE K 99 3.44 -34.06 15.54
C PHE K 99 4.13 -33.97 16.90
N ILE K 100 5.10 -34.88 17.13
CA ILE K 100 5.85 -34.97 18.37
C ILE K 100 6.77 -33.75 18.54
N ASP K 101 6.53 -33.03 19.64
CA ASP K 101 7.28 -31.86 20.08
C ASP K 101 7.13 -30.66 19.12
N TYR K 102 5.88 -30.41 18.68
CA TYR K 102 5.50 -29.31 17.80
C TYR K 102 5.75 -27.92 18.41
N GLU K 103 5.52 -27.81 19.72
CA GLU K 103 5.64 -26.61 20.54
C GLU K 103 7.08 -26.09 20.63
N GLU K 104 8.07 -26.99 20.70
CA GLU K 104 9.48 -26.65 20.66
C GLU K 104 9.99 -26.38 19.25
N LEU K 105 9.43 -27.04 18.22
CA LEU K 105 9.84 -26.83 16.83
C LEU K 105 9.50 -25.43 16.31
N ARG K 106 8.31 -24.92 16.65
CA ARG K 106 7.89 -23.55 16.37
C ARG K 106 8.71 -22.50 17.16
N GLU K 107 9.27 -22.88 18.32
CA GLU K 107 10.13 -22.06 19.16
C GLU K 107 11.57 -21.98 18.61
N GLN K 108 12.06 -23.07 17.99
CA GLN K 108 13.34 -23.12 17.28
C GLN K 108 13.36 -22.20 16.06
N LEU K 109 12.37 -22.35 15.16
CA LEU K 109 12.25 -21.55 13.93
C LEU K 109 11.82 -20.08 14.16
N SER K 110 11.37 -19.73 15.37
CA SER K 110 11.19 -18.34 15.80
C SER K 110 12.52 -17.58 15.97
N SER K 111 13.60 -18.32 16.30
CA SER K 111 14.98 -17.81 16.38
C SER K 111 15.81 -18.15 15.12
N VAL K 112 15.14 -18.31 13.97
CA VAL K 112 15.74 -18.52 12.65
C VAL K 112 15.29 -17.40 11.70
N SER K 113 16.23 -16.93 10.87
CA SER K 113 15.98 -15.95 9.80
C SER K 113 15.79 -16.61 8.43
N SER K 114 16.47 -17.75 8.15
CA SER K 114 16.46 -18.39 6.84
C SER K 114 16.91 -19.86 6.91
N PHE K 115 16.71 -20.57 5.79
CA PHE K 115 17.23 -21.92 5.54
C PHE K 115 17.42 -22.17 4.04
N GLU K 116 18.02 -23.33 3.73
CA GLU K 116 18.19 -23.88 2.39
C GLU K 116 17.46 -25.24 2.32
N ARG K 117 16.75 -25.47 1.20
CA ARG K 117 15.97 -26.68 0.95
C ARG K 117 16.75 -27.58 -0.01
N PHE K 118 17.50 -28.54 0.57
CA PHE K 118 18.33 -29.51 -0.14
C PHE K 118 17.82 -30.92 0.19
N GLU K 119 17.98 -31.85 -0.77
CA GLU K 119 17.66 -33.27 -0.57
C GLU K 119 18.74 -33.95 0.29
N ILE K 120 18.35 -34.28 1.54
CA ILE K 120 19.14 -35.12 2.45
C ILE K 120 19.23 -36.58 1.96
N PHE K 121 18.12 -37.09 1.42
CA PHE K 121 17.99 -38.41 0.81
C PHE K 121 17.07 -38.25 -0.42
N PRO K 122 17.64 -38.01 -1.62
CA PRO K 122 16.88 -37.98 -2.89
C PRO K 122 16.02 -39.22 -3.14
N LYS K 123 14.90 -39.06 -3.87
CA LYS K 123 13.93 -40.14 -4.15
C LYS K 123 14.57 -41.42 -4.74
N GLU K 124 15.39 -41.22 -5.77
CA GLU K 124 16.19 -42.26 -6.41
C GLU K 124 17.56 -42.38 -5.73
N SER K 125 18.18 -43.57 -5.85
CA SER K 125 19.51 -43.96 -5.36
C SER K 125 19.60 -44.22 -3.83
N SER K 126 18.79 -43.53 -3.03
CA SER K 126 18.71 -43.72 -1.57
C SER K 126 17.92 -44.97 -1.17
N TRP K 127 16.97 -45.39 -2.03
CA TRP K 127 15.98 -46.43 -1.73
C TRP K 127 15.77 -47.38 -2.93
N PRO K 128 16.81 -48.16 -3.34
CA PRO K 128 16.69 -49.07 -4.49
C PRO K 128 15.75 -50.27 -4.28
N ASN K 129 15.61 -50.71 -3.02
CA ASN K 129 14.91 -51.93 -2.61
C ASN K 129 13.50 -51.67 -2.05
N HIS K 130 13.01 -50.42 -2.15
CA HIS K 130 11.73 -49.97 -1.58
C HIS K 130 11.00 -49.08 -2.59
N ASN K 131 9.67 -49.21 -2.60
CA ASN K 131 8.76 -48.39 -3.40
C ASN K 131 8.55 -47.05 -2.67
N THR K 132 9.23 -46.03 -3.21
CA THR K 132 9.13 -44.62 -2.84
C THR K 132 7.87 -43.93 -3.42
N ASN K 133 7.10 -44.65 -4.28
CA ASN K 133 5.84 -44.21 -4.87
C ASN K 133 4.66 -44.13 -3.89
N GLY K 134 4.87 -44.46 -2.59
CA GLY K 134 3.86 -44.44 -1.54
C GLY K 134 3.23 -43.04 -1.41
N VAL K 135 1.89 -43.03 -1.26
CA VAL K 135 1.05 -41.87 -1.55
C VAL K 135 -0.21 -41.93 -0.68
N THR K 136 -1.09 -40.92 -0.75
CA THR K 136 -2.36 -40.90 -0.03
C THR K 136 -3.31 -39.78 -0.52
N ALA K 137 -4.61 -40.10 -0.52
CA ALA K 137 -5.73 -39.17 -0.71
C ALA K 137 -5.90 -38.17 0.44
N ALA K 138 -5.27 -38.42 1.60
CA ALA K 138 -5.25 -37.51 2.75
C ALA K 138 -4.43 -36.23 2.48
N CYS K 139 -3.31 -36.40 1.77
CA CYS K 139 -2.38 -35.34 1.36
C CYS K 139 -2.48 -35.11 -0.15
N SER K 140 -3.73 -34.95 -0.65
CA SER K 140 -4.04 -34.76 -2.07
C SER K 140 -3.53 -33.43 -2.66
N HIS K 141 -3.39 -33.42 -4.00
CA HIS K 141 -2.96 -32.28 -4.82
C HIS K 141 -3.58 -32.42 -6.21
N GLU K 142 -4.16 -31.32 -6.72
CA GLU K 142 -4.91 -31.25 -7.99
C GLU K 142 -6.17 -32.15 -8.03
N GLY K 143 -6.68 -32.54 -6.85
CA GLY K 143 -7.78 -33.50 -6.70
C GLY K 143 -7.32 -34.97 -6.82
N LYS K 144 -6.00 -35.22 -6.95
CA LYS K 144 -5.36 -36.53 -7.10
C LYS K 144 -4.64 -36.87 -5.80
N SER K 145 -4.43 -38.17 -5.54
CA SER K 145 -3.59 -38.66 -4.43
C SER K 145 -2.13 -38.18 -4.60
N SER K 146 -1.57 -37.60 -3.53
CA SER K 146 -0.22 -37.03 -3.49
C SER K 146 0.41 -37.30 -2.11
N PHE K 147 1.60 -36.73 -1.85
CA PHE K 147 2.30 -36.92 -0.58
C PHE K 147 3.20 -35.72 -0.28
N TYR K 148 3.58 -35.62 1.00
CA TYR K 148 4.57 -34.70 1.56
C TYR K 148 5.85 -34.59 0.71
N ARG K 149 6.19 -33.36 0.29
CA ARG K 149 7.34 -33.06 -0.57
C ARG K 149 8.68 -33.25 0.12
N ASN K 150 8.72 -33.09 1.46
CA ASN K 150 9.92 -33.18 2.28
C ASN K 150 10.06 -34.56 2.96
N LEU K 151 9.19 -35.52 2.59
CA LEU K 151 9.19 -36.91 3.05
C LEU K 151 9.00 -37.88 1.87
N LEU K 152 9.13 -39.18 2.18
CA LEU K 152 8.83 -40.31 1.30
C LEU K 152 8.14 -41.39 2.14
N TRP K 153 7.03 -41.95 1.63
CA TRP K 153 6.41 -43.14 2.19
C TRP K 153 7.07 -44.35 1.52
N LEU K 154 7.90 -45.07 2.30
CA LEU K 154 8.59 -46.27 1.87
C LEU K 154 7.71 -47.48 2.18
N THR K 155 7.27 -48.18 1.13
CA THR K 155 6.60 -49.47 1.21
C THR K 155 7.47 -50.55 0.55
N GLU K 156 7.04 -51.82 0.65
CA GLU K 156 7.67 -52.99 0.07
C GLU K 156 7.76 -52.90 -1.46
N LYS K 157 8.75 -53.60 -2.03
CA LYS K 157 9.02 -53.70 -3.45
C LYS K 157 9.38 -55.16 -3.76
N GLU K 158 8.85 -55.69 -4.88
CA GLU K 158 8.90 -57.09 -5.30
C GLU K 158 8.46 -58.12 -4.23
N GLY K 159 7.50 -57.72 -3.37
CA GLY K 159 6.97 -58.54 -2.28
C GLY K 159 7.85 -58.54 -1.03
N SER K 160 8.86 -57.63 -0.96
CA SER K 160 9.92 -57.66 0.05
C SER K 160 10.23 -56.26 0.59
N TYR K 161 10.66 -56.21 1.86
CA TYR K 161 11.19 -55.01 2.50
C TYR K 161 12.51 -55.41 3.18
N PRO K 162 13.64 -55.40 2.43
CA PRO K 162 14.98 -55.62 3.01
C PRO K 162 15.34 -54.57 4.07
N LYS K 163 15.97 -55.03 5.17
CA LYS K 163 16.32 -54.22 6.34
C LYS K 163 17.32 -53.10 5.99
N LEU K 164 16.76 -51.90 5.74
CA LEU K 164 17.46 -50.70 5.27
C LEU K 164 18.38 -50.11 6.33
N LYS K 165 19.45 -49.45 5.84
CA LYS K 165 20.18 -48.41 6.54
C LYS K 165 20.52 -47.32 5.52
N ASN K 166 20.43 -46.06 5.95
CA ASN K 166 20.79 -44.89 5.15
C ASN K 166 21.29 -43.79 6.09
N SER K 167 22.43 -43.18 5.73
CA SER K 167 23.15 -42.25 6.60
C SER K 167 23.51 -40.97 5.85
N TYR K 168 23.44 -39.83 6.55
CA TYR K 168 23.84 -38.51 6.06
C TYR K 168 24.69 -37.82 7.13
N VAL K 169 25.89 -37.36 6.70
CA VAL K 169 26.76 -36.49 7.48
C VAL K 169 26.39 -35.03 7.15
N ASN K 170 26.15 -34.22 8.19
CA ASN K 170 25.95 -32.77 8.04
C ASN K 170 27.28 -32.10 7.70
N LYS K 171 27.37 -31.59 6.47
CA LYS K 171 28.53 -30.90 5.92
C LYS K 171 28.16 -29.46 5.50
N LYS K 172 27.01 -28.95 5.98
CA LYS K 172 26.49 -27.61 5.69
C LYS K 172 27.06 -26.52 6.62
N GLY K 173 27.68 -26.92 7.75
CA GLY K 173 28.19 -26.01 8.78
C GLY K 173 27.08 -25.37 9.62
N LYS K 174 25.83 -25.82 9.45
CA LYS K 174 24.59 -25.25 9.99
C LYS K 174 23.67 -26.40 10.45
N GLU K 175 22.81 -26.11 11.44
CA GLU K 175 21.89 -27.07 12.06
C GLU K 175 20.84 -27.63 11.08
N VAL K 176 21.09 -28.84 10.56
CA VAL K 176 20.22 -29.53 9.60
C VAL K 176 19.03 -30.18 10.31
N LEU K 177 17.86 -29.56 10.17
CA LEU K 177 16.58 -30.02 10.70
C LEU K 177 16.00 -31.11 9.80
N VAL K 178 15.97 -32.35 10.31
CA VAL K 178 15.47 -33.53 9.61
C VAL K 178 14.11 -33.91 10.21
N LEU K 179 13.13 -34.22 9.33
CA LEU K 179 11.79 -34.67 9.70
C LEU K 179 11.53 -36.06 9.10
N TRP K 180 10.81 -36.91 9.85
CA TRP K 180 10.38 -38.24 9.41
C TRP K 180 9.10 -38.63 10.18
N GLY K 181 8.19 -39.32 9.48
CA GLY K 181 7.01 -39.96 10.07
C GLY K 181 7.32 -41.42 10.42
N ILE K 182 6.40 -42.05 11.16
CA ILE K 182 6.38 -43.49 11.44
C ILE K 182 4.94 -43.97 11.27
N HIS K 183 4.73 -44.96 10.38
CA HIS K 183 3.44 -45.57 10.09
C HIS K 183 2.95 -46.49 11.23
N HIS K 184 1.64 -46.44 11.48
CA HIS K 184 0.92 -47.25 12.46
C HIS K 184 -0.37 -47.75 11.78
N PRO K 185 -0.40 -49.03 11.34
CA PRO K 185 -1.61 -49.62 10.72
C PRO K 185 -2.83 -49.70 11.66
N PRO K 186 -4.06 -49.76 11.08
CA PRO K 186 -5.26 -50.15 11.82
C PRO K 186 -5.39 -51.67 12.02
N ASN K 187 -4.66 -52.47 11.23
CA ASN K 187 -4.74 -53.93 11.21
C ASN K 187 -3.41 -54.56 10.75
N SER K 188 -3.20 -55.81 11.18
CA SER K 188 -2.01 -56.63 10.87
C SER K 188 -1.91 -57.07 9.40
N LYS K 189 -3.03 -57.07 8.65
CA LYS K 189 -3.02 -57.37 7.22
C LYS K 189 -2.29 -56.30 6.38
N GLU K 190 -2.52 -55.01 6.72
CA GLU K 190 -1.85 -53.87 6.09
C GLU K 190 -0.35 -53.80 6.41
N GLN K 191 0.04 -54.26 7.62
CA GLN K 191 1.42 -54.38 8.07
C GLN K 191 2.25 -55.32 7.17
N GLN K 192 1.67 -56.47 6.82
CA GLN K 192 2.25 -57.45 5.90
C GLN K 192 2.20 -57.00 4.43
N ASN K 193 1.10 -56.32 4.04
CA ASN K 193 0.85 -55.83 2.68
C ASN K 193 1.86 -54.78 2.22
N LEU K 194 2.22 -53.85 3.13
CA LEU K 194 3.02 -52.68 2.81
C LEU K 194 4.47 -52.79 3.32
N TYR K 195 4.81 -53.71 4.23
CA TYR K 195 6.13 -53.72 4.89
C TYR K 195 6.75 -55.10 5.09
N GLN K 196 6.05 -56.20 4.72
CA GLN K 196 6.48 -57.61 4.82
C GLN K 196 6.60 -58.17 6.26
N ASN K 197 7.19 -57.39 7.16
CA ASN K 197 7.56 -57.73 8.52
C ASN K 197 6.45 -57.31 9.47
N GLU K 198 5.91 -58.26 10.27
CA GLU K 198 4.85 -57.99 11.24
C GLU K 198 5.38 -57.18 12.44
N ASN K 199 6.52 -57.63 12.99
CA ASN K 199 7.30 -56.89 13.98
C ASN K 199 8.36 -56.06 13.24
N ALA K 200 7.87 -55.05 12.50
CA ALA K 200 8.69 -53.96 11.97
C ALA K 200 9.14 -53.01 13.09
N TYR K 201 10.16 -52.20 12.78
CA TYR K 201 10.65 -51.13 13.63
C TYR K 201 11.43 -50.13 12.78
N VAL K 202 11.70 -48.97 13.38
CA VAL K 202 12.62 -47.95 12.89
C VAL K 202 13.50 -47.53 14.08
N SER K 203 14.74 -47.11 13.79
CA SER K 203 15.65 -46.52 14.76
C SER K 203 16.40 -45.38 14.05
N VAL K 204 16.28 -44.17 14.60
CA VAL K 204 16.96 -42.97 14.10
C VAL K 204 17.81 -42.44 15.25
N VAL K 205 19.11 -42.27 14.98
CA VAL K 205 20.14 -42.00 15.98
C VAL K 205 21.16 -41.00 15.40
N THR K 206 21.79 -40.24 16.30
CA THR K 206 22.92 -39.34 16.02
C THR K 206 23.97 -39.49 17.15
N SER K 207 25.00 -38.62 17.19
CA SER K 207 26.02 -38.58 18.25
C SER K 207 25.44 -38.40 19.68
N ASN K 208 24.34 -37.63 19.80
CA ASN K 208 23.67 -37.31 21.06
C ASN K 208 22.16 -37.57 21.02
N TYR K 209 21.69 -38.33 20.01
CA TYR K 209 20.30 -38.78 19.87
C TYR K 209 20.29 -40.30 19.77
N ASN K 210 19.31 -40.94 20.42
CA ASN K 210 19.11 -42.38 20.39
C ASN K 210 17.63 -42.65 20.62
N ARG K 211 16.95 -43.21 19.60
CA ARG K 211 15.55 -43.59 19.66
C ARG K 211 15.31 -44.83 18.80
N ARG K 212 14.39 -45.67 19.29
CA ARG K 212 13.74 -46.75 18.58
C ARG K 212 12.23 -46.49 18.58
N PHE K 213 11.60 -46.72 17.42
CA PHE K 213 10.18 -46.54 17.14
C PHE K 213 9.64 -47.93 16.74
N THR K 214 8.46 -48.30 17.26
CA THR K 214 7.81 -49.57 16.99
C THR K 214 6.32 -49.31 16.66
N PRO K 215 5.83 -49.74 15.47
CA PRO K 215 4.41 -49.67 15.08
C PRO K 215 3.42 -50.27 16.09
N GLU K 216 2.53 -49.41 16.62
CA GLU K 216 1.40 -49.77 17.44
C GLU K 216 0.20 -50.07 16.53
N ILE K 217 -0.11 -51.36 16.35
CA ILE K 217 -1.23 -51.84 15.55
C ILE K 217 -2.45 -52.07 16.47
N ALA K 218 -3.55 -51.39 16.13
CA ALA K 218 -4.84 -51.47 16.80
C ALA K 218 -5.84 -50.64 16.00
N GLU K 219 -7.09 -51.14 15.91
CA GLU K 219 -8.20 -50.45 15.24
C GLU K 219 -8.64 -49.22 16.06
N ARG K 220 -8.75 -48.08 15.37
CA ARG K 220 -9.00 -46.77 15.95
C ARG K 220 -9.99 -45.96 15.08
N PRO K 221 -10.62 -44.91 15.64
CA PRO K 221 -11.51 -44.00 14.88
C PRO K 221 -10.81 -43.28 13.72
N LYS K 222 -11.44 -43.26 12.55
CA LYS K 222 -10.94 -42.57 11.36
C LYS K 222 -10.93 -41.05 11.52
N VAL K 223 -9.81 -40.42 11.15
CA VAL K 223 -9.63 -38.97 11.12
C VAL K 223 -9.25 -38.60 9.68
N ARG K 224 -10.11 -37.78 9.05
CA ARG K 224 -9.98 -37.32 7.65
C ARG K 224 -9.92 -38.50 6.65
N ASP K 225 -10.76 -39.52 6.91
CA ASP K 225 -10.94 -40.75 6.13
C ASP K 225 -9.73 -41.71 6.23
N GLN K 226 -8.99 -41.69 7.36
CA GLN K 226 -7.79 -42.51 7.55
C GLN K 226 -7.75 -43.14 8.95
N ALA K 227 -7.67 -44.47 9.00
CA ALA K 227 -7.59 -45.27 10.23
C ALA K 227 -6.14 -45.48 10.72
N GLY K 228 -5.13 -45.22 9.88
CA GLY K 228 -3.71 -45.29 10.25
C GLY K 228 -3.28 -43.96 10.93
N ARG K 229 -2.03 -43.92 11.42
CA ARG K 229 -1.39 -42.70 11.93
C ARG K 229 0.06 -42.60 11.47
N MET K 230 0.47 -41.38 11.09
CA MET K 230 1.88 -41.00 10.90
C MET K 230 2.31 -40.16 12.11
N ASN K 231 3.26 -40.69 12.89
CA ASN K 231 3.84 -40.02 14.06
C ASN K 231 5.10 -39.26 13.61
N TYR K 232 4.98 -37.93 13.49
CA TYR K 232 6.02 -37.06 12.95
C TYR K 232 7.02 -36.63 14.03
N TYR K 233 8.25 -37.17 13.92
CA TYR K 233 9.40 -36.84 14.77
C TYR K 233 10.35 -35.91 14.00
N TRP K 234 11.25 -35.27 14.76
CA TRP K 234 12.29 -34.40 14.21
C TRP K 234 13.51 -34.37 15.14
N THR K 235 14.65 -33.96 14.57
CA THR K 235 15.91 -33.75 15.29
C THR K 235 16.76 -32.78 14.47
N LEU K 236 17.38 -31.83 15.19
CA LEU K 236 18.44 -30.95 14.70
C LEU K 236 19.75 -31.74 14.68
N LEU K 237 20.28 -31.99 13.47
CA LEU K 237 21.59 -32.59 13.27
C LEU K 237 22.65 -31.49 13.33
N LYS K 238 23.68 -31.66 14.18
CA LYS K 238 24.74 -30.68 14.38
C LYS K 238 25.79 -30.73 13.24
N PRO K 239 26.54 -29.63 13.02
CA PRO K 239 27.69 -29.60 12.08
C PRO K 239 28.74 -30.71 12.35
N GLY K 240 28.92 -31.59 11.36
CA GLY K 240 29.85 -32.73 11.41
C GLY K 240 29.21 -34.00 12.00
N ASP K 241 28.03 -33.90 12.64
CA ASP K 241 27.26 -35.02 13.20
C ASP K 241 26.57 -35.78 12.04
N THR K 242 26.46 -37.11 12.20
CA THR K 242 25.86 -38.02 11.25
C THR K 242 24.55 -38.58 11.81
N ILE K 243 23.45 -38.46 11.04
CA ILE K 243 22.19 -39.12 11.35
C ILE K 243 22.15 -40.45 10.60
N ILE K 244 21.79 -41.52 11.32
CA ILE K 244 21.73 -42.89 10.80
C ILE K 244 20.29 -43.39 10.99
N PHE K 245 19.60 -43.57 9.87
CA PHE K 245 18.32 -44.25 9.76
C PHE K 245 18.57 -45.75 9.61
N GLU K 246 17.73 -46.55 10.27
CA GLU K 246 17.77 -48.01 10.34
C GLU K 246 16.31 -48.47 10.48
N ALA K 247 15.86 -49.45 9.67
CA ALA K 247 14.48 -49.91 9.70
C ALA K 247 14.28 -51.23 8.94
N ASN K 248 13.15 -51.89 9.20
CA ASN K 248 12.64 -53.04 8.44
C ASN K 248 11.14 -52.89 8.16
N GLY K 249 10.64 -51.66 8.18
CA GLY K 249 9.25 -51.35 7.83
C GLY K 249 8.86 -50.03 8.49
N ASN K 250 7.78 -49.42 7.93
CA ASN K 250 6.97 -48.34 8.50
C ASN K 250 7.67 -46.97 8.56
N LEU K 251 8.89 -46.85 8.03
CA LEU K 251 9.62 -45.58 7.96
C LEU K 251 9.04 -44.69 6.85
N ILE K 252 8.55 -43.51 7.25
CA ILE K 252 8.25 -42.42 6.34
C ILE K 252 9.51 -41.52 6.33
N ALA K 253 10.50 -41.93 5.53
CA ALA K 253 11.83 -41.33 5.45
C ALA K 253 11.83 -39.84 5.05
N PRO K 254 12.90 -39.08 5.42
CA PRO K 254 13.12 -37.73 4.87
C PRO K 254 13.39 -37.74 3.35
N MET K 255 12.87 -36.72 2.65
CA MET K 255 13.31 -36.38 1.29
C MET K 255 14.26 -35.18 1.36
N TYR K 256 13.78 -34.08 1.99
CA TYR K 256 14.51 -32.82 2.18
C TYR K 256 14.73 -32.56 3.67
N ALA K 257 15.81 -31.83 3.97
CA ALA K 257 16.15 -31.30 5.28
C ALA K 257 16.64 -29.85 5.13
N PHE K 258 16.74 -29.14 6.28
CA PHE K 258 16.86 -27.68 6.31
C PHE K 258 18.01 -27.23 7.21
N ALA K 259 19.12 -26.80 6.60
CA ALA K 259 20.26 -26.20 7.29
C ALA K 259 19.91 -24.77 7.72
N LEU K 260 19.61 -24.60 9.02
CA LEU K 260 19.07 -23.38 9.62
C LEU K 260 20.15 -22.32 9.84
N ARG K 261 19.76 -21.06 9.58
CA ARG K 261 20.56 -19.85 9.83
C ARG K 261 19.84 -19.06 10.93
N ARG K 262 20.42 -19.06 12.14
CA ARG K 262 19.84 -18.39 13.31
C ARG K 262 19.73 -16.86 13.16
N GLY K 263 18.62 -16.32 13.68
CA GLY K 263 18.24 -14.92 13.52
C GLY K 263 17.71 -14.33 14.83
N PHE K 264 17.49 -13.02 14.81
CA PHE K 264 16.98 -12.23 15.94
C PHE K 264 15.88 -11.28 15.42
N GLY K 265 14.89 -11.01 16.27
CA GLY K 265 13.76 -10.13 15.98
C GLY K 265 12.60 -10.87 15.25
N SER K 266 12.81 -12.15 14.89
CA SER K 266 11.84 -13.03 14.26
C SER K 266 10.91 -13.69 15.30
N GLY K 267 9.80 -14.23 14.79
CA GLY K 267 8.89 -15.06 15.56
C GLY K 267 7.48 -14.96 14.97
N ILE K 268 6.61 -15.88 15.41
CA ILE K 268 5.29 -16.12 14.85
C ILE K 268 4.24 -15.16 15.47
N ILE K 269 3.47 -14.49 14.60
CA ILE K 269 2.32 -13.69 14.99
C ILE K 269 1.09 -14.18 14.20
N THR K 270 -0.08 -14.17 14.85
CA THR K 270 -1.35 -14.52 14.20
C THR K 270 -2.05 -13.22 13.80
N SER K 271 -2.18 -12.98 12.48
CA SER K 271 -2.64 -11.72 11.90
C SER K 271 -3.51 -11.98 10.67
N ASN K 272 -4.69 -11.35 10.65
CA ASN K 272 -5.60 -11.30 9.50
C ASN K 272 -5.31 -10.14 8.53
N ALA K 273 -4.34 -9.27 8.85
CA ALA K 273 -3.91 -8.13 8.03
C ALA K 273 -3.21 -8.57 6.74
N SER K 274 -3.36 -7.76 5.67
CA SER K 274 -2.84 -8.05 4.33
C SER K 274 -1.46 -7.40 4.11
N MET K 275 -0.57 -8.10 3.39
CA MET K 275 0.79 -7.64 3.08
C MET K 275 0.82 -6.57 1.97
N HIS K 276 1.62 -5.53 2.25
CA HIS K 276 1.90 -4.39 1.38
C HIS K 276 3.40 -4.08 1.45
N GLU K 277 3.90 -3.36 0.43
CA GLU K 277 5.30 -2.93 0.33
C GLU K 277 5.64 -1.67 1.17
N CYS K 278 4.97 -1.53 2.33
CA CYS K 278 5.37 -0.68 3.44
C CYS K 278 6.53 -1.33 4.21
N ASN K 279 7.34 -0.50 4.88
CA ASN K 279 8.48 -0.91 5.71
C ASN K 279 8.45 -0.07 7.00
N THR K 280 8.49 -0.75 8.15
CA THR K 280 8.43 -0.13 9.47
C THR K 280 9.24 -0.96 10.49
N LYS K 281 9.87 -0.26 11.45
CA LYS K 281 10.66 -0.85 12.55
C LYS K 281 9.87 -1.71 13.55
N CYS K 282 8.54 -1.54 13.58
CA CYS K 282 7.61 -2.25 14.44
C CYS K 282 6.50 -2.87 13.58
N GLN K 283 6.10 -4.09 13.95
CA GLN K 283 4.87 -4.74 13.48
C GLN K 283 4.12 -5.32 14.68
N THR K 284 2.79 -5.27 14.61
CA THR K 284 1.87 -5.98 15.50
C THR K 284 0.78 -6.68 14.64
N PRO K 285 0.03 -7.65 15.21
CA PRO K 285 -1.14 -8.28 14.56
C PRO K 285 -2.22 -7.36 13.95
N LEU K 286 -2.41 -6.15 14.52
CA LEU K 286 -3.35 -5.15 14.00
C LEU K 286 -2.73 -4.31 12.87
N GLY K 287 -1.44 -3.97 13.00
CA GLY K 287 -0.74 -3.18 11.99
C GLY K 287 0.62 -2.70 12.51
N ALA K 288 1.40 -2.11 11.60
CA ALA K 288 2.70 -1.51 11.85
C ALA K 288 2.59 -0.17 12.59
N ILE K 289 3.56 0.13 13.48
CA ILE K 289 3.55 1.34 14.30
C ILE K 289 4.80 2.18 13.99
N ASN K 290 4.59 3.35 13.36
CA ASN K 290 5.65 4.33 13.10
C ASN K 290 5.48 5.47 14.11
N SER K 291 6.13 5.32 15.28
CA SER K 291 6.02 6.25 16.40
C SER K 291 7.34 6.32 17.20
N SER K 292 7.49 7.43 17.93
CA SER K 292 8.55 7.68 18.91
C SER K 292 7.99 7.93 20.32
N LEU K 293 6.66 7.84 20.51
CA LEU K 293 6.00 7.90 21.82
C LEU K 293 6.35 6.64 22.65
N PRO K 294 6.62 6.80 23.96
CA PRO K 294 7.15 5.71 24.80
C PRO K 294 6.18 4.53 25.04
N TYR K 295 4.87 4.80 25.12
CA TYR K 295 3.84 3.79 25.39
C TYR K 295 2.93 3.61 24.16
N GLN K 296 2.25 2.46 24.10
CA GLN K 296 1.23 2.14 23.09
C GLN K 296 0.13 1.26 23.70
N ASN K 297 -1.09 1.38 23.13
CA ASN K 297 -2.28 0.63 23.55
C ASN K 297 -2.93 -0.11 22.37
N ILE K 298 -2.15 -0.34 21.30
CA ILE K 298 -2.56 -1.01 20.07
C ILE K 298 -2.68 -2.54 20.27
N HIS K 299 -1.58 -3.23 20.60
CA HIS K 299 -1.56 -4.69 20.76
C HIS K 299 -0.30 -5.15 21.54
N PRO K 300 -0.45 -6.14 22.46
CA PRO K 300 0.68 -6.66 23.26
C PRO K 300 1.76 -7.41 22.46
N VAL K 301 1.37 -8.11 21.40
CA VAL K 301 2.29 -8.86 20.53
C VAL K 301 3.00 -7.88 19.60
N THR K 302 4.35 -7.92 19.63
CA THR K 302 5.23 -7.01 18.90
C THR K 302 6.34 -7.79 18.19
N ILE K 303 6.89 -7.13 17.17
CA ILE K 303 7.97 -7.59 16.30
C ILE K 303 8.87 -6.38 16.07
N GLY K 304 10.17 -6.52 16.38
CA GLY K 304 11.16 -5.43 16.30
C GLY K 304 10.92 -4.40 17.40
N GLU K 305 11.38 -3.16 17.14
CA GLU K 305 11.49 -2.06 18.07
C GLU K 305 10.19 -1.24 18.11
N CYS K 306 9.28 -1.63 19.01
CA CYS K 306 7.97 -1.02 19.26
C CYS K 306 7.96 -0.25 20.61
N PRO K 307 7.02 0.70 20.81
CA PRO K 307 6.71 1.22 22.17
C PRO K 307 6.17 0.12 23.13
N LYS K 308 6.39 0.30 24.44
CA LYS K 308 5.94 -0.62 25.49
C LYS K 308 4.41 -0.63 25.63
N TYR K 309 3.80 -1.83 25.59
CA TYR K 309 2.35 -2.00 25.70
C TYR K 309 1.82 -1.68 27.11
N VAL K 310 0.76 -0.86 27.14
CA VAL K 310 0.04 -0.40 28.31
C VAL K 310 -1.47 -0.39 27.97
N ARG K 311 -2.33 -0.84 28.91
CA ARG K 311 -3.77 -0.96 28.70
C ARG K 311 -4.57 0.36 28.76
N SER K 312 -3.97 1.47 29.23
CA SER K 312 -4.61 2.77 29.40
C SER K 312 -5.17 3.36 28.09
N ALA K 313 -6.20 4.22 28.21
CA ALA K 313 -6.84 4.92 27.09
C ALA K 313 -6.29 6.34 26.88
N LYS K 314 -5.62 6.92 27.90
CA LYS K 314 -5.06 8.27 27.90
C LYS K 314 -3.86 8.30 28.84
N LEU K 315 -2.69 8.72 28.31
CA LEU K 315 -1.49 9.02 29.07
C LEU K 315 -0.92 10.33 28.49
N ARG K 316 -1.56 11.45 28.81
CA ARG K 316 -1.18 12.77 28.33
C ARG K 316 -0.57 13.58 29.47
N MET K 317 0.74 13.88 29.34
CA MET K 317 1.46 14.75 30.26
C MET K 317 1.28 16.22 29.86
N VAL K 318 1.06 17.08 30.85
CA VAL K 318 1.12 18.54 30.68
C VAL K 318 2.58 19.01 30.58
N THR K 319 2.80 20.01 29.71
CA THR K 319 4.08 20.69 29.50
C THR K 319 3.92 22.21 29.72
N GLY K 320 2.75 22.78 29.38
CA GLY K 320 2.38 24.17 29.65
C GLY K 320 1.78 24.29 31.06
N LEU K 321 1.12 25.41 31.33
CA LEU K 321 0.47 25.71 32.62
C LEU K 321 -1.06 25.60 32.49
N ARG K 322 -1.78 25.81 33.60
CA ARG K 322 -3.25 25.80 33.65
C ARG K 322 -3.83 26.96 32.83
N ASN K 323 -4.55 26.62 31.74
CA ASN K 323 -5.18 27.59 30.84
C ASN K 323 -6.43 28.17 31.48
N ILE K 324 -6.35 29.47 31.78
CA ILE K 324 -7.44 30.29 32.26
C ILE K 324 -7.41 31.55 31.38
N PRO K 325 -8.20 31.59 30.28
CA PRO K 325 -8.21 32.72 29.32
C PRO K 325 -8.60 34.11 29.87
N ALA K 326 -9.17 34.17 31.09
CA ALA K 326 -9.66 35.37 31.77
C ALA K 326 -10.86 36.04 31.05
N ARG K 327 -11.55 35.29 30.18
CA ARG K 327 -12.66 35.71 29.32
C ARG K 327 -13.90 36.04 30.15
N GLY L 1 -3.13 26.83 42.42
CA GLY L 1 -2.65 25.47 42.74
C GLY L 1 -2.02 25.50 44.13
N LEU L 2 -0.80 24.96 44.26
CA LEU L 2 -0.06 24.79 45.51
C LEU L 2 0.71 26.04 45.99
N PHE L 3 0.70 27.14 45.22
CA PHE L 3 1.42 28.38 45.55
C PHE L 3 0.54 29.64 45.50
N GLY L 4 -0.72 29.50 45.04
CA GLY L 4 -1.75 30.53 45.14
C GLY L 4 -1.53 31.74 44.23
N ALA L 5 -0.80 31.59 43.11
CA ALA L 5 -0.57 32.63 42.11
C ALA L 5 -1.38 32.35 40.83
N ILE L 6 -1.22 31.14 40.26
CA ILE L 6 -2.07 30.62 39.18
C ILE L 6 -3.41 30.17 39.75
N ALA L 7 -4.49 30.81 39.25
CA ALA L 7 -5.88 30.71 39.73
C ALA L 7 -6.11 31.33 41.13
N GLY L 8 -5.10 32.06 41.64
CA GLY L 8 -5.08 32.61 42.99
C GLY L 8 -5.04 34.14 42.87
N PHE L 9 -3.96 34.78 43.38
CA PHE L 9 -3.83 36.24 43.45
C PHE L 9 -3.87 36.93 42.07
N ILE L 10 -3.31 36.27 41.03
CA ILE L 10 -3.60 36.61 39.63
C ILE L 10 -4.77 35.71 39.18
N GLU L 11 -5.89 36.37 38.86
CA GLU L 11 -7.20 35.76 38.59
C GLU L 11 -7.22 34.83 37.37
N GLY L 12 -6.45 35.16 36.32
CA GLY L 12 -6.40 34.40 35.10
C GLY L 12 -5.18 34.81 34.29
N GLY L 13 -4.82 33.95 33.33
CA GLY L 13 -3.73 34.16 32.39
C GLY L 13 -4.20 35.03 31.23
N TRP L 14 -3.22 35.67 30.58
CA TRP L 14 -3.42 36.60 29.47
C TRP L 14 -3.17 35.88 28.15
N THR L 15 -4.18 35.92 27.27
CA THR L 15 -4.12 35.39 25.91
C THR L 15 -3.30 36.27 24.94
N GLY L 16 -3.02 37.53 25.34
CA GLY L 16 -2.15 38.45 24.61
C GLY L 16 -0.67 38.14 24.84
N MET L 17 -0.30 37.36 25.88
CA MET L 17 1.00 36.72 26.00
C MET L 17 1.07 35.51 25.07
N ILE L 18 2.08 35.49 24.21
CA ILE L 18 2.41 34.38 23.31
C ILE L 18 3.93 34.10 23.36
N ASP L 19 4.74 35.12 23.69
CA ASP L 19 6.20 35.11 23.77
C ASP L 19 6.76 34.16 24.86
N GLY L 20 6.02 33.94 25.95
CA GLY L 20 6.49 33.08 27.03
C GLY L 20 5.36 32.75 28.01
N TRP L 21 5.65 31.83 28.94
CA TRP L 21 4.74 31.34 29.98
C TRP L 21 4.50 32.32 31.13
N TYR L 22 5.47 33.20 31.42
CA TYR L 22 5.38 34.21 32.48
C TYR L 22 5.86 35.54 31.90
N GLY L 23 5.13 36.62 32.21
CA GLY L 23 5.37 37.89 31.56
C GLY L 23 4.65 39.02 32.27
N TYR L 24 4.96 40.22 31.78
CA TYR L 24 4.37 41.42 32.38
C TYR L 24 3.60 42.21 31.36
N HIS L 25 2.80 43.15 31.84
CA HIS L 25 1.99 44.05 31.04
C HIS L 25 2.08 45.43 31.69
N HIS L 26 2.81 46.35 31.02
CA HIS L 26 2.96 47.74 31.40
C HIS L 26 1.76 48.58 30.92
N GLN L 27 1.51 49.70 31.62
CA GLN L 27 0.50 50.70 31.29
C GLN L 27 1.13 52.10 31.43
N ASN L 28 2.26 52.32 30.72
CA ASN L 28 2.96 53.61 30.62
C ASN L 28 2.16 54.66 29.83
N GLU L 29 2.62 55.92 29.92
CA GLU L 29 2.30 56.99 28.98
C GLU L 29 2.79 56.71 27.54
N GLN L 30 3.82 55.85 27.41
CA GLN L 30 4.30 55.24 26.16
C GLN L 30 3.38 54.15 25.58
N GLY L 31 2.30 53.78 26.29
CA GLY L 31 1.31 52.80 25.86
C GLY L 31 1.46 51.50 26.65
N SER L 32 0.94 50.41 26.06
CA SER L 32 0.80 49.10 26.67
C SER L 32 1.30 48.00 25.73
N GLY L 33 1.59 46.83 26.30
CA GLY L 33 1.97 45.64 25.53
C GLY L 33 2.39 44.53 26.49
N TYR L 34 2.20 43.28 26.03
CA TYR L 34 2.63 42.07 26.74
C TYR L 34 4.08 41.75 26.37
N ALA L 35 4.92 41.55 27.39
CA ALA L 35 6.34 41.27 27.25
C ALA L 35 6.76 40.21 28.27
N ALA L 36 7.16 39.03 27.77
CA ALA L 36 7.59 37.89 28.58
C ALA L 36 8.88 38.17 29.36
N ASP L 37 8.95 37.65 30.59
CA ASP L 37 10.16 37.59 31.40
C ASP L 37 10.88 36.30 31.00
N GLN L 38 11.95 36.47 30.20
CA GLN L 38 12.66 35.42 29.49
C GLN L 38 13.31 34.38 30.40
N LYS L 39 14.01 34.83 31.46
CA LYS L 39 14.81 34.00 32.36
C LYS L 39 13.99 32.94 33.13
N SER L 40 12.80 33.34 33.63
CA SER L 40 11.87 32.43 34.33
C SER L 40 11.17 31.46 33.36
N THR L 41 10.79 31.94 32.17
CA THR L 41 10.14 31.14 31.12
C THR L 41 11.08 30.07 30.55
N GLN L 42 12.33 30.45 30.23
CA GLN L 42 13.36 29.55 29.69
C GLN L 42 13.82 28.50 30.71
N ASN L 43 13.98 28.89 31.99
CA ASN L 43 14.30 27.99 33.10
C ASN L 43 13.18 26.96 33.36
N ALA L 44 11.92 27.37 33.21
CA ALA L 44 10.77 26.48 33.25
C ALA L 44 10.72 25.53 32.05
N ILE L 45 10.99 26.04 30.84
CA ILE L 45 11.09 25.25 29.61
C ILE L 45 12.21 24.19 29.67
N ASN L 46 13.35 24.50 30.31
CA ASN L 46 14.43 23.55 30.58
C ASN L 46 14.02 22.46 31.58
N GLY L 47 13.28 22.83 32.63
CA GLY L 47 12.77 21.93 33.66
C GLY L 47 11.71 20.96 33.10
N ILE L 48 10.82 21.48 32.24
CA ILE L 48 9.81 20.72 31.51
C ILE L 48 10.43 19.83 30.43
N THR L 49 11.41 20.33 29.66
CA THR L 49 12.11 19.55 28.63
C THR L 49 12.91 18.37 29.24
N ASN L 50 13.55 18.59 30.41
CA ASN L 50 14.29 17.55 31.13
C ASN L 50 13.39 16.44 31.70
N LYS L 51 12.18 16.79 32.19
CA LYS L 51 11.20 15.80 32.69
C LYS L 51 10.58 14.99 31.54
N VAL L 52 10.28 15.68 30.42
CA VAL L 52 9.76 15.13 29.16
C VAL L 52 10.73 14.13 28.52
N ASN L 53 12.03 14.48 28.51
CA ASN L 53 13.12 13.60 28.10
C ASN L 53 13.25 12.40 29.06
N SER L 54 13.27 12.65 30.38
CA SER L 54 13.46 11.63 31.43
C SER L 54 12.43 10.50 31.39
N VAL L 55 11.11 10.82 31.35
CA VAL L 55 10.04 9.82 31.32
C VAL L 55 9.99 8.99 30.02
N ILE L 56 10.50 9.54 28.91
CA ILE L 56 10.66 8.84 27.63
C ILE L 56 11.94 7.96 27.60
N GLU L 57 13.03 8.46 28.20
CA GLU L 57 14.33 7.79 28.35
C GLU L 57 14.29 6.54 29.25
N LYS L 58 13.53 6.60 30.36
CA LYS L 58 13.57 5.56 31.41
C LYS L 58 12.95 4.23 30.98
N MET L 59 11.92 4.25 30.11
CA MET L 59 11.50 3.05 29.42
C MET L 59 12.47 2.76 28.27
N ASN L 60 12.83 1.47 28.11
CA ASN L 60 13.65 0.98 27.01
C ASN L 60 12.72 0.29 26.03
N ILE L 61 12.94 0.56 24.72
CA ILE L 61 12.08 0.16 23.60
C ILE L 61 11.75 -1.36 23.60
N GLN L 62 10.45 -1.70 23.53
CA GLN L 62 9.96 -3.07 23.54
C GLN L 62 10.39 -3.82 22.28
N PHE L 63 11.30 -4.80 22.47
CA PHE L 63 11.72 -5.76 21.46
C PHE L 63 10.63 -6.84 21.25
N THR L 64 10.81 -7.69 20.23
CA THR L 64 9.91 -8.76 19.80
C THR L 64 9.33 -9.61 20.94
N ALA L 65 8.03 -9.41 21.19
CA ALA L 65 7.23 -10.11 22.19
C ALA L 65 6.23 -10.99 21.43
N VAL L 66 6.57 -12.29 21.33
CA VAL L 66 5.83 -13.27 20.54
C VAL L 66 5.17 -14.30 21.47
N GLY L 67 3.89 -14.59 21.16
CA GLY L 67 3.04 -15.53 21.90
C GLY L 67 3.55 -16.97 21.73
N LYS L 68 3.40 -17.78 22.78
CA LYS L 68 3.88 -19.15 22.84
C LYS L 68 2.70 -20.11 23.02
N GLU L 69 2.60 -21.08 22.10
CA GLU L 69 1.67 -22.20 22.16
C GLU L 69 2.13 -23.25 23.20
N PHE L 70 1.14 -23.88 23.82
CA PHE L 70 1.28 -25.00 24.76
C PHE L 70 0.20 -26.03 24.40
N ASN L 71 0.51 -27.33 24.45
CA ASN L 71 -0.44 -28.41 24.14
C ASN L 71 -1.43 -28.68 25.30
N LYS L 72 -2.33 -29.65 25.07
CA LYS L 72 -3.42 -30.06 25.96
C LYS L 72 -2.98 -30.59 27.34
N LEU L 73 -1.71 -31.03 27.46
CA LEU L 73 -1.09 -31.49 28.71
C LEU L 73 0.05 -30.55 29.13
N GLU L 74 -0.11 -29.24 28.85
CA GLU L 74 0.79 -28.17 29.27
C GLU L 74 -0.01 -26.92 29.68
N LYS L 75 -1.26 -27.09 30.14
CA LYS L 75 -2.13 -25.98 30.53
C LYS L 75 -1.69 -25.28 31.83
N ARG L 76 -0.91 -25.95 32.69
CA ARG L 76 -0.24 -25.31 33.83
C ARG L 76 0.79 -24.29 33.36
N MET L 77 1.64 -24.65 32.38
CA MET L 77 2.68 -23.78 31.81
C MET L 77 2.10 -22.63 30.96
N GLU L 78 0.89 -22.82 30.39
CA GLU L 78 0.11 -21.73 29.78
C GLU L 78 -0.42 -20.75 30.84
N ASN L 79 -0.87 -21.25 31.99
CA ASN L 79 -1.35 -20.44 33.12
C ASN L 79 -0.19 -19.75 33.88
N LEU L 80 1.04 -20.29 33.81
CA LEU L 80 2.27 -19.61 34.26
C LEU L 80 2.64 -18.47 33.30
N ASN L 81 2.60 -18.74 31.98
CA ASN L 81 2.85 -17.79 30.90
C ASN L 81 1.87 -16.60 30.95
N ASN L 82 0.57 -16.91 31.03
CA ASN L 82 -0.53 -15.94 31.13
C ASN L 82 -0.45 -15.08 32.41
N LYS L 83 -0.15 -15.69 33.57
CA LYS L 83 0.06 -14.98 34.85
C LYS L 83 1.26 -14.00 34.80
N VAL L 84 2.35 -14.41 34.14
CA VAL L 84 3.54 -13.60 33.93
C VAL L 84 3.28 -12.39 33.01
N ASP L 85 2.60 -12.63 31.87
CA ASP L 85 2.23 -11.60 30.88
C ASP L 85 1.21 -10.59 31.44
N ASP L 86 0.17 -11.07 32.13
CA ASP L 86 -0.83 -10.24 32.82
C ASP L 86 -0.20 -9.42 33.95
N GLY L 87 0.58 -10.05 34.84
CA GLY L 87 1.14 -9.43 36.04
C GLY L 87 2.17 -8.34 35.71
N PHE L 88 2.98 -8.52 34.65
CA PHE L 88 3.88 -7.47 34.12
C PHE L 88 3.11 -6.30 33.49
N LEU L 89 2.08 -6.61 32.69
CA LEU L 89 1.22 -5.64 32.04
C LEU L 89 0.37 -4.81 33.02
N ASP L 90 -0.09 -5.43 34.13
CA ASP L 90 -0.70 -4.77 35.29
C ASP L 90 0.24 -3.71 35.87
N ILE L 91 1.44 -4.13 36.30
CA ILE L 91 2.46 -3.28 36.92
C ILE L 91 2.92 -2.12 36.02
N TRP L 92 3.18 -2.39 34.74
CA TRP L 92 3.55 -1.38 33.76
C TRP L 92 2.43 -0.37 33.39
N THR L 93 1.16 -0.81 33.42
CA THR L 93 0.00 0.07 33.26
C THR L 93 -0.20 0.95 34.51
N TYR L 94 0.00 0.38 35.71
CA TYR L 94 -0.05 1.09 36.99
C TYR L 94 1.05 2.15 37.12
N ASN L 95 2.30 1.80 36.74
CA ASN L 95 3.45 2.73 36.72
C ASN L 95 3.24 3.93 35.78
N ALA L 96 2.61 3.68 34.61
CA ALA L 96 2.32 4.69 33.60
C ALA L 96 1.24 5.70 34.04
N GLU L 97 0.15 5.22 34.67
CA GLU L 97 -0.92 6.09 35.19
C GLU L 97 -0.53 6.79 36.51
N LEU L 98 0.33 6.15 37.34
CA LEU L 98 0.91 6.72 38.56
C LEU L 98 1.70 7.99 38.23
N LEU L 99 2.73 7.87 37.36
CA LEU L 99 3.60 8.97 36.96
C LEU L 99 2.88 10.06 36.14
N VAL L 100 1.81 9.71 35.41
CA VAL L 100 0.96 10.69 34.74
C VAL L 100 0.21 11.58 35.75
N LEU L 101 -0.56 11.02 36.70
CA LEU L 101 -1.28 11.82 37.70
C LEU L 101 -0.33 12.63 38.62
N LEU L 102 0.71 11.98 39.15
CA LEU L 102 1.69 12.55 40.09
C LEU L 102 2.47 13.71 39.46
N GLU L 103 3.07 13.49 38.28
CA GLU L 103 3.89 14.50 37.61
C GLU L 103 3.07 15.61 36.94
N ASN L 104 1.79 15.38 36.57
CA ASN L 104 0.88 16.44 36.10
C ASN L 104 0.45 17.38 37.23
N GLU L 105 0.33 16.88 38.46
CA GLU L 105 0.11 17.70 39.64
C GLU L 105 1.36 18.57 39.94
N ARG L 106 2.54 17.92 40.01
CA ARG L 106 3.86 18.56 40.19
C ARG L 106 4.20 19.61 39.12
N THR L 107 3.70 19.45 37.88
CA THR L 107 3.88 20.40 36.79
C THR L 107 3.11 21.71 37.02
N LEU L 108 1.83 21.60 37.40
CA LEU L 108 0.97 22.73 37.74
C LEU L 108 1.43 23.46 39.00
N ASP L 109 1.96 22.70 39.98
CA ASP L 109 2.59 23.25 41.20
C ASP L 109 3.89 23.99 40.87
N PHE L 110 4.70 23.45 39.94
CA PHE L 110 5.95 24.04 39.46
C PHE L 110 5.77 25.36 38.70
N HIS L 111 4.74 25.44 37.84
CA HIS L 111 4.38 26.67 37.13
C HIS L 111 3.80 27.75 38.05
N ASP L 112 3.00 27.33 39.05
CA ASP L 112 2.42 28.19 40.09
C ASP L 112 3.52 28.78 41.00
N SER L 113 4.53 27.96 41.33
CA SER L 113 5.80 28.34 41.95
C SER L 113 6.54 29.45 41.18
N ASN L 114 6.70 29.26 39.85
CA ASN L 114 7.42 30.20 38.99
C ASN L 114 6.70 31.56 38.81
N VAL L 115 5.36 31.60 38.93
CA VAL L 115 4.58 32.84 38.88
C VAL L 115 4.68 33.63 40.20
N LYS L 116 4.73 32.95 41.37
CA LYS L 116 4.97 33.63 42.65
C LYS L 116 6.43 34.12 42.79
N ASN L 117 7.39 33.37 42.21
CA ASN L 117 8.81 33.76 42.11
C ASN L 117 9.00 35.00 41.20
N LEU L 118 8.15 35.12 40.16
CA LEU L 118 8.10 36.27 39.27
C LEU L 118 7.51 37.52 39.95
N TYR L 119 6.48 37.33 40.80
CA TYR L 119 5.82 38.41 41.53
C TYR L 119 6.66 38.93 42.71
N GLU L 120 7.31 38.02 43.47
CA GLU L 120 8.11 38.37 44.65
C GLU L 120 9.45 39.04 44.29
N LYS L 121 10.03 38.73 43.11
CA LYS L 121 11.23 39.41 42.62
C LYS L 121 10.93 40.86 42.19
N VAL L 122 9.72 41.12 41.69
CA VAL L 122 9.24 42.46 41.34
C VAL L 122 8.84 43.26 42.59
N LYS L 123 8.25 42.61 43.62
CA LYS L 123 7.87 43.25 44.88
C LYS L 123 9.10 43.74 45.67
N SER L 124 10.12 42.86 45.79
CA SER L 124 11.40 43.17 46.41
C SER L 124 12.25 44.19 45.63
N GLN L 125 11.96 44.37 44.33
CA GLN L 125 12.65 45.32 43.46
C GLN L 125 12.00 46.70 43.46
N LEU L 126 10.67 46.78 43.30
CA LEU L 126 9.94 48.05 43.26
C LEU L 126 9.79 48.71 44.64
N LYS L 127 9.72 47.90 45.71
CA LYS L 127 9.71 48.26 47.13
C LYS L 127 8.83 49.48 47.48
N ASN L 128 9.43 50.56 48.02
CA ASN L 128 8.70 51.74 48.51
C ASN L 128 8.08 52.63 47.41
N ASN L 129 8.46 52.43 46.13
CA ASN L 129 7.93 53.18 44.99
C ASN L 129 6.59 52.66 44.46
N ALA L 130 6.08 51.51 44.93
CA ALA L 130 4.83 50.95 44.40
C ALA L 130 4.04 50.11 45.40
N LYS L 131 2.71 50.16 45.22
CA LYS L 131 1.69 49.48 45.99
C LYS L 131 0.93 48.46 45.13
N GLU L 132 0.16 47.57 45.78
CA GLU L 132 -0.64 46.54 45.12
C GLU L 132 -2.07 47.02 44.89
N ILE L 133 -2.64 46.68 43.72
CA ILE L 133 -3.97 47.09 43.28
C ILE L 133 -4.76 45.84 42.88
N GLY L 134 -4.46 45.29 41.69
CA GLY L 134 -5.14 44.13 41.11
C GLY L 134 -4.50 42.80 41.53
N ASN L 135 -3.54 42.82 42.49
CA ASN L 135 -2.72 41.69 42.96
C ASN L 135 -1.87 41.15 41.80
N GLY L 136 -0.75 41.84 41.58
CA GLY L 136 0.12 41.65 40.42
C GLY L 136 0.48 43.02 39.87
N CYS L 137 -0.45 43.99 39.86
CA CYS L 137 -0.26 45.34 39.33
C CYS L 137 0.37 46.29 40.36
N PHE L 138 1.37 47.07 39.89
CA PHE L 138 2.23 47.96 40.67
C PHE L 138 2.15 49.39 40.12
N GLU L 139 1.29 50.25 40.71
CA GLU L 139 1.29 51.69 40.44
C GLU L 139 2.56 52.35 41.03
N PHE L 140 3.40 52.89 40.13
CA PHE L 140 4.59 53.68 40.49
C PHE L 140 4.21 55.03 41.13
N TYR L 141 5.11 55.56 41.98
CA TYR L 141 4.94 56.85 42.66
C TYR L 141 5.71 57.99 41.97
N HIS L 142 6.38 57.70 40.84
CA HIS L 142 7.27 58.64 40.15
C HIS L 142 7.10 58.64 38.62
N LYS L 143 6.44 57.60 38.06
CA LYS L 143 6.17 57.38 36.63
C LYS L 143 7.48 57.26 35.81
N CYS L 144 7.98 56.03 35.62
CA CYS L 144 9.18 55.78 34.81
C CYS L 144 8.86 54.98 33.53
N ASP L 145 9.65 55.27 32.49
CA ASP L 145 9.59 54.82 31.09
C ASP L 145 9.47 53.30 30.87
N ASN L 146 9.19 52.90 29.62
CA ASN L 146 9.23 51.50 29.15
C ASN L 146 10.66 50.90 29.15
N GLU L 147 11.70 51.75 29.13
CA GLU L 147 13.09 51.39 29.44
C GLU L 147 13.25 50.97 30.91
N CYS L 148 12.56 51.68 31.81
CA CYS L 148 12.49 51.39 33.23
C CYS L 148 11.54 50.21 33.56
N MET L 149 10.56 49.89 32.68
CA MET L 149 9.80 48.63 32.76
C MET L 149 10.67 47.43 32.36
N GLU L 150 11.55 47.62 31.34
CA GLU L 150 12.57 46.65 30.94
C GLU L 150 13.64 46.44 32.04
N SER L 151 13.94 47.50 32.81
CA SER L 151 14.81 47.43 33.98
C SER L 151 14.23 46.58 35.14
N VAL L 152 12.90 46.36 35.14
CA VAL L 152 12.21 45.46 36.07
C VAL L 152 12.13 44.01 35.51
N ARG L 153 12.13 43.86 34.16
CA ARG L 153 12.23 42.57 33.48
C ARG L 153 13.61 41.92 33.73
N ASN L 154 14.70 42.62 33.36
CA ASN L 154 16.07 42.20 33.65
C ASN L 154 16.44 42.24 35.15
N GLY L 155 15.71 43.05 35.95
CA GLY L 155 15.79 43.04 37.41
C GLY L 155 16.91 43.93 37.97
N THR L 156 17.28 45.01 37.26
CA THR L 156 18.20 46.05 37.73
C THR L 156 17.45 47.12 38.57
N TYR L 157 16.75 48.09 37.93
CA TYR L 157 15.89 49.14 38.52
C TYR L 157 16.52 49.89 39.71
N ASP L 158 17.29 50.94 39.40
CA ASP L 158 18.16 51.68 40.33
C ASP L 158 17.46 52.86 41.02
N TYR L 159 16.40 52.59 41.81
CA TYR L 159 15.70 53.61 42.60
C TYR L 159 14.90 52.93 43.74
N PRO L 160 15.22 53.22 45.03
CA PRO L 160 14.43 52.70 46.17
C PRO L 160 13.10 53.46 46.46
#